data_2M1N
#
_entry.id   2M1N
#
_entity_poly.entity_id   1
_entity_poly.type   'polypeptide(L)'
_entity_poly.pdbx_seq_one_letter_code
;MSIVSQTRNKELLLKKIDSLIEAIKKIIAEFDVVKESVNELSEKAKTDPQAAEKLNKLIEGYTYGEERKLYDSALSKIEK
LIETLSPARSKSQSTMNQRNRNNRKIV
;
_entity_poly.pdbx_strand_id   A,B
#
# COMPACT_ATOMS: atom_id res chain seq x y z
N MET A 1 -35.06 1.94 4.35
CA MET A 1 -34.51 1.13 3.25
C MET A 1 -32.99 0.97 3.42
N SER A 2 -32.58 -0.20 3.86
CA SER A 2 -31.18 -0.50 4.10
C SER A 2 -30.44 -0.70 2.79
N ILE A 3 -31.17 -1.00 1.74
CA ILE A 3 -30.57 -1.24 0.42
C ILE A 3 -29.84 0.00 -0.10
N VAL A 4 -30.29 1.18 0.31
CA VAL A 4 -29.67 2.42 -0.13
C VAL A 4 -28.36 2.66 0.61
N SER A 5 -28.30 2.15 1.83
CA SER A 5 -27.11 2.26 2.67
C SER A 5 -25.98 1.44 2.09
N GLN A 6 -26.32 0.18 1.80
CA GLN A 6 -25.36 -0.78 1.27
C GLN A 6 -24.82 -0.32 -0.09
N THR A 7 -25.71 0.14 -0.96
CA THR A 7 -25.31 0.59 -2.30
C THR A 7 -24.42 1.83 -2.26
N ARG A 8 -24.77 2.78 -1.40
CA ARG A 8 -24.00 4.01 -1.26
C ARG A 8 -22.61 3.71 -0.70
N ASN A 9 -22.57 2.83 0.30
CA ASN A 9 -21.31 2.44 0.93
C ASN A 9 -20.41 1.69 -0.05
N LYS A 10 -21.02 0.79 -0.82
CA LYS A 10 -20.30 -0.01 -1.79
C LYS A 10 -19.55 0.85 -2.81
N GLU A 11 -20.25 1.78 -3.43
CA GLU A 11 -19.64 2.65 -4.44
C GLU A 11 -18.60 3.58 -3.81
N LEU A 12 -18.85 4.00 -2.57
CA LEU A 12 -17.95 4.92 -1.88
C LEU A 12 -16.54 4.34 -1.77
N LEU A 13 -16.40 3.19 -1.11
CA LEU A 13 -15.09 2.59 -0.91
C LEU A 13 -14.56 1.94 -2.19
N LEU A 14 -15.45 1.36 -2.99
CA LEU A 14 -15.05 0.70 -4.24
C LEU A 14 -14.30 1.65 -5.16
N LYS A 15 -14.83 2.86 -5.30
CA LYS A 15 -14.24 3.87 -6.15
C LYS A 15 -12.97 4.44 -5.53
N LYS A 16 -12.98 4.65 -4.23
CA LYS A 16 -11.83 5.20 -3.53
C LYS A 16 -10.67 4.20 -3.47
N ILE A 17 -10.99 2.92 -3.53
CA ILE A 17 -9.98 1.88 -3.48
C ILE A 17 -9.23 1.73 -4.81
N ASP A 18 -9.97 1.74 -5.92
CA ASP A 18 -9.33 1.59 -7.23
C ASP A 18 -8.49 2.83 -7.55
N SER A 19 -9.00 3.98 -7.15
CA SER A 19 -8.30 5.25 -7.38
C SER A 19 -7.06 5.33 -6.49
N LEU A 20 -7.12 4.65 -5.35
CA LEU A 20 -6.04 4.61 -4.39
C LEU A 20 -4.75 4.10 -5.03
N ILE A 21 -4.82 2.95 -5.68
CA ILE A 21 -3.64 2.37 -6.32
C ILE A 21 -3.22 3.19 -7.55
N GLU A 22 -4.18 3.86 -8.17
CA GLU A 22 -3.90 4.69 -9.34
C GLU A 22 -3.01 5.87 -8.95
N ALA A 23 -3.27 6.44 -7.79
CA ALA A 23 -2.49 7.57 -7.31
C ALA A 23 -1.06 7.14 -7.02
N ILE A 24 -0.91 6.00 -6.36
CA ILE A 24 0.40 5.46 -6.02
C ILE A 24 1.20 5.17 -7.29
N LYS A 25 0.51 4.72 -8.33
CA LYS A 25 1.13 4.42 -9.61
C LYS A 25 1.73 5.70 -10.22
N LYS A 26 1.02 6.81 -10.05
CA LYS A 26 1.48 8.09 -10.58
C LYS A 26 2.67 8.60 -9.78
N ILE A 27 2.66 8.35 -8.48
CA ILE A 27 3.73 8.78 -7.58
C ILE A 27 5.09 8.30 -8.06
N ILE A 28 5.19 7.00 -8.33
CA ILE A 28 6.43 6.39 -8.80
C ILE A 28 6.87 6.98 -10.13
N ALA A 29 5.91 7.34 -10.96
CA ALA A 29 6.19 7.92 -12.27
C ALA A 29 6.85 9.29 -12.12
N GLU A 30 6.23 10.15 -11.32
CA GLU A 30 6.75 11.50 -11.09
C GLU A 30 8.14 11.45 -10.45
N PHE A 31 8.32 10.51 -9.52
CA PHE A 31 9.60 10.33 -8.85
C PHE A 31 10.73 10.10 -9.86
N ASP A 32 10.45 9.25 -10.84
CA ASP A 32 11.41 8.92 -11.89
C ASP A 32 11.72 10.15 -12.74
N VAL A 33 10.67 10.91 -13.03
CA VAL A 33 10.80 12.13 -13.84
C VAL A 33 11.71 13.14 -13.16
N VAL A 34 11.46 13.39 -11.87
CA VAL A 34 12.24 14.34 -11.09
C VAL A 34 13.71 13.95 -11.09
N LYS A 35 14.00 12.67 -10.94
CA LYS A 35 15.37 12.16 -10.93
C LYS A 35 16.09 12.50 -12.23
N GLU A 36 15.41 12.31 -13.35
CA GLU A 36 16.00 12.59 -14.66
C GLU A 36 16.09 14.10 -14.89
N SER A 37 15.13 14.83 -14.38
CA SER A 37 15.07 16.28 -14.53
C SER A 37 16.26 16.94 -13.89
N VAL A 38 16.59 16.57 -12.65
CA VAL A 38 17.71 17.17 -11.95
C VAL A 38 19.03 16.84 -12.64
N ASN A 39 19.08 15.68 -13.30
CA ASN A 39 20.28 15.25 -14.00
C ASN A 39 20.54 16.15 -15.20
N GLU A 40 19.51 16.31 -16.03
CA GLU A 40 19.58 17.14 -17.22
C GLU A 40 19.88 18.60 -16.87
N LEU A 41 19.19 19.10 -15.84
CA LEU A 41 19.34 20.48 -15.40
C LEU A 41 20.76 20.76 -14.91
N SER A 42 21.33 19.82 -14.17
CA SER A 42 22.67 19.98 -13.63
C SER A 42 23.71 20.07 -14.76
N GLU A 43 23.54 19.25 -15.79
CA GLU A 43 24.48 19.24 -16.92
C GLU A 43 24.39 20.55 -17.71
N LYS A 44 23.19 21.09 -17.81
CA LYS A 44 22.97 22.35 -18.53
C LYS A 44 23.52 23.54 -17.76
N ALA A 45 23.57 23.40 -16.44
CA ALA A 45 24.08 24.46 -15.58
C ALA A 45 25.60 24.44 -15.52
N LYS A 46 26.18 23.32 -15.91
CA LYS A 46 27.64 23.15 -15.90
C LYS A 46 28.30 24.02 -16.96
N THR A 47 27.52 24.54 -17.90
CA THR A 47 28.05 25.36 -18.97
C THR A 47 28.04 26.85 -18.61
N ASP A 48 27.65 27.18 -17.38
CA ASP A 48 27.60 28.57 -16.95
C ASP A 48 27.90 28.69 -15.45
N PRO A 49 28.84 29.58 -15.07
CA PRO A 49 29.23 29.78 -13.67
C PRO A 49 28.07 30.20 -12.76
N GLN A 50 27.18 31.05 -13.29
CA GLN A 50 26.03 31.53 -12.53
C GLN A 50 25.04 30.39 -12.34
N ALA A 51 24.71 29.70 -13.42
CA ALA A 51 23.78 28.58 -13.37
C ALA A 51 24.35 27.44 -12.54
N ALA A 52 25.66 27.31 -12.55
CA ALA A 52 26.35 26.27 -11.79
C ALA A 52 26.13 26.45 -10.29
N GLU A 53 26.14 27.70 -9.84
CA GLU A 53 25.94 28.00 -8.43
C GLU A 53 24.47 27.81 -8.05
N LYS A 54 23.57 28.17 -8.97
CA LYS A 54 22.15 28.02 -8.72
C LYS A 54 21.80 26.54 -8.60
N LEU A 55 22.39 25.73 -9.47
CA LEU A 55 22.14 24.29 -9.47
C LEU A 55 22.89 23.63 -8.31
N ASN A 56 23.91 24.30 -7.81
CA ASN A 56 24.71 23.78 -6.70
C ASN A 56 23.81 23.60 -5.48
N LYS A 57 23.09 24.65 -5.14
CA LYS A 57 22.19 24.64 -4.00
C LYS A 57 20.90 23.88 -4.32
N LEU A 58 20.50 23.94 -5.58
CA LEU A 58 19.28 23.26 -6.02
C LEU A 58 19.39 21.75 -5.84
N ILE A 59 20.48 21.17 -6.33
CA ILE A 59 20.71 19.73 -6.20
C ILE A 59 20.89 19.36 -4.73
N GLU A 60 21.50 20.26 -3.96
CA GLU A 60 21.70 20.04 -2.55
C GLU A 60 20.34 19.84 -1.86
N GLY A 61 19.40 20.72 -2.20
CA GLY A 61 18.07 20.64 -1.63
C GLY A 61 17.35 19.37 -2.03
N TYR A 62 17.58 18.92 -3.25
CA TYR A 62 16.96 17.69 -3.75
C TYR A 62 17.53 16.47 -3.04
N THR A 63 18.84 16.49 -2.81
CA THR A 63 19.51 15.38 -2.15
C THR A 63 19.01 15.27 -0.71
N TYR A 64 18.83 16.42 -0.08
CA TYR A 64 18.35 16.48 1.29
C TYR A 64 16.86 16.80 1.29
N GLY A 65 16.18 16.31 0.27
CA GLY A 65 14.74 16.54 0.14
C GLY A 65 13.96 15.84 1.24
N GLU A 66 13.67 16.58 2.30
CA GLU A 66 12.92 16.05 3.42
C GLU A 66 11.53 15.62 2.97
N GLU A 67 11.01 16.27 1.94
CA GLU A 67 9.70 15.92 1.40
C GLU A 67 9.76 14.57 0.70
N ARG A 68 10.86 14.32 -0.01
CA ARG A 68 11.04 13.05 -0.70
C ARG A 68 11.14 11.92 0.31
N LYS A 69 11.76 12.22 1.43
CA LYS A 69 11.93 11.24 2.50
C LYS A 69 10.58 10.98 3.19
N LEU A 70 9.75 12.03 3.23
CA LEU A 70 8.42 11.94 3.83
C LEU A 70 7.54 10.98 3.03
N TYR A 71 7.59 11.11 1.69
CA TYR A 71 6.78 10.27 0.83
C TYR A 71 7.22 8.81 0.92
N ASP A 72 8.51 8.61 1.13
CA ASP A 72 9.09 7.28 1.26
C ASP A 72 8.55 6.61 2.53
N SER A 73 8.61 7.35 3.63
CA SER A 73 8.14 6.84 4.93
C SER A 73 6.64 6.62 4.91
N ALA A 74 5.94 7.36 4.05
CA ALA A 74 4.50 7.25 3.92
C ALA A 74 4.13 5.87 3.40
N LEU A 75 4.92 5.36 2.46
CA LEU A 75 4.69 4.05 1.88
C LEU A 75 4.90 2.98 2.94
N SER A 76 5.83 3.24 3.86
CA SER A 76 6.13 2.31 4.94
C SER A 76 4.91 2.13 5.84
N LYS A 77 4.12 3.19 6.00
CA LYS A 77 2.91 3.14 6.81
C LYS A 77 1.89 2.21 6.15
N ILE A 78 1.91 2.19 4.83
CA ILE A 78 1.02 1.34 4.05
C ILE A 78 1.36 -0.13 4.29
N GLU A 79 2.66 -0.44 4.28
CA GLU A 79 3.14 -1.81 4.49
C GLU A 79 2.67 -2.32 5.84
N LYS A 80 2.60 -1.42 6.82
CA LYS A 80 2.14 -1.76 8.15
C LYS A 80 0.69 -2.21 8.11
N LEU A 81 -0.13 -1.46 7.38
CA LEU A 81 -1.55 -1.77 7.24
C LEU A 81 -1.75 -3.16 6.67
N ILE A 82 -0.88 -3.52 5.73
CA ILE A 82 -0.94 -4.83 5.10
C ILE A 82 -0.80 -5.95 6.14
N GLU A 83 0.24 -5.83 6.97
CA GLU A 83 0.50 -6.81 8.01
C GLU A 83 -0.58 -6.76 9.09
N THR A 84 -1.22 -5.62 9.21
CA THR A 84 -2.28 -5.44 10.20
C THR A 84 -3.55 -6.14 9.73
N LEU A 85 -3.80 -6.09 8.42
CA LEU A 85 -4.99 -6.72 7.84
C LEU A 85 -4.77 -8.21 7.66
N SER A 86 -3.58 -8.59 7.24
CA SER A 86 -3.24 -9.99 7.03
C SER A 86 -1.78 -10.25 7.41
N PRO A 87 -1.54 -10.64 8.68
CA PRO A 87 -0.19 -10.92 9.18
C PRO A 87 0.49 -12.07 8.44
N ALA A 88 0.00 -13.30 8.68
CA ALA A 88 0.53 -14.52 8.06
C ALA A 88 1.98 -14.80 8.48
N ARG A 89 2.89 -13.95 8.02
CA ARG A 89 4.30 -14.09 8.34
C ARG A 89 4.55 -13.87 9.82
N SER A 90 3.75 -13.00 10.41
CA SER A 90 3.87 -12.66 11.82
C SER A 90 3.15 -13.68 12.70
N LYS A 91 3.71 -13.93 13.87
CA LYS A 91 3.14 -14.88 14.82
C LYS A 91 3.27 -14.33 16.23
N SER A 92 2.17 -13.82 16.77
CA SER A 92 2.17 -13.27 18.11
C SER A 92 1.29 -14.11 19.04
N GLN A 93 1.91 -14.64 20.10
CA GLN A 93 1.20 -15.45 21.08
C GLN A 93 1.54 -14.99 22.49
N SER A 94 0.94 -15.63 23.48
CA SER A 94 1.20 -15.30 24.87
C SER A 94 2.35 -16.14 25.41
N THR A 95 2.92 -16.97 24.53
CA THR A 95 4.03 -17.84 24.90
C THR A 95 5.34 -17.24 24.42
N MET A 96 6.46 -17.72 24.94
CA MET A 96 7.77 -17.23 24.57
C MET A 96 8.13 -17.71 23.16
N ASN A 97 7.99 -16.82 22.19
CA ASN A 97 8.28 -17.17 20.80
C ASN A 97 9.75 -16.92 20.45
N GLN A 98 10.57 -16.67 21.47
CA GLN A 98 11.99 -16.44 21.26
C GLN A 98 12.75 -17.73 21.57
N ARG A 99 13.57 -18.16 20.63
CA ARG A 99 14.34 -19.39 20.81
C ARG A 99 15.81 -19.08 21.04
N ASN A 100 16.21 -19.03 22.30
CA ASN A 100 17.59 -18.74 22.67
C ASN A 100 18.47 -19.96 22.37
N ARG A 101 19.77 -19.73 22.35
CA ARG A 101 20.72 -20.81 22.08
C ARG A 101 20.97 -21.64 23.34
N ASN A 102 20.12 -22.62 23.56
CA ASN A 102 20.24 -23.50 24.71
C ASN A 102 20.74 -24.87 24.27
N ASN A 103 20.66 -25.85 25.15
CA ASN A 103 21.11 -27.20 24.82
C ASN A 103 19.98 -27.98 24.14
N ARG A 104 18.99 -28.40 24.94
CA ARG A 104 17.84 -29.15 24.43
C ARG A 104 18.25 -30.36 23.60
N LYS A 105 18.87 -31.34 24.24
CA LYS A 105 19.29 -32.56 23.56
C LYS A 105 18.39 -33.72 23.97
N ILE A 106 18.42 -34.80 23.21
CA ILE A 106 17.60 -35.97 23.52
C ILE A 106 18.28 -36.80 24.61
N VAL A 107 17.94 -36.53 25.85
CA VAL A 107 18.50 -37.24 26.98
C VAL A 107 17.44 -37.46 28.06
N MET B 1 9.35 30.05 -14.51
CA MET B 1 8.32 29.85 -13.49
C MET B 1 8.31 28.41 -13.02
N SER B 2 9.46 27.78 -13.13
CA SER B 2 9.64 26.40 -12.71
C SER B 2 9.29 26.22 -11.24
N ILE B 3 9.55 27.27 -10.46
CA ILE B 3 9.31 27.24 -9.03
C ILE B 3 7.83 26.98 -8.70
N VAL B 4 6.92 27.47 -9.54
CA VAL B 4 5.49 27.28 -9.29
C VAL B 4 5.05 25.89 -9.72
N SER B 5 5.77 25.31 -10.66
CA SER B 5 5.49 23.97 -11.13
C SER B 5 5.84 22.94 -10.08
N GLN B 6 7.01 23.17 -9.46
CA GLN B 6 7.51 22.28 -8.42
C GLN B 6 6.58 22.30 -7.20
N THR B 7 6.12 23.49 -6.82
CA THR B 7 5.24 23.63 -5.68
C THR B 7 3.87 23.00 -5.93
N ARG B 8 3.36 23.18 -7.14
CA ARG B 8 2.06 22.64 -7.51
C ARG B 8 2.11 21.11 -7.57
N ASN B 9 3.17 20.58 -8.17
CA ASN B 9 3.34 19.13 -8.28
C ASN B 9 3.50 18.50 -6.90
N LYS B 10 4.34 19.11 -6.07
CA LYS B 10 4.62 18.62 -4.73
C LYS B 10 3.36 18.54 -3.87
N GLU B 11 2.58 19.62 -3.86
CA GLU B 11 1.36 19.69 -3.08
C GLU B 11 0.32 18.67 -3.58
N LEU B 12 0.28 18.48 -4.89
CA LEU B 12 -0.65 17.56 -5.51
C LEU B 12 -0.45 16.14 -4.99
N LEU B 13 0.76 15.62 -5.15
CA LEU B 13 1.06 14.27 -4.70
C LEU B 13 1.03 14.17 -3.17
N LEU B 14 1.35 15.28 -2.50
CA LEU B 14 1.34 15.32 -1.04
C LEU B 14 -0.04 14.98 -0.50
N LYS B 15 -1.05 15.69 -1.00
CA LYS B 15 -2.43 15.48 -0.57
C LYS B 15 -2.93 14.11 -1.00
N LYS B 16 -2.46 13.63 -2.14
CA LYS B 16 -2.88 12.34 -2.65
C LYS B 16 -2.39 11.21 -1.75
N ILE B 17 -1.17 11.34 -1.26
CA ILE B 17 -0.59 10.31 -0.38
C ILE B 17 -1.13 10.43 1.05
N ASP B 18 -1.31 11.67 1.51
CA ASP B 18 -1.82 11.90 2.87
C ASP B 18 -3.20 11.25 3.04
N SER B 19 -4.10 11.56 2.12
CA SER B 19 -5.45 11.03 2.16
C SER B 19 -5.46 9.52 1.86
N LEU B 20 -4.46 9.09 1.08
CA LEU B 20 -4.33 7.70 0.70
C LEU B 20 -4.28 6.79 1.93
N ILE B 21 -3.38 7.12 2.86
CA ILE B 21 -3.23 6.35 4.08
C ILE B 21 -4.47 6.47 4.96
N GLU B 22 -5.02 7.67 5.01
CA GLU B 22 -6.22 7.95 5.81
C GLU B 22 -7.38 7.06 5.39
N ALA B 23 -7.59 6.94 4.09
CA ALA B 23 -8.68 6.13 3.55
C ALA B 23 -8.51 4.66 3.92
N ILE B 24 -7.31 4.13 3.70
CA ILE B 24 -7.01 2.73 3.98
C ILE B 24 -7.15 2.43 5.47
N LYS B 25 -6.67 3.35 6.31
CA LYS B 25 -6.75 3.18 7.76
C LYS B 25 -8.21 3.14 8.20
N LYS B 26 -9.06 3.85 7.49
CA LYS B 26 -10.48 3.89 7.80
C LYS B 26 -11.14 2.57 7.43
N ILE B 27 -10.70 1.98 6.31
CA ILE B 27 -11.27 0.71 5.82
C ILE B 27 -11.18 -0.39 6.88
N ILE B 28 -9.98 -0.57 7.43
CA ILE B 28 -9.77 -1.60 8.44
C ILE B 28 -10.65 -1.37 9.68
N ALA B 29 -10.89 -0.11 10.01
CA ALA B 29 -11.71 0.23 11.16
C ALA B 29 -13.18 -0.11 10.91
N GLU B 30 -13.66 0.26 9.73
CA GLU B 30 -15.05 0.00 9.35
C GLU B 30 -15.34 -1.49 9.29
N PHE B 31 -14.42 -2.25 8.71
CA PHE B 31 -14.56 -3.70 8.58
C PHE B 31 -14.78 -4.36 9.94
N ASP B 32 -14.01 -3.91 10.93
CA ASP B 32 -14.11 -4.44 12.29
C ASP B 32 -15.50 -4.19 12.89
N VAL B 33 -16.02 -2.99 12.66
CA VAL B 33 -17.32 -2.60 13.17
C VAL B 33 -18.43 -3.39 12.51
N VAL B 34 -18.38 -3.50 11.19
CA VAL B 34 -19.37 -4.24 10.43
C VAL B 34 -19.47 -5.69 10.91
N LYS B 35 -18.30 -6.31 11.11
CA LYS B 35 -18.24 -7.69 11.57
C LYS B 35 -18.90 -7.86 12.94
N GLU B 36 -18.77 -6.83 13.77
CA GLU B 36 -19.36 -6.87 15.11
C GLU B 36 -20.88 -6.66 15.04
N SER B 37 -21.31 -5.84 14.09
CA SER B 37 -22.72 -5.52 13.87
C SER B 37 -23.49 -6.76 13.48
N VAL B 38 -23.01 -7.47 12.46
CA VAL B 38 -23.70 -8.67 11.97
C VAL B 38 -23.77 -9.75 13.05
N ASN B 39 -22.78 -9.75 13.94
CA ASN B 39 -22.72 -10.71 15.04
C ASN B 39 -23.91 -10.52 15.97
N GLU B 40 -24.09 -9.29 16.42
CA GLU B 40 -25.18 -8.96 17.33
C GLU B 40 -26.54 -9.10 16.66
N LEU B 41 -26.59 -8.75 15.38
CA LEU B 41 -27.81 -8.83 14.60
C LEU B 41 -28.29 -10.28 14.48
N SER B 42 -27.36 -11.20 14.23
CA SER B 42 -27.69 -12.61 14.10
C SER B 42 -28.34 -13.12 15.39
N GLU B 43 -27.84 -12.65 16.52
CA GLU B 43 -28.34 -13.06 17.82
C GLU B 43 -29.80 -12.63 18.01
N LYS B 44 -30.17 -11.50 17.40
CA LYS B 44 -31.54 -10.99 17.53
C LYS B 44 -32.47 -11.64 16.51
N ALA B 45 -31.93 -11.91 15.32
CA ALA B 45 -32.70 -12.53 14.25
C ALA B 45 -33.02 -13.98 14.55
N LYS B 46 -32.23 -14.60 15.42
CA LYS B 46 -32.44 -15.99 15.79
C LYS B 46 -33.76 -16.18 16.54
N THR B 47 -34.34 -15.10 17.01
CA THR B 47 -35.59 -15.15 17.74
C THR B 47 -36.81 -15.07 16.81
N ASP B 48 -36.58 -15.22 15.51
CA ASP B 48 -37.66 -15.17 14.52
C ASP B 48 -37.32 -16.03 13.31
N PRO B 49 -38.26 -16.87 12.85
CA PRO B 49 -38.04 -17.76 11.70
C PRO B 49 -37.76 -16.99 10.41
N GLN B 50 -38.46 -15.87 10.23
CA GLN B 50 -38.30 -15.05 9.04
C GLN B 50 -36.95 -14.35 9.07
N ALA B 51 -36.64 -13.76 10.22
CA ALA B 51 -35.38 -13.06 10.41
C ALA B 51 -34.19 -14.02 10.25
N ALA B 52 -34.39 -15.25 10.69
CA ALA B 52 -33.36 -16.28 10.60
C ALA B 52 -32.96 -16.47 9.14
N GLU B 53 -33.94 -16.42 8.25
CA GLU B 53 -33.69 -16.58 6.82
C GLU B 53 -32.98 -15.34 6.26
N LYS B 54 -33.30 -14.18 6.80
CA LYS B 54 -32.69 -12.92 6.36
C LYS B 54 -31.18 -12.97 6.58
N LEU B 55 -30.79 -13.43 7.75
CA LEU B 55 -29.37 -13.53 8.11
C LEU B 55 -28.74 -14.73 7.44
N ASN B 56 -29.56 -15.73 7.11
CA ASN B 56 -29.09 -16.95 6.46
C ASN B 56 -28.46 -16.61 5.11
N LYS B 57 -29.16 -15.81 4.32
CA LYS B 57 -28.67 -15.41 3.01
C LYS B 57 -27.62 -14.32 3.14
N LEU B 58 -27.75 -13.48 4.15
CA LEU B 58 -26.79 -12.40 4.38
C LEU B 58 -25.38 -12.93 4.61
N ILE B 59 -25.26 -13.90 5.51
CA ILE B 59 -23.96 -14.51 5.81
C ILE B 59 -23.42 -15.24 4.59
N GLU B 60 -24.32 -15.83 3.81
CA GLU B 60 -23.94 -16.54 2.60
C GLU B 60 -23.29 -15.59 1.61
N GLY B 61 -23.91 -14.43 1.44
CA GLY B 61 -23.39 -13.42 0.54
C GLY B 61 -22.03 -12.94 0.98
N TYR B 62 -21.84 -12.85 2.29
CA TYR B 62 -20.57 -12.42 2.86
C TYR B 62 -19.48 -13.44 2.53
N THR B 63 -19.86 -14.70 2.56
CA THR B 63 -18.93 -15.79 2.27
C THR B 63 -18.48 -15.73 0.81
N TYR B 64 -19.45 -15.61 -0.11
CA TYR B 64 -19.16 -15.53 -1.53
C TYR B 64 -18.95 -14.10 -1.95
N GLY B 65 -18.41 -13.30 -1.03
CA GLY B 65 -18.17 -11.90 -1.30
C GLY B 65 -17.08 -11.66 -2.32
N GLU B 66 -17.46 -11.60 -3.59
CA GLU B 66 -16.51 -11.34 -4.67
C GLU B 66 -15.98 -9.92 -4.51
N GLU B 67 -16.85 -9.03 -4.07
CA GLU B 67 -16.47 -7.64 -3.84
C GLU B 67 -15.46 -7.57 -2.70
N ARG B 68 -15.68 -8.38 -1.67
CA ARG B 68 -14.78 -8.44 -0.52
C ARG B 68 -13.41 -8.91 -0.97
N LYS B 69 -13.41 -9.90 -1.85
CA LYS B 69 -12.18 -10.45 -2.40
C LYS B 69 -11.46 -9.39 -3.25
N LEU B 70 -12.23 -8.50 -3.84
CA LEU B 70 -11.68 -7.44 -4.68
C LEU B 70 -10.89 -6.45 -3.82
N TYR B 71 -11.34 -6.24 -2.58
CA TYR B 71 -10.66 -5.34 -1.67
C TYR B 71 -9.32 -5.93 -1.26
N ASP B 72 -9.31 -7.25 -1.04
CA ASP B 72 -8.09 -7.96 -0.66
C ASP B 72 -7.11 -7.89 -1.81
N SER B 73 -7.62 -8.08 -3.03
CA SER B 73 -6.81 -8.04 -4.23
C SER B 73 -6.26 -6.63 -4.47
N ALA B 74 -6.93 -5.64 -3.88
CA ALA B 74 -6.51 -4.25 -4.02
C ALA B 74 -5.25 -4.02 -3.23
N LEU B 75 -5.16 -4.66 -2.08
CA LEU B 75 -3.99 -4.54 -1.23
C LEU B 75 -2.81 -5.24 -1.89
N SER B 76 -3.12 -6.28 -2.68
CA SER B 76 -2.09 -7.02 -3.39
C SER B 76 -1.48 -6.13 -4.47
N LYS B 77 -2.29 -5.24 -5.04
CA LYS B 77 -1.83 -4.33 -6.07
C LYS B 77 -0.76 -3.41 -5.49
N ILE B 78 -1.00 -2.95 -4.26
CA ILE B 78 -0.07 -2.07 -3.58
C ILE B 78 1.26 -2.79 -3.31
N GLU B 79 1.19 -4.10 -3.05
CA GLU B 79 2.40 -4.89 -2.78
C GLU B 79 3.35 -4.84 -3.97
N LYS B 80 2.79 -4.99 -5.16
CA LYS B 80 3.58 -4.97 -6.38
C LYS B 80 4.26 -3.61 -6.56
N LEU B 81 3.60 -2.54 -6.14
CA LEU B 81 4.15 -1.20 -6.24
C LEU B 81 5.31 -1.04 -5.26
N ILE B 82 5.15 -1.64 -4.09
CA ILE B 82 6.18 -1.59 -3.06
C ILE B 82 7.43 -2.32 -3.53
N GLU B 83 7.21 -3.48 -4.15
CA GLU B 83 8.31 -4.29 -4.69
C GLU B 83 9.02 -3.54 -5.81
N THR B 84 8.29 -2.68 -6.49
CA THR B 84 8.87 -1.88 -7.56
C THR B 84 9.69 -0.74 -6.97
N LEU B 85 9.20 -0.16 -5.88
CA LEU B 85 9.90 0.92 -5.20
C LEU B 85 11.16 0.38 -4.52
N SER B 86 11.06 -0.85 -4.01
CA SER B 86 12.17 -1.50 -3.34
C SER B 86 12.23 -2.96 -3.77
N PRO B 87 13.03 -3.28 -4.80
CA PRO B 87 13.18 -4.64 -5.33
C PRO B 87 13.48 -5.69 -4.26
N ALA B 88 14.62 -5.52 -3.58
CA ALA B 88 15.05 -6.43 -2.50
C ALA B 88 15.38 -7.83 -3.03
N ARG B 89 14.33 -8.60 -3.34
CA ARG B 89 14.51 -9.96 -3.84
C ARG B 89 14.54 -9.97 -5.37
N SER B 90 15.26 -9.00 -5.93
CA SER B 90 15.40 -8.86 -7.38
C SER B 90 15.90 -10.14 -8.04
N LYS B 91 15.25 -10.53 -9.13
CA LYS B 91 15.64 -11.72 -9.86
C LYS B 91 16.07 -11.34 -11.27
N SER B 92 16.24 -10.03 -11.47
CA SER B 92 16.64 -9.49 -12.75
C SER B 92 18.07 -9.90 -13.12
N GLN B 93 18.18 -10.86 -14.02
CA GLN B 93 19.48 -11.35 -14.46
C GLN B 93 19.75 -10.89 -15.90
N SER B 94 20.97 -10.43 -16.14
CA SER B 94 21.34 -9.95 -17.46
C SER B 94 21.85 -11.10 -18.33
N THR B 95 21.04 -12.15 -18.44
CA THR B 95 21.40 -13.31 -19.24
C THR B 95 20.14 -14.04 -19.71
N MET B 96 20.31 -15.05 -20.54
CA MET B 96 19.18 -15.80 -21.06
C MET B 96 18.76 -16.88 -20.06
N ASN B 97 18.15 -16.44 -18.97
CA ASN B 97 17.71 -17.34 -17.91
C ASN B 97 16.37 -18.00 -18.27
N GLN B 98 16.36 -18.71 -19.39
CA GLN B 98 15.16 -19.39 -19.85
C GLN B 98 15.14 -20.83 -19.34
N ARG B 99 16.33 -21.42 -19.25
CA ARG B 99 16.50 -22.80 -18.80
C ARG B 99 15.87 -23.78 -19.77
N ASN B 100 16.47 -23.92 -20.95
CA ASN B 100 15.97 -24.84 -21.97
C ASN B 100 16.56 -26.23 -21.75
N ARG B 101 15.89 -27.24 -22.29
CA ARG B 101 16.36 -28.61 -22.16
C ARG B 101 15.89 -29.48 -23.32
N ASN B 102 16.78 -29.70 -24.29
CA ASN B 102 16.45 -30.53 -25.45
C ASN B 102 16.76 -31.99 -25.19
N ASN B 103 17.97 -32.42 -25.54
CA ASN B 103 18.42 -33.81 -25.34
C ASN B 103 17.63 -34.78 -26.22
N ARG B 104 17.89 -36.07 -26.04
CA ARG B 104 17.23 -37.13 -26.81
C ARG B 104 17.63 -37.02 -28.28
N LYS B 105 18.85 -37.45 -28.57
CA LYS B 105 19.36 -37.40 -29.93
C LYS B 105 18.70 -38.48 -30.80
N ILE B 106 18.57 -38.18 -32.09
CA ILE B 106 17.96 -39.11 -33.03
C ILE B 106 19.01 -39.57 -34.05
N VAL B 107 18.59 -39.83 -35.29
CA VAL B 107 19.52 -40.25 -36.33
C VAL B 107 20.46 -39.10 -36.70
N MET A 1 -33.75 2.62 4.50
CA MET A 1 -33.21 1.64 3.53
C MET A 1 -31.88 1.10 4.01
N SER A 2 -31.85 -0.15 4.43
CA SER A 2 -30.60 -0.76 4.88
C SER A 2 -29.67 -1.02 3.72
N ILE A 3 -30.26 -1.34 2.58
CA ILE A 3 -29.50 -1.65 1.38
C ILE A 3 -28.81 -0.40 0.82
N VAL A 4 -29.38 0.78 1.12
CA VAL A 4 -28.81 2.03 0.64
C VAL A 4 -27.55 2.40 1.43
N SER A 5 -27.45 1.85 2.62
CA SER A 5 -26.31 2.06 3.50
C SER A 5 -25.12 1.24 3.02
N GLN A 6 -25.41 -0.02 2.72
CA GLN A 6 -24.40 -0.96 2.25
C GLN A 6 -23.82 -0.52 0.92
N THR A 7 -24.68 -0.07 0.01
CA THR A 7 -24.26 0.37 -1.31
C THR A 7 -23.36 1.61 -1.22
N ARG A 8 -23.73 2.53 -0.33
CA ARG A 8 -22.97 3.75 -0.15
C ARG A 8 -21.61 3.48 0.48
N ASN A 9 -21.59 2.56 1.45
CA ASN A 9 -20.37 2.20 2.15
C ASN A 9 -19.37 1.52 1.21
N LYS A 10 -19.84 0.49 0.51
CA LYS A 10 -19.00 -0.26 -0.40
C LYS A 10 -18.48 0.61 -1.54
N GLU A 11 -19.32 1.50 -2.05
CA GLU A 11 -18.94 2.39 -3.14
C GLU A 11 -17.83 3.35 -2.69
N LEU A 12 -17.93 3.80 -1.45
CA LEU A 12 -16.98 4.72 -0.87
C LEU A 12 -15.56 4.12 -0.88
N LEU A 13 -15.41 2.97 -0.24
CA LEU A 13 -14.11 2.32 -0.17
C LEU A 13 -13.61 1.90 -1.56
N LEU A 14 -14.54 1.53 -2.44
CA LEU A 14 -14.18 1.13 -3.81
C LEU A 14 -13.44 2.25 -4.52
N LYS A 15 -14.00 3.45 -4.46
CA LYS A 15 -13.41 4.61 -5.11
C LYS A 15 -12.05 4.97 -4.47
N LYS A 16 -11.93 4.73 -3.17
CA LYS A 16 -10.69 5.02 -2.46
C LYS A 16 -9.61 4.01 -2.82
N ILE A 17 -9.99 2.76 -3.03
CA ILE A 17 -9.02 1.71 -3.37
C ILE A 17 -8.60 1.84 -4.82
N ASP A 18 -9.55 2.19 -5.69
CA ASP A 18 -9.26 2.37 -7.11
C ASP A 18 -8.18 3.44 -7.30
N SER A 19 -8.32 4.52 -6.56
CA SER A 19 -7.36 5.62 -6.61
C SER A 19 -6.08 5.29 -5.89
N LEU A 20 -6.18 4.43 -4.88
CA LEU A 20 -5.03 4.04 -4.08
C LEU A 20 -3.90 3.50 -4.95
N ILE A 21 -4.22 2.54 -5.81
CA ILE A 21 -3.21 1.95 -6.69
C ILE A 21 -2.85 2.92 -7.82
N GLU A 22 -3.79 3.78 -8.18
CA GLU A 22 -3.58 4.76 -9.24
C GLU A 22 -2.57 5.83 -8.84
N ALA A 23 -2.84 6.49 -7.72
CA ALA A 23 -1.97 7.56 -7.23
C ALA A 23 -0.58 7.03 -6.88
N ILE A 24 -0.52 5.89 -6.20
CA ILE A 24 0.74 5.28 -5.81
C ILE A 24 1.58 4.98 -7.06
N LYS A 25 0.89 4.59 -8.13
CA LYS A 25 1.56 4.28 -9.39
C LYS A 25 2.14 5.55 -10.00
N LYS A 26 1.48 6.67 -9.77
CA LYS A 26 1.94 7.95 -10.29
C LYS A 26 3.13 8.45 -9.49
N ILE A 27 3.09 8.21 -8.18
CA ILE A 27 4.17 8.63 -7.29
C ILE A 27 5.52 8.06 -7.73
N ILE A 28 5.55 6.75 -7.97
CA ILE A 28 6.79 6.10 -8.40
C ILE A 28 7.26 6.67 -9.75
N ALA A 29 6.31 7.03 -10.60
CA ALA A 29 6.59 7.58 -11.91
C ALA A 29 7.31 8.92 -11.78
N GLU A 30 6.83 9.75 -10.85
CA GLU A 30 7.41 11.06 -10.62
C GLU A 30 8.88 10.93 -10.25
N PHE A 31 9.21 9.95 -9.42
CA PHE A 31 10.59 9.73 -9.00
C PHE A 31 11.50 9.47 -10.20
N ASP A 32 11.03 8.64 -11.12
CA ASP A 32 11.80 8.30 -12.32
C ASP A 32 11.96 9.52 -13.23
N VAL A 33 10.87 10.26 -13.40
CA VAL A 33 10.88 11.45 -14.25
C VAL A 33 11.78 12.55 -13.67
N VAL A 34 11.61 12.84 -12.38
CA VAL A 34 12.40 13.87 -11.72
C VAL A 34 13.89 13.50 -11.72
N LYS A 35 14.17 12.21 -11.56
CA LYS A 35 15.55 11.74 -11.55
C LYS A 35 16.29 12.16 -12.83
N GLU A 36 15.68 11.89 -13.97
CA GLU A 36 16.27 12.24 -15.25
C GLU A 36 16.19 13.72 -15.53
N SER A 37 15.18 14.37 -14.97
CA SER A 37 15.00 15.81 -15.15
C SER A 37 16.20 16.57 -14.62
N VAL A 38 16.57 16.27 -13.37
CA VAL A 38 17.71 16.92 -12.74
C VAL A 38 19.00 16.52 -13.43
N ASN A 39 19.00 15.33 -14.02
CA ASN A 39 20.17 14.81 -14.73
C ASN A 39 20.50 15.72 -15.92
N GLU A 40 19.47 16.02 -16.71
CA GLU A 40 19.64 16.87 -17.88
C GLU A 40 19.87 18.32 -17.45
N LEU A 41 19.28 18.70 -16.32
CA LEU A 41 19.42 20.04 -15.79
C LEU A 41 20.86 20.29 -15.39
N SER A 42 21.52 19.24 -14.92
CA SER A 42 22.91 19.31 -14.52
C SER A 42 23.78 19.66 -15.72
N GLU A 43 23.45 19.06 -16.85
CA GLU A 43 24.18 19.30 -18.10
C GLU A 43 24.02 20.77 -18.54
N LYS A 44 22.79 21.27 -18.46
CA LYS A 44 22.51 22.65 -18.87
C LYS A 44 23.25 23.64 -17.97
N ALA A 45 23.34 23.30 -16.69
CA ALA A 45 24.02 24.17 -15.73
C ALA A 45 25.53 24.08 -15.86
N LYS A 46 26.01 23.01 -16.49
CA LYS A 46 27.44 22.80 -16.70
C LYS A 46 28.02 23.86 -17.64
N THR A 47 27.18 24.40 -18.49
CA THR A 47 27.61 25.40 -19.45
C THR A 47 27.37 26.84 -18.96
N ASP A 48 27.08 27.01 -17.68
CA ASP A 48 26.84 28.35 -17.15
C ASP A 48 27.18 28.42 -15.66
N PRO A 49 28.08 29.35 -15.27
CA PRO A 49 28.50 29.51 -13.88
C PRO A 49 27.36 29.97 -12.97
N GLN A 50 26.45 30.78 -13.51
CA GLN A 50 25.33 31.29 -12.75
C GLN A 50 24.33 30.16 -12.51
N ALA A 51 24.05 29.41 -13.58
CA ALA A 51 23.15 28.28 -13.51
C ALA A 51 23.75 27.19 -12.62
N ALA A 52 25.07 27.11 -12.60
CA ALA A 52 25.78 26.14 -11.79
C ALA A 52 25.50 26.37 -10.31
N GLU A 53 25.36 27.64 -9.93
CA GLU A 53 25.05 28.00 -8.54
C GLU A 53 23.65 27.49 -8.19
N LYS A 54 22.73 27.62 -9.14
CA LYS A 54 21.36 27.19 -8.96
C LYS A 54 21.31 25.67 -8.80
N LEU A 55 22.09 24.98 -9.61
CA LEU A 55 22.17 23.51 -9.59
C LEU A 55 22.73 23.05 -8.24
N ASN A 56 23.70 23.81 -7.74
CA ASN A 56 24.35 23.51 -6.47
C ASN A 56 23.33 23.47 -5.34
N LYS A 57 22.38 24.39 -5.39
CA LYS A 57 21.32 24.47 -4.37
C LYS A 57 20.24 23.42 -4.62
N LEU A 58 19.99 23.12 -5.90
CA LEU A 58 18.97 22.15 -6.27
C LEU A 58 19.33 20.76 -5.75
N ILE A 59 20.54 20.31 -6.02
CA ILE A 59 20.99 19.00 -5.56
C ILE A 59 21.01 18.95 -4.04
N GLU A 60 21.39 20.08 -3.43
CA GLU A 60 21.45 20.18 -1.98
C GLU A 60 20.08 19.90 -1.38
N GLY A 61 19.06 20.50 -1.95
CA GLY A 61 17.70 20.30 -1.48
C GLY A 61 17.26 18.85 -1.59
N TYR A 62 17.75 18.17 -2.62
CA TYR A 62 17.41 16.76 -2.84
C TYR A 62 18.09 15.88 -1.79
N THR A 63 19.38 16.12 -1.55
CA THR A 63 20.13 15.33 -0.57
C THR A 63 19.56 15.47 0.84
N TYR A 64 18.96 16.62 1.12
CA TYR A 64 18.38 16.86 2.43
C TYR A 64 16.87 16.98 2.32
N GLY A 65 16.29 16.26 1.36
CA GLY A 65 14.87 16.29 1.16
C GLY A 65 14.12 15.53 2.22
N GLU A 66 13.83 16.20 3.33
CA GLU A 66 13.11 15.60 4.44
C GLU A 66 11.69 15.25 4.02
N GLU A 67 11.15 16.02 3.08
CA GLU A 67 9.81 15.79 2.58
C GLU A 67 9.75 14.44 1.87
N ARG A 68 10.86 14.05 1.25
CA ARG A 68 10.93 12.78 0.55
C ARG A 68 10.89 11.65 1.58
N LYS A 69 11.53 11.89 2.72
CA LYS A 69 11.55 10.92 3.81
C LYS A 69 10.15 10.79 4.41
N LEU A 70 9.39 11.87 4.34
CA LEU A 70 8.03 11.91 4.85
C LEU A 70 7.17 10.93 4.05
N TYR A 71 7.40 10.88 2.75
CA TYR A 71 6.65 9.97 1.89
C TYR A 71 7.12 8.53 2.11
N ASP A 72 8.40 8.40 2.44
CA ASP A 72 8.99 7.08 2.72
C ASP A 72 8.29 6.48 3.93
N SER A 73 8.11 7.31 4.96
CA SER A 73 7.45 6.89 6.18
C SER A 73 5.97 6.62 5.92
N ALA A 74 5.39 7.34 4.96
CA ALA A 74 4.00 7.16 4.61
C ALA A 74 3.77 5.79 4.00
N LEU A 75 4.67 5.38 3.11
CA LEU A 75 4.58 4.07 2.47
C LEU A 75 4.79 2.98 3.51
N SER A 76 5.59 3.30 4.53
CA SER A 76 5.88 2.36 5.61
C SER A 76 4.59 2.06 6.39
N LYS A 77 3.68 3.01 6.43
CA LYS A 77 2.41 2.84 7.12
C LYS A 77 1.51 1.90 6.32
N ILE A 78 1.66 1.94 5.00
CA ILE A 78 0.86 1.11 4.10
C ILE A 78 1.21 -0.37 4.29
N GLU A 79 2.51 -0.68 4.34
CA GLU A 79 2.95 -2.06 4.51
C GLU A 79 2.49 -2.63 5.84
N LYS A 80 2.42 -1.78 6.85
CA LYS A 80 1.96 -2.21 8.16
C LYS A 80 0.48 -2.59 8.11
N LEU A 81 -0.27 -1.86 7.29
CA LEU A 81 -1.69 -2.13 7.12
C LEU A 81 -1.89 -3.45 6.39
N ILE A 82 -1.00 -3.72 5.44
CA ILE A 82 -1.03 -4.96 4.67
C ILE A 82 -0.96 -6.16 5.61
N GLU A 83 -0.04 -6.06 6.58
CA GLU A 83 0.13 -7.12 7.56
C GLU A 83 -1.11 -7.26 8.43
N THR A 84 -1.81 -6.15 8.64
CA THR A 84 -3.01 -6.17 9.46
C THR A 84 -4.14 -6.91 8.75
N LEU A 85 -4.13 -6.88 7.43
CA LEU A 85 -5.14 -7.57 6.64
C LEU A 85 -4.88 -9.07 6.59
N SER A 86 -3.68 -9.46 7.02
CA SER A 86 -3.28 -10.86 7.05
C SER A 86 -3.05 -11.29 8.51
N PRO A 87 -4.05 -11.93 9.12
CA PRO A 87 -3.97 -12.40 10.52
C PRO A 87 -2.77 -13.31 10.78
N ALA A 88 -2.32 -13.97 9.72
CA ALA A 88 -1.18 -14.86 9.82
C ALA A 88 -0.26 -14.66 8.62
N ARG A 89 1.01 -14.43 8.89
CA ARG A 89 2.00 -14.21 7.84
C ARG A 89 3.40 -14.21 8.44
N SER A 90 4.41 -14.21 7.59
CA SER A 90 5.79 -14.21 8.04
C SER A 90 6.38 -12.81 7.96
N LYS A 91 6.76 -12.26 9.11
CA LYS A 91 7.34 -10.92 9.16
C LYS A 91 8.11 -10.72 10.46
N SER A 92 9.39 -10.40 10.32
CA SER A 92 10.26 -10.17 11.47
C SER A 92 11.04 -8.87 11.27
N GLN A 93 10.83 -7.92 12.17
CA GLN A 93 11.49 -6.62 12.09
C GLN A 93 12.63 -6.52 13.10
N SER A 94 13.34 -7.63 13.30
CA SER A 94 14.45 -7.66 14.22
C SER A 94 15.72 -7.16 13.55
N THR A 95 16.22 -6.02 13.99
CA THR A 95 17.43 -5.44 13.43
C THR A 95 18.03 -4.43 14.41
N MET A 96 19.30 -4.12 14.22
CA MET A 96 20.01 -3.19 15.10
C MET A 96 21.25 -2.65 14.41
N ASN A 97 21.34 -1.34 14.27
CA ASN A 97 22.49 -0.71 13.61
C ASN A 97 23.62 -0.50 14.61
N GLN A 98 24.31 -1.58 14.94
CA GLN A 98 25.42 -1.52 15.87
C GLN A 98 26.76 -1.52 15.14
N ARG A 99 26.75 -2.09 13.94
CA ARG A 99 27.94 -2.16 13.11
C ARG A 99 28.39 -0.77 12.68
N ASN A 100 29.61 -0.40 13.07
CA ASN A 100 30.16 0.89 12.72
C ASN A 100 31.18 0.72 11.58
N ARG A 101 32.28 0.06 11.90
CA ARG A 101 33.34 -0.20 10.94
C ARG A 101 33.94 -1.57 11.19
N ASN A 102 34.51 -2.18 10.15
CA ASN A 102 35.10 -3.50 10.28
C ASN A 102 36.57 -3.46 9.91
N ASN A 103 36.86 -3.48 8.62
CA ASN A 103 38.24 -3.44 8.14
C ASN A 103 38.34 -2.68 6.83
N ARG A 104 37.92 -3.34 5.74
CA ARG A 104 37.94 -2.75 4.41
C ARG A 104 39.34 -2.24 4.05
N LYS A 105 40.35 -2.98 4.45
CA LYS A 105 41.73 -2.61 4.15
C LYS A 105 42.35 -3.61 3.20
N ILE A 106 42.40 -4.86 3.63
CA ILE A 106 42.97 -5.92 2.81
C ILE A 106 41.89 -6.65 2.02
N VAL A 107 40.82 -7.04 2.71
CA VAL A 107 39.72 -7.75 2.05
C VAL A 107 38.47 -6.88 2.04
N MET B 1 7.49 30.95 -15.05
CA MET B 1 6.38 30.76 -14.12
C MET B 1 6.31 29.32 -13.64
N SER B 2 7.45 28.67 -13.61
CA SER B 2 7.58 27.28 -13.17
C SER B 2 7.22 27.14 -11.71
N ILE B 3 7.15 28.27 -11.01
CA ILE B 3 6.83 28.31 -9.59
C ILE B 3 5.41 27.77 -9.31
N VAL B 4 4.44 28.14 -10.14
CA VAL B 4 3.07 27.69 -9.95
C VAL B 4 2.94 26.20 -10.30
N SER B 5 3.81 25.74 -11.17
CA SER B 5 3.84 24.34 -11.59
C SER B 5 4.28 23.45 -10.44
N GLN B 6 5.44 23.80 -9.90
CA GLN B 6 6.03 23.04 -8.81
C GLN B 6 5.12 23.00 -7.58
N THR B 7 4.54 24.13 -7.24
CA THR B 7 3.65 24.20 -6.08
C THR B 7 2.37 23.39 -6.30
N ARG B 8 1.83 23.45 -7.53
CA ARG B 8 0.61 22.73 -7.86
C ARG B 8 0.84 21.22 -7.82
N ASN B 9 1.96 20.79 -8.38
CA ASN B 9 2.31 19.37 -8.40
C ASN B 9 2.58 18.86 -6.98
N LYS B 10 3.33 19.63 -6.21
CA LYS B 10 3.71 19.27 -4.85
C LYS B 10 2.49 19.09 -3.94
N GLU B 11 1.61 20.07 -3.94
CA GLU B 11 0.42 20.03 -3.09
C GLU B 11 -0.56 18.95 -3.55
N LEU B 12 -0.56 18.68 -4.85
CA LEU B 12 -1.44 17.69 -5.43
C LEU B 12 -1.12 16.31 -4.88
N LEU B 13 0.13 15.89 -5.01
CA LEU B 13 0.57 14.57 -4.54
C LEU B 13 0.48 14.47 -3.02
N LEU B 14 0.74 15.58 -2.33
CA LEU B 14 0.70 15.60 -0.87
C LEU B 14 -0.70 15.26 -0.36
N LYS B 15 -1.70 15.94 -0.88
CA LYS B 15 -3.08 15.71 -0.47
C LYS B 15 -3.55 14.32 -0.88
N LYS B 16 -3.06 13.83 -2.02
CA LYS B 16 -3.44 12.52 -2.51
C LYS B 16 -2.89 11.43 -1.59
N ILE B 17 -1.62 11.55 -1.20
CA ILE B 17 -0.98 10.58 -0.34
C ILE B 17 -1.57 10.61 1.07
N ASP B 18 -1.75 11.82 1.60
CA ASP B 18 -2.29 11.99 2.95
C ASP B 18 -3.68 11.36 3.08
N SER B 19 -4.52 11.58 2.10
CA SER B 19 -5.86 11.03 2.12
C SER B 19 -5.83 9.51 1.93
N LEU B 20 -4.84 9.02 1.20
CA LEU B 20 -4.69 7.59 0.91
C LEU B 20 -4.52 6.78 2.18
N ILE B 21 -3.57 7.18 3.03
CA ILE B 21 -3.32 6.45 4.27
C ILE B 21 -4.54 6.46 5.19
N GLU B 22 -5.24 7.59 5.24
CA GLU B 22 -6.43 7.72 6.07
C GLU B 22 -7.57 6.85 5.54
N ALA B 23 -7.67 6.76 4.22
CA ALA B 23 -8.70 5.97 3.58
C ALA B 23 -8.58 4.49 3.90
N ILE B 24 -7.38 3.95 3.71
CA ILE B 24 -7.14 2.53 3.98
C ILE B 24 -7.27 2.22 5.47
N LYS B 25 -6.85 3.18 6.29
CA LYS B 25 -6.94 3.02 7.74
C LYS B 25 -8.40 2.90 8.15
N LYS B 26 -9.26 3.56 7.40
CA LYS B 26 -10.69 3.53 7.64
C LYS B 26 -11.27 2.19 7.23
N ILE B 27 -10.85 1.70 6.06
CA ILE B 27 -11.32 0.43 5.51
C ILE B 27 -11.11 -0.74 6.47
N ILE B 28 -9.90 -0.85 7.03
CA ILE B 28 -9.58 -1.92 7.95
C ILE B 28 -10.50 -1.88 9.17
N ALA B 29 -10.84 -0.68 9.62
CA ALA B 29 -11.70 -0.50 10.77
C ALA B 29 -13.15 -0.88 10.44
N GLU B 30 -13.59 -0.53 9.24
CA GLU B 30 -14.95 -0.83 8.80
C GLU B 30 -15.20 -2.33 8.83
N PHE B 31 -14.25 -3.11 8.33
CA PHE B 31 -14.38 -4.57 8.29
C PHE B 31 -14.53 -5.14 9.69
N ASP B 32 -13.76 -4.61 10.64
CA ASP B 32 -13.82 -5.06 12.02
C ASP B 32 -15.18 -4.75 12.64
N VAL B 33 -15.69 -3.56 12.35
CA VAL B 33 -16.99 -3.13 12.85
C VAL B 33 -18.11 -3.95 12.23
N VAL B 34 -18.03 -4.20 10.93
CA VAL B 34 -19.04 -4.97 10.21
C VAL B 34 -19.17 -6.38 10.82
N LYS B 35 -18.04 -6.98 11.16
CA LYS B 35 -18.02 -8.30 11.75
C LYS B 35 -18.84 -8.33 13.04
N GLU B 36 -18.65 -7.31 13.88
CA GLU B 36 -19.38 -7.20 15.14
C GLU B 36 -20.84 -6.81 14.91
N SER B 37 -21.10 -5.95 13.93
CA SER B 37 -22.44 -5.46 13.62
C SER B 37 -23.36 -6.60 13.23
N VAL B 38 -22.93 -7.44 12.29
CA VAL B 38 -23.74 -8.56 11.83
C VAL B 38 -23.90 -9.59 12.94
N ASN B 39 -22.93 -9.65 13.84
CA ASN B 39 -22.98 -10.58 14.96
C ASN B 39 -24.14 -10.20 15.86
N GLU B 40 -24.26 -8.90 16.10
CA GLU B 40 -25.30 -8.33 16.93
C GLU B 40 -26.67 -8.54 16.29
N LEU B 41 -26.76 -8.21 15.00
CA LEU B 41 -27.99 -8.33 14.25
C LEU B 41 -28.47 -9.78 14.13
N SER B 42 -27.52 -10.72 14.07
CA SER B 42 -27.87 -12.13 13.96
C SER B 42 -28.50 -12.65 15.24
N GLU B 43 -28.02 -12.16 16.38
CA GLU B 43 -28.54 -12.58 17.68
C GLU B 43 -29.97 -12.09 17.86
N LYS B 44 -30.26 -10.94 17.28
CA LYS B 44 -31.59 -10.34 17.38
C LYS B 44 -32.56 -10.93 16.36
N ALA B 45 -32.05 -11.27 15.18
CA ALA B 45 -32.88 -11.80 14.10
C ALA B 45 -33.26 -13.25 14.35
N LYS B 46 -32.51 -13.93 15.20
CA LYS B 46 -32.78 -15.34 15.50
C LYS B 46 -34.11 -15.53 16.22
N THR B 47 -34.66 -14.45 16.76
CA THR B 47 -35.93 -14.51 17.46
C THR B 47 -37.12 -14.49 16.49
N ASP B 48 -36.86 -14.13 15.24
CA ASP B 48 -37.91 -14.06 14.23
C ASP B 48 -37.52 -14.86 12.99
N PRO B 49 -38.42 -15.76 12.53
CA PRO B 49 -38.16 -16.59 11.35
C PRO B 49 -37.90 -15.77 10.08
N GLN B 50 -38.62 -14.67 9.93
CA GLN B 50 -38.45 -13.82 8.76
C GLN B 50 -37.12 -13.10 8.81
N ALA B 51 -36.84 -12.47 9.95
CA ALA B 51 -35.61 -11.74 10.15
C ALA B 51 -34.40 -12.66 10.04
N ALA B 52 -34.54 -13.87 10.57
CA ALA B 52 -33.47 -14.86 10.52
C ALA B 52 -33.08 -15.18 9.09
N GLU B 53 -34.08 -15.20 8.21
CA GLU B 53 -33.84 -15.49 6.81
C GLU B 53 -33.06 -14.36 6.16
N LYS B 54 -33.37 -13.13 6.57
CA LYS B 54 -32.69 -11.96 6.04
C LYS B 54 -31.20 -12.05 6.38
N LEU B 55 -30.93 -12.45 7.60
CA LEU B 55 -29.55 -12.60 8.06
C LEU B 55 -28.87 -13.75 7.33
N ASN B 56 -29.66 -14.75 6.95
CA ASN B 56 -29.16 -15.90 6.22
C ASN B 56 -28.65 -15.45 4.85
N LYS B 57 -29.36 -14.50 4.25
CA LYS B 57 -28.99 -13.96 2.95
C LYS B 57 -27.77 -13.05 3.09
N LEU B 58 -27.71 -12.34 4.22
CA LEU B 58 -26.61 -11.43 4.49
C LEU B 58 -25.28 -12.20 4.60
N ILE B 59 -25.28 -13.24 5.43
CA ILE B 59 -24.08 -14.05 5.63
C ILE B 59 -23.67 -14.75 4.33
N GLU B 60 -24.66 -15.15 3.54
CA GLU B 60 -24.39 -15.82 2.26
C GLU B 60 -23.68 -14.85 1.32
N GLY B 61 -24.06 -13.58 1.41
CA GLY B 61 -23.44 -12.56 0.58
C GLY B 61 -21.96 -12.43 0.83
N TYR B 62 -21.54 -12.63 2.08
CA TYR B 62 -20.14 -12.54 2.43
C TYR B 62 -19.35 -13.68 1.80
N THR B 63 -20.04 -14.77 1.49
CA THR B 63 -19.42 -15.91 0.85
C THR B 63 -19.23 -15.64 -0.64
N TYR B 64 -20.15 -14.86 -1.21
CA TYR B 64 -20.12 -14.52 -2.62
C TYR B 64 -19.51 -13.13 -2.81
N GLY B 65 -18.68 -12.72 -1.86
CA GLY B 65 -18.05 -11.43 -1.94
C GLY B 65 -16.84 -11.40 -2.86
N GLU B 66 -17.09 -11.62 -4.15
CA GLU B 66 -16.03 -11.62 -5.14
C GLU B 66 -15.43 -10.22 -5.25
N GLU B 67 -16.29 -9.22 -5.10
CA GLU B 67 -15.86 -7.83 -5.15
C GLU B 67 -14.90 -7.52 -4.00
N ARG B 68 -15.09 -8.22 -2.89
CA ARG B 68 -14.22 -8.04 -1.73
C ARG B 68 -12.85 -8.61 -2.03
N LYS B 69 -12.86 -9.74 -2.72
CA LYS B 69 -11.62 -10.42 -3.10
C LYS B 69 -10.86 -9.56 -4.09
N LEU B 70 -11.59 -8.80 -4.89
CA LEU B 70 -11.00 -7.90 -5.86
C LEU B 70 -10.19 -6.82 -5.15
N TYR B 71 -10.70 -6.40 -3.99
CA TYR B 71 -10.01 -5.39 -3.19
C TYR B 71 -8.71 -5.96 -2.66
N ASP B 72 -8.74 -7.25 -2.33
CA ASP B 72 -7.55 -7.94 -1.83
C ASP B 72 -6.52 -8.04 -2.94
N SER B 73 -6.98 -8.33 -4.16
CA SER B 73 -6.10 -8.43 -5.31
C SER B 73 -5.44 -7.09 -5.61
N ALA B 74 -6.18 -6.01 -5.40
CA ALA B 74 -5.68 -4.67 -5.62
C ALA B 74 -4.61 -4.34 -4.58
N LEU B 75 -4.81 -4.87 -3.37
CA LEU B 75 -3.88 -4.66 -2.28
C LEU B 75 -2.55 -5.32 -2.62
N SER B 76 -2.61 -6.45 -3.32
CA SER B 76 -1.42 -7.17 -3.72
C SER B 76 -0.59 -6.33 -4.70
N LYS B 77 -1.27 -5.48 -5.48
CA LYS B 77 -0.59 -4.61 -6.43
C LYS B 77 0.22 -3.57 -5.67
N ILE B 78 -0.28 -3.18 -4.51
CA ILE B 78 0.40 -2.21 -3.66
C ILE B 78 1.74 -2.78 -3.21
N GLU B 79 1.72 -4.05 -2.81
CA GLU B 79 2.93 -4.74 -2.38
C GLU B 79 3.96 -4.79 -3.51
N LYS B 80 3.46 -4.95 -4.74
CA LYS B 80 4.34 -4.99 -5.90
C LYS B 80 5.06 -3.66 -6.06
N LEU B 81 4.36 -2.58 -5.76
CA LEU B 81 4.93 -1.24 -5.86
C LEU B 81 5.99 -1.05 -4.78
N ILE B 82 5.73 -1.62 -3.60
CA ILE B 82 6.67 -1.54 -2.49
C ILE B 82 7.98 -2.24 -2.89
N GLU B 83 7.82 -3.32 -3.67
CA GLU B 83 8.96 -4.06 -4.18
C GLU B 83 9.70 -3.24 -5.23
N THR B 84 8.96 -2.39 -5.94
CA THR B 84 9.52 -1.53 -6.97
C THR B 84 10.32 -0.39 -6.33
N LEU B 85 9.86 0.07 -5.18
CA LEU B 85 10.52 1.15 -4.45
C LEU B 85 11.90 0.73 -3.99
N SER B 86 12.00 -0.49 -3.48
CA SER B 86 13.27 -1.02 -3.00
C SER B 86 14.11 -1.55 -4.17
N PRO B 87 15.33 -1.03 -4.35
CA PRO B 87 16.23 -1.47 -5.43
C PRO B 87 16.45 -2.98 -5.38
N ALA B 88 17.22 -3.43 -4.38
CA ALA B 88 17.52 -4.84 -4.17
C ALA B 88 18.17 -5.48 -5.40
N ARG B 89 17.35 -5.95 -6.33
CA ARG B 89 17.87 -6.58 -7.53
C ARG B 89 16.91 -6.40 -8.70
N SER B 90 17.38 -6.77 -9.88
CA SER B 90 16.60 -6.69 -11.10
C SER B 90 15.36 -7.57 -11.04
N LYS B 91 14.19 -6.95 -11.08
CA LYS B 91 12.94 -7.70 -11.02
C LYS B 91 12.74 -8.48 -12.32
N SER B 92 12.56 -9.79 -12.20
CA SER B 92 12.37 -10.65 -13.36
C SER B 92 10.92 -11.14 -13.45
N GLN B 93 10.43 -11.27 -14.67
CA GLN B 93 9.06 -11.72 -14.88
C GLN B 93 9.01 -12.76 -16.00
N SER B 94 9.15 -12.27 -17.24
CA SER B 94 9.12 -13.12 -18.43
C SER B 94 7.87 -14.00 -18.44
N THR B 95 6.74 -13.39 -18.75
CA THR B 95 5.47 -14.10 -18.80
C THR B 95 5.33 -14.86 -20.11
N MET B 96 4.46 -15.86 -20.13
CA MET B 96 4.23 -16.68 -21.31
C MET B 96 2.74 -17.01 -21.46
N ASN B 97 2.33 -17.29 -22.68
CA ASN B 97 0.94 -17.62 -22.98
C ASN B 97 0.86 -19.00 -23.64
N GLN B 98 -0.01 -19.86 -23.12
CA GLN B 98 -0.16 -21.20 -23.68
C GLN B 98 -1.04 -21.17 -24.92
N ARG B 99 -2.29 -20.72 -24.73
CA ARG B 99 -3.26 -20.63 -25.81
C ARG B 99 -3.57 -22.01 -26.38
N ASN B 100 -4.41 -22.75 -25.67
CA ASN B 100 -4.78 -24.10 -26.07
C ASN B 100 -5.66 -24.08 -27.32
N ARG B 101 -5.58 -25.12 -28.14
CA ARG B 101 -6.35 -25.20 -29.38
C ARG B 101 -7.26 -26.42 -29.37
N ASN B 102 -8.57 -26.16 -29.39
CA ASN B 102 -9.57 -27.22 -29.42
C ASN B 102 -10.10 -27.38 -30.83
N ASN B 103 -10.55 -26.25 -31.41
CA ASN B 103 -11.10 -26.20 -32.77
C ASN B 103 -12.40 -26.98 -32.89
N ARG B 104 -12.28 -28.30 -33.08
CA ARG B 104 -13.42 -29.20 -33.22
C ARG B 104 -14.18 -28.93 -34.51
N LYS B 105 -15.04 -29.85 -34.88
CA LYS B 105 -15.83 -29.71 -36.10
C LYS B 105 -17.25 -30.21 -35.88
N ILE B 106 -18.20 -29.28 -35.81
CA ILE B 106 -19.59 -29.63 -35.60
C ILE B 106 -20.35 -29.61 -36.92
N VAL B 107 -20.27 -28.49 -37.61
CA VAL B 107 -20.93 -28.33 -38.90
C VAL B 107 -19.90 -28.37 -40.03
N MET A 1 -35.71 -0.20 2.19
CA MET A 1 -35.08 -1.26 1.36
C MET A 1 -33.63 -1.45 1.74
N SER A 2 -33.28 -2.62 2.21
CA SER A 2 -31.91 -2.95 2.61
C SER A 2 -31.07 -3.30 1.41
N ILE A 3 -31.73 -3.75 0.36
CA ILE A 3 -31.04 -4.18 -0.86
C ILE A 3 -30.24 -3.03 -1.48
N VAL A 4 -30.83 -1.84 -1.52
CA VAL A 4 -30.17 -0.68 -2.09
C VAL A 4 -29.05 -0.18 -1.18
N SER A 5 -29.19 -0.45 0.10
CA SER A 5 -28.18 -0.09 1.09
C SER A 5 -26.91 -0.90 0.88
N GLN A 6 -27.11 -2.17 0.54
CA GLN A 6 -26.01 -3.08 0.32
C GLN A 6 -25.25 -2.74 -0.96
N THR A 7 -25.99 -2.46 -2.04
CA THR A 7 -25.37 -2.14 -3.32
C THR A 7 -24.62 -0.81 -3.26
N ARG A 8 -25.20 0.16 -2.57
CA ARG A 8 -24.58 1.48 -2.40
C ARG A 8 -23.29 1.35 -1.59
N ASN A 9 -23.29 0.44 -0.62
CA ASN A 9 -22.13 0.21 0.22
C ASN A 9 -21.00 -0.44 -0.57
N LYS A 10 -21.33 -1.51 -1.28
CA LYS A 10 -20.36 -2.26 -2.08
C LYS A 10 -19.67 -1.37 -3.11
N GLU A 11 -20.48 -0.60 -3.85
CA GLU A 11 -19.95 0.30 -4.86
C GLU A 11 -19.04 1.37 -4.24
N LEU A 12 -19.42 1.84 -3.07
CA LEU A 12 -18.66 2.87 -2.37
C LEU A 12 -17.24 2.40 -2.04
N LEU A 13 -17.11 1.21 -1.44
CA LEU A 13 -15.79 0.70 -1.07
C LEU A 13 -14.97 0.34 -2.31
N LEU A 14 -15.65 -0.10 -3.37
CA LEU A 14 -14.99 -0.45 -4.61
C LEU A 14 -14.26 0.75 -5.19
N LYS A 15 -14.98 1.86 -5.32
CA LYS A 15 -14.42 3.09 -5.87
C LYS A 15 -13.39 3.70 -4.92
N LYS A 16 -13.58 3.49 -3.63
CA LYS A 16 -12.67 4.03 -2.63
C LYS A 16 -11.28 3.40 -2.76
N ILE A 17 -11.25 2.08 -2.86
CA ILE A 17 -9.98 1.35 -2.97
C ILE A 17 -9.41 1.43 -4.39
N ASP A 18 -10.30 1.49 -5.39
CA ASP A 18 -9.90 1.59 -6.78
C ASP A 18 -9.11 2.88 -7.02
N SER A 19 -9.57 3.96 -6.39
CA SER A 19 -8.91 5.24 -6.51
C SER A 19 -7.61 5.25 -5.70
N LEU A 20 -7.62 4.49 -4.60
CA LEU A 20 -6.46 4.39 -3.72
C LEU A 20 -5.23 3.90 -4.47
N ILE A 21 -5.39 2.78 -5.18
CA ILE A 21 -4.29 2.21 -5.95
C ILE A 21 -3.95 3.07 -7.17
N GLU A 22 -4.94 3.82 -7.65
CA GLU A 22 -4.74 4.69 -8.82
C GLU A 22 -3.78 5.82 -8.48
N ALA A 23 -4.00 6.44 -7.33
CA ALA A 23 -3.16 7.55 -6.89
C ALA A 23 -1.72 7.10 -6.64
N ILE A 24 -1.56 6.01 -5.91
CA ILE A 24 -0.24 5.49 -5.60
C ILE A 24 0.51 5.06 -6.88
N LYS A 25 -0.24 4.54 -7.85
CA LYS A 25 0.33 4.12 -9.12
C LYS A 25 1.00 5.30 -9.81
N LYS A 26 0.37 6.46 -9.75
CA LYS A 26 0.91 7.67 -10.37
C LYS A 26 2.17 8.13 -9.65
N ILE A 27 2.20 7.98 -8.33
CA ILE A 27 3.35 8.39 -7.53
C ILE A 27 4.63 7.71 -8.00
N ILE A 28 4.59 6.39 -8.11
CA ILE A 28 5.76 5.62 -8.55
C ILE A 28 6.13 5.99 -10.00
N ALA A 29 5.11 6.27 -10.80
CA ALA A 29 5.31 6.64 -12.20
C ALA A 29 6.09 7.95 -12.31
N GLU A 30 5.76 8.89 -11.44
CA GLU A 30 6.43 10.19 -11.44
C GLU A 30 7.88 10.05 -10.96
N PHE A 31 8.10 9.16 -10.00
CA PHE A 31 9.44 8.93 -9.44
C PHE A 31 10.44 8.60 -10.55
N ASP A 32 10.05 7.69 -11.43
CA ASP A 32 10.92 7.28 -12.54
C ASP A 32 11.12 8.43 -13.52
N VAL A 33 10.07 9.22 -13.72
CA VAL A 33 10.12 10.34 -14.63
C VAL A 33 11.05 11.43 -14.09
N VAL A 34 10.89 11.77 -12.82
CA VAL A 34 11.71 12.79 -12.18
C VAL A 34 13.18 12.39 -12.22
N LYS A 35 13.44 11.10 -12.07
CA LYS A 35 14.80 10.59 -12.10
C LYS A 35 15.48 10.92 -13.44
N GLU A 36 14.77 10.68 -14.53
CA GLU A 36 15.29 10.97 -15.86
C GLU A 36 15.30 12.48 -16.16
N SER A 37 14.30 13.19 -15.68
CA SER A 37 14.17 14.63 -15.90
C SER A 37 15.34 15.38 -15.31
N VAL A 38 15.74 15.01 -14.09
CA VAL A 38 16.86 15.66 -13.41
C VAL A 38 18.17 15.30 -14.08
N ASN A 39 18.21 14.14 -14.74
CA ASN A 39 19.41 13.70 -15.44
C ASN A 39 19.72 14.67 -16.58
N GLU A 40 18.68 15.04 -17.31
CA GLU A 40 18.80 15.97 -18.43
C GLU A 40 19.03 17.39 -17.93
N LEU A 41 18.32 17.74 -16.86
CA LEU A 41 18.41 19.06 -16.26
C LEU A 41 19.85 19.34 -15.82
N SER A 42 20.45 18.35 -15.18
CA SER A 42 21.81 18.46 -14.70
C SER A 42 22.78 18.68 -15.85
N GLU A 43 22.61 17.90 -16.91
CA GLU A 43 23.47 18.00 -18.08
C GLU A 43 23.41 19.40 -18.70
N LYS A 44 22.20 19.97 -18.74
CA LYS A 44 22.01 21.29 -19.31
C LYS A 44 22.41 22.40 -18.33
N ALA A 45 22.64 22.03 -17.08
CA ALA A 45 23.04 22.98 -16.05
C ALA A 45 24.55 23.13 -16.01
N LYS A 46 25.26 22.09 -16.47
CA LYS A 46 26.71 22.11 -16.48
C LYS A 46 27.26 22.98 -17.60
N THR A 47 26.41 23.33 -18.56
CA THR A 47 26.83 24.16 -19.68
C THR A 47 26.69 25.65 -19.35
N ASP A 48 26.28 25.94 -18.13
CA ASP A 48 26.10 27.33 -17.70
C ASP A 48 26.59 27.50 -16.26
N PRO A 49 27.55 28.42 -16.03
CA PRO A 49 28.11 28.65 -14.69
C PRO A 49 27.06 29.03 -13.66
N GLN A 50 26.07 29.82 -14.07
CA GLN A 50 25.01 30.24 -13.16
C GLN A 50 24.10 29.06 -12.82
N ALA A 51 23.71 28.31 -13.86
CA ALA A 51 22.87 27.14 -13.69
C ALA A 51 23.58 26.07 -12.88
N ALA A 52 24.90 26.01 -13.03
CA ALA A 52 25.72 25.06 -12.29
C ALA A 52 25.60 25.32 -10.79
N GLU A 53 25.47 26.59 -10.42
CA GLU A 53 25.33 26.97 -9.02
C GLU A 53 23.98 26.51 -8.49
N LYS A 54 22.97 26.51 -9.36
CA LYS A 54 21.63 26.08 -8.98
C LYS A 54 21.63 24.58 -8.69
N LEU A 55 22.34 23.82 -9.52
CA LEU A 55 22.43 22.38 -9.35
C LEU A 55 23.31 22.05 -8.15
N ASN A 56 24.22 22.96 -7.84
CA ASN A 56 25.13 22.81 -6.71
C ASN A 56 24.36 22.76 -5.40
N LYS A 57 23.46 23.71 -5.22
CA LYS A 57 22.64 23.77 -4.02
C LYS A 57 21.55 22.70 -4.05
N LEU A 58 21.10 22.37 -5.26
CA LEU A 58 20.06 21.37 -5.46
C LEU A 58 20.51 20.00 -4.96
N ILE A 59 21.67 19.54 -5.44
CA ILE A 59 22.21 18.24 -5.04
C ILE A 59 22.53 18.19 -3.55
N GLU A 60 22.96 19.31 -2.99
CA GLU A 60 23.28 19.38 -1.57
C GLU A 60 22.00 19.18 -0.77
N GLY A 61 20.91 19.76 -1.27
CA GLY A 61 19.62 19.63 -0.62
C GLY A 61 19.13 18.21 -0.64
N TYR A 62 19.58 17.44 -1.63
CA TYR A 62 19.20 16.04 -1.73
C TYR A 62 19.88 15.23 -0.64
N THR A 63 21.14 15.58 -0.37
CA THR A 63 21.91 14.89 0.66
C THR A 63 21.31 15.16 2.04
N TYR A 64 20.81 16.38 2.21
CA TYR A 64 20.19 16.80 3.46
C TYR A 64 18.67 16.90 3.26
N GLY A 65 18.14 16.02 2.41
CA GLY A 65 16.72 16.02 2.12
C GLY A 65 15.88 15.50 3.27
N GLU A 66 15.56 16.39 4.21
CA GLU A 66 14.75 16.02 5.37
C GLU A 66 13.34 15.61 4.95
N GLU A 67 12.77 16.32 3.98
CA GLU A 67 11.42 15.99 3.50
C GLU A 67 11.44 14.64 2.79
N ARG A 68 12.53 14.36 2.09
CA ARG A 68 12.69 13.09 1.38
C ARG A 68 12.69 11.96 2.38
N LYS A 69 13.26 12.23 3.55
CA LYS A 69 13.33 11.26 4.63
C LYS A 69 11.94 10.98 5.17
N LEU A 70 11.11 12.01 5.22
CA LEU A 70 9.75 11.89 5.72
C LEU A 70 8.90 11.07 4.75
N TYR A 71 9.08 11.29 3.45
CA TYR A 71 8.33 10.54 2.44
C TYR A 71 8.66 9.06 2.52
N ASP A 72 9.91 8.77 2.89
CA ASP A 72 10.37 7.39 3.05
C ASP A 72 9.59 6.72 4.16
N SER A 73 9.48 7.43 5.29
CA SER A 73 8.77 6.93 6.45
C SER A 73 7.26 6.84 6.18
N ALA A 74 6.80 7.56 5.16
CA ALA A 74 5.38 7.54 4.80
C ALA A 74 5.02 6.17 4.25
N LEU A 75 5.92 5.60 3.46
CA LEU A 75 5.70 4.27 2.90
C LEU A 75 5.79 3.23 4.00
N SER A 76 6.62 3.52 5.00
CA SER A 76 6.78 2.61 6.13
C SER A 76 5.45 2.46 6.88
N LYS A 77 4.65 3.53 6.85
CA LYS A 77 3.34 3.51 7.49
C LYS A 77 2.43 2.53 6.75
N ILE A 78 2.56 2.55 5.42
CA ILE A 78 1.77 1.67 4.57
C ILE A 78 2.14 0.22 4.82
N GLU A 79 3.43 -0.02 5.04
CA GLU A 79 3.94 -1.36 5.30
C GLU A 79 3.26 -1.94 6.53
N LYS A 80 3.11 -1.09 7.56
CA LYS A 80 2.46 -1.50 8.79
C LYS A 80 0.99 -1.81 8.55
N LEU A 81 0.39 -1.11 7.59
CA LEU A 81 -1.02 -1.35 7.27
C LEU A 81 -1.17 -2.70 6.58
N ILE A 82 -0.18 -3.05 5.77
CA ILE A 82 -0.18 -4.31 5.06
C ILE A 82 -0.15 -5.48 6.05
N GLU A 83 0.77 -5.41 7.00
CA GLU A 83 0.93 -6.45 8.01
C GLU A 83 -0.29 -6.50 8.93
N THR A 84 -1.01 -5.39 9.05
CA THR A 84 -2.20 -5.35 9.88
C THR A 84 -3.27 -6.28 9.31
N LEU A 85 -3.24 -6.45 7.99
CA LEU A 85 -4.18 -7.32 7.30
C LEU A 85 -3.58 -8.72 7.13
N SER A 86 -2.39 -8.77 6.57
CA SER A 86 -1.71 -10.04 6.34
C SER A 86 -0.26 -9.93 6.82
N PRO A 87 -0.01 -10.25 8.10
CA PRO A 87 1.33 -10.17 8.70
C PRO A 87 2.31 -11.16 8.08
N ALA A 88 1.81 -12.37 7.78
CA ALA A 88 2.62 -13.44 7.19
C ALA A 88 3.84 -13.75 8.05
N ARG A 89 4.97 -13.14 7.72
CA ARG A 89 6.20 -13.34 8.45
C ARG A 89 7.07 -12.09 8.37
N SER A 90 6.43 -10.95 8.14
CA SER A 90 7.14 -9.68 8.03
C SER A 90 7.08 -8.91 9.35
N LYS A 91 6.70 -9.60 10.41
CA LYS A 91 6.58 -8.98 11.72
C LYS A 91 7.71 -9.46 12.64
N SER A 92 8.52 -8.51 13.12
CA SER A 92 9.63 -8.85 14.00
C SER A 92 9.15 -8.96 15.46
N GLN A 93 9.02 -10.18 15.95
CA GLN A 93 8.59 -10.43 17.32
C GLN A 93 9.67 -10.04 18.32
N SER A 94 9.40 -9.02 19.10
CA SER A 94 10.33 -8.55 20.11
C SER A 94 9.77 -8.84 21.49
N THR A 95 10.55 -9.51 22.32
CA THR A 95 10.08 -9.86 23.66
C THR A 95 11.11 -9.46 24.72
N MET A 96 10.60 -9.10 25.90
CA MET A 96 11.45 -8.70 27.02
C MET A 96 11.65 -9.89 27.94
N ASN A 97 11.07 -11.03 27.59
CA ASN A 97 11.18 -12.23 28.40
C ASN A 97 12.46 -13.00 28.10
N GLN A 98 13.58 -12.30 28.07
CA GLN A 98 14.86 -12.93 27.81
C GLN A 98 15.43 -13.50 29.10
N ARG A 99 15.02 -14.70 29.43
CA ARG A 99 15.49 -15.35 30.64
C ARG A 99 16.57 -16.36 30.30
N ASN A 100 17.82 -16.02 30.60
CA ASN A 100 18.93 -16.91 30.32
C ASN A 100 19.51 -17.42 31.62
N ARG A 101 19.71 -18.72 31.72
CA ARG A 101 20.27 -19.32 32.93
C ARG A 101 21.39 -20.28 32.57
N ASN A 102 22.51 -20.13 33.27
CA ASN A 102 23.67 -20.99 33.06
C ASN A 102 23.65 -22.16 34.03
N ASN A 103 22.55 -22.32 34.72
CA ASN A 103 22.39 -23.40 35.69
C ASN A 103 21.57 -24.55 35.12
N ARG A 104 21.25 -24.44 33.83
CA ARG A 104 20.46 -25.45 33.15
C ARG A 104 21.27 -26.69 32.85
N LYS A 105 20.68 -27.85 33.10
CA LYS A 105 21.34 -29.12 32.85
C LYS A 105 20.31 -30.23 32.67
N ILE A 106 19.35 -30.30 33.59
CA ILE A 106 18.29 -31.30 33.54
C ILE A 106 16.94 -30.62 33.71
N VAL A 107 15.88 -31.26 33.22
CA VAL A 107 14.55 -30.70 33.34
C VAL A 107 13.89 -31.10 34.66
N MET B 1 6.63 34.21 -12.98
CA MET B 1 5.91 34.01 -11.74
C MET B 1 5.94 32.54 -11.34
N SER B 2 7.12 31.95 -11.36
CA SER B 2 7.32 30.55 -11.03
C SER B 2 6.99 30.28 -9.57
N ILE B 3 6.97 31.30 -8.74
CA ILE B 3 6.70 31.12 -7.33
C ILE B 3 5.24 30.75 -7.05
N VAL B 4 4.32 31.20 -7.92
CA VAL B 4 2.90 30.88 -7.71
C VAL B 4 2.61 29.42 -8.03
N SER B 5 3.23 28.91 -9.09
CA SER B 5 3.02 27.51 -9.47
C SER B 5 3.73 26.58 -8.52
N GLN B 6 4.85 27.04 -7.98
CA GLN B 6 5.62 26.24 -7.03
C GLN B 6 4.79 25.95 -5.79
N THR B 7 4.21 27.00 -5.22
CA THR B 7 3.36 26.87 -4.05
C THR B 7 2.11 26.05 -4.33
N ARG B 8 1.49 26.32 -5.48
CA ARG B 8 0.27 25.61 -5.89
C ARG B 8 0.52 24.12 -6.04
N ASN B 9 1.63 23.75 -6.65
CA ASN B 9 1.97 22.35 -6.87
C ASN B 9 2.36 21.65 -5.57
N LYS B 10 3.17 22.32 -4.76
CA LYS B 10 3.64 21.75 -3.50
C LYS B 10 2.45 21.40 -2.60
N GLU B 11 1.51 22.33 -2.49
CA GLU B 11 0.32 22.13 -1.67
C GLU B 11 -0.59 21.05 -2.26
N LEU B 12 -0.68 21.03 -3.59
CA LEU B 12 -1.51 20.07 -4.30
C LEU B 12 -1.09 18.64 -3.99
N LEU B 13 0.17 18.31 -4.25
CA LEU B 13 0.68 16.98 -4.01
C LEU B 13 0.62 16.62 -2.53
N LEU B 14 0.86 17.62 -1.67
CA LEU B 14 0.82 17.39 -0.24
C LEU B 14 -0.57 16.94 0.19
N LYS B 15 -1.58 17.65 -0.29
CA LYS B 15 -2.96 17.32 0.05
C LYS B 15 -3.36 15.96 -0.53
N LYS B 16 -2.84 15.65 -1.72
CA LYS B 16 -3.14 14.38 -2.36
C LYS B 16 -2.59 13.21 -1.57
N ILE B 17 -1.32 13.30 -1.17
CA ILE B 17 -0.68 12.23 -0.43
C ILE B 17 -1.18 12.16 1.02
N ASP B 18 -1.37 13.31 1.64
CA ASP B 18 -1.84 13.38 3.03
C ASP B 18 -3.19 12.69 3.19
N SER B 19 -4.07 12.94 2.24
CA SER B 19 -5.41 12.34 2.26
C SER B 19 -5.33 10.84 1.96
N LEU B 20 -4.36 10.47 1.14
CA LEU B 20 -4.17 9.08 0.74
C LEU B 20 -3.93 8.17 1.96
N ILE B 21 -2.97 8.54 2.81
CA ILE B 21 -2.67 7.73 4.00
C ILE B 21 -3.87 7.67 4.93
N GLU B 22 -4.59 8.79 5.05
CA GLU B 22 -5.76 8.85 5.91
C GLU B 22 -6.87 7.94 5.38
N ALA B 23 -7.02 7.90 4.07
CA ALA B 23 -8.03 7.07 3.43
C ALA B 23 -7.76 5.59 3.67
N ILE B 24 -6.49 5.21 3.58
CA ILE B 24 -6.11 3.82 3.80
C ILE B 24 -6.32 3.44 5.27
N LYS B 25 -6.00 4.38 6.15
CA LYS B 25 -6.18 4.18 7.58
C LYS B 25 -7.66 4.03 7.90
N LYS B 26 -8.51 4.68 7.12
CA LYS B 26 -9.94 4.61 7.31
C LYS B 26 -10.45 3.22 6.94
N ILE B 27 -9.87 2.66 5.88
CA ILE B 27 -10.26 1.32 5.41
C ILE B 27 -10.10 0.28 6.51
N ILE B 28 -8.93 0.27 7.15
CA ILE B 28 -8.66 -0.69 8.22
C ILE B 28 -9.55 -0.45 9.44
N ALA B 29 -9.84 0.82 9.71
CA ALA B 29 -10.69 1.21 10.83
C ALA B 29 -12.10 0.66 10.64
N GLU B 30 -12.57 0.73 9.40
CA GLU B 30 -13.91 0.23 9.07
C GLU B 30 -13.99 -1.28 9.25
N PHE B 31 -12.89 -1.97 8.97
CA PHE B 31 -12.84 -3.42 9.08
C PHE B 31 -13.13 -3.88 10.51
N ASP B 32 -12.52 -3.21 11.50
CA ASP B 32 -12.76 -3.59 12.89
C ASP B 32 -14.17 -3.19 13.32
N VAL B 33 -14.68 -2.11 12.72
CA VAL B 33 -16.02 -1.64 13.02
C VAL B 33 -17.06 -2.62 12.48
N VAL B 34 -16.92 -2.96 11.20
CA VAL B 34 -17.83 -3.88 10.54
C VAL B 34 -17.83 -5.24 11.25
N LYS B 35 -16.66 -5.65 11.72
CA LYS B 35 -16.51 -6.92 12.42
C LYS B 35 -17.44 -6.97 13.63
N GLU B 36 -17.44 -5.89 14.40
CA GLU B 36 -18.30 -5.82 15.59
C GLU B 36 -19.76 -5.58 15.22
N SER B 37 -19.99 -4.79 14.18
CA SER B 37 -21.33 -4.45 13.71
C SER B 37 -22.12 -5.69 13.37
N VAL B 38 -21.54 -6.57 12.54
CA VAL B 38 -22.23 -7.79 12.13
C VAL B 38 -22.43 -8.73 13.31
N ASN B 39 -21.55 -8.64 14.29
CA ASN B 39 -21.64 -9.47 15.50
C ASN B 39 -22.90 -9.13 16.28
N GLU B 40 -23.13 -7.84 16.47
CA GLU B 40 -24.30 -7.37 17.21
C GLU B 40 -25.58 -7.56 16.41
N LEU B 41 -25.50 -7.28 15.12
CA LEU B 41 -26.65 -7.40 14.23
C LEU B 41 -27.16 -8.85 14.15
N SER B 42 -26.24 -9.79 14.04
CA SER B 42 -26.59 -11.19 13.94
C SER B 42 -27.27 -11.68 15.22
N GLU B 43 -26.82 -11.18 16.37
CA GLU B 43 -27.38 -11.56 17.65
C GLU B 43 -28.86 -11.14 17.74
N LYS B 44 -29.14 -9.91 17.34
CA LYS B 44 -30.50 -9.38 17.38
C LYS B 44 -31.37 -10.03 16.29
N ALA B 45 -30.73 -10.52 15.24
CA ALA B 45 -31.45 -11.15 14.15
C ALA B 45 -31.84 -12.59 14.49
N LYS B 46 -31.22 -13.14 15.53
CA LYS B 46 -31.51 -14.51 15.94
C LYS B 46 -32.83 -14.59 16.70
N THR B 47 -33.28 -13.45 17.22
CA THR B 47 -34.52 -13.39 17.98
C THR B 47 -35.76 -13.34 17.08
N ASP B 48 -35.54 -13.06 15.79
CA ASP B 48 -36.65 -12.96 14.85
C ASP B 48 -36.42 -13.86 13.64
N PRO B 49 -37.42 -14.70 13.30
CA PRO B 49 -37.33 -15.63 12.16
C PRO B 49 -37.18 -14.92 10.82
N GLN B 50 -37.77 -13.75 10.69
CA GLN B 50 -37.69 -12.98 9.46
C GLN B 50 -36.29 -12.42 9.32
N ALA B 51 -35.77 -11.92 10.44
CA ALA B 51 -34.43 -11.38 10.49
C ALA B 51 -33.41 -12.47 10.22
N ALA B 52 -33.73 -13.68 10.67
CA ALA B 52 -32.86 -14.84 10.46
C ALA B 52 -32.76 -15.15 8.97
N GLU B 53 -33.83 -14.88 8.24
CA GLU B 53 -33.87 -15.09 6.81
C GLU B 53 -33.02 -14.02 6.12
N LYS B 54 -33.11 -12.81 6.64
CA LYS B 54 -32.33 -11.70 6.11
C LYS B 54 -30.84 -12.00 6.23
N LEU B 55 -30.46 -12.55 7.37
CA LEU B 55 -29.07 -12.91 7.64
C LEU B 55 -28.67 -14.09 6.77
N ASN B 56 -29.62 -14.99 6.55
CA ASN B 56 -29.42 -16.18 5.73
C ASN B 56 -29.00 -15.81 4.32
N LYS B 57 -29.72 -14.87 3.74
CA LYS B 57 -29.44 -14.41 2.39
C LYS B 57 -28.23 -13.49 2.35
N LEU B 58 -27.99 -12.77 3.44
CA LEU B 58 -26.86 -11.87 3.53
C LEU B 58 -25.56 -12.65 3.42
N ILE B 59 -25.44 -13.69 4.24
CA ILE B 59 -24.26 -14.54 4.23
C ILE B 59 -24.14 -15.28 2.90
N GLU B 60 -25.29 -15.61 2.33
CA GLU B 60 -25.37 -16.29 1.04
C GLU B 60 -24.65 -15.46 -0.02
N GLY B 61 -24.98 -14.16 -0.05
CA GLY B 61 -24.36 -13.26 -1.01
C GLY B 61 -22.88 -13.07 -0.75
N TYR B 62 -22.49 -13.12 0.52
CA TYR B 62 -21.10 -12.97 0.90
C TYR B 62 -20.31 -14.21 0.49
N THR B 63 -21.01 -15.34 0.44
CA THR B 63 -20.41 -16.61 0.05
C THR B 63 -20.00 -16.59 -1.42
N TYR B 64 -20.91 -16.11 -2.27
CA TYR B 64 -20.66 -16.04 -3.70
C TYR B 64 -20.10 -14.67 -4.07
N GLY B 65 -19.38 -14.07 -3.13
CA GLY B 65 -18.79 -12.77 -3.35
C GLY B 65 -17.50 -12.82 -4.13
N GLU B 66 -17.60 -13.08 -5.42
CA GLU B 66 -16.42 -13.11 -6.28
C GLU B 66 -15.82 -11.72 -6.34
N GLU B 67 -16.68 -10.71 -6.20
CA GLU B 67 -16.26 -9.32 -6.19
C GLU B 67 -15.34 -9.06 -5.00
N ARG B 68 -15.57 -9.80 -3.92
CA ARG B 68 -14.77 -9.67 -2.72
C ARG B 68 -13.36 -10.23 -2.96
N LYS B 69 -13.30 -11.31 -3.72
CA LYS B 69 -12.03 -11.94 -4.06
C LYS B 69 -11.18 -10.97 -4.86
N LEU B 70 -11.86 -10.19 -5.70
CA LEU B 70 -11.20 -9.18 -6.52
C LEU B 70 -10.61 -8.08 -5.66
N TYR B 71 -11.29 -7.76 -4.56
CA TYR B 71 -10.82 -6.72 -3.64
C TYR B 71 -9.53 -7.18 -2.98
N ASP B 72 -9.41 -8.48 -2.74
CA ASP B 72 -8.20 -9.04 -2.15
C ASP B 72 -7.05 -8.88 -3.13
N SER B 73 -7.36 -9.05 -4.41
CA SER B 73 -6.38 -8.91 -5.46
C SER B 73 -5.93 -7.46 -5.61
N ALA B 74 -6.81 -6.54 -5.24
CA ALA B 74 -6.50 -5.11 -5.32
C ALA B 74 -5.42 -4.78 -4.30
N LEU B 75 -5.49 -5.42 -3.15
CA LEU B 75 -4.50 -5.21 -2.09
C LEU B 75 -3.17 -5.81 -2.53
N SER B 76 -3.24 -6.88 -3.32
CA SER B 76 -2.05 -7.53 -3.83
C SER B 76 -1.33 -6.61 -4.82
N LYS B 77 -2.06 -5.66 -5.40
CA LYS B 77 -1.49 -4.71 -6.34
C LYS B 77 -0.65 -3.71 -5.58
N ILE B 78 -1.17 -3.23 -4.44
CA ILE B 78 -0.46 -2.29 -3.59
C ILE B 78 0.79 -2.96 -3.02
N GLU B 79 0.67 -4.25 -2.77
CA GLU B 79 1.76 -5.05 -2.23
C GLU B 79 2.96 -4.98 -3.18
N LYS B 80 2.66 -5.05 -4.48
CA LYS B 80 3.69 -5.00 -5.51
C LYS B 80 4.26 -3.61 -5.64
N LEU B 81 3.44 -2.59 -5.40
CA LEU B 81 3.91 -1.21 -5.48
C LEU B 81 4.99 -0.99 -4.43
N ILE B 82 4.80 -1.60 -3.26
CA ILE B 82 5.77 -1.50 -2.18
C ILE B 82 7.02 -2.30 -2.53
N GLU B 83 6.82 -3.50 -3.07
CA GLU B 83 7.92 -4.37 -3.47
C GLU B 83 8.71 -3.73 -4.63
N THR B 84 8.04 -2.87 -5.37
CA THR B 84 8.68 -2.16 -6.48
C THR B 84 9.65 -1.12 -5.96
N LEU B 85 9.37 -0.60 -4.76
CA LEU B 85 10.23 0.40 -4.15
C LEU B 85 11.38 -0.27 -3.38
N SER B 86 11.12 -1.48 -2.90
CA SER B 86 12.12 -2.22 -2.16
C SER B 86 11.97 -3.71 -2.43
N PRO B 87 12.59 -4.20 -3.53
CA PRO B 87 12.53 -5.61 -3.92
C PRO B 87 13.21 -6.50 -2.90
N ALA B 88 14.41 -6.08 -2.47
CA ALA B 88 15.21 -6.81 -1.49
C ALA B 88 15.54 -8.22 -1.96
N ARG B 89 14.68 -9.17 -1.64
CA ARG B 89 14.89 -10.55 -2.02
C ARG B 89 14.02 -10.94 -3.21
N SER B 90 12.73 -10.67 -3.10
CA SER B 90 11.79 -11.01 -4.17
C SER B 90 11.87 -10.01 -5.31
N LYS B 91 12.68 -10.33 -6.32
CA LYS B 91 12.84 -9.47 -7.47
C LYS B 91 13.08 -10.29 -8.72
N SER B 92 13.24 -9.61 -9.86
CA SER B 92 13.47 -10.27 -11.13
C SER B 92 14.92 -10.72 -11.27
N GLN B 93 15.73 -10.39 -10.27
CA GLN B 93 17.14 -10.75 -10.27
C GLN B 93 17.45 -11.64 -9.06
N SER B 94 16.52 -12.54 -8.75
CA SER B 94 16.70 -13.46 -7.63
C SER B 94 17.61 -14.62 -8.02
N THR B 95 18.73 -14.76 -7.32
CA THR B 95 19.69 -15.82 -7.59
C THR B 95 19.16 -17.18 -7.13
N MET B 96 19.85 -18.24 -7.55
CA MET B 96 19.48 -19.61 -7.19
C MET B 96 20.59 -20.25 -6.38
N ASN B 97 20.27 -21.33 -5.67
CA ASN B 97 21.26 -22.04 -4.86
C ASN B 97 21.68 -23.34 -5.51
N GLN B 98 21.44 -23.45 -6.82
CA GLN B 98 21.79 -24.65 -7.56
C GLN B 98 23.30 -24.72 -7.80
N ARG B 99 23.87 -25.88 -7.52
CA ARG B 99 25.30 -26.07 -7.72
C ARG B 99 25.55 -27.08 -8.84
N ASN B 100 25.70 -26.57 -10.06
CA ASN B 100 25.95 -27.41 -11.21
C ASN B 100 27.39 -27.90 -11.23
N ARG B 101 27.70 -28.81 -12.15
CA ARG B 101 29.04 -29.35 -12.27
C ARG B 101 29.36 -29.63 -13.73
N ASN B 102 30.29 -28.84 -14.28
CA ASN B 102 30.70 -29.02 -15.68
C ASN B 102 31.72 -30.13 -15.79
N ASN B 103 32.16 -30.65 -14.64
CA ASN B 103 33.13 -31.72 -14.60
C ASN B 103 32.45 -33.04 -14.94
N ARG B 104 32.17 -33.24 -16.22
CA ARG B 104 31.52 -34.45 -16.69
C ARG B 104 32.48 -35.62 -16.60
N LYS B 105 32.41 -36.33 -15.49
CA LYS B 105 33.25 -37.49 -15.25
C LYS B 105 32.42 -38.77 -15.27
N ILE B 106 33.08 -39.90 -15.46
CA ILE B 106 32.40 -41.19 -15.49
C ILE B 106 31.85 -41.56 -14.12
N VAL B 107 32.57 -41.15 -13.08
CA VAL B 107 32.15 -41.44 -11.71
C VAL B 107 32.46 -40.26 -10.82
N MET A 1 -34.59 1.05 2.98
CA MET A 1 -34.03 0.05 2.05
C MET A 1 -32.56 -0.21 2.35
N SER A 2 -32.28 -1.34 2.99
CA SER A 2 -30.91 -1.71 3.31
C SER A 2 -30.12 -2.01 2.06
N ILE A 3 -30.83 -2.41 1.01
CA ILE A 3 -30.21 -2.75 -0.26
C ILE A 3 -29.46 -1.54 -0.85
N VAL A 4 -29.93 -0.32 -0.55
CA VAL A 4 -29.30 0.89 -1.05
C VAL A 4 -28.05 1.23 -0.24
N SER A 5 -28.03 0.78 1.00
CA SER A 5 -26.89 1.01 1.88
C SER A 5 -25.70 0.18 1.46
N GLN A 6 -26.00 -1.06 1.06
CA GLN A 6 -24.98 -1.99 0.63
C GLN A 6 -24.38 -1.56 -0.69
N THR A 7 -25.22 -1.10 -1.62
CA THR A 7 -24.76 -0.66 -2.92
C THR A 7 -23.94 0.63 -2.81
N ARG A 8 -24.34 1.48 -1.89
CA ARG A 8 -23.66 2.76 -1.67
C ARG A 8 -22.24 2.54 -1.17
N ASN A 9 -22.09 1.71 -0.15
CA ASN A 9 -20.78 1.43 0.42
C ASN A 9 -19.92 0.63 -0.56
N LYS A 10 -20.56 -0.28 -1.28
CA LYS A 10 -19.89 -1.13 -2.26
C LYS A 10 -19.19 -0.29 -3.32
N GLU A 11 -19.92 0.67 -3.87
CA GLU A 11 -19.41 1.55 -4.90
C GLU A 11 -18.35 2.51 -4.35
N LEU A 12 -18.57 2.94 -3.11
CA LEU A 12 -17.67 3.88 -2.45
C LEU A 12 -16.24 3.33 -2.36
N LEU A 13 -16.08 2.20 -1.69
CA LEU A 13 -14.77 1.59 -1.51
C LEU A 13 -14.18 1.13 -2.83
N LEU A 14 -15.03 0.62 -3.71
CA LEU A 14 -14.61 0.14 -5.02
C LEU A 14 -13.88 1.22 -5.81
N LYS A 15 -14.44 2.42 -5.84
CA LYS A 15 -13.86 3.53 -6.57
C LYS A 15 -12.71 4.18 -5.80
N LYS A 16 -12.91 4.37 -4.51
CA LYS A 16 -11.89 5.02 -3.66
C LYS A 16 -10.59 4.20 -3.64
N ILE A 17 -10.71 2.90 -3.44
CA ILE A 17 -9.54 2.04 -3.37
C ILE A 17 -8.87 1.87 -4.75
N ASP A 18 -9.68 1.81 -5.80
CA ASP A 18 -9.14 1.67 -7.15
C ASP A 18 -8.22 2.84 -7.49
N SER A 19 -8.70 4.06 -7.23
CA SER A 19 -7.94 5.27 -7.50
C SER A 19 -6.71 5.35 -6.61
N LEU A 20 -6.82 4.77 -5.41
CA LEU A 20 -5.72 4.77 -4.45
C LEU A 20 -4.45 4.23 -5.09
N ILE A 21 -4.56 3.08 -5.73
CA ILE A 21 -3.42 2.47 -6.39
C ILE A 21 -2.95 3.29 -7.58
N GLU A 22 -3.91 3.82 -8.33
CA GLU A 22 -3.61 4.63 -9.52
C GLU A 22 -2.78 5.86 -9.17
N ALA A 23 -3.14 6.52 -8.07
CA ALA A 23 -2.43 7.71 -7.63
C ALA A 23 -0.98 7.40 -7.27
N ILE A 24 -0.79 6.34 -6.49
CA ILE A 24 0.55 5.94 -6.08
C ILE A 24 1.37 5.45 -7.28
N LYS A 25 0.71 4.77 -8.21
CA LYS A 25 1.38 4.27 -9.41
C LYS A 25 1.85 5.43 -10.29
N LYS A 26 1.09 6.51 -10.27
CA LYS A 26 1.43 7.69 -11.04
C LYS A 26 2.65 8.38 -10.42
N ILE A 27 2.71 8.38 -9.09
CA ILE A 27 3.82 8.99 -8.37
C ILE A 27 5.17 8.41 -8.81
N ILE A 28 5.23 7.08 -8.88
CA ILE A 28 6.45 6.39 -9.29
C ILE A 28 6.83 6.74 -10.72
N ALA A 29 5.81 6.94 -11.56
CA ALA A 29 6.04 7.29 -12.95
C ALA A 29 6.72 8.64 -13.07
N GLU A 30 6.30 9.59 -12.24
CA GLU A 30 6.88 10.93 -12.24
C GLU A 30 8.35 10.89 -11.86
N PHE A 31 8.70 10.02 -10.92
CA PHE A 31 10.09 9.89 -10.47
C PHE A 31 11.01 9.55 -11.63
N ASP A 32 10.57 8.63 -12.48
CA ASP A 32 11.35 8.24 -13.64
C ASP A 32 11.52 9.42 -14.61
N VAL A 33 10.48 10.24 -14.70
CA VAL A 33 10.49 11.42 -15.57
C VAL A 33 11.47 12.47 -15.05
N VAL A 34 11.40 12.74 -13.74
CA VAL A 34 12.29 13.72 -13.12
C VAL A 34 13.74 13.30 -13.32
N LYS A 35 13.99 12.00 -13.23
CA LYS A 35 15.32 11.45 -13.41
C LYS A 35 15.85 11.76 -14.81
N GLU A 36 14.97 11.63 -15.80
CA GLU A 36 15.31 11.89 -17.18
C GLU A 36 15.58 13.38 -17.41
N SER A 37 14.82 14.23 -16.73
CA SER A 37 14.92 15.68 -16.86
C SER A 37 16.23 16.19 -16.32
N VAL A 38 16.54 15.87 -15.06
CA VAL A 38 17.76 16.34 -14.40
C VAL A 38 19.02 15.92 -15.15
N ASN A 39 18.94 14.80 -15.85
CA ASN A 39 20.09 14.29 -16.61
C ASN A 39 20.47 15.27 -17.71
N GLU A 40 19.49 15.62 -18.53
CA GLU A 40 19.72 16.53 -19.64
C GLU A 40 19.95 17.96 -19.15
N LEU A 41 19.27 18.31 -18.07
CA LEU A 41 19.37 19.63 -17.47
C LEU A 41 20.80 19.90 -17.00
N SER A 42 21.42 18.90 -16.42
CA SER A 42 22.78 19.03 -15.92
C SER A 42 23.76 19.21 -17.08
N GLU A 43 23.49 18.55 -18.20
CA GLU A 43 24.34 18.66 -19.38
C GLU A 43 24.29 20.06 -19.96
N LYS A 44 23.14 20.71 -19.82
CA LYS A 44 22.96 22.07 -20.33
C LYS A 44 23.51 23.10 -19.37
N ALA A 45 23.64 22.71 -18.10
CA ALA A 45 24.14 23.60 -17.06
C ALA A 45 25.66 23.53 -16.96
N LYS A 46 26.24 22.51 -17.58
CA LYS A 46 27.68 22.30 -17.54
C LYS A 46 28.44 23.36 -18.35
N THR A 47 27.74 24.04 -19.24
CA THR A 47 28.36 25.06 -20.07
C THR A 47 28.20 26.47 -19.49
N ASP A 48 27.87 26.56 -18.21
CA ASP A 48 27.69 27.86 -17.56
C ASP A 48 27.98 27.76 -16.07
N PRO A 49 28.85 28.64 -15.55
CA PRO A 49 29.22 28.65 -14.12
C PRO A 49 28.05 28.89 -13.20
N GLN A 50 27.12 29.74 -13.61
CA GLN A 50 25.95 30.05 -12.80
C GLN A 50 24.97 28.89 -12.83
N ALA A 51 24.73 28.37 -14.04
CA ALA A 51 23.82 27.24 -14.21
C ALA A 51 24.31 26.02 -13.45
N ALA A 52 25.63 25.82 -13.45
CA ALA A 52 26.23 24.70 -12.74
C ALA A 52 25.93 24.79 -11.25
N GLU A 53 25.95 26.01 -10.73
CA GLU A 53 25.64 26.24 -9.32
C GLU A 53 24.15 26.02 -9.07
N LYS A 54 23.32 26.28 -10.08
CA LYS A 54 21.89 26.08 -9.95
C LYS A 54 21.59 24.61 -9.69
N LEU A 55 22.30 23.74 -10.41
CA LEU A 55 22.15 22.30 -10.25
C LEU A 55 22.87 21.85 -8.98
N ASN A 56 23.86 22.62 -8.56
CA ASN A 56 24.65 22.33 -7.37
C ASN A 56 23.78 22.39 -6.12
N LYS A 57 22.93 23.41 -6.04
CA LYS A 57 22.03 23.57 -4.90
C LYS A 57 20.80 22.69 -5.05
N LEU A 58 20.39 22.45 -6.30
CA LEU A 58 19.22 21.62 -6.58
C LEU A 58 19.44 20.19 -6.09
N ILE A 59 20.54 19.59 -6.51
CA ILE A 59 20.88 18.22 -6.12
C ILE A 59 21.10 18.14 -4.61
N GLU A 60 21.66 19.20 -4.04
CA GLU A 60 21.92 19.26 -2.62
C GLU A 60 20.61 19.21 -1.85
N GLY A 61 19.60 19.91 -2.37
CA GLY A 61 18.29 19.94 -1.74
C GLY A 61 17.64 18.57 -1.76
N TYR A 62 17.93 17.79 -2.79
CA TYR A 62 17.36 16.45 -2.91
C TYR A 62 17.93 15.53 -1.83
N THR A 63 19.21 15.70 -1.53
CA THR A 63 19.86 14.90 -0.50
C THR A 63 19.26 15.21 0.87
N TYR A 64 18.95 16.48 1.09
CA TYR A 64 18.35 16.92 2.35
C TYR A 64 16.83 16.93 2.23
N GLY A 65 16.33 16.03 1.40
CA GLY A 65 14.91 15.92 1.18
C GLY A 65 14.19 15.32 2.37
N GLU A 66 13.85 16.16 3.35
CA GLU A 66 13.16 15.71 4.54
C GLU A 66 11.76 15.23 4.19
N GLU A 67 11.19 15.78 3.11
CA GLU A 67 9.86 15.38 2.66
C GLU A 67 9.96 14.03 1.95
N ARG A 68 11.11 13.78 1.31
CA ARG A 68 11.35 12.52 0.63
C ARG A 68 11.37 11.40 1.68
N LYS A 69 11.89 11.74 2.85
CA LYS A 69 11.97 10.80 3.96
C LYS A 69 10.56 10.55 4.50
N LEU A 70 9.74 11.60 4.48
CA LEU A 70 8.37 11.49 4.95
C LEU A 70 7.59 10.54 4.05
N TYR A 71 7.92 10.54 2.76
CA TYR A 71 7.28 9.65 1.80
C TYR A 71 7.54 8.20 2.22
N ASP A 72 8.80 7.92 2.54
CA ASP A 72 9.22 6.57 2.94
C ASP A 72 8.51 6.14 4.22
N SER A 73 8.45 7.04 5.19
CA SER A 73 7.81 6.76 6.48
C SER A 73 6.31 6.53 6.30
N ALA A 74 5.72 7.17 5.30
CA ALA A 74 4.30 7.02 5.02
C ALA A 74 4.02 5.63 4.47
N LEU A 75 5.00 5.09 3.76
CA LEU A 75 4.89 3.75 3.21
C LEU A 75 4.89 2.73 4.34
N SER A 76 5.66 3.03 5.39
CA SER A 76 5.74 2.16 6.55
C SER A 76 4.38 2.07 7.24
N LYS A 77 3.58 3.13 7.13
CA LYS A 77 2.24 3.17 7.70
C LYS A 77 1.37 2.15 7.00
N ILE A 78 1.58 2.00 5.70
CA ILE A 78 0.84 1.05 4.89
C ILE A 78 1.29 -0.37 5.21
N GLU A 79 2.60 -0.54 5.40
CA GLU A 79 3.18 -1.84 5.70
C GLU A 79 2.55 -2.42 6.97
N LYS A 80 2.44 -1.59 8.00
CA LYS A 80 1.85 -2.02 9.26
C LYS A 80 0.37 -2.33 9.05
N LEU A 81 -0.26 -1.61 8.14
CA LEU A 81 -1.67 -1.84 7.83
C LEU A 81 -1.84 -3.24 7.26
N ILE A 82 -0.86 -3.66 6.46
CA ILE A 82 -0.87 -4.99 5.85
C ILE A 82 -0.84 -6.06 6.94
N GLU A 83 -0.02 -5.82 7.96
CA GLU A 83 0.10 -6.74 9.09
C GLU A 83 -1.16 -6.69 9.96
N THR A 84 -1.82 -5.54 9.97
CA THR A 84 -3.04 -5.39 10.75
C THR A 84 -4.17 -6.22 10.13
N LEU A 85 -4.16 -6.31 8.79
CA LEU A 85 -5.17 -7.08 8.07
C LEU A 85 -4.92 -8.58 8.23
N SER A 86 -3.64 -8.94 8.31
CA SER A 86 -3.24 -10.33 8.46
C SER A 86 -3.50 -10.83 9.89
N PRO A 87 -3.67 -12.16 10.07
CA PRO A 87 -3.92 -12.76 11.39
C PRO A 87 -2.81 -12.47 12.39
N ALA A 88 -1.62 -12.19 11.86
CA ALA A 88 -0.45 -11.87 12.68
C ALA A 88 -0.03 -13.07 13.53
N ARG A 89 0.60 -12.81 14.66
CA ARG A 89 1.07 -13.86 15.55
C ARG A 89 1.10 -13.34 16.98
N SER A 90 1.49 -14.20 17.91
CA SER A 90 1.59 -13.81 19.30
C SER A 90 2.77 -12.87 19.49
N LYS A 91 2.66 -11.91 20.38
CA LYS A 91 3.73 -10.95 20.62
C LYS A 91 4.83 -11.60 21.47
N SER A 92 5.61 -12.46 20.83
CA SER A 92 6.71 -13.15 21.50
C SER A 92 7.95 -13.08 20.62
N GLN A 93 9.12 -13.23 21.23
CA GLN A 93 10.37 -13.17 20.48
C GLN A 93 10.63 -14.49 19.78
N SER A 94 11.27 -14.40 18.60
CA SER A 94 11.62 -15.56 17.78
C SER A 94 10.37 -16.33 17.34
N THR A 95 9.61 -15.73 16.44
CA THR A 95 8.40 -16.35 15.92
C THR A 95 8.68 -17.05 14.59
N MET A 96 8.19 -18.27 14.45
CA MET A 96 8.40 -19.03 13.22
C MET A 96 7.29 -18.76 12.21
N ASN A 97 6.05 -18.93 12.63
CA ASN A 97 4.90 -18.71 11.76
C ASN A 97 3.80 -17.95 12.51
N GLN A 98 2.59 -17.94 11.96
CA GLN A 98 1.47 -17.26 12.58
C GLN A 98 1.06 -17.98 13.87
N ARG A 99 0.42 -19.14 13.70
CA ARG A 99 -0.04 -19.96 14.82
C ARG A 99 -0.81 -19.11 15.84
N ASN A 100 -1.82 -18.40 15.37
CA ASN A 100 -2.61 -17.53 16.22
C ASN A 100 -4.10 -17.79 16.04
N ARG A 101 -4.90 -17.30 16.98
CA ARG A 101 -6.34 -17.47 16.93
C ARG A 101 -7.00 -16.29 16.21
N ASN A 102 -7.89 -16.60 15.29
CA ASN A 102 -8.60 -15.58 14.52
C ASN A 102 -9.87 -15.18 15.25
N ASN A 103 -9.73 -14.36 16.27
CA ASN A 103 -10.85 -13.88 17.06
C ASN A 103 -10.43 -12.69 17.91
N ARG A 104 -10.51 -11.49 17.32
CA ARG A 104 -10.14 -10.24 18.00
C ARG A 104 -8.67 -10.25 18.44
N LYS A 105 -7.82 -9.72 17.58
CA LYS A 105 -6.38 -9.66 17.83
C LYS A 105 -6.07 -8.90 19.11
N ILE A 106 -5.27 -9.54 19.96
CA ILE A 106 -4.89 -8.96 21.24
C ILE A 106 -3.72 -7.99 21.11
N VAL A 107 -4.04 -6.73 20.91
CA VAL A 107 -3.03 -5.69 20.79
C VAL A 107 -3.11 -4.74 21.97
N MET B 1 5.84 33.42 -12.31
CA MET B 1 5.58 32.96 -10.95
C MET B 1 5.68 31.45 -10.87
N SER B 2 6.89 30.96 -10.75
CA SER B 2 7.16 29.52 -10.67
C SER B 2 7.00 29.02 -9.25
N ILE B 3 7.20 29.91 -8.29
CA ILE B 3 7.10 29.53 -6.88
C ILE B 3 5.67 29.21 -6.47
N VAL B 4 4.70 29.89 -7.09
CA VAL B 4 3.30 29.66 -6.76
C VAL B 4 2.82 28.32 -7.30
N SER B 5 3.32 27.93 -8.46
CA SER B 5 2.95 26.64 -9.04
C SER B 5 3.61 25.50 -8.30
N GLN B 6 4.83 25.77 -7.86
CA GLN B 6 5.61 24.79 -7.12
C GLN B 6 4.93 24.48 -5.79
N THR B 7 4.51 25.52 -5.08
CA THR B 7 3.86 25.35 -3.79
C THR B 7 2.46 24.77 -3.96
N ARG B 8 1.83 25.06 -5.09
CA ARG B 8 0.49 24.55 -5.37
C ARG B 8 0.52 23.04 -5.56
N ASN B 9 1.51 22.58 -6.32
CA ASN B 9 1.67 21.15 -6.59
C ASN B 9 2.15 20.41 -5.35
N LYS B 10 3.09 21.02 -4.64
CA LYS B 10 3.65 20.42 -3.42
C LYS B 10 2.58 20.23 -2.35
N GLU B 11 1.76 21.25 -2.14
CA GLU B 11 0.68 21.19 -1.15
C GLU B 11 -0.34 20.12 -1.54
N LEU B 12 -0.61 20.04 -2.84
CA LEU B 12 -1.57 19.08 -3.36
C LEU B 12 -1.15 17.64 -3.07
N LEU B 13 0.03 17.25 -3.55
CA LEU B 13 0.51 15.87 -3.36
C LEU B 13 0.65 15.52 -1.88
N LEU B 14 1.05 16.49 -1.07
CA LEU B 14 1.23 16.26 0.35
C LEU B 14 -0.08 15.85 1.01
N LYS B 15 -1.13 16.62 0.74
CA LYS B 15 -2.45 16.35 1.30
C LYS B 15 -3.07 15.09 0.71
N LYS B 16 -2.74 14.77 -0.53
CA LYS B 16 -3.28 13.58 -1.18
C LYS B 16 -2.69 12.30 -0.60
N ILE B 17 -1.40 12.34 -0.26
CA ILE B 17 -0.73 11.16 0.29
C ILE B 17 -1.10 10.95 1.76
N ASP B 18 -1.14 12.03 2.54
CA ASP B 18 -1.50 11.90 3.95
C ASP B 18 -2.94 11.42 4.10
N SER B 19 -3.84 11.97 3.29
CA SER B 19 -5.24 11.59 3.31
C SER B 19 -5.44 10.16 2.82
N LEU B 20 -4.54 9.71 1.95
CA LEU B 20 -4.57 8.36 1.40
C LEU B 20 -4.61 7.33 2.52
N ILE B 21 -3.72 7.52 3.49
CA ILE B 21 -3.62 6.63 4.63
C ILE B 21 -4.80 6.82 5.58
N GLU B 22 -5.27 8.06 5.70
CA GLU B 22 -6.40 8.37 6.58
C GLU B 22 -7.64 7.59 6.15
N ALA B 23 -7.88 7.57 4.85
CA ALA B 23 -9.02 6.86 4.29
C ALA B 23 -8.89 5.36 4.52
N ILE B 24 -7.70 4.83 4.27
CA ILE B 24 -7.44 3.40 4.44
C ILE B 24 -7.60 3.00 5.91
N LYS B 25 -7.18 3.86 6.82
CA LYS B 25 -7.29 3.60 8.24
C LYS B 25 -8.76 3.47 8.65
N LYS B 26 -9.60 4.29 8.02
CA LYS B 26 -11.03 4.27 8.30
C LYS B 26 -11.65 2.97 7.79
N ILE B 27 -11.15 2.49 6.65
CA ILE B 27 -11.65 1.27 6.04
C ILE B 27 -11.58 0.10 7.03
N ILE B 28 -10.41 -0.11 7.62
CA ILE B 28 -10.21 -1.19 8.57
C ILE B 28 -11.02 -0.99 9.85
N ALA B 29 -11.20 0.28 10.24
CA ALA B 29 -11.96 0.61 11.44
C ALA B 29 -13.41 0.17 11.30
N GLU B 30 -13.96 0.40 10.11
CA GLU B 30 -15.34 0.02 9.83
C GLU B 30 -15.49 -1.49 9.74
N PHE B 31 -14.46 -2.16 9.23
CA PHE B 31 -14.46 -3.61 9.09
C PHE B 31 -14.72 -4.30 10.43
N ASP B 32 -14.03 -3.85 11.46
CA ASP B 32 -14.20 -4.43 12.80
C ASP B 32 -15.60 -4.14 13.33
N VAL B 33 -16.06 -2.92 13.12
CA VAL B 33 -17.38 -2.49 13.56
C VAL B 33 -18.45 -3.37 12.92
N VAL B 34 -18.39 -3.51 11.60
CA VAL B 34 -19.36 -4.30 10.87
C VAL B 34 -19.28 -5.79 11.27
N LYS B 35 -18.07 -6.23 11.60
CA LYS B 35 -17.85 -7.63 12.00
C LYS B 35 -18.65 -7.95 13.27
N GLU B 36 -18.55 -7.09 14.26
CA GLU B 36 -19.28 -7.28 15.51
C GLU B 36 -20.75 -6.99 15.34
N SER B 37 -21.07 -6.07 14.44
CA SER B 37 -22.45 -5.67 14.18
C SER B 37 -23.26 -6.83 13.66
N VAL B 38 -22.75 -7.55 12.66
CA VAL B 38 -23.48 -8.67 12.08
C VAL B 38 -23.63 -9.79 13.11
N ASN B 39 -22.68 -9.86 14.03
CA ASN B 39 -22.69 -10.87 15.08
C ASN B 39 -23.88 -10.65 16.02
N GLU B 40 -24.06 -9.40 16.45
CA GLU B 40 -25.15 -9.03 17.34
C GLU B 40 -26.50 -9.12 16.63
N LEU B 41 -26.55 -8.61 15.42
CA LEU B 41 -27.77 -8.61 14.60
C LEU B 41 -28.25 -10.03 14.33
N SER B 42 -27.31 -10.94 14.12
CA SER B 42 -27.65 -12.33 13.85
C SER B 42 -28.40 -12.96 15.02
N GLU B 43 -27.89 -12.74 16.22
CA GLU B 43 -28.49 -13.30 17.43
C GLU B 43 -29.95 -12.85 17.61
N LYS B 44 -30.18 -11.57 17.39
CA LYS B 44 -31.51 -10.99 17.55
C LYS B 44 -32.46 -11.43 16.44
N ALA B 45 -31.93 -11.54 15.22
CA ALA B 45 -32.74 -11.94 14.07
C ALA B 45 -33.12 -13.41 14.13
N LYS B 46 -32.33 -14.21 14.85
CA LYS B 46 -32.58 -15.65 14.97
C LYS B 46 -33.91 -15.93 15.66
N THR B 47 -34.46 -14.93 16.33
CA THR B 47 -35.74 -15.06 17.01
C THR B 47 -36.89 -15.10 16.00
N ASP B 48 -36.65 -14.51 14.83
CA ASP B 48 -37.67 -14.46 13.80
C ASP B 48 -37.24 -15.23 12.55
N PRO B 49 -38.10 -16.15 12.05
CA PRO B 49 -37.79 -16.96 10.86
C PRO B 49 -37.58 -16.12 9.61
N GLN B 50 -38.28 -15.01 9.51
CA GLN B 50 -38.16 -14.13 8.36
C GLN B 50 -36.90 -13.30 8.45
N ALA B 51 -36.63 -12.77 9.63
CA ALA B 51 -35.44 -11.97 9.86
C ALA B 51 -34.19 -12.85 9.74
N ALA B 52 -34.28 -14.05 10.28
CA ALA B 52 -33.18 -15.01 10.21
C ALA B 52 -32.88 -15.39 8.78
N GLU B 53 -33.92 -15.37 7.93
CA GLU B 53 -33.77 -15.70 6.53
C GLU B 53 -33.03 -14.60 5.80
N LYS B 54 -33.27 -13.36 6.25
CA LYS B 54 -32.62 -12.21 5.65
C LYS B 54 -31.14 -12.21 6.00
N LEU B 55 -30.85 -12.51 7.27
CA LEU B 55 -29.46 -12.56 7.74
C LEU B 55 -28.74 -13.75 7.11
N ASN B 56 -29.50 -14.79 6.82
CA ASN B 56 -28.97 -16.01 6.21
C ASN B 56 -28.31 -15.71 4.87
N LYS B 57 -29.02 -15.01 4.01
CA LYS B 57 -28.50 -14.64 2.70
C LYS B 57 -27.52 -13.47 2.80
N LEU B 58 -27.74 -12.60 3.78
CA LEU B 58 -26.89 -11.43 3.98
C LEU B 58 -25.44 -11.86 4.25
N ILE B 59 -25.26 -12.79 5.17
CA ILE B 59 -23.94 -13.28 5.51
C ILE B 59 -23.35 -14.10 4.35
N GLU B 60 -24.22 -14.79 3.62
CA GLU B 60 -23.80 -15.60 2.48
C GLU B 60 -23.17 -14.73 1.39
N GLY B 61 -23.80 -13.59 1.13
CA GLY B 61 -23.30 -12.66 0.12
C GLY B 61 -21.95 -12.12 0.50
N TYR B 62 -21.75 -11.85 1.78
CA TYR B 62 -20.48 -11.33 2.27
C TYR B 62 -19.40 -12.42 2.15
N THR B 63 -19.82 -13.66 2.33
CA THR B 63 -18.92 -14.80 2.25
C THR B 63 -18.42 -15.02 0.82
N TYR B 64 -19.33 -14.98 -0.14
CA TYR B 64 -18.97 -15.17 -1.55
C TYR B 64 -18.75 -13.84 -2.23
N GLY B 65 -18.28 -12.86 -1.47
CA GLY B 65 -18.03 -11.55 -2.02
C GLY B 65 -16.78 -11.48 -2.87
N GLU B 66 -16.96 -11.57 -4.18
CA GLU B 66 -15.83 -11.50 -5.11
C GLU B 66 -15.20 -10.12 -5.06
N GLU B 67 -16.03 -9.13 -4.73
CA GLU B 67 -15.57 -7.75 -4.61
C GLU B 67 -14.57 -7.63 -3.46
N ARG B 68 -14.76 -8.48 -2.45
CA ARG B 68 -13.89 -8.51 -1.29
C ARG B 68 -12.53 -9.05 -1.72
N LYS B 69 -12.57 -10.02 -2.63
CA LYS B 69 -11.35 -10.62 -3.16
C LYS B 69 -10.60 -9.59 -3.98
N LEU B 70 -11.36 -8.75 -4.67
CA LEU B 70 -10.80 -7.69 -5.49
C LEU B 70 -10.00 -6.72 -4.63
N TYR B 71 -10.46 -6.51 -3.40
CA TYR B 71 -9.77 -5.61 -2.46
C TYR B 71 -8.44 -6.22 -2.07
N ASP B 72 -8.41 -7.55 -1.90
CA ASP B 72 -7.19 -8.25 -1.54
C ASP B 72 -6.16 -8.12 -2.68
N SER B 73 -6.66 -8.17 -3.91
CA SER B 73 -5.81 -8.04 -5.09
C SER B 73 -5.25 -6.62 -5.18
N ALA B 74 -6.05 -5.66 -4.72
CA ALA B 74 -5.65 -4.26 -4.72
C ALA B 74 -4.46 -4.05 -3.80
N LEU B 75 -4.51 -4.71 -2.63
CA LEU B 75 -3.44 -4.62 -1.65
C LEU B 75 -2.16 -5.21 -2.22
N SER B 76 -2.30 -6.26 -3.05
CA SER B 76 -1.16 -6.91 -3.66
C SER B 76 -0.41 -5.95 -4.57
N LYS B 77 -1.14 -5.08 -5.25
CA LYS B 77 -0.54 -4.09 -6.15
C LYS B 77 0.32 -3.13 -5.35
N ILE B 78 -0.13 -2.82 -4.14
CA ILE B 78 0.60 -1.92 -3.26
C ILE B 78 1.90 -2.58 -2.81
N GLU B 79 1.82 -3.87 -2.47
CA GLU B 79 2.98 -4.63 -2.03
C GLU B 79 4.04 -4.67 -3.12
N LYS B 80 3.59 -4.81 -4.37
CA LYS B 80 4.50 -4.83 -5.52
C LYS B 80 5.20 -3.50 -5.68
N LEU B 81 4.51 -2.42 -5.30
CA LEU B 81 5.08 -1.08 -5.37
C LEU B 81 6.19 -0.94 -4.35
N ILE B 82 6.00 -1.59 -3.20
CA ILE B 82 6.98 -1.56 -2.12
C ILE B 82 8.30 -2.21 -2.60
N GLU B 83 8.17 -3.27 -3.38
CA GLU B 83 9.33 -3.97 -3.93
C GLU B 83 9.98 -3.10 -5.01
N THR B 84 9.13 -2.42 -5.79
CA THR B 84 9.61 -1.55 -6.85
C THR B 84 10.37 -0.36 -6.28
N LEU B 85 9.98 0.07 -5.08
CA LEU B 85 10.63 1.19 -4.41
C LEU B 85 12.03 0.77 -3.94
N SER B 86 12.25 -0.53 -3.91
CA SER B 86 13.52 -1.07 -3.49
C SER B 86 14.40 -1.34 -4.71
N PRO B 87 15.74 -1.32 -4.52
CA PRO B 87 16.71 -1.56 -5.60
C PRO B 87 16.35 -2.73 -6.52
N ALA B 88 15.87 -3.81 -5.91
CA ALA B 88 15.48 -5.02 -6.65
C ALA B 88 16.63 -5.51 -7.51
N ARG B 89 17.77 -5.69 -6.88
CA ARG B 89 18.96 -6.15 -7.57
C ARG B 89 18.86 -7.64 -7.88
N SER B 90 18.78 -8.46 -6.83
CA SER B 90 18.67 -9.91 -6.97
C SER B 90 18.06 -10.51 -5.72
N LYS B 91 17.55 -11.73 -5.82
CA LYS B 91 16.94 -12.39 -4.69
C LYS B 91 17.30 -13.88 -4.66
N SER B 92 17.60 -14.39 -3.48
CA SER B 92 17.97 -15.78 -3.30
C SER B 92 16.97 -16.46 -2.37
N GLN B 93 16.93 -17.79 -2.41
CA GLN B 93 16.02 -18.57 -1.56
C GLN B 93 16.28 -18.27 -0.09
N SER B 94 17.55 -18.09 0.25
CA SER B 94 17.99 -17.79 1.62
C SER B 94 17.77 -18.98 2.55
N THR B 95 16.51 -19.27 2.85
CA THR B 95 16.16 -20.37 3.73
C THR B 95 15.25 -21.36 3.00
N MET B 96 15.84 -22.44 2.52
CA MET B 96 15.10 -23.47 1.81
C MET B 96 14.37 -24.39 2.78
N ASN B 97 13.19 -23.99 3.21
CA ASN B 97 12.40 -24.78 4.15
C ASN B 97 11.39 -25.65 3.41
N GLN B 98 11.75 -26.92 3.25
CA GLN B 98 10.87 -27.88 2.58
C GLN B 98 10.66 -29.09 3.48
N ARG B 99 11.60 -30.05 3.43
CA ARG B 99 11.55 -31.28 4.24
C ARG B 99 10.44 -32.23 3.77
N ASN B 100 9.32 -31.68 3.31
CA ASN B 100 8.20 -32.48 2.84
C ASN B 100 8.49 -33.06 1.45
N ARG B 101 9.27 -34.12 1.43
CA ARG B 101 9.61 -34.80 0.17
C ARG B 101 9.05 -36.21 0.20
N ASN B 102 7.91 -36.36 0.85
CA ASN B 102 7.24 -37.66 0.98
C ASN B 102 6.45 -38.03 -0.26
N ASN B 103 6.16 -37.04 -1.09
CA ASN B 103 5.39 -37.22 -2.33
C ASN B 103 3.94 -37.53 -2.00
N ARG B 104 3.07 -36.56 -2.26
CA ARG B 104 1.66 -36.71 -1.98
C ARG B 104 0.99 -37.58 -3.04
N LYS B 105 1.20 -38.89 -2.92
CA LYS B 105 0.62 -39.84 -3.84
C LYS B 105 0.08 -41.05 -3.06
N ILE B 106 0.48 -41.15 -1.81
CA ILE B 106 0.06 -42.25 -0.96
C ILE B 106 -1.04 -41.79 0.01
N VAL B 107 -1.55 -40.59 -0.26
CA VAL B 107 -2.60 -39.99 0.54
C VAL B 107 -3.30 -38.92 -0.29
N MET A 1 -34.65 2.20 6.89
CA MET A 1 -34.10 1.17 5.99
C MET A 1 -32.61 1.01 6.23
N SER A 2 -32.15 -0.24 6.34
CA SER A 2 -30.73 -0.50 6.60
C SER A 2 -30.03 -0.93 5.34
N ILE A 3 -30.74 -1.49 4.38
CA ILE A 3 -30.12 -1.95 3.13
C ILE A 3 -29.52 -0.77 2.36
N VAL A 4 -30.04 0.42 2.60
CA VAL A 4 -29.53 1.63 1.93
C VAL A 4 -28.23 2.09 2.57
N SER A 5 -28.02 1.68 3.81
CA SER A 5 -26.80 2.02 4.54
C SER A 5 -25.63 1.21 4.04
N GLN A 6 -25.90 -0.08 3.89
CA GLN A 6 -24.88 -1.02 3.44
C GLN A 6 -24.46 -0.71 2.00
N THR A 7 -25.40 -0.25 1.19
CA THR A 7 -25.11 0.06 -0.20
C THR A 7 -24.23 1.31 -0.32
N ARG A 8 -24.58 2.36 0.41
CA ARG A 8 -23.83 3.60 0.37
C ARG A 8 -22.44 3.41 1.00
N ASN A 9 -22.37 2.58 2.02
CA ASN A 9 -21.11 2.28 2.70
C ASN A 9 -20.19 1.51 1.78
N LYS A 10 -20.76 0.54 1.08
CA LYS A 10 -20.01 -0.29 0.14
C LYS A 10 -19.39 0.57 -0.96
N GLU A 11 -20.18 1.49 -1.49
CA GLU A 11 -19.71 2.39 -2.56
C GLU A 11 -18.58 3.27 -2.05
N LEU A 12 -18.70 3.70 -0.80
CA LEU A 12 -17.72 4.56 -0.15
C LEU A 12 -16.33 3.93 -0.14
N LEU A 13 -16.21 2.77 0.49
CA LEU A 13 -14.93 2.07 0.59
C LEU A 13 -14.41 1.65 -0.78
N LEU A 14 -15.32 1.28 -1.68
CA LEU A 14 -14.93 0.86 -3.03
C LEU A 14 -14.17 1.95 -3.75
N LYS A 15 -14.73 3.16 -3.74
CA LYS A 15 -14.11 4.31 -4.40
C LYS A 15 -12.80 4.70 -3.73
N LYS A 16 -12.74 4.53 -2.42
CA LYS A 16 -11.54 4.87 -1.67
C LYS A 16 -10.41 3.90 -2.05
N ILE A 17 -10.75 2.62 -2.15
CA ILE A 17 -9.78 1.59 -2.51
C ILE A 17 -9.29 1.76 -3.94
N ASP A 18 -10.20 2.13 -4.83
CA ASP A 18 -9.87 2.35 -6.24
C ASP A 18 -8.89 3.51 -6.36
N SER A 19 -9.01 4.47 -5.44
CA SER A 19 -8.12 5.63 -5.42
C SER A 19 -6.74 5.25 -4.91
N LEU A 20 -6.70 4.25 -4.02
CA LEU A 20 -5.45 3.78 -3.42
C LEU A 20 -4.43 3.41 -4.49
N ILE A 21 -4.84 2.55 -5.41
CA ILE A 21 -3.95 2.10 -6.48
C ILE A 21 -3.62 3.22 -7.45
N GLU A 22 -4.56 4.14 -7.67
CA GLU A 22 -4.33 5.26 -8.57
C GLU A 22 -3.31 6.23 -8.00
N ALA A 23 -3.42 6.52 -6.71
CA ALA A 23 -2.51 7.44 -6.04
C ALA A 23 -1.08 6.90 -6.01
N ILE A 24 -0.95 5.65 -5.59
CA ILE A 24 0.36 5.01 -5.50
C ILE A 24 1.01 4.94 -6.89
N LYS A 25 0.18 4.68 -7.91
CA LYS A 25 0.67 4.59 -9.28
C LYS A 25 1.19 5.94 -9.76
N LYS A 26 0.58 7.01 -9.27
CA LYS A 26 1.01 8.34 -9.66
C LYS A 26 2.32 8.71 -8.97
N ILE A 27 2.47 8.28 -7.73
CA ILE A 27 3.68 8.56 -6.96
C ILE A 27 4.92 8.00 -7.66
N ILE A 28 4.84 6.73 -8.04
CA ILE A 28 5.94 6.06 -8.72
C ILE A 28 6.23 6.72 -10.07
N ALA A 29 5.17 7.21 -10.71
CA ALA A 29 5.30 7.86 -12.01
C ALA A 29 6.11 9.16 -11.89
N GLU A 30 5.77 9.97 -10.89
CA GLU A 30 6.46 11.24 -10.66
C GLU A 30 7.94 10.98 -10.36
N PHE A 31 8.21 9.95 -9.57
CA PHE A 31 9.57 9.59 -9.20
C PHE A 31 10.43 9.32 -10.43
N ASP A 32 9.81 8.76 -11.47
CA ASP A 32 10.51 8.47 -12.72
C ASP A 32 10.77 9.76 -13.48
N VAL A 33 9.77 10.63 -13.50
CA VAL A 33 9.86 11.91 -14.19
C VAL A 33 10.97 12.79 -13.60
N VAL A 34 11.00 12.88 -12.27
CA VAL A 34 12.01 13.69 -11.57
C VAL A 34 13.42 13.19 -11.88
N LYS A 35 13.56 11.87 -11.92
CA LYS A 35 14.84 11.23 -12.21
C LYS A 35 15.37 11.65 -13.58
N GLU A 36 14.50 11.63 -14.58
CA GLU A 36 14.89 11.99 -15.93
C GLU A 36 15.08 13.51 -16.05
N SER A 37 14.26 14.27 -15.36
CA SER A 37 14.31 15.72 -15.37
C SER A 37 15.66 16.23 -14.93
N VAL A 38 16.07 15.84 -13.73
CA VAL A 38 17.34 16.29 -13.18
C VAL A 38 18.52 15.82 -14.03
N ASN A 39 18.36 14.71 -14.72
CA ASN A 39 19.42 14.15 -15.56
C ASN A 39 19.74 15.08 -16.73
N GLU A 40 18.71 15.44 -17.49
CA GLU A 40 18.89 16.32 -18.65
C GLU A 40 19.16 17.75 -18.22
N LEU A 41 18.58 18.14 -17.08
CA LEU A 41 18.74 19.48 -16.55
C LEU A 41 20.18 19.73 -16.14
N SER A 42 20.81 18.70 -15.59
CA SER A 42 22.19 18.81 -15.15
C SER A 42 23.11 19.08 -16.35
N GLU A 43 22.78 18.46 -17.48
CA GLU A 43 23.57 18.64 -18.71
C GLU A 43 23.53 20.11 -19.16
N LYS A 44 22.38 20.75 -19.01
CA LYS A 44 22.24 22.15 -19.40
C LYS A 44 22.92 23.06 -18.39
N ALA A 45 22.89 22.65 -17.13
CA ALA A 45 23.51 23.43 -16.06
C ALA A 45 25.03 23.29 -16.11
N LYS A 46 25.50 22.38 -16.96
CA LYS A 46 26.92 22.14 -17.13
C LYS A 46 27.59 23.23 -17.98
N THR A 47 26.78 24.00 -18.70
CA THR A 47 27.31 25.05 -19.56
C THR A 47 27.15 26.44 -18.92
N ASP A 48 26.57 26.49 -17.73
CA ASP A 48 26.37 27.77 -17.05
C ASP A 48 26.71 27.65 -15.57
N PRO A 49 27.73 28.40 -15.11
CA PRO A 49 28.16 28.36 -13.71
C PRO A 49 27.04 28.68 -12.71
N GLN A 50 26.14 29.59 -13.10
CA GLN A 50 25.03 29.98 -12.24
C GLN A 50 24.00 28.86 -12.18
N ALA A 51 23.71 28.28 -13.35
CA ALA A 51 22.75 27.19 -13.43
C ALA A 51 23.24 25.99 -12.64
N ALA A 52 24.55 25.76 -12.67
CA ALA A 52 25.17 24.66 -11.94
C ALA A 52 24.97 24.85 -10.44
N GLU A 53 24.99 26.11 -10.01
CA GLU A 53 24.81 26.45 -8.62
C GLU A 53 23.37 26.19 -8.20
N LYS A 54 22.44 26.39 -9.12
CA LYS A 54 21.03 26.16 -8.87
C LYS A 54 20.77 24.67 -8.67
N LEU A 55 21.41 23.86 -9.49
CA LEU A 55 21.27 22.41 -9.39
C LEU A 55 21.95 21.91 -8.12
N ASN A 56 22.92 22.68 -7.64
CA ASN A 56 23.65 22.36 -6.42
C ASN A 56 22.71 22.43 -5.21
N LYS A 57 21.79 23.38 -5.24
CA LYS A 57 20.84 23.54 -4.15
C LYS A 57 19.75 22.47 -4.25
N LEU A 58 19.39 22.13 -5.48
CA LEU A 58 18.36 21.14 -5.74
C LEU A 58 18.76 19.76 -5.22
N ILE A 59 19.98 19.34 -5.54
CA ILE A 59 20.46 18.02 -5.11
C ILE A 59 20.57 17.96 -3.58
N GLU A 60 20.97 19.06 -2.96
CA GLU A 60 21.09 19.10 -1.50
C GLU A 60 19.72 18.95 -0.85
N GLY A 61 18.75 19.69 -1.39
CA GLY A 61 17.40 19.65 -0.86
C GLY A 61 16.80 18.26 -0.90
N TYR A 62 17.03 17.54 -1.99
CA TYR A 62 16.52 16.19 -2.13
C TYR A 62 17.28 15.21 -1.23
N THR A 63 18.51 15.57 -0.87
CA THR A 63 19.34 14.73 -0.02
C THR A 63 18.89 14.82 1.43
N TYR A 64 18.78 16.05 1.94
CA TYR A 64 18.40 16.29 3.33
C TYR A 64 16.97 16.79 3.42
N GLY A 65 16.14 16.37 2.47
CA GLY A 65 14.76 16.78 2.46
C GLY A 65 13.89 15.97 3.39
N GLU A 66 13.29 16.66 4.35
CA GLU A 66 12.40 16.02 5.31
C GLU A 66 11.19 15.44 4.61
N GLU A 67 10.79 16.08 3.53
CA GLU A 67 9.65 15.63 2.74
C GLU A 67 9.89 14.24 2.17
N ARG A 68 11.13 13.98 1.74
CA ARG A 68 11.51 12.68 1.19
C ARG A 68 11.32 11.61 2.25
N LYS A 69 11.72 11.94 3.47
CA LYS A 69 11.58 11.03 4.60
C LYS A 69 10.12 10.79 4.91
N LEU A 70 9.31 11.82 4.71
CA LEU A 70 7.87 11.75 4.96
C LEU A 70 7.23 10.69 4.07
N TYR A 71 7.62 10.67 2.79
CA TYR A 71 7.06 9.71 1.84
C TYR A 71 7.45 8.28 2.24
N ASP A 72 8.69 8.12 2.68
CA ASP A 72 9.20 6.81 3.09
C ASP A 72 8.43 6.32 4.32
N SER A 73 8.12 7.24 5.21
CA SER A 73 7.39 6.92 6.43
C SER A 73 5.96 6.50 6.09
N ALA A 74 5.46 6.98 4.96
CA ALA A 74 4.12 6.63 4.51
C ALA A 74 4.09 5.17 4.08
N LEU A 75 5.14 4.74 3.41
CA LEU A 75 5.26 3.38 2.94
C LEU A 75 5.36 2.42 4.12
N SER A 76 6.05 2.86 5.18
CA SER A 76 6.20 2.06 6.38
C SER A 76 4.84 1.72 6.97
N LYS A 77 3.93 2.70 6.93
CA LYS A 77 2.59 2.53 7.45
C LYS A 77 1.81 1.52 6.64
N ILE A 78 2.07 1.49 5.33
CA ILE A 78 1.40 0.57 4.44
C ILE A 78 1.79 -0.87 4.76
N GLU A 79 3.08 -1.10 4.91
CA GLU A 79 3.59 -2.43 5.22
C GLU A 79 2.95 -2.97 6.50
N LYS A 80 2.85 -2.10 7.51
CA LYS A 80 2.26 -2.48 8.78
C LYS A 80 0.80 -2.90 8.60
N LEU A 81 0.10 -2.20 7.72
CA LEU A 81 -1.30 -2.51 7.45
C LEU A 81 -1.42 -3.88 6.78
N ILE A 82 -0.48 -4.17 5.87
CA ILE A 82 -0.46 -5.46 5.17
C ILE A 82 -0.26 -6.59 6.16
N GLU A 83 0.67 -6.39 7.10
CA GLU A 83 0.95 -7.38 8.12
C GLU A 83 -0.26 -7.54 9.05
N THR A 84 -1.02 -6.47 9.19
CA THR A 84 -2.22 -6.47 10.03
C THR A 84 -3.30 -7.35 9.38
N LEU A 85 -3.30 -7.38 8.06
CA LEU A 85 -4.26 -8.18 7.32
C LEU A 85 -3.80 -9.64 7.28
N SER A 86 -2.54 -9.85 6.94
CA SER A 86 -1.98 -11.19 6.87
C SER A 86 -0.57 -11.20 7.45
N PRO A 87 -0.33 -12.00 8.50
CA PRO A 87 1.00 -12.11 9.14
C PRO A 87 2.03 -12.71 8.21
N ALA A 88 1.55 -13.43 7.20
CA ALA A 88 2.39 -14.08 6.19
C ALA A 88 3.37 -15.09 6.80
N ARG A 89 4.59 -14.66 7.09
CA ARG A 89 5.61 -15.56 7.63
C ARG A 89 5.88 -15.30 9.11
N SER A 90 5.21 -14.31 9.67
CA SER A 90 5.39 -13.95 11.07
C SER A 90 5.13 -15.13 11.99
N LYS A 91 6.17 -15.53 12.72
CA LYS A 91 6.09 -16.65 13.65
C LYS A 91 6.26 -16.13 15.08
N SER A 92 5.37 -16.53 15.97
CA SER A 92 5.44 -16.10 17.35
C SER A 92 6.48 -16.90 18.11
N GLN A 93 7.47 -16.22 18.66
CA GLN A 93 8.53 -16.87 19.41
C GLN A 93 8.18 -16.90 20.89
N SER A 94 7.52 -17.96 21.30
CA SER A 94 7.10 -18.12 22.68
C SER A 94 8.20 -18.75 23.52
N THR A 95 8.65 -18.02 24.53
CA THR A 95 9.68 -18.50 25.42
C THR A 95 9.54 -17.79 26.76
N MET A 96 9.97 -18.44 27.83
CA MET A 96 9.89 -17.86 29.16
C MET A 96 11.29 -17.68 29.74
N ASN A 97 11.68 -16.44 29.93
CA ASN A 97 13.00 -16.14 30.48
C ASN A 97 12.94 -16.15 32.00
N GLN A 98 13.52 -17.18 32.58
CA GLN A 98 13.56 -17.34 34.02
C GLN A 98 14.99 -17.16 34.52
N ARG A 99 15.20 -16.29 35.50
CA ARG A 99 16.52 -16.07 36.04
C ARG A 99 16.53 -16.02 37.55
N ASN A 100 15.39 -16.28 38.17
CA ASN A 100 15.31 -16.27 39.63
C ASN A 100 15.29 -17.69 40.17
N ARG A 101 15.01 -18.64 39.31
CA ARG A 101 14.99 -20.04 39.70
C ARG A 101 16.40 -20.62 39.64
N ASN A 102 17.13 -20.47 40.74
CA ASN A 102 18.50 -20.97 40.82
C ASN A 102 18.53 -22.50 40.77
N ASN A 103 18.26 -23.14 41.89
CA ASN A 103 18.25 -24.59 41.94
C ASN A 103 16.84 -25.12 41.69
N ARG A 104 16.74 -26.07 40.77
CA ARG A 104 15.46 -26.67 40.45
C ARG A 104 15.40 -28.09 40.99
N LYS A 105 14.80 -28.24 42.15
CA LYS A 105 14.67 -29.53 42.79
C LYS A 105 13.20 -29.91 42.95
N ILE A 106 12.94 -31.17 43.22
CA ILE A 106 11.59 -31.65 43.40
C ILE A 106 11.33 -31.97 44.87
N VAL A 107 10.10 -31.76 45.32
CA VAL A 107 9.71 -32.03 46.70
C VAL A 107 8.21 -31.89 46.87
N MET B 1 7.27 32.93 -14.47
CA MET B 1 6.00 32.56 -13.85
C MET B 1 5.94 31.06 -13.60
N SER B 2 7.05 30.39 -13.73
CA SER B 2 7.15 28.95 -13.51
C SER B 2 7.00 28.61 -12.04
N ILE B 3 7.14 29.62 -11.19
CA ILE B 3 7.04 29.43 -9.75
C ILE B 3 5.62 28.99 -9.34
N VAL B 4 4.62 29.48 -10.07
CA VAL B 4 3.24 29.13 -9.79
C VAL B 4 2.95 27.68 -10.17
N SER B 5 3.71 27.17 -11.11
CA SER B 5 3.57 25.78 -11.56
C SER B 5 4.14 24.82 -10.54
N GLN B 6 5.34 25.17 -10.04
CA GLN B 6 6.04 24.33 -9.06
C GLN B 6 5.27 24.25 -7.75
N THR B 7 4.78 25.39 -7.27
CA THR B 7 4.06 25.44 -6.01
C THR B 7 2.76 24.62 -6.08
N ARG B 8 2.08 24.67 -7.22
CA ARG B 8 0.84 23.93 -7.40
C ARG B 8 1.12 22.45 -7.57
N ASN B 9 2.25 22.12 -8.19
CA ASN B 9 2.64 20.73 -8.39
C ASN B 9 2.96 20.06 -7.05
N LYS B 10 3.73 20.76 -6.23
CA LYS B 10 4.12 20.24 -4.92
C LYS B 10 2.90 20.07 -4.02
N GLU B 11 1.96 21.01 -4.11
CA GLU B 11 0.74 20.95 -3.31
C GLU B 11 -0.08 19.74 -3.69
N LEU B 12 -0.16 19.49 -5.00
CA LEU B 12 -0.92 18.38 -5.54
C LEU B 12 -0.43 17.04 -5.00
N LEU B 13 0.85 16.74 -5.21
CA LEU B 13 1.42 15.47 -4.76
C LEU B 13 1.33 15.30 -3.24
N LEU B 14 1.53 16.39 -2.51
CA LEU B 14 1.48 16.34 -1.05
C LEU B 14 0.08 16.00 -0.55
N LYS B 15 -0.92 16.66 -1.11
CA LYS B 15 -2.30 16.44 -0.70
C LYS B 15 -2.79 15.07 -1.17
N LYS B 16 -2.30 14.60 -2.30
CA LYS B 16 -2.70 13.31 -2.83
C LYS B 16 -2.21 12.17 -1.93
N ILE B 17 -0.98 12.30 -1.45
CA ILE B 17 -0.39 11.27 -0.59
C ILE B 17 -0.97 11.34 0.83
N ASP B 18 -1.14 12.56 1.33
CA ASP B 18 -1.68 12.77 2.68
C ASP B 18 -3.08 12.15 2.82
N SER B 19 -3.92 12.38 1.83
CA SER B 19 -5.28 11.85 1.82
C SER B 19 -5.27 10.34 1.57
N LEU B 20 -4.26 9.89 0.83
CA LEU B 20 -4.09 8.49 0.47
C LEU B 20 -3.97 7.60 1.71
N ILE B 21 -3.06 7.95 2.62
CA ILE B 21 -2.86 7.16 3.84
C ILE B 21 -4.12 7.17 4.69
N GLU B 22 -4.83 8.30 4.69
CA GLU B 22 -6.06 8.43 5.45
C GLU B 22 -7.12 7.46 4.93
N ALA B 23 -7.13 7.27 3.62
CA ALA B 23 -8.08 6.37 2.98
C ALA B 23 -7.87 4.93 3.41
N ILE B 24 -6.60 4.50 3.45
CA ILE B 24 -6.27 3.13 3.86
C ILE B 24 -6.63 2.91 5.33
N LYS B 25 -6.42 3.93 6.14
CA LYS B 25 -6.73 3.85 7.56
C LYS B 25 -8.24 3.78 7.75
N LYS B 26 -8.97 4.43 6.84
CA LYS B 26 -10.42 4.43 6.88
C LYS B 26 -10.96 3.08 6.43
N ILE B 27 -10.28 2.48 5.45
CA ILE B 27 -10.67 1.19 4.91
C ILE B 27 -10.70 0.11 5.99
N ILE B 28 -9.60 0.00 6.73
CA ILE B 28 -9.51 -0.99 7.80
C ILE B 28 -10.58 -0.74 8.87
N ALA B 29 -10.89 0.54 9.09
CA ALA B 29 -11.89 0.92 10.08
C ALA B 29 -13.27 0.43 9.66
N GLU B 30 -13.62 0.64 8.39
CA GLU B 30 -14.93 0.23 7.86
C GLU B 30 -15.14 -1.26 7.98
N PHE B 31 -14.15 -2.03 7.54
CA PHE B 31 -14.21 -3.50 7.58
C PHE B 31 -14.53 -4.01 8.98
N ASP B 32 -13.95 -3.36 9.98
CA ASP B 32 -14.17 -3.74 11.36
C ASP B 32 -15.56 -3.36 11.85
N VAL B 33 -16.02 -2.18 11.46
CA VAL B 33 -17.31 -1.68 11.88
C VAL B 33 -18.46 -2.52 11.29
N VAL B 34 -18.44 -2.69 9.97
CA VAL B 34 -19.50 -3.45 9.29
C VAL B 34 -19.56 -4.90 9.77
N LYS B 35 -18.40 -5.48 10.05
CA LYS B 35 -18.32 -6.87 10.50
C LYS B 35 -19.07 -7.08 11.81
N GLU B 36 -18.83 -6.23 12.78
CA GLU B 36 -19.48 -6.35 14.08
C GLU B 36 -20.97 -6.00 13.98
N SER B 37 -21.30 -5.06 13.12
CA SER B 37 -22.69 -4.62 12.96
C SER B 37 -23.55 -5.73 12.42
N VAL B 38 -23.08 -6.46 11.41
CA VAL B 38 -23.87 -7.54 10.82
C VAL B 38 -23.95 -8.75 11.76
N ASN B 39 -22.93 -8.90 12.60
CA ASN B 39 -22.90 -9.99 13.56
C ASN B 39 -24.02 -9.81 14.60
N GLU B 40 -24.05 -8.63 15.20
CA GLU B 40 -25.06 -8.31 16.20
C GLU B 40 -26.45 -8.36 15.60
N LEU B 41 -26.55 -7.92 14.35
CA LEU B 41 -27.81 -7.90 13.63
C LEU B 41 -28.32 -9.32 13.41
N SER B 42 -27.41 -10.24 13.11
CA SER B 42 -27.78 -11.64 12.87
C SER B 42 -28.41 -12.26 14.11
N GLU B 43 -27.90 -11.91 15.27
CA GLU B 43 -28.42 -12.43 16.54
C GLU B 43 -29.88 -12.02 16.73
N LYS B 44 -30.21 -10.79 16.34
CA LYS B 44 -31.57 -10.28 16.49
C LYS B 44 -32.49 -10.85 15.41
N ALA B 45 -31.97 -10.99 14.20
CA ALA B 45 -32.72 -11.50 13.06
C ALA B 45 -33.08 -12.97 13.23
N LYS B 46 -32.42 -13.64 14.15
CA LYS B 46 -32.66 -15.05 14.43
C LYS B 46 -34.10 -15.31 14.90
N THR B 47 -34.76 -14.25 15.39
CA THR B 47 -36.11 -14.36 15.88
C THR B 47 -37.11 -14.54 14.74
N ASP B 48 -36.86 -13.90 13.60
CA ASP B 48 -37.76 -13.98 12.46
C ASP B 48 -37.16 -14.85 11.36
N PRO B 49 -37.92 -15.83 10.84
CA PRO B 49 -37.46 -16.75 9.78
C PRO B 49 -37.06 -16.03 8.49
N GLN B 50 -37.77 -14.95 8.18
CA GLN B 50 -37.49 -14.17 6.99
C GLN B 50 -36.24 -13.32 7.22
N ALA B 51 -36.17 -12.71 8.40
CA ALA B 51 -35.03 -11.86 8.75
C ALA B 51 -33.76 -12.69 8.80
N ALA B 52 -33.85 -13.87 9.38
CA ALA B 52 -32.70 -14.78 9.47
C ALA B 52 -32.25 -15.19 8.08
N GLU B 53 -33.19 -15.27 7.16
CA GLU B 53 -32.91 -15.64 5.79
C GLU B 53 -32.19 -14.51 5.07
N LYS B 54 -32.39 -13.28 5.55
CA LYS B 54 -31.73 -12.12 4.97
C LYS B 54 -30.25 -12.14 5.31
N LEU B 55 -29.95 -12.45 6.56
CA LEU B 55 -28.57 -12.52 7.01
C LEU B 55 -27.90 -13.77 6.46
N ASN B 56 -28.71 -14.77 6.15
CA ASN B 56 -28.23 -16.04 5.60
C ASN B 56 -27.53 -15.80 4.27
N LYS B 57 -28.15 -15.01 3.41
CA LYS B 57 -27.58 -14.70 2.10
C LYS B 57 -26.47 -13.66 2.24
N LEU B 58 -26.59 -12.79 3.23
CA LEU B 58 -25.59 -11.76 3.46
C LEU B 58 -24.23 -12.38 3.80
N ILE B 59 -24.22 -13.33 4.75
CA ILE B 59 -22.99 -14.00 5.15
C ILE B 59 -22.44 -14.83 3.98
N GLU B 60 -23.34 -15.41 3.21
CA GLU B 60 -22.96 -16.21 2.05
C GLU B 60 -22.24 -15.33 1.04
N GLY B 61 -22.80 -14.14 0.83
CA GLY B 61 -22.26 -13.19 -0.11
C GLY B 61 -20.87 -12.73 0.27
N TYR B 62 -20.61 -12.60 1.56
CA TYR B 62 -19.29 -12.18 2.02
C TYR B 62 -18.28 -13.30 1.80
N THR B 63 -18.69 -14.51 2.15
CA THR B 63 -17.84 -15.69 2.02
C THR B 63 -17.43 -15.91 0.55
N TYR B 64 -18.36 -15.65 -0.35
CA TYR B 64 -18.10 -15.80 -1.78
C TYR B 64 -18.09 -14.44 -2.44
N GLY B 65 -17.65 -13.45 -1.70
CA GLY B 65 -17.61 -12.09 -2.20
C GLY B 65 -16.45 -11.82 -3.14
N GLU B 66 -16.77 -11.60 -4.40
CA GLU B 66 -15.77 -11.30 -5.40
C GLU B 66 -15.15 -9.94 -5.11
N GLU B 67 -15.95 -9.07 -4.48
CA GLU B 67 -15.50 -7.74 -4.12
C GLU B 67 -14.42 -7.81 -3.06
N ARG B 68 -14.58 -8.74 -2.10
CA ARG B 68 -13.61 -8.91 -1.03
C ARG B 68 -12.28 -9.32 -1.63
N LYS B 69 -12.35 -10.25 -2.56
CA LYS B 69 -11.17 -10.75 -3.25
C LYS B 69 -10.53 -9.63 -4.06
N LEU B 70 -11.35 -8.69 -4.53
CA LEU B 70 -10.87 -7.55 -5.31
C LEU B 70 -10.04 -6.62 -4.42
N TYR B 71 -10.52 -6.41 -3.20
CA TYR B 71 -9.83 -5.55 -2.24
C TYR B 71 -8.50 -6.18 -1.84
N ASP B 72 -8.52 -7.48 -1.59
CA ASP B 72 -7.31 -8.20 -1.23
C ASP B 72 -6.30 -8.16 -2.37
N SER B 73 -6.80 -8.25 -3.60
CA SER B 73 -5.96 -8.22 -4.79
C SER B 73 -5.30 -6.85 -4.92
N ALA B 74 -6.02 -5.80 -4.52
CA ALA B 74 -5.48 -4.45 -4.60
C ALA B 74 -4.25 -4.31 -3.70
N LEU B 75 -4.31 -4.94 -2.53
CA LEU B 75 -3.21 -4.91 -1.58
C LEU B 75 -2.01 -5.68 -2.12
N SER B 76 -2.29 -6.69 -2.94
CA SER B 76 -1.23 -7.50 -3.54
C SER B 76 -0.44 -6.65 -4.53
N LYS B 77 -1.13 -5.73 -5.19
CA LYS B 77 -0.50 -4.83 -6.14
C LYS B 77 0.41 -3.86 -5.40
N ILE B 78 -0.01 -3.51 -4.18
CA ILE B 78 0.76 -2.62 -3.33
C ILE B 78 2.09 -3.29 -2.98
N GLU B 79 2.01 -4.60 -2.70
CA GLU B 79 3.19 -5.38 -2.37
C GLU B 79 4.20 -5.34 -3.52
N LYS B 80 3.69 -5.42 -4.74
CA LYS B 80 4.52 -5.39 -5.93
C LYS B 80 5.26 -4.06 -6.04
N LEU B 81 4.60 -2.99 -5.63
CA LEU B 81 5.18 -1.65 -5.66
C LEU B 81 6.32 -1.56 -4.65
N ILE B 82 6.14 -2.21 -3.51
CA ILE B 82 7.16 -2.20 -2.47
C ILE B 82 8.42 -2.90 -2.98
N GLU B 83 8.23 -3.95 -3.77
CA GLU B 83 9.35 -4.69 -4.36
C GLU B 83 10.06 -3.82 -5.39
N THR B 84 9.30 -2.98 -6.07
CA THR B 84 9.86 -2.09 -7.08
C THR B 84 10.84 -1.11 -6.43
N LEU B 85 10.51 -0.67 -5.23
CA LEU B 85 11.36 0.27 -4.50
C LEU B 85 12.46 -0.45 -3.73
N SER B 86 12.27 -1.75 -3.51
CA SER B 86 13.24 -2.55 -2.77
C SER B 86 13.53 -3.85 -3.51
N PRO B 87 14.57 -3.84 -4.37
CA PRO B 87 14.97 -5.01 -5.16
C PRO B 87 15.25 -6.24 -4.30
N ALA B 88 15.74 -6.00 -3.08
CA ALA B 88 16.06 -7.07 -2.13
C ALA B 88 17.10 -8.04 -2.69
N ARG B 89 16.64 -9.10 -3.35
CA ARG B 89 17.53 -10.10 -3.90
C ARG B 89 17.07 -10.54 -5.28
N SER B 90 16.68 -9.58 -6.11
CA SER B 90 16.23 -9.88 -7.47
C SER B 90 17.36 -10.56 -8.25
N LYS B 91 17.05 -11.68 -8.88
CA LYS B 91 18.07 -12.40 -9.65
C LYS B 91 17.66 -12.51 -11.11
N SER B 92 18.63 -12.32 -11.98
CA SER B 92 18.39 -12.41 -13.41
C SER B 92 19.15 -13.59 -14.00
N GLN B 93 18.74 -14.03 -15.18
CA GLN B 93 19.40 -15.14 -15.85
C GLN B 93 19.65 -14.78 -17.30
N SER B 94 20.90 -14.54 -17.63
CA SER B 94 21.29 -14.17 -18.98
C SER B 94 21.31 -15.38 -19.90
N THR B 95 20.88 -15.18 -21.14
CA THR B 95 20.87 -16.25 -22.12
C THR B 95 20.96 -15.65 -23.53
N MET B 96 21.77 -16.27 -24.37
CA MET B 96 21.96 -15.82 -25.74
C MET B 96 21.02 -16.57 -26.68
N ASN B 97 21.10 -16.25 -27.97
CA ASN B 97 20.26 -16.89 -28.97
C ASN B 97 21.03 -18.00 -29.67
N GLN B 98 20.47 -19.20 -29.62
CA GLN B 98 21.09 -20.34 -30.26
C GLN B 98 20.07 -21.07 -31.13
N ARG B 99 20.28 -21.05 -32.43
CA ARG B 99 19.39 -21.71 -33.36
C ARG B 99 20.18 -22.60 -34.31
N ASN B 100 19.94 -23.91 -34.20
CA ASN B 100 20.62 -24.90 -35.03
C ASN B 100 20.39 -24.63 -36.51
N ARG B 101 21.43 -24.80 -37.31
CA ARG B 101 21.35 -24.57 -38.74
C ARG B 101 21.36 -25.89 -39.51
N ASN B 102 20.26 -26.19 -40.18
CA ASN B 102 20.15 -27.42 -40.96
C ASN B 102 20.55 -27.16 -42.41
N ASN B 103 21.77 -27.52 -42.74
CA ASN B 103 22.27 -27.33 -44.10
C ASN B 103 21.98 -28.57 -44.93
N ARG B 104 20.73 -28.71 -45.32
CA ARG B 104 20.32 -29.84 -46.14
C ARG B 104 20.83 -29.70 -47.56
N LYS B 105 21.54 -30.71 -48.04
CA LYS B 105 22.06 -30.70 -49.39
C LYS B 105 20.95 -31.06 -50.37
N ILE B 106 20.74 -30.21 -51.35
CA ILE B 106 19.70 -30.43 -52.35
C ILE B 106 20.20 -31.38 -53.45
N VAL B 107 19.61 -31.27 -54.64
CA VAL B 107 19.99 -32.10 -55.77
C VAL B 107 21.49 -32.03 -56.05
N MET A 1 -35.57 2.52 3.02
CA MET A 1 -35.05 1.93 1.77
C MET A 1 -33.58 1.57 1.93
N SER A 2 -33.28 0.29 2.04
CA SER A 2 -31.93 -0.20 2.23
C SER A 2 -31.22 -0.35 0.90
N ILE A 3 -31.96 -0.66 -0.15
CA ILE A 3 -31.36 -0.87 -1.47
C ILE A 3 -30.64 0.39 -1.98
N VAL A 4 -31.16 1.57 -1.64
CA VAL A 4 -30.55 2.83 -2.07
C VAL A 4 -29.28 3.11 -1.27
N SER A 5 -29.17 2.48 -0.11
CA SER A 5 -28.01 2.64 0.76
C SER A 5 -26.82 1.86 0.23
N GLN A 6 -27.07 0.56 0.01
CA GLN A 6 -26.03 -0.34 -0.44
C GLN A 6 -25.46 0.07 -1.80
N THR A 7 -26.32 0.56 -2.68
CA THR A 7 -25.89 0.97 -4.01
C THR A 7 -24.99 2.20 -3.95
N ARG A 8 -25.43 3.21 -3.22
CA ARG A 8 -24.67 4.45 -3.08
C ARG A 8 -23.35 4.22 -2.36
N ASN A 9 -23.39 3.45 -1.29
CA ASN A 9 -22.18 3.17 -0.51
C ASN A 9 -21.20 2.31 -1.29
N LYS A 10 -21.72 1.36 -2.06
CA LYS A 10 -20.88 0.45 -2.84
C LYS A 10 -20.06 1.21 -3.87
N GLU A 11 -20.70 2.08 -4.62
CA GLU A 11 -20.03 2.87 -5.65
C GLU A 11 -19.06 3.85 -5.01
N LEU A 12 -19.45 4.37 -3.85
CA LEU A 12 -18.63 5.34 -3.12
C LEU A 12 -17.28 4.75 -2.73
N LEU A 13 -17.30 3.59 -2.08
CA LEU A 13 -16.07 2.94 -1.63
C LEU A 13 -15.29 2.37 -2.81
N LEU A 14 -15.99 1.83 -3.79
CA LEU A 14 -15.34 1.24 -4.96
C LEU A 14 -14.55 2.28 -5.72
N LYS A 15 -15.15 3.44 -5.94
CA LYS A 15 -14.49 4.52 -6.65
C LYS A 15 -13.35 5.11 -5.80
N LYS A 16 -13.53 5.06 -4.49
CA LYS A 16 -12.52 5.56 -3.56
C LYS A 16 -11.27 4.69 -3.61
N ILE A 17 -11.47 3.37 -3.62
CA ILE A 17 -10.35 2.43 -3.66
C ILE A 17 -9.69 2.42 -5.03
N ASP A 18 -10.47 2.61 -6.09
CA ASP A 18 -9.91 2.65 -7.44
C ASP A 18 -8.95 3.82 -7.57
N SER A 19 -9.34 4.94 -6.96
CA SER A 19 -8.52 6.16 -6.98
C SER A 19 -7.27 5.97 -6.13
N LEU A 20 -7.38 5.10 -5.12
CA LEU A 20 -6.27 4.80 -4.23
C LEU A 20 -5.05 4.34 -5.02
N ILE A 21 -5.23 3.34 -5.85
CA ILE A 21 -4.13 2.82 -6.66
C ILE A 21 -3.75 3.78 -7.78
N GLU A 22 -4.77 4.45 -8.32
CA GLU A 22 -4.57 5.41 -9.41
C GLU A 22 -3.66 6.56 -8.97
N ALA A 23 -3.87 7.02 -7.75
CA ALA A 23 -3.09 8.11 -7.18
C ALA A 23 -1.63 7.71 -7.00
N ILE A 24 -1.41 6.53 -6.41
CA ILE A 24 -0.07 6.03 -6.16
C ILE A 24 0.69 5.86 -7.48
N LYS A 25 -0.04 5.45 -8.51
CA LYS A 25 0.53 5.26 -9.83
C LYS A 25 1.05 6.59 -10.36
N LYS A 26 0.33 7.66 -10.03
CA LYS A 26 0.72 9.00 -10.46
C LYS A 26 1.93 9.47 -9.66
N ILE A 27 1.96 9.15 -8.37
CA ILE A 27 3.06 9.54 -7.49
C ILE A 27 4.41 9.06 -8.04
N ILE A 28 4.50 7.77 -8.31
CA ILE A 28 5.72 7.16 -8.83
C ILE A 28 6.08 7.70 -10.22
N ALA A 29 5.06 8.03 -11.00
CA ALA A 29 5.26 8.55 -12.34
C ALA A 29 5.95 9.91 -12.30
N GLU A 30 5.65 10.70 -11.29
CA GLU A 30 6.24 12.02 -11.14
C GLU A 30 7.72 11.89 -10.79
N PHE A 31 8.04 10.89 -9.98
CA PHE A 31 9.42 10.65 -9.56
C PHE A 31 10.34 10.37 -10.73
N ASP A 32 9.89 9.55 -11.67
CA ASP A 32 10.71 9.24 -12.84
C ASP A 32 10.84 10.45 -13.75
N VAL A 33 9.84 11.32 -13.76
CA VAL A 33 9.87 12.52 -14.59
C VAL A 33 10.89 13.52 -14.05
N VAL A 34 10.76 13.84 -12.76
CA VAL A 34 11.66 14.78 -12.10
C VAL A 34 13.12 14.31 -12.15
N LYS A 35 13.33 13.02 -11.90
CA LYS A 35 14.66 12.44 -11.92
C LYS A 35 15.35 12.65 -13.26
N GLU A 36 14.61 12.43 -14.34
CA GLU A 36 15.18 12.59 -15.68
C GLU A 36 15.35 14.07 -16.02
N SER A 37 14.47 14.91 -15.53
CA SER A 37 14.50 16.34 -15.79
C SER A 37 15.75 16.97 -15.23
N VAL A 38 16.11 16.64 -13.99
CA VAL A 38 17.31 17.21 -13.36
C VAL A 38 18.57 16.78 -14.10
N ASN A 39 18.52 15.59 -14.72
CA ASN A 39 19.66 15.09 -15.48
C ASN A 39 19.90 15.96 -16.69
N GLU A 40 18.82 16.22 -17.43
CA GLU A 40 18.87 17.07 -18.62
C GLU A 40 19.32 18.48 -18.25
N LEU A 41 18.77 18.98 -17.15
CA LEU A 41 19.07 20.31 -16.66
C LEU A 41 20.57 20.44 -16.34
N SER A 42 21.14 19.39 -15.77
CA SER A 42 22.55 19.39 -15.41
C SER A 42 23.43 19.47 -16.66
N GLU A 43 23.01 18.80 -17.72
CA GLU A 43 23.76 18.78 -18.97
C GLU A 43 23.85 20.19 -19.56
N LYS A 44 22.75 20.93 -19.51
CA LYS A 44 22.72 22.29 -20.05
C LYS A 44 23.52 23.24 -19.16
N ALA A 45 23.34 23.08 -17.85
CA ALA A 45 24.02 23.93 -16.85
C ALA A 45 25.54 23.79 -16.94
N LYS A 46 26.00 22.62 -17.35
CA LYS A 46 27.42 22.33 -17.47
C LYS A 46 28.09 23.24 -18.52
N THR A 47 27.29 23.77 -19.44
CA THR A 47 27.79 24.63 -20.50
C THR A 47 27.77 26.11 -20.12
N ASP A 48 27.50 26.41 -18.85
CA ASP A 48 27.46 27.79 -18.41
C ASP A 48 27.94 27.93 -16.96
N PRO A 49 28.84 28.88 -16.69
CA PRO A 49 29.38 29.10 -15.35
C PRO A 49 28.31 29.48 -14.33
N GLN A 50 27.38 30.35 -14.74
CA GLN A 50 26.31 30.79 -13.86
C GLN A 50 25.33 29.64 -13.61
N ALA A 51 24.94 28.96 -14.68
CA ALA A 51 24.02 27.84 -14.58
C ALA A 51 24.60 26.74 -13.70
N ALA A 52 25.92 26.56 -13.78
CA ALA A 52 26.60 25.56 -12.97
C ALA A 52 26.48 25.89 -11.48
N GLU A 53 26.43 27.18 -11.17
CA GLU A 53 26.30 27.64 -9.80
C GLU A 53 24.87 27.41 -9.31
N LYS A 54 23.93 27.49 -10.22
CA LYS A 54 22.53 27.28 -9.90
C LYS A 54 22.29 25.82 -9.56
N LEU A 55 22.86 24.95 -10.40
CA LEU A 55 22.73 23.50 -10.20
C LEU A 55 23.48 23.06 -8.95
N ASN A 56 24.49 23.84 -8.59
CA ASN A 56 25.32 23.58 -7.41
C ASN A 56 24.47 23.59 -6.15
N LYS A 57 23.70 24.65 -5.98
CA LYS A 57 22.83 24.79 -4.81
C LYS A 57 21.60 23.90 -4.94
N LEU A 58 21.14 23.70 -6.17
CA LEU A 58 19.98 22.87 -6.44
C LEU A 58 20.20 21.45 -5.90
N ILE A 59 21.34 20.87 -6.26
CA ILE A 59 21.67 19.52 -5.81
C ILE A 59 21.95 19.49 -4.31
N GLU A 60 22.53 20.57 -3.79
CA GLU A 60 22.85 20.66 -2.37
C GLU A 60 21.58 20.57 -1.52
N GLY A 61 20.50 21.12 -2.05
CA GLY A 61 19.22 21.09 -1.35
C GLY A 61 18.69 19.69 -1.15
N TYR A 62 19.09 18.79 -2.06
CA TYR A 62 18.65 17.40 -2.00
C TYR A 62 19.20 16.71 -0.75
N THR A 63 20.35 17.18 -0.29
CA THR A 63 20.98 16.62 0.89
C THR A 63 20.19 16.96 2.14
N TYR A 64 19.46 18.08 2.08
CA TYR A 64 18.64 18.52 3.20
C TYR A 64 17.19 18.18 2.95
N GLY A 65 16.98 17.09 2.24
CA GLY A 65 15.64 16.65 1.91
C GLY A 65 14.93 15.99 3.08
N GLU A 66 14.65 16.78 4.12
CA GLU A 66 13.94 16.28 5.30
C GLU A 66 12.57 15.76 4.90
N GLU A 67 11.99 16.39 3.89
CA GLU A 67 10.68 16.01 3.40
C GLU A 67 10.72 14.61 2.77
N ARG A 68 11.83 14.30 2.11
CA ARG A 68 12.01 13.00 1.49
C ARG A 68 12.09 11.93 2.57
N LYS A 69 12.70 12.30 3.69
CA LYS A 69 12.81 11.40 4.83
C LYS A 69 11.43 11.14 5.41
N LEU A 70 10.61 12.19 5.42
CA LEU A 70 9.25 12.11 5.93
C LEU A 70 8.42 11.17 5.08
N TYR A 71 8.62 11.21 3.77
CA TYR A 71 7.89 10.36 2.84
C TYR A 71 8.26 8.89 3.06
N ASP A 72 9.52 8.66 3.44
CA ASP A 72 9.99 7.29 3.70
C ASP A 72 9.26 6.71 4.90
N SER A 73 9.13 7.53 5.94
CA SER A 73 8.44 7.12 7.16
C SER A 73 6.95 6.91 6.87
N ALA A 74 6.43 7.67 5.91
CA ALA A 74 5.03 7.59 5.52
C ALA A 74 4.74 6.26 4.86
N LEU A 75 5.63 5.84 3.95
CA LEU A 75 5.46 4.56 3.26
C LEU A 75 5.59 3.42 4.26
N SER A 76 6.41 3.64 5.29
CA SER A 76 6.61 2.64 6.33
C SER A 76 5.31 2.38 7.09
N LYS A 77 4.45 3.41 7.14
CA LYS A 77 3.17 3.30 7.83
C LYS A 77 2.24 2.37 7.03
N ILE A 78 2.35 2.43 5.71
CA ILE A 78 1.56 1.59 4.82
C ILE A 78 1.97 0.13 5.01
N GLU A 79 3.28 -0.08 5.13
CA GLU A 79 3.82 -1.42 5.34
C GLU A 79 3.28 -2.00 6.65
N LYS A 80 3.15 -1.15 7.66
CA LYS A 80 2.64 -1.58 8.96
C LYS A 80 1.20 -2.07 8.83
N LEU A 81 0.41 -1.40 8.01
CA LEU A 81 -0.98 -1.77 7.80
C LEU A 81 -1.06 -3.18 7.23
N ILE A 82 -0.19 -3.46 6.26
CA ILE A 82 -0.15 -4.77 5.62
C ILE A 82 0.29 -5.82 6.63
N GLU A 83 1.26 -5.47 7.46
CA GLU A 83 1.76 -6.38 8.49
C GLU A 83 0.69 -6.63 9.55
N THR A 84 -0.21 -5.66 9.73
CA THR A 84 -1.29 -5.78 10.70
C THR A 84 -2.38 -6.72 10.18
N LEU A 85 -2.52 -6.78 8.86
CA LEU A 85 -3.52 -7.64 8.24
C LEU A 85 -3.06 -9.09 8.23
N SER A 86 -1.78 -9.29 7.95
CA SER A 86 -1.22 -10.64 7.91
C SER A 86 0.28 -10.58 8.28
N PRO A 87 0.58 -10.74 9.58
CA PRO A 87 1.96 -10.70 10.08
C PRO A 87 2.83 -11.82 9.49
N ALA A 88 2.26 -13.01 9.41
CA ALA A 88 2.94 -14.20 8.87
C ALA A 88 4.12 -14.64 9.75
N ARG A 89 5.18 -13.86 9.74
CA ARG A 89 6.37 -14.18 10.51
C ARG A 89 6.48 -13.34 11.79
N SER A 90 6.33 -12.02 11.64
CA SER A 90 6.43 -11.11 12.77
C SER A 90 5.13 -11.08 13.58
N LYS A 91 4.77 -12.22 14.16
CA LYS A 91 3.56 -12.31 14.96
C LYS A 91 3.77 -11.66 16.32
N SER A 92 3.10 -10.53 16.53
CA SER A 92 3.21 -9.80 17.79
C SER A 92 2.31 -10.41 18.86
N GLN A 93 2.62 -11.63 19.27
CA GLN A 93 1.85 -12.33 20.30
C GLN A 93 2.78 -13.12 21.19
N SER A 94 2.22 -13.72 22.23
CA SER A 94 3.01 -14.52 23.17
C SER A 94 3.45 -15.83 22.54
N THR A 95 4.74 -16.13 22.65
CA THR A 95 5.32 -17.35 22.10
C THR A 95 6.82 -17.42 22.42
N MET A 96 7.47 -16.26 22.39
CA MET A 96 8.89 -16.18 22.67
C MET A 96 9.10 -15.37 23.93
N ASN A 97 8.87 -15.99 25.08
CA ASN A 97 9.02 -15.32 26.36
C ASN A 97 10.06 -16.02 27.21
N GLN A 98 10.61 -15.30 28.18
CA GLN A 98 11.63 -15.86 29.07
C GLN A 98 11.01 -16.88 30.01
N ARG A 99 11.45 -18.12 29.92
CA ARG A 99 10.93 -19.19 30.75
C ARG A 99 11.64 -19.21 32.10
N ASN A 100 11.29 -18.28 32.96
CA ASN A 100 11.88 -18.20 34.30
C ASN A 100 11.15 -19.17 35.23
N ARG A 101 11.72 -19.41 36.40
CA ARG A 101 11.11 -20.32 37.36
C ARG A 101 10.15 -19.57 38.28
N ASN A 102 8.92 -19.37 37.81
CA ASN A 102 7.91 -18.69 38.60
C ASN A 102 6.83 -19.67 39.04
N ASN A 103 6.38 -19.52 40.28
CA ASN A 103 5.35 -20.40 40.83
C ASN A 103 3.96 -19.91 40.42
N ARG A 104 3.10 -20.85 40.03
CA ARG A 104 1.74 -20.51 39.61
C ARG A 104 0.82 -21.71 39.76
N LYS A 105 -0.47 -21.49 39.62
CA LYS A 105 -1.45 -22.55 39.72
C LYS A 105 -1.66 -23.21 38.36
N ILE A 106 -1.06 -24.38 38.17
CA ILE A 106 -1.17 -25.11 36.92
C ILE A 106 -2.26 -26.17 36.99
N VAL A 107 -2.75 -26.42 38.19
CA VAL A 107 -3.80 -27.42 38.39
C VAL A 107 -5.16 -26.74 38.53
N MET B 1 8.43 31.05 -13.29
CA MET B 1 7.45 30.48 -12.37
C MET B 1 7.71 28.99 -12.17
N SER B 2 8.96 28.64 -12.08
CA SER B 2 9.39 27.27 -11.87
C SER B 2 9.10 26.82 -10.47
N ILE B 3 9.17 27.77 -9.53
CA ILE B 3 8.95 27.46 -8.11
C ILE B 3 7.48 27.14 -7.86
N VAL B 4 6.59 27.69 -8.68
CA VAL B 4 5.17 27.45 -8.53
C VAL B 4 4.82 26.03 -8.96
N SER B 5 5.61 25.49 -9.87
CA SER B 5 5.43 24.13 -10.35
C SER B 5 5.89 23.12 -9.31
N GLN B 6 7.06 23.43 -8.74
CA GLN B 6 7.66 22.56 -7.72
C GLN B 6 6.76 22.44 -6.50
N THR B 7 6.25 23.58 -6.03
CA THR B 7 5.38 23.59 -4.86
C THR B 7 4.04 22.92 -5.15
N ARG B 8 3.55 23.04 -6.37
CA ARG B 8 2.28 22.44 -6.75
C ARG B 8 2.41 20.93 -6.87
N ASN B 9 3.54 20.48 -7.42
CA ASN B 9 3.78 19.05 -7.58
C ASN B 9 3.99 18.37 -6.23
N LYS B 10 4.88 18.95 -5.41
CA LYS B 10 5.20 18.40 -4.10
C LYS B 10 3.98 18.34 -3.20
N GLU B 11 3.20 19.42 -3.19
CA GLU B 11 2.00 19.50 -2.37
C GLU B 11 0.94 18.49 -2.84
N LEU B 12 0.84 18.33 -4.15
CA LEU B 12 -0.12 17.41 -4.75
C LEU B 12 0.11 15.99 -4.27
N LEU B 13 1.34 15.50 -4.44
CA LEU B 13 1.67 14.14 -4.05
C LEU B 13 1.46 13.94 -2.54
N LEU B 14 1.78 14.96 -1.76
CA LEU B 14 1.62 14.91 -0.31
C LEU B 14 0.16 14.68 0.08
N LYS B 15 -0.73 15.47 -0.50
CA LYS B 15 -2.15 15.38 -0.20
C LYS B 15 -2.76 14.08 -0.72
N LYS B 16 -2.28 13.59 -1.85
CA LYS B 16 -2.81 12.36 -2.43
C LYS B 16 -2.45 11.17 -1.54
N ILE B 17 -1.30 11.24 -0.89
CA ILE B 17 -0.86 10.17 0.00
C ILE B 17 -1.55 10.29 1.35
N ASP B 18 -1.88 11.51 1.74
CA ASP B 18 -2.56 11.76 3.01
C ASP B 18 -3.94 11.09 3.01
N SER B 19 -4.70 11.31 1.95
CA SER B 19 -6.02 10.72 1.81
C SER B 19 -5.90 9.21 1.61
N LEU B 20 -4.79 8.80 1.01
CA LEU B 20 -4.50 7.39 0.73
C LEU B 20 -4.55 6.55 1.99
N ILE B 21 -3.79 6.94 3.00
CA ILE B 21 -3.74 6.20 4.27
C ILE B 21 -5.09 6.24 5.00
N GLU B 22 -5.84 7.33 4.80
CA GLU B 22 -7.14 7.47 5.44
C GLU B 22 -8.12 6.41 4.94
N ALA B 23 -8.15 6.23 3.63
CA ALA B 23 -9.04 5.24 3.02
C ALA B 23 -8.68 3.83 3.48
N ILE B 24 -7.39 3.51 3.44
CA ILE B 24 -6.91 2.20 3.84
C ILE B 24 -7.19 1.95 5.32
N LYS B 25 -7.06 2.99 6.14
CA LYS B 25 -7.33 2.89 7.56
C LYS B 25 -8.82 2.64 7.81
N LYS B 26 -9.65 3.19 6.94
CA LYS B 26 -11.09 3.02 7.06
C LYS B 26 -11.48 1.59 6.72
N ILE B 27 -10.76 1.01 5.75
CA ILE B 27 -11.02 -0.36 5.32
C ILE B 27 -10.90 -1.34 6.48
N ILE B 28 -9.76 -1.30 7.17
CA ILE B 28 -9.51 -2.20 8.29
C ILE B 28 -10.47 -1.94 9.44
N ALA B 29 -10.83 -0.66 9.63
CA ALA B 29 -11.74 -0.27 10.70
C ALA B 29 -13.14 -0.84 10.49
N GLU B 30 -13.66 -0.68 9.28
CA GLU B 30 -15.00 -1.17 8.95
C GLU B 30 -15.09 -2.68 9.15
N PHE B 31 -14.04 -3.39 8.75
CA PHE B 31 -13.99 -4.84 8.88
C PHE B 31 -14.26 -5.28 10.32
N ASP B 32 -13.60 -4.62 11.26
CA ASP B 32 -13.75 -4.94 12.68
C ASP B 32 -15.16 -4.66 13.18
N VAL B 33 -15.69 -3.51 12.79
CA VAL B 33 -17.04 -3.09 13.20
C VAL B 33 -18.11 -3.99 12.60
N VAL B 34 -18.05 -4.18 11.27
CA VAL B 34 -19.02 -5.02 10.58
C VAL B 34 -19.02 -6.43 11.14
N LYS B 35 -17.83 -6.94 11.44
CA LYS B 35 -17.68 -8.29 11.98
C LYS B 35 -18.47 -8.44 13.28
N GLU B 36 -18.40 -7.41 14.12
CA GLU B 36 -19.09 -7.42 15.40
C GLU B 36 -20.60 -7.17 15.24
N SER B 37 -20.95 -6.27 14.34
CA SER B 37 -22.35 -5.92 14.09
C SER B 37 -23.14 -7.13 13.65
N VAL B 38 -22.65 -7.85 12.65
CA VAL B 38 -23.33 -9.03 12.15
C VAL B 38 -23.41 -10.12 13.21
N ASN B 39 -22.44 -10.09 14.12
CA ASN B 39 -22.37 -11.07 15.21
C ASN B 39 -23.60 -10.96 16.12
N GLU B 40 -23.88 -9.74 16.59
CA GLU B 40 -25.02 -9.51 17.48
C GLU B 40 -26.33 -9.50 16.70
N LEU B 41 -26.27 -9.19 15.42
CA LEU B 41 -27.46 -9.15 14.58
C LEU B 41 -27.98 -10.56 14.38
N SER B 42 -27.07 -11.48 14.08
CA SER B 42 -27.41 -12.87 13.87
C SER B 42 -28.04 -13.45 15.13
N GLU B 43 -27.55 -13.00 16.28
CA GLU B 43 -28.06 -13.45 17.58
C GLU B 43 -29.55 -13.13 17.73
N LYS B 44 -29.94 -11.94 17.31
CA LYS B 44 -31.34 -11.52 17.43
C LYS B 44 -32.21 -12.19 16.37
N ALA B 45 -31.70 -12.26 15.15
CA ALA B 45 -32.43 -12.86 14.04
C ALA B 45 -32.77 -14.33 14.29
N LYS B 46 -31.87 -15.02 14.96
CA LYS B 46 -32.05 -16.43 15.29
C LYS B 46 -33.25 -16.66 16.18
N THR B 47 -33.78 -15.60 16.76
CA THR B 47 -34.92 -15.71 17.66
C THR B 47 -36.26 -15.49 16.92
N ASP B 48 -36.20 -15.26 15.61
CA ASP B 48 -37.43 -15.03 14.83
C ASP B 48 -37.39 -15.79 13.50
N PRO B 49 -38.48 -16.48 13.14
CA PRO B 49 -38.56 -17.27 11.90
C PRO B 49 -38.35 -16.43 10.64
N GLN B 50 -38.87 -15.21 10.63
CA GLN B 50 -38.73 -14.33 9.47
C GLN B 50 -37.31 -13.77 9.40
N ALA B 51 -36.81 -13.32 10.54
CA ALA B 51 -35.46 -12.77 10.63
C ALA B 51 -34.41 -13.83 10.33
N ALA B 52 -34.66 -15.05 10.81
CA ALA B 52 -33.73 -16.17 10.58
C ALA B 52 -33.55 -16.42 9.10
N GLU B 53 -34.65 -16.30 8.35
CA GLU B 53 -34.62 -16.50 6.90
C GLU B 53 -33.75 -15.44 6.24
N LYS B 54 -33.85 -14.22 6.72
CA LYS B 54 -33.09 -13.10 6.18
C LYS B 54 -31.60 -13.28 6.44
N LEU B 55 -31.24 -13.68 7.65
CA LEU B 55 -29.84 -13.87 8.02
C LEU B 55 -29.27 -15.10 7.32
N ASN B 56 -30.15 -16.06 7.01
CA ASN B 56 -29.76 -17.28 6.32
C ASN B 56 -29.18 -16.93 4.95
N LYS B 57 -29.82 -15.97 4.30
CA LYS B 57 -29.38 -15.53 2.99
C LYS B 57 -28.24 -14.54 3.09
N LEU B 58 -28.21 -13.78 4.19
CA LEU B 58 -27.16 -12.79 4.42
C LEU B 58 -25.79 -13.48 4.57
N ILE B 59 -25.73 -14.49 5.43
CA ILE B 59 -24.48 -15.20 5.67
C ILE B 59 -24.05 -15.98 4.40
N GLU B 60 -25.04 -16.49 3.67
CA GLU B 60 -24.75 -17.22 2.45
C GLU B 60 -24.14 -16.27 1.43
N GLY B 61 -24.67 -15.06 1.39
CA GLY B 61 -24.19 -14.05 0.48
C GLY B 61 -22.78 -13.61 0.83
N TYR B 62 -22.50 -13.50 2.13
CA TYR B 62 -21.18 -13.10 2.60
C TYR B 62 -20.15 -14.18 2.28
N THR B 63 -20.61 -15.43 2.26
CA THR B 63 -19.74 -16.56 1.94
C THR B 63 -19.29 -16.47 0.48
N TYR B 64 -20.15 -15.92 -0.35
CA TYR B 64 -19.85 -15.74 -1.77
C TYR B 64 -19.53 -14.29 -2.06
N GLY B 65 -18.96 -13.62 -1.06
CA GLY B 65 -18.60 -12.23 -1.20
C GLY B 65 -17.29 -12.06 -1.94
N GLU B 66 -17.31 -12.34 -3.23
CA GLU B 66 -16.12 -12.22 -4.07
C GLU B 66 -15.63 -10.78 -4.10
N GLU B 67 -16.55 -9.84 -3.92
CA GLU B 67 -16.22 -8.42 -3.91
C GLU B 67 -15.35 -8.09 -2.70
N ARG B 68 -15.57 -8.84 -1.62
CA ARG B 68 -14.79 -8.66 -0.39
C ARG B 68 -13.35 -9.08 -0.67
N LYS B 69 -13.23 -10.13 -1.47
CA LYS B 69 -11.93 -10.66 -1.87
C LYS B 69 -11.25 -9.67 -2.81
N LEU B 70 -12.06 -8.91 -3.53
CA LEU B 70 -11.56 -7.90 -4.46
C LEU B 70 -10.80 -6.82 -3.69
N TYR B 71 -11.33 -6.45 -2.53
CA TYR B 71 -10.69 -5.44 -1.69
C TYR B 71 -9.37 -5.99 -1.16
N ASP B 72 -9.36 -7.27 -0.85
CA ASP B 72 -8.16 -7.95 -0.35
C ASP B 72 -7.05 -7.91 -1.42
N SER B 73 -7.44 -8.25 -2.64
CA SER B 73 -6.50 -8.26 -3.77
C SER B 73 -5.99 -6.85 -4.06
N ALA B 74 -6.77 -5.84 -3.67
CA ALA B 74 -6.40 -4.45 -3.90
C ALA B 74 -5.19 -4.08 -3.05
N LEU B 75 -5.18 -4.56 -1.80
CA LEU B 75 -4.05 -4.30 -0.90
C LEU B 75 -2.79 -4.98 -1.42
N SER B 76 -2.97 -6.09 -2.12
CA SER B 76 -1.85 -6.82 -2.69
C SER B 76 -1.23 -6.02 -3.82
N LYS B 77 -2.05 -5.20 -4.49
CA LYS B 77 -1.59 -4.36 -5.57
C LYS B 77 -0.73 -3.23 -5.02
N ILE B 78 -1.09 -2.79 -3.80
CA ILE B 78 -0.36 -1.73 -3.12
C ILE B 78 1.07 -2.18 -2.86
N GLU B 79 1.21 -3.42 -2.42
CA GLU B 79 2.52 -4.00 -2.13
C GLU B 79 3.39 -4.05 -3.39
N LYS B 80 2.76 -4.29 -4.54
CA LYS B 80 3.48 -4.35 -5.80
C LYS B 80 4.19 -3.04 -6.09
N LEU B 81 3.55 -1.93 -5.72
CA LEU B 81 4.13 -0.62 -5.92
C LEU B 81 5.28 -0.39 -4.94
N ILE B 82 5.12 -0.89 -3.73
CA ILE B 82 6.15 -0.76 -2.70
C ILE B 82 7.41 -1.52 -3.12
N GLU B 83 7.21 -2.64 -3.81
CA GLU B 83 8.32 -3.47 -4.28
C GLU B 83 9.18 -2.69 -5.27
N THR B 84 8.57 -1.76 -5.99
CA THR B 84 9.29 -0.94 -6.95
C THR B 84 10.08 0.17 -6.25
N LEU B 85 9.52 0.66 -5.14
CA LEU B 85 10.17 1.70 -4.36
C LEU B 85 11.37 1.13 -3.62
N SER B 86 11.15 0.01 -2.94
CA SER B 86 12.20 -0.66 -2.20
C SER B 86 12.32 -2.10 -2.70
N PRO B 87 13.06 -2.30 -3.80
CA PRO B 87 13.26 -3.62 -4.42
C PRO B 87 14.06 -4.57 -3.54
N ALA B 88 14.97 -4.02 -2.74
CA ALA B 88 15.83 -4.79 -1.85
C ALA B 88 16.74 -5.72 -2.64
N ARG B 89 16.24 -6.91 -2.97
CA ARG B 89 17.01 -7.88 -3.73
C ARG B 89 16.41 -8.08 -5.11
N SER B 90 15.08 -8.02 -5.19
CA SER B 90 14.38 -8.21 -6.44
C SER B 90 14.26 -6.87 -7.18
N LYS B 91 15.36 -6.45 -7.79
CA LYS B 91 15.42 -5.18 -8.51
C LYS B 91 15.48 -5.41 -10.01
N SER B 92 14.93 -4.46 -10.76
CA SER B 92 14.92 -4.53 -12.21
C SER B 92 16.14 -3.80 -12.79
N GLN B 93 17.01 -4.55 -13.46
CA GLN B 93 18.22 -3.97 -14.03
C GLN B 93 18.40 -4.44 -15.46
N SER B 94 19.36 -3.85 -16.17
CA SER B 94 19.63 -4.23 -17.54
C SER B 94 20.47 -5.51 -17.58
N THR B 95 19.87 -6.60 -17.11
CA THR B 95 20.55 -7.88 -17.08
C THR B 95 19.61 -9.02 -17.43
N MET B 96 20.13 -10.01 -18.14
CA MET B 96 19.36 -11.17 -18.52
C MET B 96 20.24 -12.40 -18.48
N ASN B 97 19.69 -13.52 -18.05
CA ASN B 97 20.45 -14.75 -17.96
C ASN B 97 19.94 -15.76 -18.98
N GLN B 98 20.52 -15.73 -20.18
CA GLN B 98 20.13 -16.64 -21.25
C GLN B 98 21.35 -17.22 -21.95
N ARG B 99 22.30 -16.37 -22.28
CA ARG B 99 23.52 -16.82 -22.96
C ARG B 99 24.49 -17.41 -21.96
N ASN B 100 24.62 -18.73 -21.99
CA ASN B 100 25.52 -19.45 -21.09
C ASN B 100 26.35 -20.45 -21.87
N ARG B 101 27.15 -21.24 -21.16
CA ARG B 101 27.98 -22.24 -21.81
C ARG B 101 27.35 -23.62 -21.71
N ASN B 102 26.67 -24.03 -22.76
CA ASN B 102 26.04 -25.34 -22.81
C ASN B 102 26.50 -26.08 -24.06
N ASN B 103 26.27 -27.37 -24.10
CA ASN B 103 26.68 -28.16 -25.25
C ASN B 103 25.47 -28.51 -26.12
N ARG B 104 25.29 -27.73 -27.17
CA ARG B 104 24.19 -27.98 -28.10
C ARG B 104 24.64 -28.93 -29.20
N LYS B 105 24.47 -30.22 -28.95
CA LYS B 105 24.85 -31.24 -29.92
C LYS B 105 23.61 -31.91 -30.49
N ILE B 106 23.69 -32.33 -31.75
CA ILE B 106 22.59 -33.00 -32.41
C ILE B 106 22.80 -34.51 -32.33
N VAL B 107 22.27 -35.25 -33.30
CA VAL B 107 22.41 -36.70 -33.31
C VAL B 107 23.80 -37.10 -33.83
N MET A 1 -36.02 2.88 1.88
CA MET A 1 -35.63 1.69 1.09
C MET A 1 -34.17 1.34 1.32
N SER A 2 -33.88 0.07 1.46
CA SER A 2 -32.53 -0.41 1.70
C SER A 2 -31.82 -0.72 0.40
N ILE A 3 -32.58 -1.09 -0.62
CA ILE A 3 -32.00 -1.44 -1.92
C ILE A 3 -31.22 -0.27 -2.53
N VAL A 4 -31.66 0.95 -2.26
CA VAL A 4 -31.02 2.15 -2.79
C VAL A 4 -29.72 2.44 -2.03
N SER A 5 -29.70 2.04 -0.76
CA SER A 5 -28.53 2.22 0.10
C SER A 5 -27.39 1.35 -0.37
N GLN A 6 -27.74 0.09 -0.64
CA GLN A 6 -26.76 -0.90 -1.08
C GLN A 6 -26.14 -0.52 -2.42
N THR A 7 -26.95 -0.03 -3.35
CA THR A 7 -26.46 0.35 -4.68
C THR A 7 -25.48 1.51 -4.61
N ARG A 8 -25.86 2.56 -3.89
CA ARG A 8 -25.00 3.74 -3.78
C ARG A 8 -23.75 3.45 -2.95
N ASN A 9 -23.90 2.68 -1.89
CA ASN A 9 -22.77 2.34 -1.01
C ASN A 9 -21.75 1.47 -1.74
N LYS A 10 -22.23 0.54 -2.55
CA LYS A 10 -21.35 -0.35 -3.30
C LYS A 10 -20.54 0.43 -4.34
N GLU A 11 -21.23 1.30 -5.07
CA GLU A 11 -20.59 2.12 -6.09
C GLU A 11 -19.48 2.98 -5.50
N LEU A 12 -19.81 3.65 -4.41
CA LEU A 12 -18.88 4.54 -3.72
C LEU A 12 -17.66 3.79 -3.21
N LEU A 13 -17.87 2.71 -2.47
CA LEU A 13 -16.79 1.93 -1.88
C LEU A 13 -15.78 1.43 -2.91
N LEU A 14 -16.26 0.93 -4.04
CA LEU A 14 -15.37 0.40 -5.06
C LEU A 14 -14.59 1.52 -5.74
N LYS A 15 -15.28 2.62 -6.07
CA LYS A 15 -14.64 3.75 -6.72
C LYS A 15 -13.65 4.44 -5.80
N LYS A 16 -13.90 4.36 -4.50
CA LYS A 16 -13.01 4.97 -3.51
C LYS A 16 -11.66 4.27 -3.51
N ILE A 17 -11.69 2.94 -3.39
CA ILE A 17 -10.47 2.15 -3.35
C ILE A 17 -9.81 2.08 -4.73
N ASP A 18 -10.62 2.08 -5.78
CA ASP A 18 -10.11 2.05 -7.15
C ASP A 18 -9.19 3.24 -7.40
N SER A 19 -9.64 4.41 -6.99
CA SER A 19 -8.87 5.64 -7.14
C SER A 19 -7.68 5.64 -6.19
N LEU A 20 -7.85 5.00 -5.06
CA LEU A 20 -6.81 4.93 -4.03
C LEU A 20 -5.52 4.33 -4.59
N ILE A 21 -5.61 3.15 -5.21
CA ILE A 21 -4.44 2.49 -5.78
C ILE A 21 -3.98 3.20 -7.06
N GLU A 22 -4.91 3.88 -7.72
CA GLU A 22 -4.60 4.62 -8.94
C GLU A 22 -3.69 5.80 -8.62
N ALA A 23 -3.97 6.45 -7.49
CA ALA A 23 -3.21 7.60 -7.06
C ALA A 23 -1.77 7.21 -6.71
N ILE A 24 -1.63 6.14 -5.94
CA ILE A 24 -0.31 5.66 -5.53
C ILE A 24 0.53 5.28 -6.75
N LYS A 25 -0.12 4.64 -7.72
CA LYS A 25 0.55 4.23 -8.94
C LYS A 25 0.99 5.45 -9.75
N LYS A 26 0.23 6.52 -9.66
CA LYS A 26 0.56 7.74 -10.38
C LYS A 26 1.80 8.39 -9.77
N ILE A 27 1.93 8.32 -8.46
CA ILE A 27 3.07 8.90 -7.76
C ILE A 27 4.37 8.31 -8.30
N ILE A 28 4.42 6.98 -8.39
CA ILE A 28 5.61 6.29 -8.89
C ILE A 28 5.88 6.65 -10.35
N ALA A 29 4.80 6.87 -11.10
CA ALA A 29 4.91 7.22 -12.52
C ALA A 29 5.55 8.60 -12.67
N GLU A 30 5.15 9.52 -11.81
CA GLU A 30 5.69 10.88 -11.84
C GLU A 30 7.18 10.86 -11.53
N PHE A 31 7.58 9.96 -10.64
CA PHE A 31 8.98 9.83 -10.27
C PHE A 31 9.82 9.53 -11.50
N ASP A 32 9.27 8.72 -12.40
CA ASP A 32 9.96 8.36 -13.64
C ASP A 32 10.01 9.58 -14.58
N VAL A 33 8.92 10.32 -14.63
CA VAL A 33 8.81 11.50 -15.48
C VAL A 33 9.80 12.58 -15.04
N VAL A 34 9.83 12.85 -13.74
CA VAL A 34 10.71 13.86 -13.17
C VAL A 34 12.17 13.57 -13.47
N LYS A 35 12.54 12.28 -13.42
CA LYS A 35 13.91 11.88 -13.69
C LYS A 35 14.33 12.25 -15.12
N GLU A 36 13.42 12.03 -16.06
CA GLU A 36 13.68 12.33 -17.45
C GLU A 36 13.65 13.85 -17.70
N SER A 37 12.80 14.54 -16.96
CA SER A 37 12.64 15.99 -17.06
C SER A 37 13.91 16.71 -16.67
N VAL A 38 14.49 16.33 -15.52
CA VAL A 38 15.71 16.98 -15.04
C VAL A 38 16.86 16.79 -16.02
N ASN A 39 16.84 15.70 -16.77
CA ASN A 39 17.89 15.43 -17.75
C ASN A 39 17.88 16.52 -18.81
N GLU A 40 16.71 16.82 -19.35
CA GLU A 40 16.55 17.84 -20.37
C GLU A 40 16.90 19.22 -19.82
N LEU A 41 16.53 19.46 -18.57
CA LEU A 41 16.79 20.74 -17.92
C LEU A 41 18.29 20.97 -17.76
N SER A 42 19.01 19.92 -17.38
CA SER A 42 20.44 20.00 -17.17
C SER A 42 21.17 20.28 -18.48
N GLU A 43 20.63 19.78 -19.58
CA GLU A 43 21.22 20.00 -20.89
C GLU A 43 21.23 21.48 -21.23
N LYS A 44 20.17 22.17 -20.81
CA LYS A 44 20.05 23.61 -21.06
C LYS A 44 20.90 24.41 -20.08
N ALA A 45 20.95 23.94 -18.83
CA ALA A 45 21.70 24.61 -17.77
C ALA A 45 23.21 24.50 -17.96
N LYS A 46 23.63 23.53 -18.77
CA LYS A 46 25.06 23.32 -19.03
C LYS A 46 25.69 24.50 -19.76
N THR A 47 24.87 25.26 -20.46
CA THR A 47 25.33 26.40 -21.22
C THR A 47 25.54 27.65 -20.35
N ASP A 48 25.36 27.51 -19.05
CA ASP A 48 25.52 28.63 -18.13
C ASP A 48 25.99 28.16 -16.76
N PRO A 49 27.19 28.59 -16.33
CA PRO A 49 27.75 28.20 -15.03
C PRO A 49 26.84 28.59 -13.86
N GLN A 50 26.03 29.62 -14.06
CA GLN A 50 25.11 30.06 -13.01
C GLN A 50 23.99 29.04 -12.86
N ALA A 51 23.42 28.64 -13.99
CA ALA A 51 22.35 27.66 -14.02
C ALA A 51 22.84 26.29 -13.56
N ALA A 52 24.09 25.97 -13.90
CA ALA A 52 24.69 24.70 -13.51
C ALA A 52 24.71 24.56 -12.00
N GLU A 53 25.03 25.66 -11.31
CA GLU A 53 25.07 25.67 -9.86
C GLU A 53 23.66 25.52 -9.28
N LYS A 54 22.65 25.98 -10.01
CA LYS A 54 21.27 25.86 -9.55
C LYS A 54 20.89 24.38 -9.47
N LEU A 55 21.45 23.59 -10.39
CA LEU A 55 21.17 22.16 -10.43
C LEU A 55 21.95 21.45 -9.32
N ASN A 56 23.13 21.97 -9.00
CA ASN A 56 23.99 21.41 -7.97
C ASN A 56 23.29 21.42 -6.61
N LYS A 57 22.73 22.57 -6.26
CA LYS A 57 22.02 22.72 -4.99
C LYS A 57 20.69 21.97 -5.02
N LEU A 58 20.09 21.89 -6.21
CA LEU A 58 18.81 21.21 -6.40
C LEU A 58 18.90 19.75 -5.94
N ILE A 59 19.90 19.04 -6.45
CA ILE A 59 20.09 17.63 -6.09
C ILE A 59 20.46 17.50 -4.61
N GLU A 60 21.19 18.47 -4.10
CA GLU A 60 21.61 18.48 -2.70
C GLU A 60 20.38 18.48 -1.80
N GLY A 61 19.40 19.31 -2.15
CA GLY A 61 18.18 19.41 -1.39
C GLY A 61 17.37 18.13 -1.45
N TYR A 62 17.47 17.42 -2.56
CA TYR A 62 16.75 16.15 -2.74
C TYR A 62 17.37 15.08 -1.86
N THR A 63 18.68 15.14 -1.71
CA THR A 63 19.42 14.18 -0.91
C THR A 63 19.15 14.39 0.59
N TYR A 64 18.98 15.64 0.98
CA TYR A 64 18.73 15.98 2.37
C TYR A 64 17.30 16.47 2.57
N GLY A 65 16.40 15.95 1.75
CA GLY A 65 15.01 16.36 1.83
C GLY A 65 14.28 15.74 3.00
N GLU A 66 13.80 16.59 3.90
CA GLU A 66 13.08 16.15 5.08
C GLU A 66 11.73 15.54 4.71
N GLU A 67 11.11 16.08 3.67
CA GLU A 67 9.82 15.58 3.22
C GLU A 67 9.96 14.19 2.63
N ARG A 68 11.09 13.93 1.98
CA ARG A 68 11.36 12.62 1.40
C ARG A 68 11.44 11.58 2.53
N LYS A 69 11.95 12.02 3.67
CA LYS A 69 12.07 11.17 4.84
C LYS A 69 10.68 10.88 5.41
N LEU A 70 9.83 11.90 5.37
CA LEU A 70 8.46 11.79 5.86
C LEU A 70 7.67 10.77 5.04
N TYR A 71 7.90 10.77 3.72
CA TYR A 71 7.21 9.82 2.83
C TYR A 71 7.61 8.40 3.18
N ASP A 72 8.88 8.21 3.48
CA ASP A 72 9.39 6.89 3.85
C ASP A 72 8.76 6.41 5.15
N SER A 73 8.60 7.35 6.08
CA SER A 73 8.00 7.05 7.39
C SER A 73 6.53 6.67 7.22
N ALA A 74 5.88 7.26 6.22
CA ALA A 74 4.48 6.98 5.94
C ALA A 74 4.32 5.56 5.42
N LEU A 75 5.31 5.10 4.65
CA LEU A 75 5.28 3.76 4.09
C LEU A 75 5.35 2.74 5.23
N SER A 76 6.07 3.09 6.29
CA SER A 76 6.21 2.21 7.45
C SER A 76 4.86 2.04 8.14
N LYS A 77 4.02 3.07 8.04
CA LYS A 77 2.69 3.05 8.64
C LYS A 77 1.81 2.08 7.87
N ILE A 78 2.01 2.02 6.55
CA ILE A 78 1.25 1.12 5.70
C ILE A 78 1.62 -0.32 6.03
N GLU A 79 2.90 -0.55 6.30
CA GLU A 79 3.38 -1.87 6.67
C GLU A 79 2.73 -2.31 7.98
N LYS A 80 2.43 -1.34 8.85
CA LYS A 80 1.77 -1.61 10.13
C LYS A 80 0.37 -2.18 9.88
N LEU A 81 -0.29 -1.69 8.84
CA LEU A 81 -1.62 -2.17 8.49
C LEU A 81 -1.54 -3.61 8.02
N ILE A 82 -0.51 -3.89 7.23
CA ILE A 82 -0.29 -5.25 6.73
C ILE A 82 -0.05 -6.19 7.90
N GLU A 83 0.68 -5.69 8.89
CA GLU A 83 0.99 -6.46 10.09
C GLU A 83 -0.25 -6.62 10.99
N THR A 84 -1.03 -5.57 11.12
CA THR A 84 -2.25 -5.59 11.93
C THR A 84 -3.26 -6.57 11.36
N LEU A 85 -3.25 -6.73 10.05
CA LEU A 85 -4.17 -7.64 9.37
C LEU A 85 -3.83 -9.08 9.71
N SER A 86 -2.54 -9.36 9.83
CA SER A 86 -2.08 -10.70 10.14
C SER A 86 -1.06 -10.68 11.28
N PRO A 87 -1.55 -10.71 12.54
CA PRO A 87 -0.67 -10.70 13.73
C PRO A 87 0.41 -11.79 13.66
N ALA A 88 0.07 -12.89 12.98
CA ALA A 88 0.98 -14.02 12.79
C ALA A 88 1.54 -14.56 14.10
N ARG A 89 2.80 -14.23 14.39
CA ARG A 89 3.46 -14.70 15.60
C ARG A 89 3.99 -13.53 16.43
N SER A 90 3.28 -12.41 16.37
CA SER A 90 3.68 -11.23 17.12
C SER A 90 3.56 -11.48 18.63
N LYS A 91 4.55 -11.04 19.37
CA LYS A 91 4.55 -11.24 20.81
C LYS A 91 4.57 -9.91 21.56
N SER A 92 3.54 -9.09 21.35
CA SER A 92 3.44 -7.81 22.02
C SER A 92 3.31 -8.03 23.53
N GLN A 93 4.30 -7.59 24.29
CA GLN A 93 4.30 -7.78 25.72
C GLN A 93 3.77 -6.55 26.45
N SER A 94 2.62 -6.70 27.07
CA SER A 94 1.99 -5.63 27.81
C SER A 94 2.43 -5.66 29.28
N THR A 95 3.72 -5.84 29.48
CA THR A 95 4.29 -5.91 30.82
C THR A 95 5.70 -5.31 30.82
N MET A 96 6.12 -4.80 31.98
CA MET A 96 7.44 -4.21 32.11
C MET A 96 8.09 -4.60 33.43
N ASN A 97 9.29 -5.17 33.34
CA ASN A 97 10.02 -5.59 34.53
C ASN A 97 11.35 -4.85 34.57
N GLN A 98 11.67 -4.29 35.73
CA GLN A 98 12.92 -3.56 35.88
C GLN A 98 13.75 -4.11 37.04
N ARG A 99 13.65 -5.41 37.28
CA ARG A 99 14.40 -6.04 38.35
C ARG A 99 15.68 -6.66 37.79
N ASN A 100 16.74 -5.87 37.76
CA ASN A 100 18.01 -6.34 37.24
C ASN A 100 18.87 -6.88 38.38
N ARG A 101 18.53 -8.07 38.84
CA ARG A 101 19.25 -8.71 39.92
C ARG A 101 19.60 -10.14 39.55
N ASN A 102 20.88 -10.49 39.66
CA ASN A 102 21.34 -11.83 39.33
C ASN A 102 20.98 -12.78 40.46
N ASN A 103 20.23 -13.82 40.14
CA ASN A 103 19.80 -14.79 41.13
C ASN A 103 20.29 -16.19 40.78
N ARG A 104 20.95 -16.32 39.62
CA ARG A 104 21.47 -17.60 39.15
C ARG A 104 20.38 -18.66 39.09
N LYS A 105 19.34 -18.37 38.31
CA LYS A 105 18.23 -19.31 38.18
C LYS A 105 18.41 -20.11 36.88
N ILE A 106 18.67 -21.40 37.03
CA ILE A 106 18.85 -22.26 35.87
C ILE A 106 17.51 -22.69 35.30
N VAL A 107 17.41 -22.67 33.97
CA VAL A 107 16.20 -23.05 33.24
C VAL A 107 15.10 -22.01 33.39
N MET B 1 10.90 32.04 -11.82
CA MET B 1 10.20 31.51 -10.65
C MET B 1 10.54 30.04 -10.45
N SER B 2 11.19 29.75 -9.35
CA SER B 2 11.62 28.39 -9.02
C SER B 2 10.90 27.87 -7.80
N ILE B 3 10.84 28.70 -6.76
CA ILE B 3 10.23 28.33 -5.49
C ILE B 3 8.76 27.95 -5.64
N VAL B 4 8.05 28.59 -6.56
CA VAL B 4 6.64 28.31 -6.78
C VAL B 4 6.42 26.87 -7.26
N SER B 5 7.37 26.35 -8.01
CA SER B 5 7.28 24.98 -8.54
C SER B 5 7.56 23.97 -7.45
N GLN B 6 8.60 24.23 -6.67
CA GLN B 6 8.99 23.33 -5.60
C GLN B 6 7.89 23.22 -4.55
N THR B 7 7.29 24.34 -4.19
CA THR B 7 6.24 24.34 -3.20
C THR B 7 4.98 23.63 -3.69
N ARG B 8 4.70 23.77 -4.98
CA ARG B 8 3.51 23.14 -5.56
C ARG B 8 3.71 21.64 -5.70
N ASN B 9 4.87 21.23 -6.17
CA ASN B 9 5.17 19.82 -6.36
C ASN B 9 5.23 19.09 -5.02
N LYS B 10 5.97 19.66 -4.07
CA LYS B 10 6.12 19.06 -2.75
C LYS B 10 4.78 18.95 -2.03
N GLU B 11 3.97 19.98 -2.13
CA GLU B 11 2.65 19.98 -1.48
C GLU B 11 1.75 18.90 -2.08
N LEU B 12 1.92 18.65 -3.38
CA LEU B 12 1.13 17.65 -4.06
C LEU B 12 1.39 16.26 -3.50
N LEU B 13 2.67 15.87 -3.51
CA LEU B 13 3.07 14.55 -3.02
C LEU B 13 2.74 14.41 -1.53
N LEU B 14 2.98 15.47 -0.77
CA LEU B 14 2.74 15.47 0.66
C LEU B 14 1.27 15.26 1.01
N LYS B 15 0.40 16.06 0.43
CA LYS B 15 -1.03 15.98 0.72
C LYS B 15 -1.64 14.66 0.24
N LYS B 16 -1.20 14.19 -0.93
CA LYS B 16 -1.74 12.97 -1.50
C LYS B 16 -1.34 11.74 -0.69
N ILE B 17 -0.10 11.73 -0.18
CA ILE B 17 0.40 10.62 0.59
C ILE B 17 -0.10 10.66 2.04
N ASP B 18 -0.20 11.85 2.62
CA ASP B 18 -0.68 11.97 4.00
C ASP B 18 -2.13 11.51 4.10
N SER B 19 -2.94 11.89 3.12
CA SER B 19 -4.33 11.48 3.09
C SER B 19 -4.44 9.99 2.76
N LEU B 20 -3.46 9.49 2.01
CA LEU B 20 -3.43 8.09 1.62
C LEU B 20 -3.47 7.17 2.83
N ILE B 21 -2.59 7.42 3.80
CA ILE B 21 -2.55 6.60 5.01
C ILE B 21 -3.81 6.78 5.84
N GLU B 22 -4.40 7.98 5.77
CA GLU B 22 -5.63 8.26 6.50
C GLU B 22 -6.78 7.41 5.95
N ALA B 23 -6.79 7.21 4.64
CA ALA B 23 -7.81 6.41 3.99
C ALA B 23 -7.69 4.94 4.38
N ILE B 24 -6.49 4.38 4.24
CA ILE B 24 -6.24 2.98 4.60
C ILE B 24 -6.54 2.76 6.09
N LYS B 25 -6.16 3.74 6.89
CA LYS B 25 -6.37 3.70 8.33
C LYS B 25 -7.87 3.66 8.66
N LYS B 26 -8.66 4.30 7.82
CA LYS B 26 -10.10 4.35 8.01
C LYS B 26 -10.75 3.02 7.62
N ILE B 27 -10.23 2.39 6.57
CA ILE B 27 -10.77 1.12 6.09
C ILE B 27 -10.67 0.03 7.16
N ILE B 28 -9.52 -0.06 7.83
CA ILE B 28 -9.32 -1.08 8.87
C ILE B 28 -10.30 -0.85 10.03
N ALA B 29 -10.61 0.41 10.28
CA ALA B 29 -11.52 0.78 11.34
C ALA B 29 -12.92 0.25 11.07
N GLU B 30 -13.37 0.41 9.83
CA GLU B 30 -14.69 -0.05 9.42
C GLU B 30 -14.79 -1.56 9.55
N PHE B 31 -13.71 -2.26 9.20
CA PHE B 31 -13.67 -3.72 9.26
C PHE B 31 -14.00 -4.24 10.66
N ASP B 32 -13.44 -3.59 11.69
CA ASP B 32 -13.66 -3.99 13.08
C ASP B 32 -15.12 -3.75 13.47
N VAL B 33 -15.65 -2.61 13.04
CA VAL B 33 -17.03 -2.25 13.33
C VAL B 33 -18.01 -3.19 12.62
N VAL B 34 -17.74 -3.45 11.34
CA VAL B 34 -18.59 -4.34 10.54
C VAL B 34 -18.60 -5.75 11.13
N LYS B 35 -17.46 -6.17 11.67
CA LYS B 35 -17.35 -7.49 12.27
C LYS B 35 -18.36 -7.67 13.40
N GLU B 36 -18.41 -6.68 14.29
CA GLU B 36 -19.35 -6.73 15.41
C GLU B 36 -20.78 -6.44 14.96
N SER B 37 -20.92 -5.58 13.97
CA SER B 37 -22.21 -5.18 13.42
C SER B 37 -22.99 -6.37 12.93
N VAL B 38 -22.37 -7.16 12.05
CA VAL B 38 -23.03 -8.32 11.47
C VAL B 38 -23.34 -9.38 12.52
N ASN B 39 -22.52 -9.42 13.57
CA ASN B 39 -22.71 -10.37 14.65
C ASN B 39 -24.02 -10.07 15.40
N GLU B 40 -24.18 -8.83 15.82
CA GLU B 40 -25.37 -8.39 16.55
C GLU B 40 -26.61 -8.41 15.65
N LEU B 41 -26.39 -8.15 14.35
CA LEU B 41 -27.49 -8.12 13.39
C LEU B 41 -28.11 -9.50 13.20
N SER B 42 -27.25 -10.49 12.92
CA SER B 42 -27.72 -11.87 12.72
C SER B 42 -28.45 -12.36 13.96
N GLU B 43 -28.00 -11.89 15.11
CA GLU B 43 -28.58 -12.28 16.40
C GLU B 43 -30.03 -11.80 16.51
N LYS B 44 -30.29 -10.56 16.07
CA LYS B 44 -31.64 -10.00 16.14
C LYS B 44 -32.54 -10.61 15.08
N ALA B 45 -31.95 -10.94 13.93
CA ALA B 45 -32.68 -11.52 12.81
C ALA B 45 -33.06 -12.97 13.07
N LYS B 46 -32.36 -13.60 14.01
CA LYS B 46 -32.60 -15.01 14.35
C LYS B 46 -33.98 -15.21 14.98
N THR B 47 -34.61 -14.11 15.40
CA THR B 47 -35.92 -14.18 16.00
C THR B 47 -37.02 -14.38 14.93
N ASP B 48 -36.67 -14.12 13.67
CA ASP B 48 -37.62 -14.25 12.58
C ASP B 48 -37.05 -15.14 11.48
N PRO B 49 -37.82 -16.13 11.02
CA PRO B 49 -37.37 -17.07 9.98
C PRO B 49 -37.05 -16.40 8.64
N GLN B 50 -37.75 -15.32 8.33
CA GLN B 50 -37.53 -14.62 7.08
C GLN B 50 -36.26 -13.80 7.16
N ALA B 51 -36.14 -13.01 8.23
CA ALA B 51 -34.98 -12.17 8.45
C ALA B 51 -33.73 -13.03 8.62
N ALA B 52 -33.89 -14.16 9.30
CA ALA B 52 -32.78 -15.09 9.53
C ALA B 52 -32.26 -15.64 8.21
N GLU B 53 -33.15 -15.79 7.24
CA GLU B 53 -32.77 -16.30 5.94
C GLU B 53 -32.03 -15.23 5.16
N LYS B 54 -32.45 -13.98 5.35
CA LYS B 54 -31.82 -12.84 4.68
C LYS B 54 -30.38 -12.71 5.16
N LEU B 55 -30.18 -12.77 6.47
CA LEU B 55 -28.85 -12.67 7.04
C LEU B 55 -28.02 -13.91 6.75
N ASN B 56 -28.70 -15.03 6.56
CA ASN B 56 -28.05 -16.30 6.24
C ASN B 56 -27.33 -16.20 4.91
N LYS B 57 -28.02 -15.68 3.90
CA LYS B 57 -27.45 -15.52 2.58
C LYS B 57 -26.47 -14.36 2.55
N LEU B 58 -26.72 -13.34 3.35
CA LEU B 58 -25.86 -12.16 3.40
C LEU B 58 -24.48 -12.49 3.97
N ILE B 59 -24.46 -13.17 5.11
CA ILE B 59 -23.20 -13.52 5.76
C ILE B 59 -22.41 -14.51 4.92
N GLU B 60 -23.10 -15.44 4.28
CA GLU B 60 -22.45 -16.43 3.44
C GLU B 60 -21.81 -15.74 2.25
N GLY B 61 -22.58 -14.84 1.63
CA GLY B 61 -22.09 -14.11 0.48
C GLY B 61 -20.87 -13.27 0.80
N TYR B 62 -20.80 -12.74 2.01
CA TYR B 62 -19.66 -11.95 2.44
C TYR B 62 -18.44 -12.83 2.66
N THR B 63 -18.64 -13.94 3.38
CA THR B 63 -17.57 -14.88 3.68
C THR B 63 -16.93 -15.41 2.40
N TYR B 64 -17.73 -15.57 1.37
CA TYR B 64 -17.24 -16.06 0.09
C TYR B 64 -17.33 -14.94 -0.95
N GLY B 65 -17.24 -13.71 -0.45
CA GLY B 65 -17.33 -12.55 -1.30
C GLY B 65 -16.18 -12.41 -2.28
N GLU B 66 -16.51 -12.36 -3.55
CA GLU B 66 -15.52 -12.21 -4.60
C GLU B 66 -14.84 -10.86 -4.49
N GLU B 67 -15.65 -9.83 -4.25
CA GLU B 67 -15.15 -8.47 -4.12
C GLU B 67 -14.21 -8.33 -2.93
N ARG B 68 -14.51 -9.07 -1.86
CA ARG B 68 -13.67 -9.04 -0.67
C ARG B 68 -12.25 -9.48 -1.02
N LYS B 69 -12.17 -10.52 -1.85
CA LYS B 69 -10.88 -11.04 -2.29
C LYS B 69 -10.17 -10.01 -3.18
N LEU B 70 -10.96 -9.27 -3.96
CA LEU B 70 -10.43 -8.25 -4.85
C LEU B 70 -9.75 -7.14 -4.06
N TYR B 71 -10.32 -6.80 -2.92
CA TYR B 71 -9.77 -5.76 -2.06
C TYR B 71 -8.46 -6.23 -1.43
N ASP B 72 -8.39 -7.50 -1.07
CA ASP B 72 -7.17 -8.06 -0.49
C ASP B 72 -6.08 -8.06 -1.57
N SER B 73 -6.51 -8.25 -2.81
CA SER B 73 -5.61 -8.26 -3.95
C SER B 73 -5.07 -6.85 -4.19
N ALA B 74 -5.80 -5.84 -3.71
CA ALA B 74 -5.37 -4.45 -3.84
C ALA B 74 -4.16 -4.23 -2.95
N LEU B 75 -4.13 -4.94 -1.82
CA LEU B 75 -3.00 -4.85 -0.90
C LEU B 75 -1.77 -5.44 -1.58
N SER B 76 -1.98 -6.47 -2.39
CA SER B 76 -0.90 -7.11 -3.13
C SER B 76 -0.28 -6.13 -4.12
N LYS B 77 -1.11 -5.25 -4.66
CA LYS B 77 -0.64 -4.26 -5.62
C LYS B 77 0.24 -3.23 -4.90
N ILE B 78 -0.15 -2.89 -3.68
CA ILE B 78 0.59 -1.93 -2.88
C ILE B 78 1.95 -2.54 -2.51
N GLU B 79 1.98 -3.85 -2.32
CA GLU B 79 3.20 -4.57 -1.98
C GLU B 79 4.23 -4.37 -3.08
N LYS B 80 3.78 -4.42 -4.33
CA LYS B 80 4.66 -4.24 -5.47
C LYS B 80 5.21 -2.82 -5.47
N LEU B 81 4.42 -1.87 -5.00
CA LEU B 81 4.85 -0.48 -4.92
C LEU B 81 5.97 -0.35 -3.89
N ILE B 82 5.79 -1.02 -2.76
CA ILE B 82 6.79 -1.03 -1.70
C ILE B 82 8.09 -1.65 -2.21
N GLU B 83 7.95 -2.74 -2.96
CA GLU B 83 9.07 -3.46 -3.54
C GLU B 83 9.80 -2.61 -4.58
N THR B 84 9.05 -1.77 -5.28
CA THR B 84 9.61 -0.89 -6.29
C THR B 84 10.45 0.20 -5.61
N LEU B 85 10.02 0.64 -4.44
CA LEU B 85 10.73 1.65 -3.68
C LEU B 85 11.98 1.05 -3.04
N SER B 86 11.79 -0.08 -2.38
CA SER B 86 12.89 -0.78 -1.73
C SER B 86 12.99 -2.21 -2.24
N PRO B 87 13.77 -2.43 -3.32
CA PRO B 87 13.97 -3.76 -3.90
C PRO B 87 14.60 -4.73 -2.91
N ALA B 88 15.36 -4.19 -1.96
CA ALA B 88 16.02 -4.96 -0.92
C ALA B 88 16.87 -6.08 -1.51
N ARG B 89 16.40 -7.31 -1.38
CA ARG B 89 17.11 -8.47 -1.91
C ARG B 89 16.13 -9.43 -2.60
N SER B 90 15.10 -8.88 -3.20
CA SER B 90 14.11 -9.69 -3.91
C SER B 90 14.72 -10.29 -5.18
N LYS B 91 15.09 -11.57 -5.08
CA LYS B 91 15.69 -12.26 -6.21
C LYS B 91 14.66 -13.09 -6.97
N SER B 92 13.65 -12.42 -7.50
CA SER B 92 12.61 -13.08 -8.26
C SER B 92 13.09 -13.35 -9.68
N GLN B 93 14.11 -14.18 -9.79
CA GLN B 93 14.67 -14.51 -11.09
C GLN B 93 14.34 -15.94 -11.45
N SER B 94 13.45 -16.10 -12.42
CA SER B 94 13.04 -17.40 -12.89
C SER B 94 13.06 -17.42 -14.41
N THR B 95 13.66 -18.45 -14.98
CA THR B 95 13.76 -18.56 -16.43
C THR B 95 13.20 -19.88 -16.93
N MET B 96 12.50 -19.82 -18.05
CA MET B 96 11.91 -21.00 -18.64
C MET B 96 12.59 -21.28 -19.99
N ASN B 97 12.63 -22.54 -20.39
CA ASN B 97 13.26 -22.90 -21.65
C ASN B 97 12.21 -23.41 -22.64
N GLN B 98 12.23 -22.86 -23.84
CA GLN B 98 11.28 -23.23 -24.88
C GLN B 98 11.67 -24.54 -25.56
N ARG B 99 12.92 -24.61 -26.02
CA ARG B 99 13.43 -25.79 -26.72
C ARG B 99 12.64 -26.02 -28.00
N ASN B 100 12.72 -25.06 -28.91
CA ASN B 100 12.00 -25.14 -30.18
C ASN B 100 12.89 -25.76 -31.25
N ARG B 101 12.26 -26.42 -32.22
CA ARG B 101 13.00 -27.05 -33.31
C ARG B 101 12.46 -26.59 -34.66
N ASN B 102 13.24 -25.77 -35.34
CA ASN B 102 12.85 -25.29 -36.66
C ASN B 102 13.29 -26.29 -37.72
N ASN B 103 12.54 -26.38 -38.81
CA ASN B 103 12.84 -27.31 -39.89
C ASN B 103 12.71 -28.75 -39.40
N ARG B 104 13.26 -29.69 -40.17
CA ARG B 104 13.22 -31.12 -39.83
C ARG B 104 11.78 -31.63 -39.79
N LYS B 105 11.25 -31.99 -40.95
CA LYS B 105 9.89 -32.49 -41.04
C LYS B 105 9.85 -33.95 -40.57
N ILE B 106 8.78 -34.35 -39.93
CA ILE B 106 8.66 -35.71 -39.43
C ILE B 106 7.66 -36.50 -40.25
N VAL B 107 6.41 -36.06 -40.24
CA VAL B 107 5.36 -36.73 -40.96
C VAL B 107 4.69 -35.78 -41.93
N MET A 1 -34.35 1.68 3.11
CA MET A 1 -33.90 0.72 2.07
C MET A 1 -32.42 0.44 2.23
N SER A 2 -32.07 -0.81 2.45
CA SER A 2 -30.68 -1.22 2.66
C SER A 2 -30.01 -1.53 1.34
N ILE A 3 -30.78 -1.72 0.28
CA ILE A 3 -30.19 -2.04 -1.02
C ILE A 3 -29.31 -0.91 -1.54
N VAL A 4 -29.75 0.34 -1.39
CA VAL A 4 -28.98 1.48 -1.85
C VAL A 4 -27.77 1.70 -0.93
N SER A 5 -27.91 1.34 0.32
CA SER A 5 -26.84 1.46 1.30
C SER A 5 -25.67 0.58 0.94
N GLN A 6 -26.00 -0.66 0.57
CA GLN A 6 -24.99 -1.64 0.21
C GLN A 6 -24.21 -1.21 -1.03
N THR A 7 -24.94 -0.85 -2.08
CA THR A 7 -24.30 -0.43 -3.33
C THR A 7 -23.46 0.84 -3.12
N ARG A 8 -23.93 1.73 -2.25
CA ARG A 8 -23.21 2.97 -1.97
C ARG A 8 -21.91 2.72 -1.23
N ASN A 9 -21.95 1.81 -0.25
CA ASN A 9 -20.78 1.47 0.54
C ASN A 9 -19.74 0.73 -0.32
N LYS A 10 -20.21 -0.29 -1.02
CA LYS A 10 -19.38 -1.13 -1.88
C LYS A 10 -18.65 -0.31 -2.95
N GLU A 11 -19.38 0.58 -3.59
CA GLU A 11 -18.82 1.42 -4.64
C GLU A 11 -17.88 2.49 -4.09
N LEU A 12 -18.18 2.98 -2.89
CA LEU A 12 -17.38 4.02 -2.26
C LEU A 12 -15.94 3.55 -2.07
N LEU A 13 -15.77 2.42 -1.40
CA LEU A 13 -14.44 1.89 -1.15
C LEU A 13 -13.82 1.39 -2.45
N LEU A 14 -14.66 1.00 -3.39
CA LEU A 14 -14.20 0.52 -4.69
C LEU A 14 -13.39 1.60 -5.40
N LYS A 15 -13.99 2.78 -5.52
CA LYS A 15 -13.35 3.91 -6.20
C LYS A 15 -12.14 4.42 -5.44
N LYS A 16 -12.22 4.42 -4.11
CA LYS A 16 -11.14 4.92 -3.29
C LYS A 16 -9.91 4.01 -3.34
N ILE A 17 -10.12 2.71 -3.27
CA ILE A 17 -9.02 1.76 -3.30
C ILE A 17 -8.49 1.56 -4.74
N ASP A 18 -9.38 1.69 -5.72
CA ASP A 18 -8.98 1.55 -7.12
C ASP A 18 -8.01 2.67 -7.50
N SER A 19 -8.39 3.88 -7.15
CA SER A 19 -7.58 5.05 -7.42
C SER A 19 -6.32 5.03 -6.59
N LEU A 20 -6.40 4.40 -5.42
CA LEU A 20 -5.28 4.30 -4.50
C LEU A 20 -4.03 3.73 -5.18
N ILE A 21 -4.16 2.58 -5.83
CA ILE A 21 -3.03 1.96 -6.51
C ILE A 21 -2.59 2.79 -7.73
N GLU A 22 -3.55 3.46 -8.37
CA GLU A 22 -3.26 4.29 -9.53
C GLU A 22 -2.41 5.49 -9.13
N ALA A 23 -2.78 6.15 -8.04
CA ALA A 23 -2.05 7.31 -7.56
C ALA A 23 -0.64 6.94 -7.11
N ILE A 24 -0.53 5.84 -6.39
CA ILE A 24 0.77 5.38 -5.90
C ILE A 24 1.67 4.99 -7.08
N LYS A 25 1.08 4.37 -8.09
CA LYS A 25 1.82 3.97 -9.28
C LYS A 25 2.34 5.19 -10.03
N LYS A 26 1.56 6.27 -9.95
CA LYS A 26 1.93 7.53 -10.60
C LYS A 26 3.17 8.14 -9.96
N ILE A 27 3.24 8.06 -8.63
CA ILE A 27 4.36 8.61 -7.89
C ILE A 27 5.69 7.97 -8.31
N ILE A 28 5.71 6.65 -8.37
CA ILE A 28 6.93 5.92 -8.75
C ILE A 28 7.33 6.20 -10.20
N ALA A 29 6.32 6.37 -11.07
CA ALA A 29 6.56 6.64 -12.47
C ALA A 29 7.29 7.97 -12.63
N GLU A 30 6.92 8.93 -11.78
CA GLU A 30 7.53 10.24 -11.82
C GLU A 30 9.00 10.17 -11.41
N PHE A 31 9.31 9.28 -10.46
CA PHE A 31 10.69 9.12 -9.99
C PHE A 31 11.60 8.75 -11.15
N ASP A 32 11.09 7.92 -12.05
CA ASP A 32 11.84 7.49 -13.22
C ASP A 32 12.14 8.68 -14.13
N VAL A 33 11.15 9.53 -14.33
CA VAL A 33 11.30 10.71 -15.17
C VAL A 33 12.30 11.67 -14.56
N VAL A 34 12.26 11.81 -13.24
CA VAL A 34 13.19 12.70 -12.52
C VAL A 34 14.64 12.30 -12.79
N LYS A 35 14.89 11.01 -12.84
CA LYS A 35 16.22 10.49 -13.11
C LYS A 35 16.72 10.95 -14.48
N GLU A 36 15.83 10.93 -15.45
CA GLU A 36 16.17 11.36 -16.81
C GLU A 36 16.28 12.88 -16.90
N SER A 37 15.45 13.59 -16.14
CA SER A 37 15.44 15.05 -16.15
C SER A 37 16.74 15.61 -15.64
N VAL A 38 17.27 15.08 -14.54
CA VAL A 38 18.54 15.57 -13.99
C VAL A 38 19.69 15.23 -14.92
N ASN A 39 19.54 14.14 -15.67
CA ASN A 39 20.55 13.69 -16.62
C ASN A 39 20.79 14.75 -17.69
N GLU A 40 19.70 15.20 -18.31
CA GLU A 40 19.76 16.21 -19.36
C GLU A 40 20.18 17.57 -18.80
N LEU A 41 19.58 17.94 -17.67
CA LEU A 41 19.86 19.23 -17.04
C LEU A 41 21.33 19.38 -16.67
N SER A 42 21.95 18.31 -16.19
CA SER A 42 23.34 18.35 -15.79
C SER A 42 24.27 18.54 -16.99
N GLU A 43 23.89 17.96 -18.13
CA GLU A 43 24.70 18.08 -19.33
C GLU A 43 24.70 19.51 -19.84
N LYS A 44 23.55 20.17 -19.71
CA LYS A 44 23.43 21.57 -20.14
C LYS A 44 24.20 22.48 -19.19
N ALA A 45 24.11 22.19 -17.90
CA ALA A 45 24.80 22.97 -16.88
C ALA A 45 26.32 22.88 -17.07
N LYS A 46 26.76 21.75 -17.60
CA LYS A 46 28.17 21.50 -17.84
C LYS A 46 28.73 22.42 -18.93
N THR A 47 27.86 23.07 -19.68
CA THR A 47 28.30 23.94 -20.76
C THR A 47 27.91 25.41 -20.54
N ASP A 48 27.49 25.76 -19.32
CA ASP A 48 27.10 27.14 -19.05
C ASP A 48 27.25 27.48 -17.57
N PRO A 49 27.96 28.57 -17.26
CA PRO A 49 28.19 29.00 -15.88
C PRO A 49 26.90 29.38 -15.15
N GLN A 50 25.97 30.00 -15.86
CA GLN A 50 24.71 30.40 -15.26
C GLN A 50 23.85 29.18 -14.98
N ALA A 51 23.78 28.30 -15.97
CA ALA A 51 23.00 27.07 -15.85
C ALA A 51 23.60 26.16 -14.79
N ALA A 52 24.92 26.21 -14.64
CA ALA A 52 25.61 25.40 -13.65
C ALA A 52 25.19 25.78 -12.24
N GLU A 53 25.02 27.07 -12.01
CA GLU A 53 24.61 27.56 -10.69
C GLU A 53 23.13 27.26 -10.46
N LYS A 54 22.35 27.28 -11.53
CA LYS A 54 20.93 26.99 -11.42
C LYS A 54 20.73 25.54 -10.99
N LEU A 55 21.50 24.65 -11.63
CA LEU A 55 21.42 23.23 -11.31
C LEU A 55 22.06 22.95 -9.96
N ASN A 56 22.96 23.83 -9.55
CA ASN A 56 23.67 23.69 -8.28
C ASN A 56 22.67 23.74 -7.12
N LYS A 57 21.84 24.77 -7.11
CA LYS A 57 20.84 24.93 -6.06
C LYS A 57 19.63 24.02 -6.29
N LEU A 58 19.34 23.75 -7.56
CA LEU A 58 18.21 22.89 -7.93
C LEU A 58 18.41 21.48 -7.36
N ILE A 59 19.57 20.89 -7.64
CA ILE A 59 19.88 19.54 -7.16
C ILE A 59 19.95 19.54 -5.63
N GLU A 60 20.42 20.64 -5.06
CA GLU A 60 20.52 20.79 -3.63
C GLU A 60 19.15 20.61 -2.98
N GLY A 61 18.13 21.14 -3.65
CA GLY A 61 16.77 21.03 -3.14
C GLY A 61 16.30 19.58 -3.06
N TYR A 62 16.77 18.76 -4.00
CA TYR A 62 16.40 17.35 -4.04
C TYR A 62 17.05 16.61 -2.89
N THR A 63 18.29 16.96 -2.57
CA THR A 63 19.00 16.33 -1.48
C THR A 63 18.36 16.68 -0.13
N TYR A 64 17.75 17.86 -0.07
CA TYR A 64 17.07 18.32 1.13
C TYR A 64 15.61 17.94 1.11
N GLY A 65 15.28 16.93 0.30
CA GLY A 65 13.91 16.48 0.18
C GLY A 65 13.46 15.66 1.37
N GLU A 66 13.44 16.28 2.54
CA GLU A 66 13.01 15.60 3.75
C GLU A 66 11.55 15.19 3.61
N GLU A 67 10.77 16.07 3.00
CA GLU A 67 9.35 15.81 2.76
C GLU A 67 9.20 14.61 1.85
N ARG A 68 10.13 14.47 0.91
CA ARG A 68 10.12 13.35 -0.03
C ARG A 68 10.27 12.04 0.74
N LYS A 69 11.14 12.04 1.73
CA LYS A 69 11.36 10.86 2.56
C LYS A 69 10.12 10.60 3.40
N LEU A 70 9.44 11.68 3.78
CA LEU A 70 8.22 11.57 4.57
C LEU A 70 7.14 10.84 3.77
N TYR A 71 7.12 11.05 2.46
CA TYR A 71 6.14 10.41 1.60
C TYR A 71 6.36 8.90 1.60
N ASP A 72 7.62 8.50 1.44
CA ASP A 72 7.97 7.07 1.44
C ASP A 72 7.67 6.46 2.82
N SER A 73 7.81 7.29 3.86
CA SER A 73 7.54 6.84 5.22
C SER A 73 6.05 6.57 5.40
N ALA A 74 5.23 7.31 4.67
CA ALA A 74 3.79 7.13 4.73
C ALA A 74 3.42 5.81 4.08
N LEU A 75 4.24 5.40 3.11
CA LEU A 75 4.04 4.15 2.42
C LEU A 75 4.33 3.00 3.39
N SER A 76 5.31 3.21 4.26
CA SER A 76 5.66 2.22 5.26
C SER A 76 4.51 1.99 6.23
N LYS A 77 3.68 3.02 6.40
CA LYS A 77 2.52 2.94 7.28
C LYS A 77 1.48 2.02 6.66
N ILE A 78 1.37 2.06 5.34
CA ILE A 78 0.42 1.21 4.62
C ILE A 78 0.87 -0.24 4.73
N GLU A 79 2.18 -0.45 4.76
CA GLU A 79 2.75 -1.79 4.88
C GLU A 79 2.30 -2.42 6.20
N LYS A 80 2.18 -1.58 7.23
CA LYS A 80 1.75 -2.04 8.54
C LYS A 80 0.29 -2.46 8.48
N LEU A 81 -0.50 -1.71 7.72
CA LEU A 81 -1.92 -2.01 7.54
C LEU A 81 -2.10 -3.39 6.95
N ILE A 82 -1.22 -3.75 6.01
CA ILE A 82 -1.28 -5.05 5.37
C ILE A 82 -1.08 -6.16 6.41
N GLU A 83 -0.17 -5.92 7.36
CA GLU A 83 0.11 -6.88 8.42
C GLU A 83 -1.04 -6.95 9.41
N THR A 84 -1.76 -5.84 9.54
CA THR A 84 -2.89 -5.80 10.45
C THR A 84 -4.06 -6.59 9.86
N LEU A 85 -4.14 -6.62 8.53
CA LEU A 85 -5.18 -7.36 7.84
C LEU A 85 -4.80 -8.84 7.78
N SER A 86 -3.53 -9.09 7.48
CA SER A 86 -3.03 -10.45 7.39
C SER A 86 -1.79 -10.63 8.26
N PRO A 87 -1.99 -10.90 9.56
CA PRO A 87 -0.89 -11.09 10.51
C PRO A 87 -0.04 -12.31 10.17
N ALA A 88 -0.71 -13.45 10.00
CA ALA A 88 -0.05 -14.72 9.69
C ALA A 88 1.11 -14.99 10.64
N ARG A 89 2.33 -15.01 10.11
CA ARG A 89 3.50 -15.26 10.91
C ARG A 89 4.45 -14.06 10.82
N SER A 90 4.76 -13.46 11.96
CA SER A 90 5.66 -12.32 12.00
C SER A 90 7.12 -12.77 12.11
N LYS A 91 7.44 -13.86 11.42
CA LYS A 91 8.79 -14.41 11.44
C LYS A 91 9.21 -14.79 10.03
N SER A 92 10.17 -14.07 9.48
CA SER A 92 10.66 -14.34 8.14
C SER A 92 11.74 -15.42 8.18
N GLN A 93 11.61 -16.41 7.32
CA GLN A 93 12.57 -17.50 7.26
C GLN A 93 13.74 -17.13 6.35
N SER A 94 14.69 -16.37 6.89
CA SER A 94 15.86 -15.95 6.14
C SER A 94 16.85 -17.11 5.99
N THR A 95 17.82 -16.96 5.09
CA THR A 95 18.80 -17.98 4.88
C THR A 95 20.22 -17.40 4.93
N MET A 96 21.21 -18.25 5.13
CA MET A 96 22.59 -17.82 5.19
C MET A 96 23.48 -18.85 4.49
N ASN A 97 24.30 -18.39 3.56
CA ASN A 97 25.18 -19.29 2.81
C ASN A 97 26.63 -18.80 2.87
N GLN A 98 26.99 -18.20 3.99
CA GLN A 98 28.35 -17.70 4.17
C GLN A 98 29.09 -18.53 5.20
N ARG A 99 28.72 -19.79 5.29
CA ARG A 99 29.33 -20.70 6.23
C ARG A 99 30.46 -21.49 5.56
N ASN A 100 31.69 -21.21 5.95
CA ASN A 100 32.85 -21.90 5.37
C ASN A 100 32.90 -23.33 5.87
N ARG A 101 32.50 -24.26 5.02
CA ARG A 101 32.48 -25.67 5.38
C ARG A 101 33.87 -26.30 5.21
N ASN A 102 34.75 -26.03 6.17
CA ASN A 102 36.10 -26.59 6.13
C ASN A 102 36.22 -27.76 7.08
N ASN A 103 35.22 -27.93 7.94
CA ASN A 103 35.22 -29.03 8.90
C ASN A 103 33.85 -29.70 8.93
N ARG A 104 33.86 -31.02 9.07
CA ARG A 104 32.64 -31.82 9.13
C ARG A 104 31.89 -31.71 7.81
N LYS A 105 32.43 -32.36 6.79
CA LYS A 105 31.84 -32.35 5.47
C LYS A 105 31.10 -33.66 5.19
N ILE A 106 31.77 -34.78 5.49
CA ILE A 106 31.17 -36.10 5.27
C ILE A 106 31.18 -36.94 6.54
N VAL A 107 31.31 -36.29 7.69
CA VAL A 107 31.32 -37.00 8.97
C VAL A 107 30.28 -36.42 9.92
N MET B 1 9.61 33.39 -9.22
CA MET B 1 8.78 33.17 -8.05
C MET B 1 8.33 31.72 -7.95
N SER B 2 9.27 30.81 -8.06
CA SER B 2 9.03 29.38 -8.00
C SER B 2 8.57 28.97 -6.62
N ILE B 3 8.68 29.86 -5.65
CA ILE B 3 8.31 29.57 -4.27
C ILE B 3 6.79 29.42 -4.12
N VAL B 4 6.02 30.15 -4.92
CA VAL B 4 4.57 30.10 -4.84
C VAL B 4 4.03 28.79 -5.41
N SER B 5 4.69 28.27 -6.43
CA SER B 5 4.27 27.01 -7.04
C SER B 5 4.75 25.83 -6.23
N GLN B 6 5.90 26.01 -5.56
CA GLN B 6 6.49 24.96 -4.73
C GLN B 6 5.63 24.70 -3.51
N THR B 7 5.15 25.76 -2.88
CA THR B 7 4.32 25.65 -1.69
C THR B 7 2.99 24.96 -2.03
N ARG B 8 2.37 25.42 -3.11
CA ARG B 8 1.11 24.86 -3.58
C ARG B 8 1.26 23.38 -3.96
N ASN B 9 2.37 23.04 -4.63
CA ASN B 9 2.61 21.67 -5.05
C ASN B 9 2.82 20.75 -3.84
N LYS B 10 3.61 21.21 -2.89
CA LYS B 10 3.90 20.42 -1.69
C LYS B 10 2.64 20.13 -0.90
N GLU B 11 1.78 21.13 -0.76
CA GLU B 11 0.53 20.99 -0.03
C GLU B 11 -0.39 20.00 -0.73
N LEU B 12 -0.29 19.94 -2.05
CA LEU B 12 -1.15 19.06 -2.85
C LEU B 12 -0.89 17.59 -2.57
N LEU B 13 0.31 17.11 -2.86
CA LEU B 13 0.63 15.69 -2.66
C LEU B 13 0.64 15.31 -1.19
N LEU B 14 0.93 16.26 -0.30
CA LEU B 14 0.94 16.00 1.12
C LEU B 14 -0.45 15.62 1.59
N LYS B 15 -1.42 16.45 1.24
CA LYS B 15 -2.81 16.21 1.61
C LYS B 15 -3.37 14.98 0.90
N LYS B 16 -2.86 14.70 -0.30
CA LYS B 16 -3.30 13.54 -1.06
C LYS B 16 -2.86 12.24 -0.40
N ILE B 17 -1.57 12.13 -0.10
CA ILE B 17 -1.02 10.94 0.52
C ILE B 17 -1.51 10.80 1.97
N ASP B 18 -1.71 11.93 2.63
CA ASP B 18 -2.20 11.91 4.01
C ASP B 18 -3.61 11.33 4.05
N SER B 19 -4.37 11.62 3.00
CA SER B 19 -5.73 11.12 2.87
C SER B 19 -5.73 9.61 2.59
N LEU B 20 -4.69 9.15 1.91
CA LEU B 20 -4.53 7.74 1.57
C LEU B 20 -4.55 6.87 2.83
N ILE B 21 -3.71 7.23 3.79
CA ILE B 21 -3.63 6.47 5.03
C ILE B 21 -4.88 6.68 5.89
N GLU B 22 -5.48 7.86 5.79
CA GLU B 22 -6.68 8.18 6.57
C GLU B 22 -7.83 7.23 6.22
N ALA B 23 -8.17 7.19 4.93
CA ALA B 23 -9.27 6.36 4.44
C ALA B 23 -9.03 4.88 4.75
N ILE B 24 -7.84 4.38 4.44
CA ILE B 24 -7.51 2.98 4.67
C ILE B 24 -7.54 2.63 6.15
N LYS B 25 -7.06 3.53 6.99
CA LYS B 25 -7.05 3.31 8.43
C LYS B 25 -8.47 3.19 8.96
N LYS B 26 -9.37 3.98 8.40
CA LYS B 26 -10.76 3.96 8.79
C LYS B 26 -11.44 2.67 8.32
N ILE B 27 -11.04 2.21 7.13
CA ILE B 27 -11.61 0.99 6.56
C ILE B 27 -11.49 -0.20 7.52
N ILE B 28 -10.29 -0.41 8.04
CA ILE B 28 -10.04 -1.52 8.97
C ILE B 28 -10.73 -1.29 10.31
N ALA B 29 -10.80 -0.04 10.74
CA ALA B 29 -11.42 0.32 12.00
C ALA B 29 -12.91 -0.04 11.98
N GLU B 30 -13.57 0.29 10.87
CA GLU B 30 -14.97 0.02 10.69
C GLU B 30 -15.24 -1.48 10.64
N PHE B 31 -14.29 -2.23 10.06
CA PHE B 31 -14.41 -3.67 9.96
C PHE B 31 -14.62 -4.29 11.34
N ASP B 32 -13.87 -3.82 12.31
CA ASP B 32 -13.98 -4.31 13.68
C ASP B 32 -15.33 -3.91 14.26
N VAL B 33 -15.76 -2.70 13.96
CA VAL B 33 -17.05 -2.19 14.43
C VAL B 33 -18.19 -3.04 13.87
N VAL B 34 -18.12 -3.28 12.57
CA VAL B 34 -19.11 -4.08 11.86
C VAL B 34 -19.17 -5.49 12.44
N LYS B 35 -18.02 -5.98 12.91
CA LYS B 35 -17.95 -7.32 13.50
C LYS B 35 -18.88 -7.41 14.70
N GLU B 36 -18.83 -6.39 15.56
CA GLU B 36 -19.67 -6.35 16.74
C GLU B 36 -21.12 -6.07 16.35
N SER B 37 -21.32 -5.25 15.33
CA SER B 37 -22.63 -4.87 14.83
C SER B 37 -23.44 -6.08 14.44
N VAL B 38 -22.87 -6.92 13.57
CA VAL B 38 -23.55 -8.11 13.09
C VAL B 38 -23.76 -9.12 14.21
N ASN B 39 -22.87 -9.10 15.19
CA ASN B 39 -22.97 -9.99 16.33
C ASN B 39 -24.25 -9.69 17.12
N GLU B 40 -24.48 -8.41 17.36
CA GLU B 40 -25.67 -7.96 18.07
C GLU B 40 -26.93 -8.16 17.26
N LEU B 41 -26.84 -7.84 15.96
CA LEU B 41 -27.98 -7.96 15.05
C LEU B 41 -28.47 -9.40 14.92
N SER B 42 -27.53 -10.34 14.77
CA SER B 42 -27.89 -11.75 14.64
C SER B 42 -28.68 -12.26 15.83
N GLU B 43 -28.25 -11.87 17.02
CA GLU B 43 -28.91 -12.29 18.26
C GLU B 43 -30.36 -11.81 18.32
N LYS B 44 -30.63 -10.66 17.73
CA LYS B 44 -31.98 -10.09 17.74
C LYS B 44 -32.85 -10.71 16.64
N ALA B 45 -32.28 -10.87 15.46
CA ALA B 45 -32.97 -11.43 14.31
C ALA B 45 -33.30 -12.92 14.47
N LYS B 46 -32.64 -13.57 15.42
CA LYS B 46 -32.87 -15.00 15.68
C LYS B 46 -34.27 -15.26 16.21
N THR B 47 -34.95 -14.22 16.64
CA THR B 47 -36.30 -14.36 17.17
C THR B 47 -37.32 -14.52 16.05
N ASP B 48 -36.87 -14.43 14.80
CA ASP B 48 -37.76 -14.55 13.67
C ASP B 48 -37.16 -15.42 12.57
N PRO B 49 -37.92 -16.40 12.07
CA PRO B 49 -37.47 -17.32 11.01
C PRO B 49 -37.23 -16.62 9.68
N GLN B 50 -38.01 -15.59 9.39
CA GLN B 50 -37.87 -14.85 8.15
C GLN B 50 -36.58 -14.05 8.18
N ALA B 51 -36.33 -13.41 9.31
CA ALA B 51 -35.11 -12.63 9.50
C ALA B 51 -33.90 -13.55 9.43
N ALA B 52 -34.07 -14.77 9.91
CA ALA B 52 -33.01 -15.76 9.90
C ALA B 52 -32.67 -16.13 8.46
N GLU B 53 -33.70 -16.23 7.62
CA GLU B 53 -33.49 -16.55 6.20
C GLU B 53 -32.80 -15.38 5.51
N LYS B 54 -33.15 -14.17 5.93
CA LYS B 54 -32.54 -12.97 5.35
C LYS B 54 -31.05 -12.94 5.68
N LEU B 55 -30.71 -13.27 6.93
CA LEU B 55 -29.33 -13.31 7.37
C LEU B 55 -28.59 -14.38 6.58
N ASN B 56 -29.28 -15.49 6.35
CA ASN B 56 -28.74 -16.62 5.60
C ASN B 56 -28.35 -16.20 4.18
N LYS B 57 -29.24 -15.46 3.53
CA LYS B 57 -29.01 -15.00 2.16
C LYS B 57 -27.91 -13.94 2.12
N LEU B 58 -27.90 -13.08 3.13
CA LEU B 58 -26.92 -12.00 3.22
C LEU B 58 -25.50 -12.55 3.34
N ILE B 59 -25.30 -13.47 4.28
CA ILE B 59 -23.98 -14.06 4.49
C ILE B 59 -23.54 -14.85 3.25
N GLU B 60 -24.51 -15.47 2.58
CA GLU B 60 -24.25 -16.24 1.37
C GLU B 60 -23.70 -15.33 0.28
N GLY B 61 -24.20 -14.10 0.24
CA GLY B 61 -23.76 -13.13 -0.74
C GLY B 61 -22.33 -12.67 -0.50
N TYR B 62 -21.91 -12.66 0.75
CA TYR B 62 -20.55 -12.26 1.11
C TYR B 62 -19.54 -13.30 0.67
N THR B 63 -19.92 -14.58 0.79
CA THR B 63 -19.05 -15.68 0.39
C THR B 63 -18.84 -15.67 -1.12
N TYR B 64 -19.83 -15.15 -1.84
CA TYR B 64 -19.76 -15.07 -3.29
C TYR B 64 -19.27 -13.70 -3.73
N GLY B 65 -18.70 -12.96 -2.78
CA GLY B 65 -18.19 -11.63 -3.06
C GLY B 65 -16.87 -11.65 -3.81
N GLU B 66 -16.94 -11.85 -5.11
CA GLU B 66 -15.75 -11.87 -5.94
C GLU B 66 -15.11 -10.50 -5.96
N GLU B 67 -15.93 -9.46 -5.90
CA GLU B 67 -15.45 -8.09 -5.89
C GLU B 67 -14.66 -7.83 -4.62
N ARG B 68 -15.01 -8.52 -3.54
CA ARG B 68 -14.30 -8.38 -2.27
C ARG B 68 -12.90 -8.95 -2.43
N LYS B 69 -12.81 -10.05 -3.17
CA LYS B 69 -11.54 -10.69 -3.44
C LYS B 69 -10.68 -9.78 -4.31
N LEU B 70 -11.35 -9.01 -5.17
CA LEU B 70 -10.67 -8.07 -6.06
C LEU B 70 -10.00 -6.96 -5.25
N TYR B 71 -10.60 -6.58 -4.14
CA TYR B 71 -10.04 -5.54 -3.28
C TYR B 71 -8.78 -6.07 -2.61
N ASP B 72 -8.82 -7.34 -2.22
CA ASP B 72 -7.68 -8.00 -1.61
C ASP B 72 -6.54 -8.09 -2.63
N SER B 73 -6.92 -8.26 -3.89
CA SER B 73 -5.95 -8.33 -4.99
C SER B 73 -5.28 -6.97 -5.20
N ALA B 74 -6.06 -5.91 -5.07
CA ALA B 74 -5.55 -4.55 -5.26
C ALA B 74 -4.51 -4.20 -4.20
N LEU B 75 -4.79 -4.56 -2.96
CA LEU B 75 -3.86 -4.29 -1.87
C LEU B 75 -2.57 -5.07 -2.05
N SER B 76 -2.67 -6.25 -2.65
CA SER B 76 -1.50 -7.09 -2.89
C SER B 76 -0.60 -6.41 -3.93
N LYS B 77 -1.20 -5.59 -4.78
CA LYS B 77 -0.47 -4.86 -5.80
C LYS B 77 0.34 -3.77 -5.12
N ILE B 78 -0.20 -3.22 -4.04
CA ILE B 78 0.46 -2.19 -3.26
C ILE B 78 1.78 -2.74 -2.72
N GLU B 79 1.73 -3.98 -2.26
CA GLU B 79 2.91 -4.66 -1.72
C GLU B 79 4.02 -4.72 -2.77
N LYS B 80 3.64 -4.95 -4.02
CA LYS B 80 4.60 -5.02 -5.12
C LYS B 80 5.30 -3.68 -5.27
N LEU B 81 4.55 -2.60 -5.10
CA LEU B 81 5.09 -1.24 -5.21
C LEU B 81 6.11 -1.00 -4.10
N ILE B 82 5.83 -1.55 -2.92
CA ILE B 82 6.71 -1.42 -1.78
C ILE B 82 8.05 -2.07 -2.07
N GLU B 83 8.01 -3.20 -2.78
CA GLU B 83 9.21 -3.92 -3.14
C GLU B 83 10.04 -3.13 -4.14
N THR B 84 9.38 -2.29 -4.92
CA THR B 84 10.07 -1.49 -5.91
C THR B 84 10.76 -0.29 -5.24
N LEU B 85 10.19 0.17 -4.14
CA LEU B 85 10.74 1.29 -3.39
C LEU B 85 11.92 0.81 -2.55
N SER B 86 11.89 -0.46 -2.17
CA SER B 86 12.96 -1.05 -1.37
C SER B 86 13.18 -2.51 -1.78
N PRO B 87 14.01 -2.75 -2.81
CA PRO B 87 14.31 -4.10 -3.30
C PRO B 87 14.98 -4.96 -2.25
N ALA B 88 15.91 -4.35 -1.50
CA ALA B 88 16.66 -5.02 -0.45
C ALA B 88 17.40 -6.26 -0.96
N ARG B 89 16.82 -7.43 -0.73
CA ARG B 89 17.43 -8.68 -1.16
C ARG B 89 16.40 -9.80 -1.15
N SER B 90 15.28 -9.57 -1.81
CA SER B 90 14.21 -10.57 -1.88
C SER B 90 14.56 -11.69 -2.84
N LYS B 91 15.33 -12.66 -2.36
CA LYS B 91 15.73 -13.79 -3.18
C LYS B 91 15.06 -15.06 -2.68
N SER B 92 14.05 -15.51 -3.41
CA SER B 92 13.33 -16.72 -3.06
C SER B 92 14.23 -17.94 -3.29
N GLN B 93 14.78 -18.48 -2.21
CA GLN B 93 15.67 -19.63 -2.30
C GLN B 93 15.12 -20.82 -1.51
N SER B 94 13.88 -20.70 -1.08
CA SER B 94 13.23 -21.76 -0.32
C SER B 94 12.87 -22.94 -1.23
N THR B 95 13.77 -23.92 -1.30
CA THR B 95 13.56 -25.08 -2.14
C THR B 95 13.38 -26.35 -1.30
N MET B 96 13.04 -27.44 -1.98
CA MET B 96 12.83 -28.72 -1.32
C MET B 96 13.76 -29.75 -1.91
N ASN B 97 13.87 -30.91 -1.27
CA ASN B 97 14.73 -31.97 -1.77
C ASN B 97 14.06 -32.72 -2.90
N GLN B 98 14.07 -32.10 -4.08
CA GLN B 98 13.48 -32.69 -5.27
C GLN B 98 14.51 -32.70 -6.39
N ARG B 99 15.76 -32.46 -6.01
CA ARG B 99 16.86 -32.43 -6.97
C ARG B 99 17.95 -33.39 -6.55
N ASN B 100 18.12 -34.45 -7.33
CA ASN B 100 19.13 -35.44 -7.04
C ASN B 100 20.11 -35.54 -8.19
N ARG B 101 21.35 -35.92 -7.89
CA ARG B 101 22.40 -36.05 -8.89
C ARG B 101 22.24 -37.39 -9.63
N ASN B 102 21.53 -37.35 -10.74
CA ASN B 102 21.30 -38.54 -11.54
C ASN B 102 21.60 -38.27 -13.00
N ASN B 103 22.41 -39.13 -13.61
CA ASN B 103 22.77 -38.97 -15.02
C ASN B 103 22.90 -40.34 -15.69
N ARG B 104 22.67 -41.40 -14.92
CA ARG B 104 22.77 -42.76 -15.42
C ARG B 104 21.42 -43.19 -15.99
N LYS B 105 21.13 -42.71 -17.19
CA LYS B 105 19.88 -43.02 -17.85
C LYS B 105 20.01 -44.24 -18.77
N ILE B 106 18.93 -44.55 -19.47
CA ILE B 106 18.91 -45.67 -20.40
C ILE B 106 19.48 -45.24 -21.75
N VAL B 107 19.39 -46.10 -22.74
CA VAL B 107 19.92 -45.77 -24.06
C VAL B 107 18.99 -44.77 -24.76
N MET A 1 -34.29 1.51 5.33
CA MET A 1 -33.86 0.19 4.82
C MET A 1 -32.40 -0.07 5.16
N SER A 2 -32.14 -1.23 5.74
CA SER A 2 -30.79 -1.62 6.13
C SER A 2 -30.05 -2.21 4.95
N ILE A 3 -30.79 -2.75 3.99
CA ILE A 3 -30.20 -3.37 2.81
C ILE A 3 -29.44 -2.35 1.95
N VAL A 4 -30.00 -1.15 1.82
CA VAL A 4 -29.38 -0.10 1.02
C VAL A 4 -28.09 0.39 1.69
N SER A 5 -28.03 0.25 3.00
CA SER A 5 -26.85 0.66 3.76
C SER A 5 -25.66 -0.20 3.42
N GLN A 6 -25.91 -1.49 3.22
CA GLN A 6 -24.86 -2.43 2.88
C GLN A 6 -24.28 -2.09 1.51
N THR A 7 -25.16 -1.74 0.58
CA THR A 7 -24.74 -1.39 -0.77
C THR A 7 -23.82 -0.17 -0.76
N ARG A 8 -24.18 0.84 0.03
CA ARG A 8 -23.40 2.07 0.13
C ARG A 8 -22.05 1.83 0.79
N ASN A 9 -22.03 0.98 1.82
CA ASN A 9 -20.80 0.67 2.54
C ASN A 9 -19.83 -0.10 1.64
N LYS A 10 -20.40 -1.06 0.91
CA LYS A 10 -19.64 -1.88 -0.01
C LYS A 10 -18.89 -1.04 -1.04
N GLU A 11 -19.61 -0.08 -1.62
CA GLU A 11 -19.04 0.79 -2.64
C GLU A 11 -18.03 1.78 -2.03
N LEU A 12 -18.21 2.08 -0.74
CA LEU A 12 -17.32 3.00 -0.05
C LEU A 12 -15.89 2.48 0.00
N LEU A 13 -15.72 1.30 0.59
CA LEU A 13 -14.39 0.70 0.72
C LEU A 13 -13.84 0.33 -0.66
N LEU A 14 -14.72 -0.03 -1.58
CA LEU A 14 -14.34 -0.39 -2.94
C LEU A 14 -13.67 0.80 -3.65
N LYS A 15 -14.33 1.95 -3.55
CA LYS A 15 -13.83 3.18 -4.17
C LYS A 15 -12.48 3.60 -3.59
N LYS A 16 -12.32 3.40 -2.29
CA LYS A 16 -11.08 3.77 -1.62
C LYS A 16 -9.96 2.83 -2.04
N ILE A 17 -10.29 1.57 -2.29
CA ILE A 17 -9.30 0.57 -2.71
C ILE A 17 -8.80 0.90 -4.13
N ASP A 18 -9.75 1.24 -5.01
CA ASP A 18 -9.42 1.57 -6.39
C ASP A 18 -8.51 2.79 -6.44
N SER A 19 -8.77 3.75 -5.56
CA SER A 19 -7.97 4.96 -5.49
C SER A 19 -6.57 4.67 -5.00
N LEU A 20 -6.43 3.72 -4.08
CA LEU A 20 -5.13 3.36 -3.51
C LEU A 20 -4.18 2.88 -4.60
N ILE A 21 -4.62 1.91 -5.39
CA ILE A 21 -3.78 1.36 -6.45
C ILE A 21 -3.51 2.41 -7.53
N GLU A 22 -4.48 3.28 -7.76
CA GLU A 22 -4.33 4.34 -8.76
C GLU A 22 -3.30 5.37 -8.32
N ALA A 23 -3.42 5.83 -7.08
CA ALA A 23 -2.51 6.83 -6.54
C ALA A 23 -1.10 6.28 -6.44
N ILE A 24 -0.97 5.06 -5.91
CA ILE A 24 0.33 4.42 -5.76
C ILE A 24 1.00 4.24 -7.12
N LYS A 25 0.20 3.98 -8.15
CA LYS A 25 0.72 3.81 -9.50
C LYS A 25 1.22 5.14 -10.04
N LYS A 26 0.54 6.21 -9.69
CA LYS A 26 0.93 7.54 -10.16
C LYS A 26 2.20 8.00 -9.44
N ILE A 27 2.27 7.72 -8.14
CA ILE A 27 3.42 8.10 -7.33
C ILE A 27 4.72 7.53 -7.91
N ILE A 28 4.72 6.25 -8.24
CA ILE A 28 5.89 5.60 -8.80
C ILE A 28 6.22 6.16 -10.18
N ALA A 29 5.19 6.51 -10.95
CA ALA A 29 5.37 7.07 -12.28
C ALA A 29 6.08 8.41 -12.21
N GLU A 30 5.63 9.27 -11.30
CA GLU A 30 6.21 10.59 -11.12
C GLU A 30 7.68 10.47 -10.73
N PHE A 31 8.00 9.44 -9.95
CA PHE A 31 9.37 9.22 -9.51
C PHE A 31 10.30 9.07 -10.71
N ASP A 32 9.85 8.33 -11.72
CA ASP A 32 10.64 8.12 -12.92
C ASP A 32 10.69 9.39 -13.75
N VAL A 33 9.54 10.05 -13.87
CA VAL A 33 9.44 11.28 -14.65
C VAL A 33 10.34 12.38 -14.07
N VAL A 34 10.25 12.60 -12.76
CA VAL A 34 11.06 13.62 -12.11
C VAL A 34 12.54 13.26 -12.20
N LYS A 35 12.82 11.97 -12.12
CA LYS A 35 14.18 11.46 -12.21
C LYS A 35 14.82 11.86 -13.54
N GLU A 36 14.06 11.74 -14.62
CA GLU A 36 14.54 12.09 -15.95
C GLU A 36 14.60 13.61 -16.12
N SER A 37 13.68 14.32 -15.50
CA SER A 37 13.62 15.78 -15.55
C SER A 37 14.89 16.40 -15.03
N VAL A 38 15.26 16.02 -13.80
CA VAL A 38 16.46 16.57 -13.17
C VAL A 38 17.70 16.21 -13.98
N ASN A 39 17.64 15.09 -14.70
CA ASN A 39 18.76 14.64 -15.52
C ASN A 39 19.13 15.68 -16.56
N GLU A 40 18.14 16.10 -17.34
CA GLU A 40 18.35 17.09 -18.39
C GLU A 40 18.54 18.48 -17.80
N LEU A 41 17.86 18.74 -16.69
CA LEU A 41 17.95 20.03 -16.02
C LEU A 41 19.39 20.33 -15.60
N SER A 42 20.07 19.32 -15.05
CA SER A 42 21.44 19.48 -14.62
C SER A 42 22.35 19.77 -15.82
N GLU A 43 22.08 19.08 -16.94
CA GLU A 43 22.88 19.26 -18.15
C GLU A 43 22.78 20.70 -18.65
N LYS A 44 21.59 21.28 -18.59
CA LYS A 44 21.38 22.64 -19.05
C LYS A 44 21.99 23.65 -18.08
N ALA A 45 21.88 23.35 -16.79
CA ALA A 45 22.41 24.23 -15.75
C ALA A 45 23.93 24.35 -15.81
N LYS A 46 24.59 23.30 -16.25
CA LYS A 46 26.04 23.27 -16.34
C LYS A 46 26.58 24.27 -17.36
N THR A 47 25.70 24.77 -18.22
CA THR A 47 26.09 25.74 -19.23
C THR A 47 26.15 27.16 -18.67
N ASP A 48 25.84 27.32 -17.39
CA ASP A 48 25.85 28.65 -16.76
C ASP A 48 26.25 28.56 -15.29
N PRO A 49 27.17 29.44 -14.84
CA PRO A 49 27.65 29.46 -13.46
C PRO A 49 26.53 29.71 -12.43
N GLN A 50 25.58 30.56 -12.77
CA GLN A 50 24.48 30.87 -11.86
C GLN A 50 23.49 29.71 -11.82
N ALA A 51 23.27 29.10 -12.97
CA ALA A 51 22.36 27.97 -13.08
C ALA A 51 22.92 26.78 -12.31
N ALA A 52 24.23 26.58 -12.42
CA ALA A 52 24.91 25.50 -11.71
C ALA A 52 24.81 25.73 -10.21
N GLU A 53 24.83 26.99 -9.81
CA GLU A 53 24.72 27.38 -8.41
C GLU A 53 23.36 26.94 -7.86
N LYS A 54 22.34 27.03 -8.70
CA LYS A 54 20.99 26.65 -8.32
C LYS A 54 20.87 25.13 -8.21
N LEU A 55 21.52 24.42 -9.13
CA LEU A 55 21.47 22.96 -9.12
C LEU A 55 22.22 22.42 -7.90
N ASN A 56 23.24 23.15 -7.47
CA ASN A 56 24.03 22.75 -6.31
C ASN A 56 23.14 22.65 -5.07
N LYS A 57 22.37 23.69 -4.83
CA LYS A 57 21.47 23.71 -3.67
C LYS A 57 20.29 22.77 -3.89
N LEU A 58 19.90 22.60 -5.16
CA LEU A 58 18.78 21.71 -5.51
C LEU A 58 19.06 20.28 -5.08
N ILE A 59 20.21 19.74 -5.50
CA ILE A 59 20.60 18.37 -5.16
C ILE A 59 20.82 18.25 -3.64
N GLU A 60 21.32 19.32 -3.04
CA GLU A 60 21.56 19.34 -1.61
C GLU A 60 20.25 19.17 -0.87
N GLY A 61 19.22 19.85 -1.38
CA GLY A 61 17.89 19.78 -0.78
C GLY A 61 17.28 18.40 -0.95
N TYR A 62 17.69 17.70 -2.00
CA TYR A 62 17.21 16.35 -2.25
C TYR A 62 17.81 15.39 -1.22
N THR A 63 19.10 15.58 -0.96
CA THR A 63 19.81 14.76 0.01
C THR A 63 19.26 14.99 1.41
N TYR A 64 19.04 16.26 1.74
CA TYR A 64 18.49 16.62 3.04
C TYR A 64 16.98 16.82 2.93
N GLY A 65 16.37 16.04 2.04
CA GLY A 65 14.94 16.14 1.80
C GLY A 65 14.09 15.63 2.93
N GLU A 66 13.44 16.56 3.63
CA GLU A 66 12.57 16.21 4.74
C GLU A 66 11.27 15.62 4.20
N GLU A 67 10.86 16.09 3.03
CA GLU A 67 9.63 15.60 2.40
C GLU A 67 9.86 14.19 1.88
N ARG A 68 11.07 13.91 1.40
CA ARG A 68 11.39 12.59 0.90
C ARG A 68 11.27 11.57 2.02
N LYS A 69 11.68 11.98 3.20
CA LYS A 69 11.59 11.12 4.38
C LYS A 69 10.13 10.89 4.74
N LEU A 70 9.31 11.91 4.51
CA LEU A 70 7.88 11.83 4.80
C LEU A 70 7.21 10.74 3.98
N TYR A 71 7.52 10.71 2.68
CA TYR A 71 6.94 9.71 1.79
C TYR A 71 7.41 8.32 2.20
N ASP A 72 8.66 8.26 2.65
CA ASP A 72 9.28 7.02 3.08
C ASP A 72 8.54 6.45 4.30
N SER A 73 8.24 7.34 5.24
CA SER A 73 7.54 6.96 6.46
C SER A 73 6.11 6.53 6.14
N ALA A 74 5.54 7.12 5.08
CA ALA A 74 4.19 6.78 4.65
C ALA A 74 4.14 5.38 4.06
N LEU A 75 5.11 5.06 3.22
CA LEU A 75 5.18 3.74 2.59
C LEU A 75 5.37 2.68 3.66
N SER A 76 6.16 3.00 4.67
CA SER A 76 6.40 2.07 5.77
C SER A 76 5.11 1.76 6.52
N LYS A 77 4.24 2.74 6.61
CA LYS A 77 2.95 2.57 7.29
C LYS A 77 2.06 1.64 6.49
N ILE A 78 2.20 1.68 5.17
CA ILE A 78 1.43 0.80 4.30
C ILE A 78 1.81 -0.65 4.54
N GLU A 79 3.11 -0.88 4.71
CA GLU A 79 3.63 -2.22 4.96
C GLU A 79 3.07 -2.78 6.27
N LYS A 80 2.93 -1.89 7.25
CA LYS A 80 2.38 -2.28 8.55
C LYS A 80 0.93 -2.70 8.41
N LEU A 81 0.21 -2.02 7.51
CA LEU A 81 -1.18 -2.32 7.25
C LEU A 81 -1.32 -3.70 6.65
N ILE A 82 -0.38 -4.05 5.77
CA ILE A 82 -0.37 -5.34 5.13
C ILE A 82 -0.19 -6.44 6.18
N GLU A 83 0.67 -6.18 7.16
CA GLU A 83 0.94 -7.12 8.25
C GLU A 83 -0.31 -7.32 9.10
N THR A 84 -1.17 -6.31 9.14
CA THR A 84 -2.39 -6.38 9.91
C THR A 84 -3.39 -7.30 9.21
N LEU A 85 -3.32 -7.35 7.88
CA LEU A 85 -4.19 -8.19 7.10
C LEU A 85 -3.70 -9.63 7.10
N SER A 86 -2.40 -9.81 6.89
CA SER A 86 -1.81 -11.14 6.88
C SER A 86 -0.52 -11.16 7.70
N PRO A 87 -0.57 -11.73 8.91
CA PRO A 87 0.61 -11.85 9.80
C PRO A 87 1.74 -12.63 9.13
N ALA A 88 1.36 -13.53 8.22
CA ALA A 88 2.30 -14.35 7.46
C ALA A 88 3.25 -15.16 8.36
N ARG A 89 4.53 -14.81 8.29
CA ARG A 89 5.56 -15.52 9.06
C ARG A 89 5.81 -14.86 10.41
N SER A 90 4.78 -14.80 11.23
CA SER A 90 4.88 -14.21 12.56
C SER A 90 4.59 -15.28 13.61
N LYS A 91 5.42 -15.34 14.64
CA LYS A 91 5.26 -16.31 15.70
C LYS A 91 4.65 -15.67 16.94
N SER A 92 3.33 -15.72 17.02
CA SER A 92 2.62 -15.15 18.14
C SER A 92 2.42 -16.19 19.24
N GLN A 93 3.15 -16.03 20.34
CA GLN A 93 3.08 -16.95 21.45
C GLN A 93 2.53 -16.27 22.70
N SER A 94 1.35 -16.68 23.13
CA SER A 94 0.73 -16.10 24.32
C SER A 94 0.93 -17.03 25.51
N THR A 95 1.28 -16.46 26.66
CA THR A 95 1.51 -17.25 27.86
C THR A 95 1.14 -16.45 29.11
N MET A 96 1.00 -17.15 30.23
CA MET A 96 0.66 -16.51 31.49
C MET A 96 1.94 -16.28 32.30
N ASN A 97 2.28 -15.02 32.50
CA ASN A 97 3.48 -14.68 33.25
C ASN A 97 3.29 -14.93 34.74
N GLN A 98 4.08 -15.83 35.28
CA GLN A 98 4.01 -16.17 36.70
C GLN A 98 5.41 -16.19 37.31
N ARG A 99 5.52 -15.81 38.57
CA ARG A 99 6.80 -15.81 39.26
C ARG A 99 6.76 -16.79 40.42
N ASN A 100 5.64 -17.50 40.54
CA ASN A 100 5.43 -18.47 41.59
C ASN A 100 5.29 -19.86 40.97
N ARG A 101 6.11 -20.80 41.44
CA ARG A 101 6.07 -22.17 40.93
C ARG A 101 6.00 -23.17 42.06
N ASN A 102 5.01 -24.05 41.99
CA ASN A 102 4.82 -25.09 43.00
C ASN A 102 5.75 -26.25 42.74
N ASN A 103 6.40 -26.75 43.80
CA ASN A 103 7.32 -27.87 43.67
C ASN A 103 6.89 -29.00 44.60
N ARG A 104 6.24 -30.00 44.05
CA ARG A 104 5.76 -31.13 44.82
C ARG A 104 6.91 -32.02 45.29
N LYS A 105 7.11 -32.09 46.59
CA LYS A 105 8.16 -32.91 47.16
C LYS A 105 7.53 -34.13 47.82
N ILE A 106 7.49 -35.24 47.09
CA ILE A 106 6.90 -36.49 47.58
C ILE A 106 5.37 -36.38 47.63
N VAL A 107 4.69 -37.31 46.99
CA VAL A 107 3.23 -37.30 46.97
C VAL A 107 2.66 -38.19 48.06
N MET B 1 9.16 32.84 -13.77
CA MET B 1 7.94 32.82 -12.98
C MET B 1 7.53 31.39 -12.68
N SER B 2 8.51 30.55 -12.47
CA SER B 2 8.32 29.14 -12.15
C SER B 2 8.05 28.95 -10.68
N ILE B 3 8.04 30.04 -9.93
CA ILE B 3 7.82 30.00 -8.49
C ILE B 3 6.42 29.47 -8.17
N VAL B 4 5.43 29.85 -8.97
CA VAL B 4 4.06 29.40 -8.76
C VAL B 4 3.90 27.95 -9.22
N SER B 5 4.71 27.56 -10.20
CA SER B 5 4.66 26.19 -10.71
C SER B 5 5.13 25.21 -9.67
N GLN B 6 6.26 25.54 -9.03
CA GLN B 6 6.85 24.67 -8.00
C GLN B 6 5.88 24.48 -6.84
N THR B 7 5.26 25.56 -6.39
CA THR B 7 4.33 25.48 -5.27
C THR B 7 3.04 24.75 -5.68
N ARG B 8 2.65 24.89 -6.93
CA ARG B 8 1.45 24.24 -7.45
C ARG B 8 1.63 22.73 -7.53
N ASN B 9 2.75 22.32 -8.12
CA ASN B 9 3.07 20.90 -8.28
C ASN B 9 3.30 20.25 -6.91
N LYS B 10 4.00 20.97 -6.03
CA LYS B 10 4.30 20.47 -4.68
C LYS B 10 3.01 20.21 -3.89
N GLU B 11 2.12 21.19 -3.92
CA GLU B 11 0.85 21.09 -3.21
C GLU B 11 0.02 19.92 -3.75
N LEU B 12 0.09 19.74 -5.07
CA LEU B 12 -0.65 18.68 -5.74
C LEU B 12 -0.21 17.29 -5.28
N LEU B 13 1.08 16.99 -5.41
CA LEU B 13 1.60 15.67 -5.01
C LEU B 13 1.43 15.42 -3.52
N LEU B 14 1.57 16.47 -2.70
CA LEU B 14 1.44 16.32 -1.26
C LEU B 14 0.02 15.93 -0.89
N LYS B 15 -0.96 16.60 -1.51
CA LYS B 15 -2.35 16.32 -1.24
C LYS B 15 -2.75 14.94 -1.74
N LYS B 16 -2.07 14.48 -2.79
CA LYS B 16 -2.35 13.16 -3.35
C LYS B 16 -1.93 12.07 -2.37
N ILE B 17 -0.72 12.20 -1.84
CA ILE B 17 -0.19 11.23 -0.89
C ILE B 17 -0.94 11.32 0.44
N ASP B 18 -1.34 12.54 0.80
CA ASP B 18 -2.09 12.76 2.04
C ASP B 18 -3.42 12.00 2.01
N SER B 19 -4.07 12.04 0.86
CA SER B 19 -5.34 11.35 0.66
C SER B 19 -5.14 9.83 0.59
N LEU B 20 -3.99 9.41 0.09
CA LEU B 20 -3.65 8.00 -0.05
C LEU B 20 -3.64 7.26 1.29
N ILE B 21 -2.91 7.80 2.26
CA ILE B 21 -2.82 7.17 3.57
C ILE B 21 -4.16 7.19 4.30
N GLU B 22 -4.91 8.26 4.13
CA GLU B 22 -6.21 8.39 4.78
C GLU B 22 -7.22 7.40 4.20
N ALA B 23 -7.05 7.09 2.92
CA ALA B 23 -7.95 6.16 2.24
C ALA B 23 -7.84 4.77 2.83
N ILE B 24 -6.62 4.25 2.89
CA ILE B 24 -6.39 2.92 3.43
C ILE B 24 -6.76 2.86 4.91
N LYS B 25 -6.43 3.92 5.64
CA LYS B 25 -6.72 3.99 7.06
C LYS B 25 -8.22 3.84 7.33
N LYS B 26 -9.04 4.37 6.42
CA LYS B 26 -10.48 4.27 6.57
C LYS B 26 -10.96 2.88 6.22
N ILE B 27 -10.34 2.28 5.20
CA ILE B 27 -10.71 0.93 4.77
C ILE B 27 -10.61 -0.07 5.90
N ILE B 28 -9.46 -0.10 6.56
CA ILE B 28 -9.24 -1.03 7.66
C ILE B 28 -10.21 -0.77 8.83
N ALA B 29 -10.53 0.51 9.05
CA ALA B 29 -11.42 0.90 10.13
C ALA B 29 -12.85 0.41 9.89
N GLU B 30 -13.39 0.72 8.72
CA GLU B 30 -14.75 0.32 8.38
C GLU B 30 -14.88 -1.21 8.37
N PHE B 31 -13.82 -1.89 7.95
CA PHE B 31 -13.80 -3.35 7.87
C PHE B 31 -14.13 -4.02 9.20
N ASP B 32 -13.41 -3.64 10.26
CA ASP B 32 -13.65 -4.25 11.57
C ASP B 32 -14.94 -3.73 12.20
N VAL B 33 -15.31 -2.49 11.90
CA VAL B 33 -16.53 -1.92 12.45
C VAL B 33 -17.75 -2.66 11.91
N VAL B 34 -17.75 -2.88 10.59
CA VAL B 34 -18.85 -3.58 9.93
C VAL B 34 -18.94 -5.02 10.44
N LYS B 35 -17.78 -5.60 10.75
CA LYS B 35 -17.72 -6.98 11.25
C LYS B 35 -18.50 -7.12 12.56
N GLU B 36 -18.29 -6.19 13.47
CA GLU B 36 -18.99 -6.22 14.75
C GLU B 36 -20.45 -5.81 14.60
N SER B 37 -20.71 -4.90 13.69
CA SER B 37 -22.07 -4.40 13.46
C SER B 37 -22.97 -5.50 12.95
N VAL B 38 -22.50 -6.30 12.00
CA VAL B 38 -23.32 -7.39 11.44
C VAL B 38 -23.56 -8.44 12.51
N ASN B 39 -22.62 -8.53 13.45
CA ASN B 39 -22.72 -9.48 14.56
C ASN B 39 -23.95 -9.15 15.41
N GLU B 40 -24.11 -7.87 15.69
CA GLU B 40 -25.24 -7.38 16.49
C GLU B 40 -26.54 -7.48 15.69
N LEU B 41 -26.45 -7.13 14.41
CA LEU B 41 -27.59 -7.16 13.51
C LEU B 41 -28.20 -8.56 13.45
N SER B 42 -27.36 -9.56 13.32
CA SER B 42 -27.80 -10.94 13.25
C SER B 42 -28.48 -11.39 14.55
N GLU B 43 -28.02 -10.83 15.66
CA GLU B 43 -28.58 -11.18 16.97
C GLU B 43 -30.02 -10.69 17.10
N LYS B 44 -30.32 -9.56 16.47
CA LYS B 44 -31.66 -8.99 16.54
C LYS B 44 -32.59 -9.63 15.50
N ALA B 45 -32.07 -9.80 14.30
CA ALA B 45 -32.84 -10.38 13.20
C ALA B 45 -33.23 -11.83 13.45
N LYS B 46 -32.50 -12.48 14.35
CA LYS B 46 -32.77 -13.87 14.69
C LYS B 46 -34.11 -14.01 15.41
N THR B 47 -34.63 -12.89 15.89
CA THR B 47 -35.91 -12.90 16.61
C THR B 47 -37.09 -12.74 15.65
N ASP B 48 -36.82 -12.83 14.35
CA ASP B 48 -37.85 -12.70 13.33
C ASP B 48 -37.55 -13.65 12.18
N PRO B 49 -38.50 -14.51 11.80
CA PRO B 49 -38.32 -15.48 10.73
C PRO B 49 -37.98 -14.82 9.38
N GLN B 50 -38.59 -13.67 9.13
CA GLN B 50 -38.36 -12.95 7.88
C GLN B 50 -37.02 -12.22 7.93
N ALA B 51 -36.72 -11.64 9.08
CA ALA B 51 -35.46 -10.92 9.26
C ALA B 51 -34.29 -11.90 9.20
N ALA B 52 -34.50 -13.09 9.74
CA ALA B 52 -33.48 -14.13 9.72
C ALA B 52 -33.20 -14.57 8.29
N GLU B 53 -34.23 -14.48 7.45
CA GLU B 53 -34.10 -14.84 6.05
C GLU B 53 -33.31 -13.78 5.31
N LYS B 54 -33.51 -12.53 5.73
CA LYS B 54 -32.79 -11.39 5.14
C LYS B 54 -31.31 -11.52 5.44
N LEU B 55 -31.00 -11.83 6.71
CA LEU B 55 -29.61 -11.98 7.15
C LEU B 55 -28.98 -13.25 6.57
N ASN B 56 -29.82 -14.21 6.23
CA ASN B 56 -29.33 -15.47 5.64
C ASN B 56 -28.69 -15.18 4.29
N LYS B 57 -29.39 -14.40 3.48
CA LYS B 57 -28.90 -14.02 2.16
C LYS B 57 -27.80 -12.98 2.29
N LEU B 58 -27.88 -12.18 3.34
CA LEU B 58 -26.89 -11.13 3.60
C LEU B 58 -25.51 -11.75 3.84
N ILE B 59 -25.44 -12.71 4.75
CA ILE B 59 -24.17 -13.38 5.06
C ILE B 59 -23.64 -14.11 3.83
N GLU B 60 -24.56 -14.65 3.03
CA GLU B 60 -24.21 -15.36 1.81
C GLU B 60 -23.46 -14.42 0.87
N GLY B 61 -23.95 -13.19 0.80
CA GLY B 61 -23.34 -12.19 -0.04
C GLY B 61 -21.89 -11.92 0.36
N TYR B 62 -21.65 -11.89 1.66
CA TYR B 62 -20.31 -11.64 2.20
C TYR B 62 -19.38 -12.79 1.84
N THR B 63 -19.89 -14.02 1.92
CA THR B 63 -19.10 -15.20 1.61
C THR B 63 -18.78 -15.26 0.12
N TYR B 64 -19.75 -14.86 -0.70
CA TYR B 64 -19.60 -14.84 -2.15
C TYR B 64 -19.07 -13.50 -2.61
N GLY B 65 -18.25 -12.89 -1.77
CA GLY B 65 -17.70 -11.60 -2.08
C GLY B 65 -16.61 -11.66 -3.12
N GLU B 66 -17.00 -11.54 -4.38
CA GLU B 66 -16.05 -11.56 -5.48
C GLU B 66 -15.22 -10.30 -5.42
N GLU B 67 -15.85 -9.23 -4.96
CA GLU B 67 -15.21 -7.94 -4.82
C GLU B 67 -14.17 -8.01 -3.71
N ARG B 68 -14.45 -8.84 -2.71
CA ARG B 68 -13.56 -9.03 -1.58
C ARG B 68 -12.25 -9.64 -2.07
N LYS B 69 -12.38 -10.53 -3.06
CA LYS B 69 -11.23 -11.18 -3.66
C LYS B 69 -10.40 -10.14 -4.43
N LEU B 70 -11.11 -9.22 -5.08
CA LEU B 70 -10.47 -8.16 -5.85
C LEU B 70 -9.60 -7.29 -4.94
N TYR B 71 -10.10 -7.02 -3.73
CA TYR B 71 -9.36 -6.21 -2.76
C TYR B 71 -8.04 -6.88 -2.40
N ASP B 72 -8.09 -8.19 -2.21
CA ASP B 72 -6.89 -8.94 -1.85
C ASP B 72 -5.90 -8.95 -3.01
N SER B 73 -6.41 -9.14 -4.22
CA SER B 73 -5.57 -9.17 -5.42
C SER B 73 -4.86 -7.82 -5.62
N ALA B 74 -5.53 -6.75 -5.22
CA ALA B 74 -4.96 -5.41 -5.33
C ALA B 74 -3.85 -5.22 -4.31
N LEU B 75 -3.99 -5.88 -3.16
CA LEU B 75 -2.99 -5.79 -2.10
C LEU B 75 -1.69 -6.45 -2.54
N SER B 76 -1.81 -7.53 -3.31
CA SER B 76 -0.65 -8.24 -3.82
C SER B 76 0.16 -7.32 -4.72
N LYS B 77 -0.55 -6.49 -5.49
CA LYS B 77 0.09 -5.54 -6.39
C LYS B 77 0.83 -4.48 -5.57
N ILE B 78 0.29 -4.17 -4.40
CA ILE B 78 0.89 -3.20 -3.50
C ILE B 78 2.26 -3.70 -3.05
N GLU B 79 2.32 -4.99 -2.70
CA GLU B 79 3.57 -5.60 -2.25
C GLU B 79 4.62 -5.54 -3.36
N LYS B 80 4.18 -5.75 -4.60
CA LYS B 80 5.08 -5.72 -5.75
C LYS B 80 5.71 -4.34 -5.91
N LEU B 81 4.92 -3.31 -5.63
CA LEU B 81 5.39 -1.93 -5.72
C LEU B 81 6.46 -1.70 -4.67
N ILE B 82 6.26 -2.26 -3.49
CA ILE B 82 7.21 -2.14 -2.39
C ILE B 82 8.51 -2.86 -2.76
N GLU B 83 8.36 -4.00 -3.43
CA GLU B 83 9.51 -4.80 -3.86
C GLU B 83 10.32 -4.03 -4.91
N THR B 84 9.67 -3.12 -5.62
CA THR B 84 10.34 -2.32 -6.64
C THR B 84 11.18 -1.23 -5.98
N LEU B 85 10.72 -0.76 -4.83
CA LEU B 85 11.42 0.29 -4.08
C LEU B 85 12.62 -0.28 -3.34
N SER B 86 12.57 -1.58 -3.06
CA SER B 86 13.65 -2.24 -2.34
C SER B 86 13.93 -3.63 -2.94
N PRO B 87 14.94 -3.73 -3.83
CA PRO B 87 15.30 -5.00 -4.48
C PRO B 87 15.78 -6.05 -3.48
N ALA B 88 16.48 -5.59 -2.45
CA ALA B 88 17.01 -6.45 -1.39
C ALA B 88 18.08 -7.41 -1.94
N ARG B 89 17.66 -8.59 -2.39
CA ARG B 89 18.60 -9.57 -2.92
C ARG B 89 17.91 -10.58 -3.83
N SER B 90 18.13 -10.45 -5.13
CA SER B 90 17.57 -11.37 -6.10
C SER B 90 18.62 -12.42 -6.46
N LYS B 91 18.19 -13.58 -6.94
CA LYS B 91 19.13 -14.64 -7.30
C LYS B 91 19.06 -14.95 -8.80
N SER B 92 18.57 -13.99 -9.56
CA SER B 92 18.43 -14.13 -11.00
C SER B 92 19.80 -14.12 -11.70
N GLN B 93 20.11 -15.20 -12.40
CA GLN B 93 21.37 -15.31 -13.12
C GLN B 93 21.17 -14.88 -14.57
N SER B 94 22.28 -14.56 -15.24
CA SER B 94 22.23 -14.16 -16.64
C SER B 94 23.30 -14.89 -17.43
N THR B 95 23.05 -15.07 -18.72
CA THR B 95 23.99 -15.76 -19.59
C THR B 95 23.70 -15.40 -21.06
N MET B 96 24.65 -15.68 -21.94
CA MET B 96 24.51 -15.36 -23.34
C MET B 96 24.23 -16.62 -24.16
N ASN B 97 23.02 -16.73 -24.68
CA ASN B 97 22.62 -17.87 -25.49
C ASN B 97 23.14 -17.70 -26.91
N GLN B 98 24.42 -17.99 -27.11
CA GLN B 98 25.03 -17.86 -28.42
C GLN B 98 25.33 -19.23 -29.02
N ARG B 99 24.54 -19.60 -30.01
CA ARG B 99 24.68 -20.87 -30.67
C ARG B 99 25.33 -20.68 -32.04
N ASN B 100 26.53 -21.24 -32.21
CA ASN B 100 27.25 -21.13 -33.48
C ASN B 100 27.18 -22.43 -34.25
N ARG B 101 26.84 -22.35 -35.52
CA ARG B 101 26.76 -23.53 -36.36
C ARG B 101 27.42 -23.27 -37.71
N ASN B 102 28.63 -22.72 -37.66
CA ASN B 102 29.37 -22.42 -38.88
C ASN B 102 29.78 -23.72 -39.56
N ASN B 103 29.30 -23.91 -40.78
CA ASN B 103 29.60 -25.12 -41.53
C ASN B 103 30.77 -24.90 -42.47
N ARG B 104 31.54 -25.97 -42.72
CA ARG B 104 32.69 -25.90 -43.61
C ARG B 104 32.50 -26.89 -44.77
N LYS B 105 33.15 -26.60 -45.88
CA LYS B 105 33.04 -27.45 -47.06
C LYS B 105 33.88 -28.71 -46.89
N ILE B 106 33.19 -29.84 -46.74
CA ILE B 106 33.85 -31.13 -46.57
C ILE B 106 34.05 -31.82 -47.90
N VAL B 107 33.10 -31.64 -48.80
CA VAL B 107 33.16 -32.26 -50.11
C VAL B 107 33.00 -31.21 -51.21
N MET A 1 -34.50 1.04 5.56
CA MET A 1 -33.91 0.30 4.43
C MET A 1 -32.41 0.19 4.62
N SER A 2 -31.91 -1.04 4.74
CA SER A 2 -30.49 -1.28 4.91
C SER A 2 -29.81 -1.52 3.58
N ILE A 3 -30.58 -2.01 2.61
CA ILE A 3 -30.04 -2.31 1.28
C ILE A 3 -29.41 -1.07 0.62
N VAL A 4 -29.96 0.10 0.90
CA VAL A 4 -29.44 1.34 0.33
C VAL A 4 -28.12 1.73 0.99
N SER A 5 -27.94 1.32 2.22
CA SER A 5 -26.71 1.58 2.96
C SER A 5 -25.58 0.71 2.45
N GLN A 6 -25.92 -0.55 2.16
CA GLN A 6 -24.96 -1.52 1.67
C GLN A 6 -24.41 -1.08 0.31
N THR A 7 -25.30 -0.63 -0.57
CA THR A 7 -24.91 -0.19 -1.90
C THR A 7 -24.07 1.08 -1.85
N ARG A 8 -24.51 2.04 -1.03
CA ARG A 8 -23.83 3.31 -0.88
C ARG A 8 -22.42 3.13 -0.31
N ASN A 9 -22.32 2.38 0.78
CA ASN A 9 -21.03 2.16 1.43
C ASN A 9 -20.08 1.35 0.55
N LYS A 10 -20.60 0.30 -0.08
CA LYS A 10 -19.79 -0.57 -0.93
C LYS A 10 -19.21 0.18 -2.13
N GLU A 11 -20.02 1.04 -2.73
CA GLU A 11 -19.60 1.82 -3.89
C GLU A 11 -18.54 2.85 -3.49
N LEU A 12 -18.77 3.51 -2.37
CA LEU A 12 -17.87 4.54 -1.87
C LEU A 12 -16.47 3.98 -1.61
N LEU A 13 -16.39 2.90 -0.82
CA LEU A 13 -15.11 2.30 -0.49
C LEU A 13 -14.41 1.74 -1.75
N LEU A 14 -15.22 1.30 -2.70
CA LEU A 14 -14.71 0.75 -3.96
C LEU A 14 -13.91 1.82 -4.71
N LYS A 15 -14.46 3.02 -4.76
CA LYS A 15 -13.83 4.14 -5.45
C LYS A 15 -12.64 4.68 -4.66
N LYS A 16 -12.74 4.68 -3.33
CA LYS A 16 -11.68 5.20 -2.48
C LYS A 16 -10.42 4.34 -2.56
N ILE A 17 -10.59 3.02 -2.56
CA ILE A 17 -9.46 2.11 -2.62
C ILE A 17 -8.83 2.09 -4.02
N ASP A 18 -9.66 2.28 -5.04
CA ASP A 18 -9.19 2.31 -6.43
C ASP A 18 -8.20 3.46 -6.63
N SER A 19 -8.63 4.64 -6.21
CA SER A 19 -7.82 5.85 -6.31
C SER A 19 -6.60 5.81 -5.40
N LEU A 20 -6.71 5.07 -4.31
CA LEU A 20 -5.64 4.94 -3.34
C LEU A 20 -4.35 4.50 -4.03
N ILE A 21 -4.43 3.43 -4.81
CA ILE A 21 -3.27 2.93 -5.53
C ILE A 21 -2.82 3.92 -6.59
N GLU A 22 -3.77 4.62 -7.18
CA GLU A 22 -3.47 5.61 -8.22
C GLU A 22 -2.58 6.71 -7.68
N ALA A 23 -2.87 7.15 -6.45
CA ALA A 23 -2.11 8.22 -5.81
C ALA A 23 -0.67 7.79 -5.59
N ILE A 24 -0.48 6.57 -5.10
CA ILE A 24 0.86 6.04 -4.85
C ILE A 24 1.58 5.82 -6.19
N LYS A 25 0.80 5.39 -7.19
CA LYS A 25 1.33 5.15 -8.53
C LYS A 25 1.84 6.45 -9.15
N LYS A 26 1.16 7.54 -8.83
CA LYS A 26 1.53 8.84 -9.33
C LYS A 26 2.88 9.28 -8.77
N ILE A 27 3.09 9.02 -7.47
CA ILE A 27 4.32 9.39 -6.80
C ILE A 27 5.54 8.75 -7.46
N ILE A 28 5.46 7.45 -7.74
CA ILE A 28 6.58 6.74 -8.36
C ILE A 28 6.83 7.24 -9.79
N ALA A 29 5.75 7.60 -10.48
CA ALA A 29 5.83 8.08 -11.85
C ALA A 29 6.54 9.44 -11.89
N GLU A 30 6.33 10.25 -10.87
CA GLU A 30 6.97 11.57 -10.81
C GLU A 30 8.48 11.41 -10.64
N PHE A 31 8.87 10.45 -9.79
CA PHE A 31 10.28 10.18 -9.52
C PHE A 31 11.02 9.85 -10.81
N ASP A 32 10.38 9.08 -11.68
CA ASP A 32 10.99 8.72 -12.96
C ASP A 32 11.20 9.96 -13.82
N VAL A 33 10.18 10.81 -13.88
CA VAL A 33 10.25 12.03 -14.66
C VAL A 33 11.37 12.95 -14.16
N VAL A 34 11.45 13.10 -12.84
CA VAL A 34 12.47 13.97 -12.24
C VAL A 34 13.87 13.46 -12.54
N LYS A 35 14.06 12.14 -12.48
CA LYS A 35 15.35 11.54 -12.74
C LYS A 35 15.85 11.86 -14.15
N GLU A 36 14.95 11.72 -15.12
CA GLU A 36 15.30 11.99 -16.51
C GLU A 36 15.45 13.50 -16.76
N SER A 37 14.69 14.28 -16.05
CA SER A 37 14.70 15.74 -16.16
C SER A 37 16.04 16.30 -15.78
N VAL A 38 16.60 15.85 -14.65
CA VAL A 38 17.89 16.34 -14.16
C VAL A 38 19.02 15.94 -15.11
N ASN A 39 18.84 14.84 -15.83
CA ASN A 39 19.86 14.39 -16.79
C ASN A 39 20.08 15.47 -17.84
N GLU A 40 18.99 15.91 -18.44
CA GLU A 40 19.02 16.93 -19.47
C GLU A 40 19.51 18.27 -18.92
N LEU A 41 19.01 18.65 -17.75
CA LEU A 41 19.38 19.91 -17.11
C LEU A 41 20.88 19.99 -16.82
N SER A 42 21.45 18.90 -16.34
CA SER A 42 22.86 18.84 -16.01
C SER A 42 23.71 19.00 -17.27
N GLU A 43 23.28 18.38 -18.36
CA GLU A 43 24.02 18.45 -19.61
C GLU A 43 24.10 19.88 -20.14
N LYS A 44 23.00 20.61 -20.03
CA LYS A 44 22.95 21.99 -20.49
C LYS A 44 23.77 22.90 -19.57
N ALA A 45 23.77 22.58 -18.27
CA ALA A 45 24.49 23.37 -17.29
C ALA A 45 26.01 23.16 -17.39
N LYS A 46 26.40 22.08 -18.06
CA LYS A 46 27.82 21.76 -18.24
C LYS A 46 28.50 22.74 -19.19
N THR A 47 27.72 23.50 -19.94
CA THR A 47 28.29 24.46 -20.89
C THR A 47 28.31 25.88 -20.33
N ASP A 48 27.80 26.07 -19.12
CA ASP A 48 27.76 27.40 -18.53
C ASP A 48 28.11 27.35 -17.04
N PRO A 49 29.08 28.17 -16.60
CA PRO A 49 29.53 28.21 -15.19
C PRO A 49 28.41 28.63 -14.23
N GLN A 50 27.57 29.57 -14.65
CA GLN A 50 26.48 30.04 -13.81
C GLN A 50 25.42 28.96 -13.67
N ALA A 51 25.11 28.32 -14.79
CA ALA A 51 24.12 27.24 -14.82
C ALA A 51 24.59 26.07 -13.96
N ALA A 52 25.90 25.82 -13.98
CA ALA A 52 26.47 24.74 -13.18
C ALA A 52 26.25 25.01 -11.70
N GLU A 53 26.41 26.27 -11.30
CA GLU A 53 26.22 26.66 -9.90
C GLU A 53 24.73 26.54 -9.53
N LYS A 54 23.86 26.80 -10.50
CA LYS A 54 22.43 26.71 -10.28
C LYS A 54 22.03 25.26 -10.02
N LEU A 55 22.54 24.37 -10.86
CA LEU A 55 22.26 22.94 -10.72
C LEU A 55 22.88 22.38 -9.44
N ASN A 56 23.97 23.03 -9.02
CA ASN A 56 24.69 22.62 -7.81
C ASN A 56 23.78 22.69 -6.59
N LYS A 57 23.11 23.81 -6.41
CA LYS A 57 22.21 24.01 -5.28
C LYS A 57 20.87 23.34 -5.52
N LEU A 58 20.42 23.31 -6.77
CA LEU A 58 19.14 22.69 -7.12
C LEU A 58 19.13 21.21 -6.76
N ILE A 59 20.18 20.51 -7.16
CA ILE A 59 20.29 19.08 -6.88
C ILE A 59 20.46 18.86 -5.37
N GLU A 60 21.15 19.80 -4.73
CA GLU A 60 21.40 19.74 -3.29
C GLU A 60 20.07 19.70 -2.53
N GLY A 61 19.16 20.59 -2.91
CA GLY A 61 17.85 20.65 -2.28
C GLY A 61 17.11 19.34 -2.43
N TYR A 62 17.21 18.74 -3.61
CA TYR A 62 16.53 17.47 -3.88
C TYR A 62 17.21 16.34 -3.10
N THR A 63 18.49 16.50 -2.84
CA THR A 63 19.24 15.50 -2.09
C THR A 63 18.80 15.48 -0.64
N TYR A 64 18.64 16.65 -0.05
CA TYR A 64 18.21 16.79 1.32
C TYR A 64 16.69 16.90 1.40
N GLY A 65 16.03 16.23 0.47
CA GLY A 65 14.59 16.26 0.40
C GLY A 65 13.93 15.62 1.61
N GLU A 66 13.53 16.45 2.56
CA GLU A 66 12.87 15.99 3.76
C GLU A 66 11.48 15.46 3.43
N GLU A 67 10.93 15.94 2.33
CA GLU A 67 9.61 15.53 1.88
C GLU A 67 9.67 14.12 1.29
N ARG A 68 10.76 13.82 0.60
CA ARG A 68 10.94 12.50 0.03
C ARG A 68 11.02 11.47 1.14
N LYS A 69 11.65 11.87 2.24
CA LYS A 69 11.78 11.02 3.41
C LYS A 69 10.41 10.81 4.05
N LEU A 70 9.55 11.81 3.91
CA LEU A 70 8.20 11.76 4.43
C LEU A 70 7.38 10.72 3.66
N TYR A 71 7.54 10.71 2.34
CA TYR A 71 6.81 9.76 1.49
C TYR A 71 7.26 8.34 1.83
N ASP A 72 8.54 8.20 2.10
CA ASP A 72 9.13 6.91 2.46
C ASP A 72 8.54 6.42 3.77
N SER A 73 8.49 7.32 4.75
CA SER A 73 7.97 7.01 6.07
C SER A 73 6.48 6.67 6.01
N ALA A 74 5.80 7.20 5.00
CA ALA A 74 4.39 6.95 4.79
C ALA A 74 4.18 5.49 4.41
N LEU A 75 5.10 4.97 3.60
CA LEU A 75 5.03 3.59 3.16
C LEU A 75 5.27 2.66 4.34
N SER A 76 6.07 3.13 5.30
CA SER A 76 6.37 2.36 6.49
C SER A 76 5.09 2.16 7.31
N LYS A 77 4.23 3.17 7.31
CA LYS A 77 2.97 3.09 8.04
C LYS A 77 2.02 2.13 7.34
N ILE A 78 2.11 2.08 6.02
CA ILE A 78 1.27 1.18 5.23
C ILE A 78 1.60 -0.26 5.59
N GLU A 79 2.88 -0.53 5.79
CA GLU A 79 3.35 -1.86 6.13
C GLU A 79 2.74 -2.31 7.46
N LYS A 80 2.64 -1.38 8.41
CA LYS A 80 2.08 -1.67 9.72
C LYS A 80 0.59 -1.99 9.61
N LEU A 81 -0.07 -1.34 8.65
CA LEU A 81 -1.49 -1.57 8.43
C LEU A 81 -1.70 -2.97 7.87
N ILE A 82 -0.78 -3.39 7.00
CA ILE A 82 -0.83 -4.72 6.41
C ILE A 82 -0.72 -5.77 7.50
N GLU A 83 0.22 -5.55 8.42
CA GLU A 83 0.46 -6.46 9.53
C GLU A 83 -0.75 -6.53 10.47
N THR A 84 -1.57 -5.50 10.46
CA THR A 84 -2.75 -5.47 11.32
C THR A 84 -3.83 -6.39 10.77
N LEU A 85 -3.89 -6.49 9.44
CA LEU A 85 -4.86 -7.36 8.79
C LEU A 85 -4.35 -8.78 8.71
N SER A 86 -3.07 -8.93 8.37
CA SER A 86 -2.44 -10.22 8.27
C SER A 86 -1.03 -10.17 8.82
N PRO A 87 -0.89 -10.40 10.14
CA PRO A 87 0.41 -10.37 10.81
C PRO A 87 1.34 -11.49 10.34
N ALA A 88 0.80 -12.71 10.32
CA ALA A 88 1.56 -13.91 9.92
C ALA A 88 2.79 -14.11 10.79
N ARG A 89 2.81 -13.45 11.94
CA ARG A 89 3.94 -13.55 12.86
C ARG A 89 3.55 -14.40 14.06
N SER A 90 2.42 -15.08 13.95
CA SER A 90 1.90 -15.93 15.01
C SER A 90 2.69 -17.24 15.08
N LYS A 91 4.00 -17.12 15.31
CA LYS A 91 4.90 -18.26 15.41
C LYS A 91 5.85 -18.05 16.58
N SER A 92 5.44 -17.21 17.53
CA SER A 92 6.26 -16.90 18.69
C SER A 92 5.55 -17.30 19.97
N GLN A 93 6.30 -17.35 21.06
CA GLN A 93 5.74 -17.71 22.36
C GLN A 93 5.04 -16.51 22.97
N SER A 94 3.77 -16.69 23.31
CA SER A 94 2.98 -15.63 23.92
C SER A 94 3.42 -15.38 25.36
N THR A 95 4.32 -14.44 25.54
CA THR A 95 4.81 -14.11 26.87
C THR A 95 5.28 -12.65 26.91
N MET A 96 5.41 -12.12 28.13
CA MET A 96 5.86 -10.74 28.31
C MET A 96 7.33 -10.72 28.68
N ASN A 97 7.81 -9.56 29.12
CA ASN A 97 9.21 -9.38 29.50
C ASN A 97 9.54 -10.18 30.75
N GLN A 98 10.26 -11.27 30.58
CA GLN A 98 10.65 -12.12 31.68
C GLN A 98 11.97 -12.82 31.36
N ARG A 99 13.00 -12.54 32.16
CA ARG A 99 14.29 -13.15 31.96
C ARG A 99 14.65 -14.04 33.15
N ASN A 100 15.15 -15.23 32.85
CA ASN A 100 15.54 -16.18 33.88
C ASN A 100 16.91 -16.76 33.54
N ARG A 101 17.54 -17.41 34.51
CA ARG A 101 18.84 -18.01 34.31
C ARG A 101 18.69 -19.41 33.71
N ASN A 102 19.78 -19.96 33.18
CA ASN A 102 19.76 -21.29 32.58
C ASN A 102 19.57 -22.35 33.65
N ASN A 103 18.32 -22.72 33.89
CA ASN A 103 18.01 -23.74 34.90
C ASN A 103 17.43 -24.98 34.24
N ARG A 104 17.04 -25.96 35.04
CA ARG A 104 16.48 -27.20 34.53
C ARG A 104 14.99 -27.08 34.33
N LYS A 105 14.60 -26.60 33.15
CA LYS A 105 13.20 -26.45 32.81
C LYS A 105 12.59 -27.81 32.47
N ILE A 106 11.68 -28.27 33.31
CA ILE A 106 11.02 -29.55 33.09
C ILE A 106 9.54 -29.32 32.80
N VAL A 107 8.83 -30.39 32.49
CA VAL A 107 7.40 -30.33 32.20
C VAL A 107 6.58 -30.68 33.43
N MET B 1 9.75 32.14 -12.64
CA MET B 1 8.94 31.87 -11.45
C MET B 1 8.37 30.46 -11.49
N SER B 2 9.21 29.52 -11.20
CA SER B 2 8.83 28.11 -11.16
C SER B 2 8.38 27.70 -9.78
N ILE B 3 8.67 28.59 -8.82
CA ILE B 3 8.34 28.36 -7.42
C ILE B 3 6.83 28.32 -7.19
N VAL B 4 6.08 29.07 -8.00
CA VAL B 4 4.63 29.13 -7.86
C VAL B 4 3.99 27.77 -8.18
N SER B 5 4.52 27.10 -9.19
CA SER B 5 4.02 25.80 -9.60
C SER B 5 4.52 24.71 -8.69
N GLN B 6 5.75 24.89 -8.20
CA GLN B 6 6.37 23.91 -7.31
C GLN B 6 5.60 23.83 -5.98
N THR B 7 5.25 24.99 -5.42
CA THR B 7 4.52 25.03 -4.17
C THR B 7 3.10 24.49 -4.35
N ARG B 8 2.53 24.74 -5.53
CA ARG B 8 1.19 24.28 -5.85
C ARG B 8 1.17 22.75 -5.93
N ASN B 9 2.16 22.21 -6.64
CA ASN B 9 2.29 20.77 -6.82
C ASN B 9 2.53 20.07 -5.49
N LYS B 10 3.41 20.65 -4.68
CA LYS B 10 3.76 20.09 -3.38
C LYS B 10 2.55 20.01 -2.45
N GLU B 11 1.78 21.08 -2.38
CA GLU B 11 0.61 21.12 -1.51
C GLU B 11 -0.42 20.08 -1.95
N LEU B 12 -0.58 19.93 -3.26
CA LEU B 12 -1.53 18.99 -3.82
C LEU B 12 -1.22 17.55 -3.39
N LEU B 13 -0.03 17.07 -3.72
CA LEU B 13 0.35 15.70 -3.39
C LEU B 13 0.42 15.47 -1.87
N LEU B 14 0.80 16.49 -1.12
CA LEU B 14 0.91 16.38 0.32
C LEU B 14 -0.45 16.07 0.94
N LYS B 15 -1.46 16.81 0.51
CA LYS B 15 -2.81 16.64 1.02
C LYS B 15 -3.44 15.35 0.46
N LYS B 16 -3.00 14.96 -0.73
CA LYS B 16 -3.49 13.74 -1.35
C LYS B 16 -3.04 12.52 -0.56
N ILE B 17 -1.81 12.55 -0.08
CA ILE B 17 -1.25 11.46 0.70
C ILE B 17 -1.81 11.49 2.12
N ASP B 18 -2.10 12.68 2.62
CA ASP B 18 -2.65 12.86 3.95
C ASP B 18 -4.02 12.16 4.05
N SER B 19 -4.83 12.37 3.02
CA SER B 19 -6.15 11.77 2.95
C SER B 19 -6.05 10.28 2.63
N LEU B 20 -5.00 9.92 1.91
CA LEU B 20 -4.74 8.54 1.51
C LEU B 20 -4.74 7.61 2.72
N ILE B 21 -3.95 7.96 3.73
CA ILE B 21 -3.87 7.15 4.94
C ILE B 21 -5.15 7.23 5.75
N GLU B 22 -5.84 8.36 5.67
CA GLU B 22 -7.11 8.53 6.38
C GLU B 22 -8.15 7.58 5.82
N ALA B 23 -8.16 7.45 4.50
CA ALA B 23 -9.09 6.58 3.81
C ALA B 23 -8.89 5.12 4.23
N ILE B 24 -7.64 4.70 4.27
CA ILE B 24 -7.30 3.34 4.65
C ILE B 24 -7.68 3.07 6.11
N LYS B 25 -7.48 4.07 6.95
CA LYS B 25 -7.81 3.96 8.37
C LYS B 25 -9.33 3.78 8.51
N LYS B 26 -10.08 4.43 7.65
CA LYS B 26 -11.53 4.34 7.65
C LYS B 26 -11.96 2.93 7.25
N ILE B 27 -11.28 2.38 6.23
CA ILE B 27 -11.57 1.04 5.72
C ILE B 27 -11.46 -0.02 6.81
N ILE B 28 -10.32 -0.06 7.50
CA ILE B 28 -10.10 -1.06 8.55
C ILE B 28 -11.11 -0.88 9.70
N ALA B 29 -11.48 0.37 9.97
CA ALA B 29 -12.43 0.67 11.02
C ALA B 29 -13.81 0.10 10.69
N GLU B 30 -14.22 0.28 9.43
CA GLU B 30 -15.52 -0.22 8.99
C GLU B 30 -15.62 -1.73 9.16
N PHE B 31 -14.57 -2.44 8.72
CA PHE B 31 -14.53 -3.89 8.79
C PHE B 31 -14.74 -4.39 10.22
N ASP B 32 -14.15 -3.70 11.18
CA ASP B 32 -14.28 -4.08 12.59
C ASP B 32 -15.71 -3.85 13.09
N VAL B 33 -16.31 -2.74 12.66
CA VAL B 33 -17.68 -2.42 13.06
C VAL B 33 -18.66 -3.40 12.43
N VAL B 34 -18.53 -3.64 11.13
CA VAL B 34 -19.42 -4.56 10.42
C VAL B 34 -19.33 -5.96 11.02
N LYS B 35 -18.14 -6.36 11.45
CA LYS B 35 -17.93 -7.66 12.06
C LYS B 35 -18.80 -7.83 13.30
N GLU B 36 -18.83 -6.81 14.14
CA GLU B 36 -19.62 -6.85 15.37
C GLU B 36 -21.11 -6.70 15.05
N SER B 37 -21.43 -5.85 14.09
CA SER B 37 -22.81 -5.58 13.69
C SER B 37 -23.49 -6.84 13.23
N VAL B 38 -22.84 -7.63 12.39
CA VAL B 38 -23.43 -8.84 11.85
C VAL B 38 -23.59 -9.89 12.95
N ASN B 39 -22.72 -9.84 13.94
CA ASN B 39 -22.77 -10.78 15.06
C ASN B 39 -24.06 -10.56 15.86
N GLU B 40 -24.29 -9.30 16.22
CA GLU B 40 -25.47 -8.93 16.99
C GLU B 40 -26.74 -9.12 16.18
N LEU B 41 -26.69 -8.70 14.92
CA LEU B 41 -27.83 -8.78 14.01
C LEU B 41 -28.29 -10.22 13.78
N SER B 42 -27.34 -11.13 13.57
CA SER B 42 -27.67 -12.53 13.32
C SER B 42 -28.46 -13.14 14.48
N GLU B 43 -28.03 -12.85 15.71
CA GLU B 43 -28.69 -13.40 16.89
C GLU B 43 -30.13 -12.89 17.01
N LYS B 44 -30.37 -11.65 16.63
CA LYS B 44 -31.71 -11.07 16.72
C LYS B 44 -32.62 -11.57 15.59
N ALA B 45 -32.07 -11.67 14.40
CA ALA B 45 -32.83 -12.13 13.24
C ALA B 45 -33.13 -13.62 13.29
N LYS B 46 -32.36 -14.34 14.09
CA LYS B 46 -32.52 -15.78 14.24
C LYS B 46 -33.84 -16.13 14.92
N THR B 47 -34.46 -15.15 15.55
CA THR B 47 -35.72 -15.37 16.25
C THR B 47 -36.90 -15.40 15.28
N ASP B 48 -36.63 -15.05 14.02
CA ASP B 48 -37.66 -15.04 12.99
C ASP B 48 -37.21 -15.89 11.80
N PRO B 49 -38.00 -16.92 11.42
CA PRO B 49 -37.66 -17.81 10.31
C PRO B 49 -37.45 -17.07 8.98
N GLN B 50 -38.19 -15.99 8.78
CA GLN B 50 -38.08 -15.21 7.56
C GLN B 50 -36.83 -14.34 7.59
N ALA B 51 -36.60 -13.71 8.73
CA ALA B 51 -35.43 -12.85 8.90
C ALA B 51 -34.15 -13.66 8.83
N ALA B 52 -34.15 -14.82 9.48
CA ALA B 52 -33.00 -15.72 9.47
C ALA B 52 -32.74 -16.22 8.06
N GLU B 53 -33.82 -16.36 7.30
CA GLU B 53 -33.73 -16.80 5.92
C GLU B 53 -32.94 -15.80 5.09
N LYS B 54 -33.25 -14.51 5.30
CA LYS B 54 -32.57 -13.44 4.58
C LYS B 54 -31.11 -13.35 4.98
N LEU B 55 -30.85 -13.49 6.28
CA LEU B 55 -29.49 -13.41 6.79
C LEU B 55 -28.63 -14.54 6.24
N ASN B 56 -29.23 -15.71 6.05
CA ASN B 56 -28.51 -16.86 5.54
C ASN B 56 -27.99 -16.63 4.13
N LYS B 57 -28.82 -16.02 3.28
CA LYS B 57 -28.40 -15.74 1.90
C LYS B 57 -27.48 -14.53 1.84
N LEU B 58 -27.68 -13.59 2.77
CA LEU B 58 -26.88 -12.39 2.85
C LEU B 58 -25.42 -12.72 3.18
N ILE B 59 -25.23 -13.55 4.21
CA ILE B 59 -23.88 -13.97 4.62
C ILE B 59 -23.23 -14.77 3.50
N GLU B 60 -24.06 -15.51 2.76
CA GLU B 60 -23.60 -16.30 1.64
C GLU B 60 -23.04 -15.36 0.57
N GLY B 61 -23.72 -14.25 0.37
CA GLY B 61 -23.29 -13.26 -0.60
C GLY B 61 -21.95 -12.64 -0.25
N TYR B 62 -21.75 -12.36 1.03
CA TYR B 62 -20.49 -11.78 1.50
C TYR B 62 -19.36 -12.79 1.36
N THR B 63 -19.71 -14.06 1.48
CA THR B 63 -18.72 -15.13 1.38
C THR B 63 -18.32 -15.36 -0.08
N TYR B 64 -19.32 -15.43 -0.96
CA TYR B 64 -19.07 -15.64 -2.38
C TYR B 64 -19.03 -14.31 -3.12
N GLY B 65 -18.57 -13.28 -2.43
CA GLY B 65 -18.48 -11.96 -3.02
C GLY B 65 -17.18 -11.77 -3.76
N GLU B 66 -17.26 -11.76 -5.09
CA GLU B 66 -16.09 -11.58 -5.93
C GLU B 66 -15.46 -10.20 -5.75
N GLU B 67 -16.30 -9.18 -5.59
CA GLU B 67 -15.82 -7.82 -5.42
C GLU B 67 -15.03 -7.68 -4.13
N ARG B 68 -15.32 -8.56 -3.18
CA ARG B 68 -14.61 -8.56 -1.90
C ARG B 68 -13.18 -9.02 -2.14
N LYS B 69 -13.04 -10.03 -2.99
CA LYS B 69 -11.73 -10.57 -3.35
C LYS B 69 -10.91 -9.50 -4.05
N LEU B 70 -11.59 -8.63 -4.80
CA LEU B 70 -10.94 -7.56 -5.52
C LEU B 70 -10.25 -6.60 -4.56
N TYR B 71 -10.89 -6.35 -3.41
CA TYR B 71 -10.33 -5.45 -2.41
C TYR B 71 -9.05 -6.05 -1.83
N ASP B 72 -9.08 -7.34 -1.55
CA ASP B 72 -7.93 -8.05 -1.00
C ASP B 72 -6.78 -8.02 -2.02
N SER B 73 -7.14 -8.18 -3.29
CA SER B 73 -6.16 -8.18 -4.36
C SER B 73 -5.56 -6.79 -4.55
N ALA B 74 -6.31 -5.77 -4.14
CA ALA B 74 -5.84 -4.38 -4.25
C ALA B 74 -4.67 -4.15 -3.30
N LEU B 75 -4.74 -4.77 -2.13
CA LEU B 75 -3.68 -4.66 -1.14
C LEU B 75 -2.44 -5.34 -1.69
N SER B 76 -2.64 -6.40 -2.46
CA SER B 76 -1.55 -7.14 -3.07
C SER B 76 -0.84 -6.26 -4.11
N LYS B 77 -1.58 -5.31 -4.68
CA LYS B 77 -1.03 -4.39 -5.65
C LYS B 77 -0.08 -3.42 -4.94
N ILE B 78 -0.44 -3.11 -3.69
CA ILE B 78 0.39 -2.23 -2.86
C ILE B 78 1.71 -2.93 -2.56
N GLU B 79 1.62 -4.24 -2.31
CA GLU B 79 2.80 -5.06 -2.03
C GLU B 79 3.77 -5.00 -3.21
N LYS B 80 3.21 -4.95 -4.42
CA LYS B 80 4.02 -4.86 -5.63
C LYS B 80 4.82 -3.57 -5.63
N LEU B 81 4.21 -2.50 -5.17
CA LEU B 81 4.89 -1.20 -5.11
C LEU B 81 6.02 -1.25 -4.09
N ILE B 82 5.76 -1.87 -2.95
CA ILE B 82 6.76 -2.01 -1.89
C ILE B 82 7.95 -2.80 -2.43
N GLU B 83 7.64 -3.84 -3.18
CA GLU B 83 8.64 -4.71 -3.79
C GLU B 83 9.47 -3.94 -4.82
N THR B 84 8.88 -2.90 -5.40
CA THR B 84 9.56 -2.07 -6.38
C THR B 84 10.52 -1.09 -5.70
N LEU B 85 10.17 -0.70 -4.48
CA LEU B 85 10.99 0.23 -3.70
C LEU B 85 12.22 -0.49 -3.14
N SER B 86 12.04 -1.77 -2.82
CA SER B 86 13.11 -2.59 -2.29
C SER B 86 12.88 -4.06 -2.63
N PRO B 87 13.51 -4.55 -3.70
CA PRO B 87 13.37 -5.95 -4.13
C PRO B 87 13.94 -6.92 -3.10
N ALA B 88 15.18 -6.65 -2.67
CA ALA B 88 15.88 -7.47 -1.67
C ALA B 88 16.16 -8.89 -2.15
N ARG B 89 15.90 -9.15 -3.43
CA ARG B 89 16.12 -10.47 -3.99
C ARG B 89 16.95 -10.38 -5.27
N SER B 90 18.18 -10.85 -5.19
CA SER B 90 19.08 -10.83 -6.34
C SER B 90 19.79 -12.16 -6.52
N LYS B 91 19.22 -13.20 -5.91
CA LYS B 91 19.79 -14.54 -5.99
C LYS B 91 18.94 -15.44 -6.87
N SER B 92 19.29 -15.51 -8.16
CA SER B 92 18.56 -16.32 -9.12
C SER B 92 19.42 -17.47 -9.64
N GLN B 93 18.78 -18.58 -9.94
CA GLN B 93 19.48 -19.76 -10.46
C GLN B 93 19.55 -19.70 -11.97
N SER B 94 18.64 -18.93 -12.55
CA SER B 94 18.56 -18.75 -14.00
C SER B 94 18.34 -20.09 -14.71
N THR B 95 17.24 -20.75 -14.39
CA THR B 95 16.92 -22.03 -15.02
C THR B 95 15.41 -22.17 -15.19
N MET B 96 15.00 -22.89 -16.23
CA MET B 96 13.58 -23.09 -16.53
C MET B 96 13.29 -24.58 -16.72
N ASN B 97 12.27 -24.90 -17.51
CA ASN B 97 11.92 -26.29 -17.76
C ASN B 97 12.78 -26.87 -18.88
N GLN B 98 13.94 -27.39 -18.50
CA GLN B 98 14.88 -27.97 -19.45
C GLN B 98 15.44 -29.28 -18.91
N ARG B 99 15.99 -29.20 -17.70
CA ARG B 99 16.61 -30.33 -17.01
C ARG B 99 17.87 -30.77 -17.75
N ASN B 100 17.71 -31.65 -18.74
CA ASN B 100 18.83 -32.17 -19.52
C ASN B 100 18.33 -33.12 -20.59
N ARG B 101 19.23 -33.56 -21.45
CA ARG B 101 18.88 -34.49 -22.52
C ARG B 101 19.33 -35.90 -22.18
N ASN B 102 18.44 -36.86 -22.36
CA ASN B 102 18.74 -38.25 -22.07
C ASN B 102 19.52 -38.85 -23.23
N ASN B 103 19.30 -38.31 -24.43
CA ASN B 103 19.97 -38.77 -25.65
C ASN B 103 19.61 -40.23 -25.95
N ARG B 104 20.31 -40.81 -26.93
CA ARG B 104 20.08 -42.20 -27.33
C ARG B 104 18.67 -42.38 -27.87
N LYS B 105 18.18 -41.36 -28.56
CA LYS B 105 16.85 -41.40 -29.15
C LYS B 105 16.86 -42.32 -30.37
N ILE B 106 15.78 -43.04 -30.58
CA ILE B 106 15.68 -43.94 -31.71
C ILE B 106 15.30 -43.15 -32.98
N VAL B 107 14.48 -43.74 -33.84
CA VAL B 107 14.05 -43.06 -35.05
C VAL B 107 13.24 -41.81 -34.71
N MET A 1 -36.62 0.28 0.15
CA MET A 1 -35.79 -0.44 -0.85
C MET A 1 -34.33 -0.46 -0.44
N SER A 2 -33.86 -1.63 -0.05
CA SER A 2 -32.47 -1.80 0.36
C SER A 2 -31.58 -2.03 -0.85
N ILE A 3 -32.19 -2.49 -1.93
CA ILE A 3 -31.46 -2.79 -3.16
C ILE A 3 -30.74 -1.56 -3.73
N VAL A 4 -31.38 -0.39 -3.61
CA VAL A 4 -30.80 0.85 -4.12
C VAL A 4 -29.67 1.34 -3.20
N SER A 5 -29.72 0.92 -1.96
CA SER A 5 -28.70 1.27 -0.97
C SER A 5 -27.42 0.51 -1.23
N GLN A 6 -27.62 -0.81 -1.41
CA GLN A 6 -26.51 -1.71 -1.66
C GLN A 6 -25.79 -1.37 -2.96
N THR A 7 -26.55 -1.04 -3.99
CA THR A 7 -25.97 -0.70 -5.30
C THR A 7 -25.15 0.59 -5.24
N ARG A 8 -25.74 1.62 -4.63
CA ARG A 8 -25.08 2.92 -4.51
C ARG A 8 -23.82 2.83 -3.65
N ASN A 9 -23.91 2.11 -2.55
CA ASN A 9 -22.79 1.94 -1.63
C ASN A 9 -21.66 1.14 -2.29
N LYS A 10 -22.05 0.07 -2.96
CA LYS A 10 -21.10 -0.83 -3.62
C LYS A 10 -20.29 -0.11 -4.69
N GLU A 11 -20.97 0.64 -5.55
CA GLU A 11 -20.30 1.37 -6.62
C GLU A 11 -19.40 2.48 -6.07
N LEU A 12 -19.89 3.17 -5.05
CA LEU A 12 -19.16 4.27 -4.42
C LEU A 12 -17.81 3.81 -3.88
N LEU A 13 -17.84 2.84 -2.97
CA LEU A 13 -16.61 2.33 -2.35
C LEU A 13 -15.68 1.65 -3.35
N LEU A 14 -16.26 1.01 -4.37
CA LEU A 14 -15.48 0.31 -5.37
C LEU A 14 -14.65 1.29 -6.21
N LYS A 15 -15.28 2.35 -6.65
CA LYS A 15 -14.61 3.35 -7.47
C LYS A 15 -13.68 4.22 -6.62
N LYS A 16 -14.01 4.38 -5.34
CA LYS A 16 -13.19 5.16 -4.43
C LYS A 16 -11.85 4.48 -4.21
N ILE A 17 -11.89 3.19 -3.87
CA ILE A 17 -10.68 2.41 -3.63
C ILE A 17 -9.88 2.24 -4.93
N ASP A 18 -10.59 2.14 -6.05
CA ASP A 18 -9.94 1.99 -7.35
C ASP A 18 -9.07 3.21 -7.64
N SER A 19 -9.56 4.38 -7.28
CA SER A 19 -8.84 5.62 -7.48
C SER A 19 -7.60 5.69 -6.59
N LEU A 20 -7.67 5.05 -5.42
CA LEU A 20 -6.56 5.03 -4.48
C LEU A 20 -5.32 4.41 -5.11
N ILE A 21 -5.47 3.22 -5.66
CA ILE A 21 -4.34 2.52 -6.28
C ILE A 21 -3.90 3.21 -7.56
N GLU A 22 -4.82 3.85 -8.25
CA GLU A 22 -4.50 4.56 -9.49
C GLU A 22 -3.60 5.76 -9.21
N ALA A 23 -3.88 6.46 -8.12
CA ALA A 23 -3.11 7.63 -7.73
C ALA A 23 -1.68 7.25 -7.35
N ILE A 24 -1.54 6.13 -6.65
CA ILE A 24 -0.23 5.65 -6.22
C ILE A 24 0.62 5.27 -7.42
N LYS A 25 -0.03 4.71 -8.44
CA LYS A 25 0.65 4.32 -9.67
C LYS A 25 1.28 5.54 -10.33
N LYS A 26 0.59 6.68 -10.17
CA LYS A 26 1.06 7.93 -10.74
C LYS A 26 2.28 8.45 -9.96
N ILE A 27 2.25 8.25 -8.64
CA ILE A 27 3.35 8.70 -7.77
C ILE A 27 4.69 8.15 -8.25
N ILE A 28 4.76 6.84 -8.45
CA ILE A 28 5.99 6.19 -8.88
C ILE A 28 6.36 6.58 -10.33
N ALA A 29 5.35 6.76 -11.17
CA ALA A 29 5.57 7.14 -12.56
C ALA A 29 6.25 8.50 -12.66
N GLU A 30 5.83 9.43 -11.81
CA GLU A 30 6.40 10.78 -11.80
C GLU A 30 7.85 10.75 -11.33
N PHE A 31 8.18 9.87 -10.39
CA PHE A 31 9.54 9.77 -9.88
C PHE A 31 10.50 9.41 -10.99
N ASP A 32 10.06 8.52 -11.88
CA ASP A 32 10.88 8.12 -13.01
C ASP A 32 11.07 9.27 -13.98
N VAL A 33 10.02 10.07 -14.14
CA VAL A 33 10.06 11.23 -15.03
C VAL A 33 11.01 12.29 -14.48
N VAL A 34 10.90 12.56 -13.19
CA VAL A 34 11.75 13.55 -12.53
C VAL A 34 13.23 13.16 -12.65
N LYS A 35 13.51 11.87 -12.57
CA LYS A 35 14.89 11.39 -12.68
C LYS A 35 15.48 11.75 -14.04
N GLU A 36 14.67 11.58 -15.09
CA GLU A 36 15.09 11.91 -16.44
C GLU A 36 15.14 13.43 -16.64
N SER A 37 14.21 14.13 -16.02
CA SER A 37 14.10 15.58 -16.11
C SER A 37 15.33 16.27 -15.58
N VAL A 38 15.81 15.87 -14.39
CA VAL A 38 16.99 16.48 -13.79
C VAL A 38 18.24 16.18 -14.61
N ASN A 39 18.22 15.05 -15.31
CA ASN A 39 19.33 14.63 -16.16
C ASN A 39 19.57 15.65 -17.28
N GLU A 40 18.49 16.01 -17.96
CA GLU A 40 18.54 16.96 -19.07
C GLU A 40 18.77 18.39 -18.55
N LEU A 41 18.09 18.72 -17.46
CA LEU A 41 18.20 20.05 -16.87
C LEU A 41 19.63 20.35 -16.42
N SER A 42 20.27 19.37 -15.81
CA SER A 42 21.63 19.54 -15.34
C SER A 42 22.59 19.79 -16.50
N GLU A 43 22.32 19.12 -17.64
CA GLU A 43 23.17 19.29 -18.81
C GLU A 43 23.07 20.71 -19.36
N LYS A 44 21.85 21.23 -19.44
CA LYS A 44 21.62 22.58 -19.95
C LYS A 44 22.18 23.62 -18.99
N ALA A 45 22.19 23.28 -17.71
CA ALA A 45 22.70 24.17 -16.68
C ALA A 45 24.22 24.22 -16.67
N LYS A 46 24.85 23.10 -17.06
CA LYS A 46 26.30 23.01 -17.09
C LYS A 46 26.90 23.94 -18.13
N THR A 47 26.08 24.39 -19.08
CA THR A 47 26.55 25.27 -20.14
C THR A 47 26.61 26.73 -19.65
N ASP A 48 26.03 27.00 -18.50
CA ASP A 48 26.03 28.35 -17.95
C ASP A 48 26.55 28.36 -16.52
N PRO A 49 27.52 29.24 -16.21
CA PRO A 49 28.11 29.34 -14.86
C PRO A 49 27.09 29.67 -13.77
N GLN A 50 26.11 30.49 -14.10
CA GLN A 50 25.10 30.88 -13.13
C GLN A 50 24.10 29.75 -12.94
N ALA A 51 23.78 29.09 -14.04
CA ALA A 51 22.84 27.98 -14.01
C ALA A 51 23.43 26.77 -13.30
N ALA A 52 24.74 26.58 -13.47
CA ALA A 52 25.45 25.47 -12.85
C ALA A 52 25.37 25.52 -11.33
N GLU A 53 25.64 26.70 -10.76
CA GLU A 53 25.59 26.86 -9.30
C GLU A 53 24.16 26.69 -8.80
N LYS A 54 23.19 27.03 -9.64
CA LYS A 54 21.79 26.90 -9.29
C LYS A 54 21.41 25.43 -9.21
N LEU A 55 22.02 24.62 -10.07
CA LEU A 55 21.75 23.19 -10.09
C LEU A 55 22.45 22.51 -8.91
N ASN A 56 23.49 23.16 -8.40
CA ASN A 56 24.23 22.62 -7.26
C ASN A 56 23.34 22.63 -6.01
N LYS A 57 22.71 23.78 -5.76
CA LYS A 57 21.82 23.93 -4.62
C LYS A 57 20.55 23.11 -4.84
N LEU A 58 20.17 22.95 -6.10
CA LEU A 58 18.98 22.19 -6.47
C LEU A 58 19.09 20.74 -5.98
N ILE A 59 20.20 20.10 -6.33
CA ILE A 59 20.45 18.71 -5.93
C ILE A 59 20.62 18.60 -4.41
N GLU A 60 21.19 19.64 -3.81
CA GLU A 60 21.40 19.68 -2.37
C GLU A 60 20.07 19.63 -1.64
N GLY A 61 19.11 20.37 -2.15
CA GLY A 61 17.79 20.38 -1.55
C GLY A 61 17.09 19.05 -1.75
N TYR A 62 17.39 18.41 -2.87
CA TYR A 62 16.82 17.12 -3.18
C TYR A 62 17.35 16.02 -2.26
N THR A 63 18.64 16.09 -1.95
CA THR A 63 19.27 15.11 -1.08
C THR A 63 18.80 15.25 0.37
N TYR A 64 18.68 16.49 0.82
CA TYR A 64 18.23 16.76 2.18
C TYR A 64 16.73 17.03 2.21
N GLY A 65 16.00 16.42 1.29
CA GLY A 65 14.56 16.60 1.24
C GLY A 65 13.87 16.03 2.48
N GLU A 66 13.43 16.91 3.36
CA GLU A 66 12.74 16.50 4.57
C GLU A 66 11.39 15.89 4.22
N GLU A 67 10.80 16.43 3.17
CA GLU A 67 9.52 15.97 2.67
C GLU A 67 9.64 14.51 2.21
N ARG A 68 10.75 14.21 1.55
CA ARG A 68 11.01 12.86 1.06
C ARG A 68 11.12 11.89 2.23
N LYS A 69 11.73 12.37 3.31
CA LYS A 69 11.91 11.57 4.51
C LYS A 69 10.55 11.24 5.12
N LEU A 70 9.63 12.21 5.07
CA LEU A 70 8.28 12.02 5.60
C LEU A 70 7.53 10.99 4.76
N TYR A 71 7.79 10.97 3.46
CA TYR A 71 7.13 10.02 2.56
C TYR A 71 7.55 8.60 2.88
N ASP A 72 8.80 8.44 3.31
CA ASP A 72 9.32 7.12 3.68
C ASP A 72 8.57 6.62 4.91
N SER A 73 8.34 7.52 5.85
CA SER A 73 7.62 7.19 7.08
C SER A 73 6.17 6.84 6.77
N ALA A 74 5.60 7.51 5.77
CA ALA A 74 4.21 7.26 5.37
C ALA A 74 4.08 5.85 4.79
N LEU A 75 5.04 5.46 3.97
CA LEU A 75 5.01 4.14 3.36
C LEU A 75 5.21 3.06 4.43
N SER A 76 5.92 3.43 5.49
CA SER A 76 6.17 2.51 6.59
C SER A 76 4.86 2.21 7.32
N LYS A 77 3.94 3.17 7.31
CA LYS A 77 2.64 3.02 7.94
C LYS A 77 1.80 2.01 7.16
N ILE A 78 1.99 2.03 5.84
CA ILE A 78 1.27 1.11 4.97
C ILE A 78 1.70 -0.33 5.27
N GLU A 79 3.01 -0.51 5.42
CA GLU A 79 3.57 -1.83 5.73
C GLU A 79 3.00 -2.35 7.06
N LYS A 80 2.84 -1.45 8.01
CA LYS A 80 2.29 -1.81 9.31
C LYS A 80 0.87 -2.34 9.16
N LEU A 81 0.11 -1.74 8.24
CA LEU A 81 -1.25 -2.17 7.99
C LEU A 81 -1.26 -3.57 7.39
N ILE A 82 -0.28 -3.82 6.52
CA ILE A 82 -0.16 -5.14 5.88
C ILE A 82 0.09 -6.21 6.94
N GLU A 83 0.96 -5.88 7.90
CA GLU A 83 1.27 -6.79 8.99
C GLU A 83 0.07 -6.99 9.91
N THR A 84 -0.75 -5.93 10.01
CA THR A 84 -1.94 -5.97 10.84
C THR A 84 -2.97 -6.96 10.30
N LEU A 85 -2.84 -7.29 9.01
CA LEU A 85 -3.74 -8.23 8.36
C LEU A 85 -3.36 -9.68 8.66
N SER A 86 -2.33 -9.85 9.48
CA SER A 86 -1.86 -11.17 9.85
C SER A 86 -2.03 -11.40 11.36
N PRO A 87 -2.58 -12.56 11.76
CA PRO A 87 -2.81 -12.89 13.18
C PRO A 87 -1.50 -12.97 13.97
N ALA A 88 -0.47 -13.56 13.36
CA ALA A 88 0.86 -13.71 13.97
C ALA A 88 0.83 -14.74 15.10
N ARG A 89 0.27 -14.35 16.24
CA ARG A 89 0.18 -15.24 17.40
C ARG A 89 -0.92 -14.77 18.35
N SER A 90 -1.91 -15.62 18.53
CA SER A 90 -3.02 -15.30 19.41
C SER A 90 -2.90 -16.08 20.72
N LYS A 91 -3.33 -15.47 21.82
CA LYS A 91 -3.24 -16.12 23.12
C LYS A 91 -4.58 -16.72 23.50
N SER A 92 -4.57 -18.00 23.88
CA SER A 92 -5.77 -18.70 24.27
C SER A 92 -6.30 -18.20 25.62
N GLN A 93 -5.41 -18.13 26.60
CA GLN A 93 -5.78 -17.67 27.93
C GLN A 93 -5.18 -16.30 28.20
N SER A 94 -6.05 -15.34 28.49
CA SER A 94 -5.63 -13.98 28.77
C SER A 94 -5.07 -13.87 30.19
N THR A 95 -3.76 -13.95 30.31
CA THR A 95 -3.09 -13.84 31.59
C THR A 95 -1.78 -13.07 31.42
N MET A 96 -1.32 -12.43 32.49
CA MET A 96 -0.09 -11.68 32.45
C MET A 96 1.06 -12.53 32.98
N ASN A 97 1.93 -12.97 32.08
CA ASN A 97 3.08 -13.79 32.46
C ASN A 97 4.13 -12.96 33.16
N GLN A 98 4.03 -12.87 34.48
CA GLN A 98 4.98 -12.09 35.28
C GLN A 98 5.37 -12.86 36.53
N ARG A 99 6.63 -12.76 36.92
CA ARG A 99 7.12 -13.44 38.10
C ARG A 99 6.55 -12.76 39.34
N ASN A 100 5.62 -13.42 39.99
CA ASN A 100 4.97 -12.88 41.18
C ASN A 100 4.69 -13.97 42.20
N ARG A 101 4.11 -13.60 43.33
CA ARG A 101 3.79 -14.55 44.37
C ARG A 101 2.46 -15.25 44.08
N ASN A 102 2.51 -16.21 43.18
CA ASN A 102 1.33 -16.98 42.80
C ASN A 102 1.53 -18.45 43.13
N ASN A 103 0.61 -19.02 43.91
CA ASN A 103 0.71 -20.43 44.30
C ASN A 103 -0.67 -21.08 44.22
N ARG A 104 -0.79 -22.12 43.40
CA ARG A 104 -2.07 -22.81 43.25
C ARG A 104 -1.86 -24.29 43.00
N LYS A 105 -2.47 -25.12 43.84
CA LYS A 105 -2.36 -26.57 43.71
C LYS A 105 -3.75 -27.20 43.67
N ILE A 106 -4.63 -26.74 44.55
CA ILE A 106 -5.99 -27.26 44.62
C ILE A 106 -6.98 -26.25 44.08
N VAL A 107 -8.26 -26.59 44.12
CA VAL A 107 -9.32 -25.72 43.62
C VAL A 107 -10.45 -25.61 44.64
N MET B 1 9.88 31.06 -12.19
CA MET B 1 8.86 30.94 -11.15
C MET B 1 8.84 29.52 -10.60
N SER B 2 10.01 28.95 -10.40
CA SER B 2 10.16 27.59 -9.89
C SER B 2 9.57 27.46 -8.50
N ILE B 3 9.42 28.56 -7.80
CA ILE B 3 8.90 28.53 -6.45
C ILE B 3 7.47 27.99 -6.42
N VAL B 4 6.65 28.39 -7.38
CA VAL B 4 5.26 27.95 -7.44
C VAL B 4 5.18 26.52 -8.00
N SER B 5 6.19 26.11 -8.73
CA SER B 5 6.22 24.78 -9.32
C SER B 5 6.51 23.73 -8.29
N GLN B 6 7.64 23.88 -7.59
CA GLN B 6 8.07 22.90 -6.59
C GLN B 6 7.07 22.80 -5.45
N THR B 7 6.45 23.91 -5.08
CA THR B 7 5.49 23.90 -4.00
C THR B 7 4.22 23.15 -4.40
N ARG B 8 3.81 23.35 -5.65
CA ARG B 8 2.62 22.70 -6.18
C ARG B 8 2.83 21.19 -6.29
N ASN B 9 3.99 20.80 -6.81
CA ASN B 9 4.33 19.39 -6.98
C ASN B 9 4.51 18.69 -5.63
N LYS B 10 5.30 19.29 -4.75
CA LYS B 10 5.57 18.73 -3.43
C LYS B 10 4.29 18.50 -2.65
N GLU B 11 3.45 19.54 -2.59
CA GLU B 11 2.18 19.50 -1.87
C GLU B 11 1.24 18.45 -2.47
N LEU B 12 1.35 18.26 -3.78
CA LEU B 12 0.51 17.29 -4.49
C LEU B 12 0.71 15.89 -3.95
N LEU B 13 1.93 15.36 -4.08
CA LEU B 13 2.21 14.00 -3.58
C LEU B 13 2.15 13.95 -2.06
N LEU B 14 2.46 15.07 -1.42
CA LEU B 14 2.43 15.15 0.04
C LEU B 14 1.05 14.79 0.56
N LYS B 15 0.03 15.44 0.04
CA LYS B 15 -1.33 15.19 0.47
C LYS B 15 -1.91 13.93 -0.15
N LYS B 16 -1.40 13.51 -1.30
CA LYS B 16 -1.88 12.29 -1.94
C LYS B 16 -1.53 11.07 -1.09
N ILE B 17 -0.29 11.03 -0.61
CA ILE B 17 0.20 9.92 0.19
C ILE B 17 -0.28 10.03 1.65
N ASP B 18 -0.44 11.26 2.14
CA ASP B 18 -0.90 11.49 3.51
C ASP B 18 -2.34 10.98 3.68
N SER B 19 -3.19 11.29 2.71
CA SER B 19 -4.57 10.85 2.72
C SER B 19 -4.66 9.36 2.42
N LEU B 20 -3.69 8.88 1.66
CA LEU B 20 -3.60 7.48 1.29
C LEU B 20 -3.62 6.59 2.53
N ILE B 21 -2.74 6.90 3.47
CA ILE B 21 -2.66 6.13 4.72
C ILE B 21 -3.90 6.33 5.58
N GLU B 22 -4.54 7.49 5.44
CA GLU B 22 -5.75 7.78 6.21
C GLU B 22 -6.89 6.85 5.81
N ALA B 23 -7.13 6.75 4.51
CA ALA B 23 -8.19 5.89 3.98
C ALA B 23 -7.95 4.44 4.36
N ILE B 24 -6.71 3.99 4.21
CA ILE B 24 -6.35 2.62 4.54
C ILE B 24 -6.48 2.37 6.05
N LYS B 25 -6.15 3.37 6.85
CA LYS B 25 -6.25 3.27 8.30
C LYS B 25 -7.69 3.08 8.72
N LYS B 26 -8.60 3.72 8.00
CA LYS B 26 -10.02 3.62 8.28
C LYS B 26 -10.54 2.24 7.89
N ILE B 27 -10.01 1.68 6.81
CA ILE B 27 -10.44 0.37 6.32
C ILE B 27 -10.26 -0.71 7.39
N ILE B 28 -9.09 -0.80 7.98
CA ILE B 28 -8.83 -1.80 9.01
C ILE B 28 -9.73 -1.56 10.23
N ALA B 29 -10.00 -0.30 10.53
CA ALA B 29 -10.84 0.06 11.66
C ALA B 29 -12.26 -0.45 11.46
N GLU B 30 -12.73 -0.36 10.21
CA GLU B 30 -14.07 -0.81 9.86
C GLU B 30 -14.21 -2.30 10.07
N PHE B 31 -13.17 -3.06 9.70
CA PHE B 31 -13.18 -4.51 9.84
C PHE B 31 -13.39 -4.92 11.30
N ASP B 32 -12.79 -4.17 12.21
CA ASP B 32 -12.92 -4.42 13.64
C ASP B 32 -14.37 -4.24 14.07
N VAL B 33 -14.97 -3.15 13.62
CA VAL B 33 -16.34 -2.83 13.95
C VAL B 33 -17.29 -3.84 13.30
N VAL B 34 -17.07 -4.14 12.03
CA VAL B 34 -17.92 -5.08 11.29
C VAL B 34 -17.95 -6.44 11.98
N LYS B 35 -16.80 -6.87 12.48
CA LYS B 35 -16.69 -8.16 13.16
C LYS B 35 -17.62 -8.23 14.37
N GLU B 36 -17.56 -7.21 15.21
CA GLU B 36 -18.40 -7.16 16.41
C GLU B 36 -19.86 -6.88 16.04
N SER B 37 -20.08 -6.11 14.99
CA SER B 37 -21.40 -5.74 14.51
C SER B 37 -22.21 -6.97 14.15
N VAL B 38 -21.65 -7.79 13.27
CA VAL B 38 -22.34 -9.00 12.82
C VAL B 38 -22.56 -9.98 13.97
N ASN B 39 -21.68 -9.90 14.97
CA ASN B 39 -21.78 -10.77 16.14
C ASN B 39 -23.10 -10.53 16.88
N GLU B 40 -23.36 -9.27 17.18
CA GLU B 40 -24.57 -8.89 17.89
C GLU B 40 -25.80 -8.97 16.97
N LEU B 41 -25.65 -8.51 15.74
CA LEU B 41 -26.71 -8.49 14.76
C LEU B 41 -27.29 -9.89 14.53
N SER B 42 -26.40 -10.85 14.28
CA SER B 42 -26.82 -12.22 14.02
C SER B 42 -27.50 -12.84 15.24
N GLU B 43 -27.00 -12.48 16.43
CA GLU B 43 -27.54 -13.01 17.68
C GLU B 43 -29.00 -12.60 17.87
N LYS B 44 -29.33 -11.35 17.54
CA LYS B 44 -30.69 -10.86 17.69
C LYS B 44 -31.60 -11.38 16.59
N ALA B 45 -31.03 -11.60 15.41
CA ALA B 45 -31.81 -12.11 14.27
C ALA B 45 -32.15 -13.58 14.46
N LYS B 46 -31.37 -14.26 15.28
CA LYS B 46 -31.58 -15.68 15.55
C LYS B 46 -32.79 -15.91 16.44
N THR B 47 -33.29 -14.85 17.05
CA THR B 47 -34.45 -14.94 17.93
C THR B 47 -35.76 -14.91 17.12
N ASP B 48 -35.68 -14.38 15.91
CA ASP B 48 -36.86 -14.27 15.06
C ASP B 48 -36.69 -15.05 13.76
N PRO B 49 -37.68 -15.87 13.39
CA PRO B 49 -37.61 -16.69 12.17
C PRO B 49 -37.49 -15.86 10.90
N GLN B 50 -38.14 -14.70 10.88
CA GLN B 50 -38.10 -13.82 9.72
C GLN B 50 -36.72 -13.17 9.64
N ALA B 51 -36.24 -12.71 10.78
CA ALA B 51 -34.93 -12.09 10.85
C ALA B 51 -33.83 -13.09 10.51
N ALA B 52 -34.07 -14.35 10.85
CA ALA B 52 -33.12 -15.42 10.54
C ALA B 52 -32.98 -15.58 9.04
N GLU B 53 -34.10 -15.42 8.33
CA GLU B 53 -34.11 -15.54 6.88
C GLU B 53 -33.42 -14.34 6.24
N LYS B 54 -33.55 -13.18 6.89
CA LYS B 54 -32.92 -11.97 6.40
C LYS B 54 -31.41 -12.10 6.51
N LEU B 55 -30.95 -12.56 7.67
CA LEU B 55 -29.53 -12.75 7.93
C LEU B 55 -28.97 -13.83 7.00
N ASN B 56 -29.82 -14.78 6.66
CA ASN B 56 -29.46 -15.90 5.78
C ASN B 56 -28.90 -15.39 4.45
N LYS B 57 -29.65 -14.51 3.80
CA LYS B 57 -29.22 -13.97 2.51
C LYS B 57 -28.18 -12.86 2.70
N LEU B 58 -28.28 -12.14 3.81
CA LEU B 58 -27.36 -11.04 4.11
C LEU B 58 -25.92 -11.52 4.18
N ILE B 59 -25.67 -12.53 5.01
CA ILE B 59 -24.32 -13.07 5.17
C ILE B 59 -23.86 -13.81 3.90
N GLU B 60 -24.81 -14.45 3.22
CA GLU B 60 -24.49 -15.18 2.00
C GLU B 60 -23.93 -14.23 0.95
N GLY B 61 -24.57 -13.06 0.83
CA GLY B 61 -24.12 -12.07 -0.13
C GLY B 61 -22.73 -11.55 0.20
N TYR B 62 -22.44 -11.43 1.49
CA TYR B 62 -21.12 -10.96 1.93
C TYR B 62 -20.06 -12.00 1.62
N THR B 63 -20.41 -13.26 1.81
CA THR B 63 -19.51 -14.37 1.55
C THR B 63 -19.19 -14.44 0.06
N TYR B 64 -20.19 -14.15 -0.76
CA TYR B 64 -20.03 -14.18 -2.21
C TYR B 64 -19.64 -12.81 -2.72
N GLY B 65 -19.10 -11.99 -1.82
CA GLY B 65 -18.68 -10.65 -2.19
C GLY B 65 -17.38 -10.64 -2.96
N GLU B 66 -17.45 -10.92 -4.24
CA GLU B 66 -16.28 -10.94 -5.11
C GLU B 66 -15.56 -9.59 -5.07
N GLU B 67 -16.35 -8.52 -4.95
CA GLU B 67 -15.81 -7.17 -4.91
C GLU B 67 -15.06 -6.92 -3.60
N ARG B 68 -15.35 -7.72 -2.59
CA ARG B 68 -14.66 -7.62 -1.31
C ARG B 68 -13.26 -8.16 -1.48
N LYS B 69 -13.17 -9.25 -2.24
CA LYS B 69 -11.89 -9.88 -2.55
C LYS B 69 -11.05 -8.94 -3.40
N LEU B 70 -11.74 -8.16 -4.23
CA LEU B 70 -11.08 -7.18 -5.10
C LEU B 70 -10.40 -6.10 -4.27
N TYR B 71 -11.01 -5.77 -3.11
CA TYR B 71 -10.45 -4.78 -2.21
C TYR B 71 -9.11 -5.28 -1.68
N ASP B 72 -9.09 -6.57 -1.32
CA ASP B 72 -7.88 -7.21 -0.82
C ASP B 72 -6.80 -7.17 -1.90
N SER B 73 -7.22 -7.33 -3.14
CA SER B 73 -6.30 -7.31 -4.27
C SER B 73 -5.68 -5.92 -4.44
N ALA B 74 -6.38 -4.89 -3.98
CA ALA B 74 -5.88 -3.54 -4.06
C ALA B 74 -4.68 -3.38 -3.14
N LEU B 75 -4.76 -4.01 -1.97
CA LEU B 75 -3.66 -3.97 -1.01
C LEU B 75 -2.42 -4.64 -1.60
N SER B 76 -2.64 -5.70 -2.37
CA SER B 76 -1.55 -6.41 -3.02
C SER B 76 -0.81 -5.51 -3.99
N LYS B 77 -1.55 -4.61 -4.64
CA LYS B 77 -0.97 -3.67 -5.57
C LYS B 77 -0.10 -2.66 -4.84
N ILE B 78 -0.50 -2.34 -3.61
CA ILE B 78 0.25 -1.40 -2.79
C ILE B 78 1.62 -1.98 -2.47
N GLU B 79 1.62 -3.27 -2.12
CA GLU B 79 2.85 -3.98 -1.79
C GLU B 79 3.83 -3.92 -2.95
N LYS B 80 3.32 -4.12 -4.16
CA LYS B 80 4.14 -4.09 -5.36
C LYS B 80 4.82 -2.72 -5.52
N LEU B 81 4.13 -1.68 -5.09
CA LEU B 81 4.65 -0.33 -5.17
C LEU B 81 5.81 -0.16 -4.18
N ILE B 82 5.63 -0.72 -2.99
CA ILE B 82 6.67 -0.67 -1.95
C ILE B 82 7.92 -1.36 -2.47
N GLU B 83 7.71 -2.46 -3.18
CA GLU B 83 8.79 -3.23 -3.78
C GLU B 83 9.55 -2.38 -4.78
N THR B 84 8.82 -1.55 -5.52
CA THR B 84 9.43 -0.69 -6.52
C THR B 84 10.32 0.38 -5.88
N LEU B 85 9.93 0.82 -4.70
CA LEU B 85 10.69 1.85 -3.97
C LEU B 85 11.96 1.27 -3.37
N SER B 86 12.01 -0.04 -3.20
CA SER B 86 13.17 -0.71 -2.64
C SER B 86 13.99 -1.36 -3.74
N PRO B 87 15.25 -0.92 -3.93
CA PRO B 87 16.15 -1.46 -4.96
C PRO B 87 16.28 -2.98 -4.85
N ALA B 88 16.34 -3.47 -3.62
CA ALA B 88 16.46 -4.90 -3.33
C ALA B 88 17.76 -5.48 -3.87
N ARG B 89 17.74 -5.91 -5.13
CA ARG B 89 18.92 -6.49 -5.75
C ARG B 89 18.96 -6.19 -7.24
N SER B 90 20.10 -5.71 -7.72
CA SER B 90 20.28 -5.39 -9.13
C SER B 90 21.24 -6.41 -9.76
N LYS B 91 20.75 -7.13 -10.76
CA LYS B 91 21.54 -8.13 -11.44
C LYS B 91 22.49 -7.48 -12.45
N SER B 92 23.77 -7.66 -12.24
CA SER B 92 24.79 -7.09 -13.13
C SER B 92 24.94 -7.94 -14.39
N GLN B 93 25.33 -9.20 -14.21
CA GLN B 93 25.51 -10.12 -15.32
C GLN B 93 24.58 -11.31 -15.19
N SER B 94 23.63 -11.43 -16.11
CA SER B 94 22.68 -12.52 -16.09
C SER B 94 22.57 -13.20 -17.45
N THR B 95 21.98 -14.39 -17.49
CA THR B 95 21.82 -15.13 -18.72
C THR B 95 20.75 -16.21 -18.53
N MET B 96 20.29 -16.79 -19.63
CA MET B 96 19.26 -17.83 -19.59
C MET B 96 19.93 -19.20 -19.63
N ASN B 97 19.51 -20.09 -18.74
CA ASN B 97 20.08 -21.42 -18.69
C ASN B 97 19.43 -22.35 -19.72
N GLN B 98 19.67 -22.05 -20.99
CA GLN B 98 19.13 -22.86 -22.07
C GLN B 98 20.14 -23.93 -22.48
N ARG B 99 19.72 -25.18 -22.42
CA ARG B 99 20.58 -26.29 -22.78
C ARG B 99 20.50 -26.58 -24.28
N ASN B 100 21.53 -26.19 -25.01
CA ASN B 100 21.59 -26.40 -26.44
C ASN B 100 23.01 -26.75 -26.87
N ARG B 101 23.19 -27.06 -28.14
CA ARG B 101 24.51 -27.41 -28.67
C ARG B 101 25.08 -26.24 -29.46
N ASN B 102 25.76 -25.33 -28.77
CA ASN B 102 26.36 -24.17 -29.39
C ASN B 102 27.72 -24.51 -29.99
N ASN B 103 27.93 -24.12 -31.23
CA ASN B 103 29.18 -24.38 -31.92
C ASN B 103 29.37 -23.40 -33.08
N ARG B 104 30.52 -22.73 -33.11
CA ARG B 104 30.82 -21.76 -34.16
C ARG B 104 31.60 -22.41 -35.30
N LYS B 105 31.97 -23.65 -35.10
CA LYS B 105 32.73 -24.41 -36.09
C LYS B 105 31.81 -25.36 -36.85
N ILE B 106 32.10 -25.60 -38.12
CA ILE B 106 31.27 -26.51 -38.92
C ILE B 106 31.41 -27.94 -38.42
N VAL B 107 30.29 -28.52 -38.01
CA VAL B 107 30.27 -29.87 -37.50
C VAL B 107 29.07 -30.63 -38.08
N MET A 1 -35.69 0.15 4.48
CA MET A 1 -35.02 -1.17 4.44
C MET A 1 -33.51 -1.00 4.46
N SER A 2 -32.82 -1.91 5.12
CA SER A 2 -31.37 -1.86 5.22
C SER A 2 -30.73 -2.29 3.91
N ILE A 3 -31.51 -2.80 2.99
CA ILE A 3 -30.99 -3.28 1.70
C ILE A 3 -30.33 -2.16 0.90
N VAL A 4 -30.92 -0.96 0.95
CA VAL A 4 -30.38 0.18 0.22
C VAL A 4 -29.06 0.68 0.82
N SER A 5 -28.97 0.63 2.13
CA SER A 5 -27.77 1.04 2.85
C SER A 5 -26.61 0.11 2.52
N GLN A 6 -26.94 -1.17 2.37
CA GLN A 6 -25.95 -2.18 2.06
C GLN A 6 -25.31 -1.92 0.69
N THR A 7 -26.16 -1.62 -0.30
CA THR A 7 -25.67 -1.37 -1.65
C THR A 7 -24.87 -0.08 -1.73
N ARG A 8 -25.32 0.95 -1.02
CA ARG A 8 -24.64 2.24 -1.02
C ARG A 8 -23.27 2.16 -0.34
N ASN A 9 -23.21 1.49 0.80
CA ASN A 9 -21.95 1.36 1.54
C ASN A 9 -20.97 0.46 0.78
N LYS A 10 -21.48 -0.66 0.28
CA LYS A 10 -20.69 -1.62 -0.45
C LYS A 10 -20.00 -0.99 -1.67
N GLU A 11 -20.76 -0.19 -2.41
CA GLU A 11 -20.24 0.47 -3.60
C GLU A 11 -19.26 1.58 -3.22
N LEU A 12 -19.57 2.28 -2.14
CA LEU A 12 -18.75 3.39 -1.66
C LEU A 12 -17.31 2.95 -1.43
N LEU A 13 -17.10 1.99 -0.54
CA LEU A 13 -15.77 1.51 -0.23
C LEU A 13 -15.12 0.82 -1.43
N LEU A 14 -15.93 0.27 -2.32
CA LEU A 14 -15.43 -0.40 -3.52
C LEU A 14 -14.70 0.58 -4.42
N LYS A 15 -15.34 1.72 -4.69
CA LYS A 15 -14.76 2.74 -5.54
C LYS A 15 -13.64 3.48 -4.81
N LYS A 16 -13.72 3.56 -3.49
CA LYS A 16 -12.69 4.23 -2.71
C LYS A 16 -11.35 3.50 -2.86
N ILE A 17 -11.39 2.18 -2.85
CA ILE A 17 -10.19 1.37 -2.98
C ILE A 17 -9.70 1.36 -4.43
N ASP A 18 -10.64 1.43 -5.38
CA ASP A 18 -10.28 1.44 -6.79
C ASP A 18 -9.41 2.65 -7.12
N SER A 19 -9.85 3.81 -6.67
CA SER A 19 -9.12 5.05 -6.87
C SER A 19 -7.83 5.05 -6.04
N LEU A 20 -7.89 4.38 -4.91
CA LEU A 20 -6.77 4.29 -3.98
C LEU A 20 -5.51 3.75 -4.66
N ILE A 21 -5.64 2.62 -5.35
CA ILE A 21 -4.51 2.02 -6.04
C ILE A 21 -4.07 2.86 -7.23
N GLU A 22 -5.02 3.61 -7.81
CA GLU A 22 -4.72 4.48 -8.95
C GLU A 22 -3.75 5.59 -8.52
N ALA A 23 -3.98 6.12 -7.33
CA ALA A 23 -3.14 7.18 -6.79
C ALA A 23 -1.73 6.69 -6.55
N ILE A 24 -1.61 5.52 -5.91
CA ILE A 24 -0.29 4.94 -5.63
C ILE A 24 0.46 4.71 -6.94
N LYS A 25 -0.26 4.24 -7.95
CA LYS A 25 0.33 3.98 -9.26
C LYS A 25 0.75 5.28 -9.93
N LYS A 26 0.02 6.35 -9.66
CA LYS A 26 0.31 7.65 -10.24
C LYS A 26 1.57 8.24 -9.63
N ILE A 27 1.72 8.10 -8.32
CA ILE A 27 2.89 8.62 -7.61
C ILE A 27 4.18 8.02 -8.17
N ILE A 28 4.19 6.71 -8.32
CA ILE A 28 5.36 6.01 -8.85
C ILE A 28 5.65 6.42 -10.29
N ALA A 29 4.58 6.68 -11.06
CA ALA A 29 4.72 7.09 -12.45
C ALA A 29 5.41 8.45 -12.56
N GLU A 30 4.95 9.39 -11.76
CA GLU A 30 5.53 10.74 -11.76
C GLU A 30 6.99 10.68 -11.35
N PHE A 31 7.32 9.75 -10.44
CA PHE A 31 8.68 9.58 -9.96
C PHE A 31 9.66 9.31 -11.09
N ASP A 32 9.33 8.36 -11.96
CA ASP A 32 10.21 8.03 -13.08
C ASP A 32 10.27 9.17 -14.09
N VAL A 33 9.16 9.91 -14.20
CA VAL A 33 9.09 11.04 -15.12
C VAL A 33 9.98 12.18 -14.62
N VAL A 34 9.86 12.49 -13.33
CA VAL A 34 10.65 13.56 -12.73
C VAL A 34 12.14 13.25 -12.82
N LYS A 35 12.50 11.98 -12.68
CA LYS A 35 13.90 11.57 -12.75
C LYS A 35 14.47 11.95 -14.12
N GLU A 36 13.69 11.69 -15.16
CA GLU A 36 14.12 12.00 -16.51
C GLU A 36 14.09 13.51 -16.80
N SER A 37 13.12 14.23 -16.22
CA SER A 37 13.00 15.66 -16.45
C SER A 37 14.17 16.41 -15.85
N VAL A 38 14.64 16.02 -14.66
CA VAL A 38 15.79 16.67 -14.02
C VAL A 38 17.06 16.33 -14.76
N ASN A 39 17.05 15.18 -15.42
CA ASN A 39 18.20 14.72 -16.20
C ASN A 39 18.45 15.71 -17.34
N GLU A 40 17.39 16.02 -18.07
CA GLU A 40 17.47 16.96 -19.17
C GLU A 40 17.77 18.36 -18.66
N LEU A 41 17.13 18.72 -17.55
CA LEU A 41 17.29 20.03 -16.92
C LEU A 41 18.76 20.28 -16.56
N SER A 42 19.45 19.22 -16.14
CA SER A 42 20.85 19.31 -15.76
C SER A 42 21.71 19.67 -16.96
N GLU A 43 21.36 19.13 -18.13
CA GLU A 43 22.10 19.42 -19.35
C GLU A 43 21.94 20.89 -19.72
N LYS A 44 20.76 21.44 -19.45
CA LYS A 44 20.49 22.84 -19.75
C LYS A 44 21.27 23.73 -18.80
N ALA A 45 21.27 23.35 -17.52
CA ALA A 45 21.98 24.09 -16.47
C ALA A 45 23.49 24.03 -16.65
N LYS A 46 23.94 23.03 -17.39
CA LYS A 46 25.37 22.83 -17.65
C LYS A 46 25.91 23.94 -18.56
N THR A 47 25.02 24.67 -19.20
CA THR A 47 25.43 25.73 -20.10
C THR A 47 25.62 27.06 -19.37
N ASP A 48 25.14 27.13 -18.13
CA ASP A 48 25.26 28.36 -17.35
C ASP A 48 25.83 28.06 -15.95
N PRO A 49 26.88 28.78 -15.54
CA PRO A 49 27.53 28.57 -14.24
C PRO A 49 26.59 28.80 -13.06
N GLN A 50 25.71 29.80 -13.18
CA GLN A 50 24.76 30.10 -12.12
C GLN A 50 23.74 28.99 -12.02
N ALA A 51 23.32 28.49 -13.16
CA ALA A 51 22.35 27.39 -13.21
C ALA A 51 22.99 26.10 -12.71
N ALA A 52 24.28 25.95 -12.98
CA ALA A 52 25.02 24.77 -12.54
C ALA A 52 25.03 24.74 -11.02
N GLU A 53 25.37 25.88 -10.42
CA GLU A 53 25.38 26.01 -8.96
C GLU A 53 23.99 25.70 -8.38
N LYS A 54 22.94 26.07 -9.11
CA LYS A 54 21.57 25.81 -8.67
C LYS A 54 21.32 24.31 -8.53
N LEU A 55 21.79 23.54 -9.50
CA LEU A 55 21.62 22.10 -9.48
C LEU A 55 22.51 21.49 -8.39
N ASN A 56 23.62 22.16 -8.13
CA ASN A 56 24.58 21.72 -7.11
C ASN A 56 23.94 21.71 -5.72
N LYS A 57 23.28 22.82 -5.37
CA LYS A 57 22.61 22.93 -4.07
C LYS A 57 21.31 22.12 -4.04
N LEU A 58 20.69 21.99 -5.20
CA LEU A 58 19.44 21.24 -5.32
C LEU A 58 19.63 19.80 -4.84
N ILE A 59 20.67 19.14 -5.36
CA ILE A 59 20.96 17.76 -4.98
C ILE A 59 21.38 17.67 -3.52
N GLU A 60 22.09 18.69 -3.03
CA GLU A 60 22.52 18.73 -1.63
C GLU A 60 21.30 18.73 -0.72
N GLY A 61 20.25 19.43 -1.15
CA GLY A 61 19.03 19.50 -0.38
C GLY A 61 18.35 18.15 -0.26
N TYR A 62 18.56 17.31 -1.28
CA TYR A 62 17.99 15.97 -1.28
C TYR A 62 18.65 15.09 -0.22
N THR A 63 19.97 15.21 -0.12
CA THR A 63 20.74 14.44 0.83
C THR A 63 20.32 14.73 2.27
N TYR A 64 19.88 15.96 2.52
CA TYR A 64 19.45 16.37 3.85
C TYR A 64 17.96 16.75 3.84
N GLY A 65 17.21 16.08 2.97
CA GLY A 65 15.78 16.36 2.86
C GLY A 65 14.94 15.64 3.87
N GLU A 66 14.41 16.38 4.84
CA GLU A 66 13.56 15.80 5.88
C GLU A 66 12.29 15.24 5.26
N GLU A 67 11.78 15.92 4.24
CA GLU A 67 10.58 15.47 3.56
C GLU A 67 10.80 14.11 2.93
N ARG A 68 12.01 13.88 2.43
CA ARG A 68 12.35 12.61 1.80
C ARG A 68 12.28 11.48 2.83
N LYS A 69 12.66 11.81 4.07
CA LYS A 69 12.63 10.84 5.16
C LYS A 69 11.19 10.58 5.58
N LEU A 70 10.36 11.62 5.50
CA LEU A 70 8.96 11.53 5.88
C LEU A 70 8.21 10.63 4.91
N TYR A 71 8.50 10.77 3.62
CA TYR A 71 7.87 9.95 2.60
C TYR A 71 8.27 8.49 2.76
N ASP A 72 9.53 8.29 3.12
CA ASP A 72 10.07 6.95 3.33
C ASP A 72 9.40 6.29 4.53
N SER A 73 9.19 7.07 5.59
CA SER A 73 8.56 6.59 6.81
C SER A 73 7.09 6.27 6.57
N ALA A 74 6.49 6.96 5.59
CA ALA A 74 5.10 6.75 5.25
C ALA A 74 4.93 5.38 4.61
N LEU A 75 5.95 4.95 3.88
CA LEU A 75 5.94 3.65 3.23
C LEU A 75 5.98 2.56 4.31
N SER A 76 6.72 2.83 5.36
CA SER A 76 6.84 1.90 6.48
C SER A 76 5.48 1.71 7.15
N LYS A 77 4.67 2.77 7.17
CA LYS A 77 3.34 2.73 7.76
C LYS A 77 2.47 1.74 7.00
N ILE A 78 2.65 1.71 5.69
CA ILE A 78 1.92 0.81 4.83
C ILE A 78 2.28 -0.64 5.16
N GLU A 79 3.57 -0.89 5.34
CA GLU A 79 4.08 -2.21 5.68
C GLU A 79 3.43 -2.70 6.98
N LYS A 80 3.25 -1.78 7.92
CA LYS A 80 2.65 -2.09 9.21
C LYS A 80 1.18 -2.46 9.04
N LEU A 81 0.52 -1.84 8.08
CA LEU A 81 -0.89 -2.11 7.81
C LEU A 81 -1.03 -3.52 7.28
N ILE A 82 -0.14 -3.89 6.37
CA ILE A 82 -0.13 -5.22 5.79
C ILE A 82 0.20 -6.24 6.87
N GLU A 83 1.02 -5.82 7.82
CA GLU A 83 1.41 -6.65 8.95
C GLU A 83 0.20 -6.94 9.83
N THR A 84 -0.75 -6.02 9.84
CA THR A 84 -1.98 -6.16 10.64
C THR A 84 -2.87 -7.25 10.06
N LEU A 85 -2.93 -7.32 8.75
CA LEU A 85 -3.74 -8.31 8.05
C LEU A 85 -3.08 -9.68 8.09
N SER A 86 -1.77 -9.67 8.22
CA SER A 86 -0.99 -10.90 8.29
C SER A 86 -1.12 -11.54 9.67
N PRO A 87 -1.48 -12.83 9.73
CA PRO A 87 -1.63 -13.56 11.00
C PRO A 87 -0.36 -13.49 11.84
N ALA A 88 0.79 -13.52 11.16
CA ALA A 88 2.10 -13.47 11.81
C ALA A 88 2.23 -14.54 12.88
N ARG A 89 2.03 -15.78 12.49
CA ARG A 89 2.13 -16.89 13.42
C ARG A 89 3.48 -17.57 13.27
N SER A 90 4.40 -17.21 14.16
CA SER A 90 5.75 -17.78 14.14
C SER A 90 5.77 -19.10 14.91
N LYS A 91 6.84 -19.87 14.74
CA LYS A 91 6.98 -21.15 15.44
C LYS A 91 7.23 -20.93 16.93
N SER A 92 6.22 -21.22 17.73
CA SER A 92 6.30 -21.08 19.17
C SER A 92 6.72 -22.40 19.81
N GLN A 93 7.22 -22.32 21.04
CA GLN A 93 7.65 -23.52 21.76
C GLN A 93 6.48 -24.10 22.52
N SER A 94 6.43 -25.42 22.59
CA SER A 94 5.36 -26.11 23.31
C SER A 94 5.68 -26.18 24.79
N THR A 95 5.75 -25.02 25.41
CA THR A 95 6.04 -24.90 26.83
C THR A 95 5.89 -23.45 27.27
N MET A 96 5.79 -23.23 28.56
CA MET A 96 5.65 -21.89 29.10
C MET A 96 7.01 -21.25 29.34
N ASN A 97 7.02 -19.93 29.46
CA ASN A 97 8.26 -19.20 29.71
C ASN A 97 8.67 -19.38 31.16
N GLN A 98 7.68 -19.60 32.02
CA GLN A 98 7.92 -19.80 33.43
C GLN A 98 8.71 -21.09 33.66
N ARG A 99 9.97 -20.94 34.05
CA ARG A 99 10.84 -22.08 34.29
C ARG A 99 10.59 -22.66 35.68
N ASN A 100 9.67 -23.61 35.74
CA ASN A 100 9.34 -24.25 37.01
C ASN A 100 10.33 -25.37 37.30
N ARG A 101 10.52 -25.67 38.58
CA ARG A 101 11.43 -26.71 39.00
C ARG A 101 10.77 -27.65 40.00
N ASN A 102 10.08 -28.64 39.48
CA ASN A 102 9.39 -29.61 40.31
C ASN A 102 10.06 -30.98 40.20
N ASN A 103 10.73 -31.39 41.26
CA ASN A 103 11.39 -32.68 41.28
C ASN A 103 10.90 -33.50 42.47
N ARG A 104 9.98 -34.42 42.21
CA ARG A 104 9.43 -35.26 43.26
C ARG A 104 10.46 -36.29 43.71
N LYS A 105 11.02 -36.07 44.89
CA LYS A 105 12.03 -36.97 45.44
C LYS A 105 11.51 -37.58 46.73
N ILE A 106 10.23 -37.90 46.74
CA ILE A 106 9.59 -38.50 47.90
C ILE A 106 8.79 -39.74 47.50
N VAL A 107 8.65 -40.67 48.44
CA VAL A 107 7.91 -41.91 48.21
C VAL A 107 6.89 -42.12 49.33
N MET B 1 9.73 33.13 -14.23
CA MET B 1 8.72 32.99 -13.19
C MET B 1 8.23 31.55 -13.09
N SER B 2 8.76 30.83 -12.13
CA SER B 2 8.39 29.43 -11.91
C SER B 2 8.28 29.13 -10.44
N ILE B 3 8.56 30.14 -9.61
CA ILE B 3 8.51 29.97 -8.16
C ILE B 3 7.11 29.59 -7.70
N VAL B 4 6.10 30.13 -8.37
CA VAL B 4 4.72 29.84 -8.03
C VAL B 4 4.39 28.38 -8.37
N SER B 5 5.04 27.87 -9.40
CA SER B 5 4.86 26.48 -9.82
C SER B 5 5.44 25.52 -8.81
N GLN B 6 6.49 25.97 -8.13
CA GLN B 6 7.15 25.15 -7.13
C GLN B 6 6.19 24.85 -5.97
N THR B 7 5.62 25.92 -5.42
CA THR B 7 4.69 25.80 -4.31
C THR B 7 3.40 25.10 -4.74
N ARG B 8 2.95 25.38 -5.96
CA ARG B 8 1.73 24.78 -6.47
C ARG B 8 1.90 23.27 -6.69
N ASN B 9 3.03 22.88 -7.25
CA ASN B 9 3.31 21.48 -7.51
C ASN B 9 3.54 20.71 -6.20
N LYS B 10 4.31 21.31 -5.30
CA LYS B 10 4.60 20.69 -4.02
C LYS B 10 3.34 20.44 -3.20
N GLU B 11 2.45 21.43 -3.17
CA GLU B 11 1.20 21.32 -2.42
C GLU B 11 0.30 20.27 -3.07
N LEU B 12 0.40 20.15 -4.39
CA LEU B 12 -0.40 19.20 -5.14
C LEU B 12 -0.10 17.77 -4.71
N LEU B 13 1.17 17.38 -4.78
CA LEU B 13 1.58 16.03 -4.41
C LEU B 13 1.38 15.79 -2.92
N LEU B 14 1.65 16.82 -2.12
CA LEU B 14 1.51 16.71 -0.68
C LEU B 14 0.08 16.41 -0.29
N LYS B 15 -0.85 17.16 -0.86
CA LYS B 15 -2.28 16.97 -0.57
C LYS B 15 -2.75 15.63 -1.10
N LYS B 16 -2.29 15.26 -2.29
CA LYS B 16 -2.65 14.00 -2.92
C LYS B 16 -2.25 12.82 -2.05
N ILE B 17 -1.01 12.82 -1.57
CA ILE B 17 -0.51 11.75 -0.74
C ILE B 17 -1.10 11.77 0.67
N ASP B 18 -1.29 12.96 1.23
CA ASP B 18 -1.86 13.09 2.58
C ASP B 18 -3.22 12.43 2.68
N SER B 19 -4.10 12.75 1.73
CA SER B 19 -5.45 12.18 1.71
C SER B 19 -5.39 10.68 1.41
N LEU B 20 -4.40 10.28 0.62
CA LEU B 20 -4.24 8.88 0.24
C LEU B 20 -4.02 7.98 1.45
N ILE B 21 -3.06 8.34 2.30
CA ILE B 21 -2.77 7.55 3.49
C ILE B 21 -3.95 7.61 4.46
N GLU B 22 -4.67 8.71 4.42
CA GLU B 22 -5.83 8.89 5.27
C GLU B 22 -6.93 7.91 4.85
N ALA B 23 -7.00 7.65 3.56
CA ALA B 23 -7.98 6.70 3.02
C ALA B 23 -7.61 5.28 3.43
N ILE B 24 -6.30 5.00 3.46
CA ILE B 24 -5.80 3.69 3.86
C ILE B 24 -6.27 3.37 5.28
N LYS B 25 -6.07 4.35 6.15
CA LYS B 25 -6.46 4.23 7.56
C LYS B 25 -7.96 4.11 7.70
N LYS B 26 -8.69 4.71 6.77
CA LYS B 26 -10.14 4.65 6.80
C LYS B 26 -10.64 3.26 6.37
N ILE B 27 -10.04 2.72 5.32
CA ILE B 27 -10.41 1.40 4.80
C ILE B 27 -10.30 0.32 5.87
N ILE B 28 -9.16 0.28 6.56
CA ILE B 28 -8.94 -0.73 7.60
C ILE B 28 -9.95 -0.55 8.75
N ALA B 29 -10.32 0.70 9.02
CA ALA B 29 -11.26 1.00 10.09
C ALA B 29 -12.64 0.43 9.75
N GLU B 30 -13.14 0.79 8.56
CA GLU B 30 -14.44 0.33 8.11
C GLU B 30 -14.49 -1.19 8.02
N PHE B 31 -13.39 -1.78 7.58
CA PHE B 31 -13.32 -3.24 7.44
C PHE B 31 -13.62 -3.95 8.76
N ASP B 32 -13.03 -3.46 9.83
CA ASP B 32 -13.23 -4.05 11.16
C ASP B 32 -14.63 -3.74 11.69
N VAL B 33 -15.10 -2.53 11.40
CA VAL B 33 -16.42 -2.10 11.83
C VAL B 33 -17.51 -2.96 11.19
N VAL B 34 -17.40 -3.17 9.88
CA VAL B 34 -18.38 -3.96 9.14
C VAL B 34 -18.44 -5.39 9.67
N LYS B 35 -17.29 -5.94 10.06
CA LYS B 35 -17.21 -7.30 10.57
C LYS B 35 -18.07 -7.47 11.81
N GLU B 36 -17.93 -6.56 12.77
CA GLU B 36 -18.71 -6.63 13.99
C GLU B 36 -20.17 -6.24 13.73
N SER B 37 -20.38 -5.30 12.82
CA SER B 37 -21.72 -4.83 12.48
C SER B 37 -22.60 -5.98 12.02
N VAL B 38 -22.11 -6.76 11.07
CA VAL B 38 -22.88 -7.88 10.52
C VAL B 38 -23.09 -8.97 11.56
N ASN B 39 -22.15 -9.07 12.51
CA ASN B 39 -22.24 -10.08 13.57
C ASN B 39 -23.45 -9.82 14.46
N GLU B 40 -23.55 -8.59 14.97
CA GLU B 40 -24.65 -8.20 15.83
C GLU B 40 -25.97 -8.18 15.04
N LEU B 41 -25.88 -7.72 13.81
CA LEU B 41 -27.04 -7.63 12.92
C LEU B 41 -27.68 -8.99 12.70
N SER B 42 -26.86 -10.00 12.43
CA SER B 42 -27.36 -11.34 12.18
C SER B 42 -28.15 -11.88 13.38
N GLU B 43 -27.62 -11.65 14.58
CA GLU B 43 -28.29 -12.12 15.79
C GLU B 43 -29.61 -11.43 16.03
N LYS B 44 -29.64 -10.12 15.86
CA LYS B 44 -30.86 -9.36 16.10
C LYS B 44 -31.92 -9.63 15.03
N ALA B 45 -31.48 -9.95 13.82
CA ALA B 45 -32.39 -10.24 12.72
C ALA B 45 -32.98 -11.63 12.87
N LYS B 46 -32.35 -12.45 13.70
CA LYS B 46 -32.80 -13.81 13.93
C LYS B 46 -34.14 -13.82 14.66
N THR B 47 -34.50 -12.67 15.23
CA THR B 47 -35.75 -12.52 15.95
C THR B 47 -36.93 -12.36 15.00
N ASP B 48 -36.66 -12.35 13.70
CA ASP B 48 -37.69 -12.20 12.69
C ASP B 48 -37.47 -13.18 11.53
N PRO B 49 -38.47 -13.98 11.18
CA PRO B 49 -38.35 -14.98 10.09
C PRO B 49 -37.99 -14.37 8.74
N GLN B 50 -38.48 -13.17 8.47
CA GLN B 50 -38.21 -12.50 7.20
C GLN B 50 -36.78 -11.97 7.18
N ALA B 51 -36.42 -11.25 8.23
CA ALA B 51 -35.08 -10.68 8.34
C ALA B 51 -34.02 -11.76 8.49
N ALA B 52 -34.34 -12.82 9.21
CA ALA B 52 -33.42 -13.93 9.41
C ALA B 52 -33.03 -14.57 8.09
N GLU B 53 -34.00 -14.70 7.19
CA GLU B 53 -33.75 -15.30 5.89
C GLU B 53 -32.95 -14.34 5.00
N LYS B 54 -33.16 -13.04 5.18
CA LYS B 54 -32.45 -12.06 4.40
C LYS B 54 -30.98 -12.02 4.80
N LEU B 55 -30.74 -12.14 6.10
CA LEU B 55 -29.40 -12.13 6.65
C LEU B 55 -28.71 -13.46 6.36
N ASN B 56 -29.51 -14.50 6.21
CA ASN B 56 -29.01 -15.85 5.93
C ASN B 56 -28.20 -15.87 4.64
N LYS B 57 -28.78 -15.34 3.57
CA LYS B 57 -28.11 -15.29 2.28
C LYS B 57 -27.04 -14.20 2.28
N LEU B 58 -27.27 -13.16 3.07
CA LEU B 58 -26.33 -12.04 3.17
C LEU B 58 -24.98 -12.52 3.68
N ILE B 59 -24.98 -13.29 4.77
CA ILE B 59 -23.74 -13.81 5.35
C ILE B 59 -23.06 -14.80 4.40
N GLU B 60 -23.86 -15.60 3.69
CA GLU B 60 -23.32 -16.57 2.75
C GLU B 60 -22.59 -15.85 1.63
N GLY B 61 -23.18 -14.73 1.21
CA GLY B 61 -22.59 -13.92 0.16
C GLY B 61 -21.25 -13.36 0.57
N TYR B 62 -21.11 -13.09 1.86
CA TYR B 62 -19.85 -12.55 2.39
C TYR B 62 -18.77 -13.63 2.37
N THR B 63 -19.17 -14.88 2.61
CA THR B 63 -18.25 -16.00 2.60
C THR B 63 -17.66 -16.16 1.20
N TYR B 64 -18.49 -15.96 0.20
CA TYR B 64 -18.07 -16.04 -1.18
C TYR B 64 -17.95 -14.65 -1.75
N GLY B 65 -17.61 -13.70 -0.88
CA GLY B 65 -17.49 -12.32 -1.27
C GLY B 65 -16.38 -12.09 -2.29
N GLU B 66 -16.78 -12.02 -3.56
CA GLU B 66 -15.83 -11.79 -4.64
C GLU B 66 -15.21 -10.41 -4.52
N GLU B 67 -16.01 -9.44 -4.08
CA GLU B 67 -15.53 -8.07 -3.90
C GLU B 67 -14.49 -8.05 -2.78
N ARG B 68 -14.74 -8.84 -1.74
CA ARG B 68 -13.85 -8.95 -0.60
C ARG B 68 -12.50 -9.48 -1.06
N LYS B 69 -12.56 -10.44 -1.98
CA LYS B 69 -11.36 -11.04 -2.54
C LYS B 69 -10.59 -10.03 -3.40
N LEU B 70 -11.35 -9.12 -4.01
CA LEU B 70 -10.77 -8.08 -4.85
C LEU B 70 -9.93 -7.13 -4.01
N TYR B 71 -10.37 -6.88 -2.78
CA TYR B 71 -9.65 -5.98 -1.89
C TYR B 71 -8.35 -6.62 -1.42
N ASP B 72 -8.38 -7.92 -1.22
CA ASP B 72 -7.19 -8.66 -0.80
C ASP B 72 -6.13 -8.58 -1.89
N SER B 73 -6.53 -8.83 -3.13
CA SER B 73 -5.63 -8.77 -4.26
C SER B 73 -5.13 -7.33 -4.46
N ALA B 74 -5.93 -6.36 -4.07
CA ALA B 74 -5.55 -4.95 -4.18
C ALA B 74 -4.39 -4.64 -3.25
N LEU B 75 -4.38 -5.29 -2.09
CA LEU B 75 -3.32 -5.10 -1.12
C LEU B 75 -2.03 -5.70 -1.66
N SER B 76 -2.17 -6.79 -2.41
CA SER B 76 -1.02 -7.46 -3.01
C SER B 76 -0.34 -6.53 -4.01
N LYS B 77 -1.14 -5.70 -4.66
CA LYS B 77 -0.64 -4.73 -5.63
C LYS B 77 0.23 -3.71 -4.90
N ILE B 78 -0.20 -3.33 -3.70
CA ILE B 78 0.54 -2.38 -2.87
C ILE B 78 1.89 -2.98 -2.48
N GLU B 79 1.86 -4.25 -2.08
CA GLU B 79 3.06 -4.96 -1.66
C GLU B 79 4.07 -5.00 -2.81
N LYS B 80 3.55 -5.12 -4.03
CA LYS B 80 4.40 -5.16 -5.21
C LYS B 80 5.14 -3.84 -5.38
N LEU B 81 4.44 -2.75 -5.15
CA LEU B 81 5.04 -1.42 -5.25
C LEU B 81 6.14 -1.25 -4.23
N ILE B 82 5.89 -1.76 -3.02
CA ILE B 82 6.86 -1.69 -1.94
C ILE B 82 8.13 -2.43 -2.35
N GLU B 83 7.94 -3.62 -2.92
CA GLU B 83 9.06 -4.45 -3.36
C GLU B 83 9.82 -3.80 -4.50
N THR B 84 9.17 -2.91 -5.25
CA THR B 84 9.82 -2.25 -6.36
C THR B 84 10.85 -1.24 -5.84
N LEU B 85 10.64 -0.80 -4.60
CA LEU B 85 11.55 0.15 -3.97
C LEU B 85 12.67 -0.60 -3.27
N SER B 86 12.51 -1.91 -3.13
CA SER B 86 13.51 -2.75 -2.49
C SER B 86 14.73 -2.91 -3.40
N PRO B 87 15.94 -2.81 -2.83
CA PRO B 87 17.19 -2.95 -3.60
C PRO B 87 17.26 -4.27 -4.35
N ALA B 88 16.86 -5.35 -3.67
CA ALA B 88 16.87 -6.70 -4.24
C ALA B 88 18.30 -7.20 -4.47
N ARG B 89 18.44 -8.51 -4.63
CA ARG B 89 19.76 -9.10 -4.85
C ARG B 89 20.16 -8.96 -6.31
N SER B 90 21.42 -8.57 -6.53
CA SER B 90 21.93 -8.40 -7.88
C SER B 90 23.37 -8.89 -8.00
N LYS B 91 24.33 -8.02 -7.70
CA LYS B 91 25.73 -8.39 -7.78
C LYS B 91 26.58 -7.46 -6.94
N SER B 92 27.20 -8.01 -5.91
CA SER B 92 28.06 -7.24 -5.03
C SER B 92 29.53 -7.43 -5.39
N GLN B 93 29.79 -8.28 -6.39
CA GLN B 93 31.14 -8.55 -6.83
C GLN B 93 31.61 -7.50 -7.84
N SER B 94 32.72 -6.87 -7.53
CA SER B 94 33.29 -5.83 -8.39
C SER B 94 34.00 -6.43 -9.60
N THR B 95 33.23 -7.09 -10.46
CA THR B 95 33.76 -7.72 -11.65
C THR B 95 32.62 -8.07 -12.59
N MET B 96 32.94 -8.66 -13.73
CA MET B 96 31.93 -9.05 -14.71
C MET B 96 31.31 -10.38 -14.33
N ASN B 97 30.03 -10.55 -14.66
CA ASN B 97 29.33 -11.78 -14.37
C ASN B 97 29.77 -12.88 -15.33
N GLN B 98 30.12 -12.45 -16.55
CA GLN B 98 30.57 -13.36 -17.59
C GLN B 98 32.01 -13.81 -17.30
N ARG B 99 32.19 -15.10 -17.06
CA ARG B 99 33.51 -15.65 -16.78
C ARG B 99 34.26 -15.94 -18.07
N ASN B 100 35.44 -15.35 -18.21
CA ASN B 100 36.27 -15.55 -19.38
C ASN B 100 36.89 -16.94 -19.35
N ARG B 101 36.98 -17.58 -20.50
CA ARG B 101 37.55 -18.90 -20.61
C ARG B 101 39.07 -18.82 -20.58
N ASN B 102 39.68 -19.66 -19.75
CA ASN B 102 41.14 -19.67 -19.62
C ASN B 102 41.77 -20.57 -20.67
N ASN B 103 42.54 -19.98 -21.55
CA ASN B 103 43.23 -20.71 -22.61
C ASN B 103 44.63 -21.10 -22.15
N ARG B 104 44.87 -22.40 -22.05
CA ARG B 104 46.17 -22.90 -21.62
C ARG B 104 46.63 -24.02 -22.52
N LYS B 105 47.48 -23.69 -23.48
CA LYS B 105 47.98 -24.68 -24.42
C LYS B 105 49.18 -25.44 -23.84
N ILE B 106 49.11 -26.76 -23.92
CA ILE B 106 50.17 -27.62 -23.40
C ILE B 106 51.32 -27.73 -24.39
N VAL B 107 52.53 -27.69 -23.87
CA VAL B 107 53.73 -27.79 -24.71
C VAL B 107 53.84 -29.19 -25.28
N MET A 1 -33.87 1.25 4.27
CA MET A 1 -33.36 0.16 3.40
C MET A 1 -31.88 -0.07 3.67
N SER A 2 -31.52 -1.32 3.85
CA SER A 2 -30.14 -1.70 4.13
C SER A 2 -29.40 -2.03 2.85
N ILE A 3 -30.13 -2.53 1.87
CA ILE A 3 -29.54 -2.92 0.59
C ILE A 3 -28.95 -1.71 -0.15
N VAL A 4 -29.56 -0.54 0.04
CA VAL A 4 -29.09 0.67 -0.62
C VAL A 4 -27.78 1.16 0.02
N SER A 5 -27.61 0.85 1.28
CA SER A 5 -26.42 1.24 2.03
C SER A 5 -25.25 0.36 1.68
N GLN A 6 -25.53 -0.94 1.61
CA GLN A 6 -24.52 -1.93 1.29
C GLN A 6 -23.87 -1.65 -0.06
N THR A 7 -24.69 -1.31 -1.04
CA THR A 7 -24.20 -1.03 -2.39
C THR A 7 -23.45 0.30 -2.45
N ARG A 8 -23.98 1.31 -1.79
CA ARG A 8 -23.37 2.64 -1.79
C ARG A 8 -21.99 2.61 -1.12
N ASN A 9 -21.89 1.88 -0.02
CA ASN A 9 -20.63 1.75 0.71
C ASN A 9 -19.66 0.89 -0.10
N LYS A 10 -20.21 -0.15 -0.73
CA LYS A 10 -19.44 -1.09 -1.54
C LYS A 10 -18.63 -0.39 -2.63
N GLU A 11 -19.29 0.51 -3.36
CA GLU A 11 -18.64 1.25 -4.44
C GLU A 11 -17.67 2.29 -3.90
N LEU A 12 -18.07 2.98 -2.84
CA LEU A 12 -17.26 4.03 -2.23
C LEU A 12 -15.86 3.53 -1.85
N LEU A 13 -15.81 2.51 -1.00
CA LEU A 13 -14.53 1.98 -0.55
C LEU A 13 -13.73 1.36 -1.69
N LEU A 14 -14.42 0.78 -2.67
CA LEU A 14 -13.75 0.17 -3.82
C LEU A 14 -13.05 1.23 -4.67
N LYS A 15 -13.69 2.37 -4.84
CA LYS A 15 -13.13 3.46 -5.63
C LYS A 15 -11.98 4.13 -4.89
N LYS A 16 -12.04 4.15 -3.58
CA LYS A 16 -11.00 4.77 -2.76
C LYS A 16 -9.69 4.01 -2.92
N ILE A 17 -9.77 2.68 -2.87
CA ILE A 17 -8.60 1.83 -3.02
C ILE A 17 -8.09 1.86 -4.46
N ASP A 18 -9.00 2.07 -5.40
CA ASP A 18 -8.62 2.14 -6.81
C ASP A 18 -7.68 3.32 -7.04
N SER A 19 -7.93 4.41 -6.35
CA SER A 19 -7.11 5.61 -6.46
C SER A 19 -5.76 5.39 -5.77
N LEU A 20 -5.78 4.56 -4.74
CA LEU A 20 -4.59 4.25 -3.96
C LEU A 20 -3.46 3.75 -4.85
N ILE A 21 -3.75 2.75 -5.69
CA ILE A 21 -2.74 2.19 -6.57
C ILE A 21 -2.31 3.21 -7.62
N GLU A 22 -3.23 4.08 -8.02
CA GLU A 22 -2.93 5.11 -9.01
C GLU A 22 -1.92 6.10 -8.47
N ALA A 23 -2.19 6.62 -7.27
CA ALA A 23 -1.31 7.59 -6.64
C ALA A 23 0.08 7.03 -6.43
N ILE A 24 0.16 5.84 -5.86
CA ILE A 24 1.43 5.19 -5.60
C ILE A 24 2.15 4.88 -6.92
N LYS A 25 1.39 4.50 -7.93
CA LYS A 25 1.94 4.19 -9.25
C LYS A 25 2.55 5.44 -9.87
N LYS A 26 1.86 6.56 -9.73
CA LYS A 26 2.34 7.82 -10.27
C LYS A 26 3.62 8.27 -9.58
N ILE A 27 3.70 8.01 -8.28
CA ILE A 27 4.87 8.41 -7.50
C ILE A 27 6.16 7.80 -8.05
N ILE A 28 6.16 6.49 -8.25
CA ILE A 28 7.33 5.79 -8.76
C ILE A 28 7.64 6.24 -10.20
N ALA A 29 6.60 6.53 -10.96
CA ALA A 29 6.75 6.97 -12.33
C ALA A 29 7.44 8.33 -12.41
N GLU A 30 7.00 9.25 -11.55
CA GLU A 30 7.58 10.59 -11.51
C GLU A 30 9.05 10.52 -11.12
N PHE A 31 9.39 9.61 -10.20
CA PHE A 31 10.75 9.43 -9.73
C PHE A 31 11.69 9.12 -10.89
N ASP A 32 11.23 8.32 -11.83
CA ASP A 32 12.03 7.95 -13.00
C ASP A 32 12.21 9.15 -13.92
N VAL A 33 11.13 9.88 -14.17
CA VAL A 33 11.16 11.05 -15.04
C VAL A 33 12.06 12.13 -14.45
N VAL A 34 11.86 12.43 -13.16
CA VAL A 34 12.65 13.45 -12.49
C VAL A 34 14.14 13.12 -12.52
N LYS A 35 14.47 11.84 -12.38
CA LYS A 35 15.85 11.40 -12.39
C LYS A 35 16.55 11.76 -13.70
N GLU A 36 15.92 11.44 -14.82
CA GLU A 36 16.51 11.75 -16.13
C GLU A 36 16.39 13.24 -16.48
N SER A 37 15.30 13.88 -16.04
CA SER A 37 15.06 15.29 -16.34
C SER A 37 16.13 16.15 -15.70
N VAL A 38 16.51 15.85 -14.46
CA VAL A 38 17.54 16.62 -13.76
C VAL A 38 18.90 16.36 -14.39
N ASN A 39 19.06 15.19 -15.01
CA ASN A 39 20.31 14.82 -15.66
C ASN A 39 20.56 15.77 -16.84
N GLU A 40 19.57 15.94 -17.69
CA GLU A 40 19.70 16.82 -18.85
C GLU A 40 19.75 18.28 -18.41
N LEU A 41 18.97 18.61 -17.40
CA LEU A 41 18.90 19.97 -16.88
C LEU A 41 20.25 20.43 -16.31
N SER A 42 20.90 19.54 -15.58
CA SER A 42 22.18 19.83 -14.96
C SER A 42 23.23 20.15 -16.03
N GLU A 43 23.23 19.38 -17.11
CA GLU A 43 24.18 19.57 -18.19
C GLU A 43 23.87 20.85 -18.95
N LYS A 44 22.59 21.19 -19.05
CA LYS A 44 22.18 22.40 -19.76
C LYS A 44 22.62 23.65 -18.99
N ALA A 45 22.56 23.58 -17.68
CA ALA A 45 22.95 24.70 -16.82
C ALA A 45 24.46 24.78 -16.64
N LYS A 46 25.15 23.71 -16.95
CA LYS A 46 26.60 23.63 -16.81
C LYS A 46 27.31 24.54 -17.82
N THR A 47 26.58 24.99 -18.84
CA THR A 47 27.16 25.83 -19.89
C THR A 47 27.13 27.32 -19.54
N ASP A 48 26.67 27.64 -18.34
CA ASP A 48 26.59 29.03 -17.92
C ASP A 48 26.89 29.16 -16.42
N PRO A 49 27.79 30.10 -16.05
CA PRO A 49 28.17 30.32 -14.65
C PRO A 49 26.97 30.60 -13.74
N GLN A 50 26.02 31.40 -14.23
CA GLN A 50 24.83 31.73 -13.46
C GLN A 50 23.93 30.53 -13.33
N ALA A 51 23.67 29.87 -14.45
CA ALA A 51 22.81 28.69 -14.49
C ALA A 51 23.41 27.58 -13.63
N ALA A 52 24.72 27.45 -13.66
CA ALA A 52 25.41 26.43 -12.87
C ALA A 52 25.22 26.68 -11.38
N GLU A 53 25.15 27.95 -11.02
CA GLU A 53 24.95 28.33 -9.63
C GLU A 53 23.49 28.12 -9.23
N LYS A 54 22.60 28.17 -10.21
CA LYS A 54 21.18 27.97 -9.97
C LYS A 54 20.93 26.49 -9.69
N LEU A 55 21.60 25.64 -10.45
CA LEU A 55 21.46 24.21 -10.28
C LEU A 55 22.21 23.75 -9.04
N ASN A 56 23.20 24.54 -8.63
CA ASN A 56 24.00 24.22 -7.44
C ASN A 56 23.14 24.25 -6.18
N LYS A 57 22.32 25.28 -6.05
CA LYS A 57 21.45 25.40 -4.88
C LYS A 57 20.30 24.40 -4.97
N LEU A 58 19.87 24.11 -6.20
CA LEU A 58 18.77 23.16 -6.42
C LEU A 58 19.17 21.76 -5.95
N ILE A 59 20.34 21.30 -6.39
CA ILE A 59 20.85 19.99 -6.01
C ILE A 59 21.11 19.97 -4.50
N GLU A 60 21.53 21.11 -3.96
CA GLU A 60 21.82 21.25 -2.54
C GLU A 60 20.56 20.95 -1.74
N GLY A 61 19.43 21.51 -2.20
CA GLY A 61 18.16 21.30 -1.53
C GLY A 61 17.65 19.88 -1.69
N TYR A 62 18.06 19.23 -2.78
CA TYR A 62 17.66 17.84 -3.05
C TYR A 62 18.24 16.92 -1.99
N THR A 63 19.49 17.17 -1.61
CA THR A 63 20.16 16.37 -0.60
C THR A 63 19.45 16.48 0.75
N TYR A 64 18.84 17.63 0.99
CA TYR A 64 18.12 17.86 2.24
C TYR A 64 16.63 17.65 2.03
N GLY A 65 16.30 16.83 1.04
CA GLY A 65 14.91 16.54 0.74
C GLY A 65 14.28 15.58 1.74
N GLU A 66 14.05 16.07 2.95
CA GLU A 66 13.43 15.27 4.01
C GLU A 66 12.07 14.77 3.56
N GLU A 67 11.41 15.58 2.77
CA GLU A 67 10.09 15.25 2.23
C GLU A 67 10.14 13.98 1.37
N ARG A 68 11.24 13.80 0.64
CA ARG A 68 11.40 12.63 -0.21
C ARG A 68 11.50 11.38 0.66
N LYS A 69 12.17 11.52 1.80
CA LYS A 69 12.31 10.41 2.72
C LYS A 69 10.97 10.13 3.40
N LEU A 70 10.13 11.17 3.47
CA LEU A 70 8.80 11.03 4.07
C LEU A 70 7.92 10.15 3.21
N TYR A 71 7.99 10.34 1.89
CA TYR A 71 7.20 9.53 0.97
C TYR A 71 7.67 8.09 1.05
N ASP A 72 8.96 7.93 1.30
CA ASP A 72 9.57 6.62 1.44
C ASP A 72 8.98 5.90 2.65
N SER A 73 8.78 6.66 3.73
CA SER A 73 8.22 6.10 4.96
C SER A 73 6.72 5.86 4.80
N ALA A 74 6.10 6.51 3.82
CA ALA A 74 4.67 6.34 3.58
C ALA A 74 4.40 4.96 3.02
N LEU A 75 5.26 4.50 2.12
CA LEU A 75 5.12 3.18 1.53
C LEU A 75 5.32 2.11 2.59
N SER A 76 6.25 2.37 3.50
CA SER A 76 6.54 1.45 4.59
C SER A 76 5.33 1.31 5.52
N LYS A 77 4.55 2.39 5.63
CA LYS A 77 3.36 2.38 6.48
C LYS A 77 2.30 1.48 5.86
N ILE A 78 2.28 1.41 4.54
CA ILE A 78 1.33 0.56 3.82
C ILE A 78 1.63 -0.89 4.14
N GLU A 79 2.92 -1.23 4.19
CA GLU A 79 3.36 -2.59 4.48
C GLU A 79 2.84 -3.04 5.85
N LYS A 80 2.81 -2.11 6.79
CA LYS A 80 2.32 -2.40 8.14
C LYS A 80 0.87 -2.84 8.08
N LEU A 81 0.08 -2.14 7.28
CA LEU A 81 -1.33 -2.46 7.12
C LEU A 81 -1.49 -3.85 6.51
N ILE A 82 -0.62 -4.19 5.57
CA ILE A 82 -0.66 -5.50 4.93
C ILE A 82 -0.47 -6.59 5.97
N GLU A 83 0.47 -6.35 6.89
CA GLU A 83 0.77 -7.29 7.96
C GLU A 83 -0.38 -7.35 8.95
N THR A 84 -1.15 -6.29 9.05
CA THR A 84 -2.29 -6.26 9.96
C THR A 84 -3.42 -7.14 9.42
N LEU A 85 -3.53 -7.21 8.10
CA LEU A 85 -4.55 -8.03 7.46
C LEU A 85 -4.12 -9.49 7.42
N SER A 86 -2.89 -9.73 7.00
CA SER A 86 -2.36 -11.07 6.94
C SER A 86 -0.91 -11.09 7.39
N PRO A 87 -0.67 -11.34 8.69
CA PRO A 87 0.68 -11.38 9.26
C PRO A 87 1.52 -12.48 8.62
N ALA A 88 0.93 -13.68 8.55
CA ALA A 88 1.55 -14.86 7.97
C ALA A 88 2.77 -15.33 8.76
N ARG A 89 3.86 -14.58 8.69
CA ARG A 89 5.09 -14.93 9.39
C ARG A 89 5.11 -14.34 10.79
N SER A 90 4.03 -14.50 11.53
CA SER A 90 3.94 -13.99 12.89
C SER A 90 4.59 -14.96 13.87
N LYS A 91 5.82 -14.65 14.29
CA LYS A 91 6.54 -15.51 15.23
C LYS A 91 7.03 -14.70 16.42
N SER A 92 6.59 -15.10 17.61
CA SER A 92 7.00 -14.43 18.84
C SER A 92 8.36 -14.93 19.30
N GLN A 93 9.41 -14.20 18.98
CA GLN A 93 10.76 -14.61 19.35
C GLN A 93 11.24 -13.81 20.56
N SER A 94 10.30 -13.22 21.28
CA SER A 94 10.60 -12.42 22.46
C SER A 94 11.04 -13.30 23.63
N THR A 95 11.37 -12.67 24.75
CA THR A 95 11.81 -13.39 25.93
C THR A 95 10.62 -14.09 26.60
N MET A 96 10.91 -14.94 27.57
CA MET A 96 9.86 -15.66 28.28
C MET A 96 9.53 -15.00 29.60
N ASN A 97 8.29 -14.56 29.73
CA ASN A 97 7.83 -13.91 30.96
C ASN A 97 7.49 -14.97 32.00
N GLN A 98 8.51 -15.57 32.56
CA GLN A 98 8.35 -16.60 33.56
C GLN A 98 9.30 -16.34 34.73
N ARG A 99 9.09 -17.02 35.84
CA ARG A 99 9.93 -16.84 36.99
C ARG A 99 10.82 -18.06 37.22
N ASN A 100 11.70 -17.95 38.21
CA ASN A 100 12.63 -19.04 38.55
C ASN A 100 11.87 -20.33 38.88
N ARG A 101 12.38 -21.44 38.35
CA ARG A 101 11.77 -22.74 38.57
C ARG A 101 12.28 -23.39 39.85
N ASN A 102 12.28 -22.60 40.93
CA ASN A 102 12.75 -23.08 42.21
C ASN A 102 11.61 -23.80 42.94
N ASN A 103 10.44 -23.17 42.98
CA ASN A 103 9.29 -23.74 43.65
C ASN A 103 8.01 -23.14 43.07
N ARG A 104 7.43 -23.79 42.08
CA ARG A 104 6.21 -23.31 41.46
C ARG A 104 5.04 -24.23 41.81
N LYS A 105 3.91 -23.63 42.18
CA LYS A 105 2.72 -24.39 42.52
C LYS A 105 1.98 -24.80 41.25
N ILE A 106 2.59 -25.72 40.50
CA ILE A 106 2.03 -26.21 39.26
C ILE A 106 1.31 -27.54 39.46
N VAL A 107 1.00 -27.85 40.71
CA VAL A 107 0.31 -29.08 41.05
C VAL A 107 -0.23 -29.01 42.48
N MET B 1 7.01 32.99 -11.73
CA MET B 1 6.57 32.69 -10.38
C MET B 1 6.73 31.20 -10.08
N SER B 2 7.95 30.72 -10.19
CA SER B 2 8.26 29.31 -9.92
C SER B 2 7.92 28.93 -8.49
N ILE B 3 7.83 29.93 -7.62
CA ILE B 3 7.52 29.70 -6.22
C ILE B 3 6.07 29.25 -6.05
N VAL B 4 5.17 29.75 -6.89
CA VAL B 4 3.76 29.38 -6.79
C VAL B 4 3.55 27.99 -7.37
N SER B 5 4.39 27.64 -8.33
CA SER B 5 4.34 26.30 -8.92
C SER B 5 4.75 25.24 -7.92
N GLN B 6 5.84 25.56 -7.23
CA GLN B 6 6.40 24.67 -6.22
C GLN B 6 5.38 24.43 -5.10
N THR B 7 4.75 25.49 -4.63
CA THR B 7 3.77 25.38 -3.56
C THR B 7 2.50 24.66 -4.03
N ARG B 8 2.11 24.90 -5.27
CA ARG B 8 0.91 24.28 -5.82
C ARG B 8 1.08 22.77 -5.98
N ASN B 9 2.18 22.36 -6.61
CA ASN B 9 2.44 20.95 -6.83
C ASN B 9 2.68 20.22 -5.51
N LYS B 10 3.44 20.86 -4.62
CA LYS B 10 3.76 20.29 -3.32
C LYS B 10 2.50 20.01 -2.52
N GLU B 11 1.63 21.00 -2.43
CA GLU B 11 0.38 20.89 -1.69
C GLU B 11 -0.52 19.80 -2.29
N LEU B 12 -0.50 19.70 -3.60
CA LEU B 12 -1.32 18.73 -4.32
C LEU B 12 -0.94 17.29 -3.94
N LEU B 13 0.31 16.93 -4.19
CA LEU B 13 0.78 15.57 -3.91
C LEU B 13 0.77 15.26 -2.41
N LEU B 14 0.98 16.29 -1.59
CA LEU B 14 0.99 16.09 -0.14
C LEU B 14 -0.39 15.71 0.37
N LYS B 15 -1.39 16.46 -0.05
CA LYS B 15 -2.76 16.19 0.36
C LYS B 15 -3.27 14.88 -0.21
N LYS B 16 -2.77 14.50 -1.39
CA LYS B 16 -3.16 13.26 -2.03
C LYS B 16 -2.70 12.06 -1.20
N ILE B 17 -1.47 12.12 -0.72
CA ILE B 17 -0.91 11.06 0.09
C ILE B 17 -1.51 11.08 1.50
N ASP B 18 -1.85 12.26 1.98
CA ASP B 18 -2.45 12.42 3.31
C ASP B 18 -3.76 11.64 3.41
N SER B 19 -4.62 11.83 2.42
CA SER B 19 -5.90 11.15 2.36
C SER B 19 -5.71 9.67 2.07
N LEU B 20 -4.65 9.36 1.32
CA LEU B 20 -4.31 7.99 0.94
C LEU B 20 -4.27 7.06 2.14
N ILE B 21 -3.52 7.46 3.17
CA ILE B 21 -3.37 6.65 4.39
C ILE B 21 -4.69 6.59 5.18
N GLU B 22 -5.38 7.72 5.29
CA GLU B 22 -6.64 7.79 6.02
C GLU B 22 -7.70 6.88 5.41
N ALA B 23 -7.73 6.85 4.07
CA ALA B 23 -8.68 6.02 3.36
C ALA B 23 -8.46 4.54 3.67
N ILE B 24 -7.21 4.11 3.67
CA ILE B 24 -6.87 2.72 3.97
C ILE B 24 -7.27 2.38 5.39
N LYS B 25 -6.97 3.30 6.30
CA LYS B 25 -7.28 3.13 7.71
C LYS B 25 -8.79 2.97 7.89
N LYS B 26 -9.55 3.62 7.04
CA LYS B 26 -11.00 3.54 7.10
C LYS B 26 -11.49 2.17 6.63
N ILE B 27 -10.86 1.62 5.60
CA ILE B 27 -11.24 0.32 5.05
C ILE B 27 -11.24 -0.76 6.13
N ILE B 28 -10.11 -0.89 6.83
CA ILE B 28 -9.98 -1.90 7.88
C ILE B 28 -10.87 -1.60 9.08
N ALA B 29 -11.06 -0.32 9.38
CA ALA B 29 -11.89 0.07 10.51
C ALA B 29 -13.34 -0.34 10.31
N GLU B 30 -13.89 -0.02 9.14
CA GLU B 30 -15.27 -0.35 8.82
C GLU B 30 -15.48 -1.86 8.84
N PHE B 31 -14.47 -2.60 8.36
CA PHE B 31 -14.53 -4.06 8.32
C PHE B 31 -14.83 -4.64 9.69
N ASP B 32 -14.16 -4.11 10.69
CA ASP B 32 -14.34 -4.56 12.07
C ASP B 32 -15.72 -4.20 12.58
N VAL B 33 -16.17 -2.99 12.25
CA VAL B 33 -17.48 -2.50 12.67
C VAL B 33 -18.61 -3.35 12.06
N VAL B 34 -18.50 -3.65 10.77
CA VAL B 34 -19.52 -4.45 10.09
C VAL B 34 -19.67 -5.81 10.77
N LYS B 35 -18.55 -6.36 11.23
CA LYS B 35 -18.56 -7.65 11.91
C LYS B 35 -19.42 -7.58 13.17
N GLU B 36 -19.30 -6.48 13.90
CA GLU B 36 -20.05 -6.29 15.13
C GLU B 36 -21.53 -6.01 14.82
N SER B 37 -21.80 -5.24 13.79
CA SER B 37 -23.15 -4.86 13.40
C SER B 37 -23.97 -6.08 13.06
N VAL B 38 -23.46 -6.94 12.18
CA VAL B 38 -24.18 -8.14 11.76
C VAL B 38 -24.41 -9.08 12.94
N ASN B 39 -23.51 -9.05 13.91
CA ASN B 39 -23.61 -9.88 15.09
C ASN B 39 -24.88 -9.55 15.89
N GLU B 40 -25.08 -8.27 16.17
CA GLU B 40 -26.24 -7.84 16.92
C GLU B 40 -27.51 -7.97 16.08
N LEU B 41 -27.40 -7.71 14.79
CA LEU B 41 -28.53 -7.80 13.88
C LEU B 41 -29.08 -9.23 13.84
N SER B 42 -28.19 -10.21 13.86
CA SER B 42 -28.60 -11.61 13.83
C SER B 42 -29.37 -11.96 15.11
N GLU B 43 -28.96 -11.36 16.21
CA GLU B 43 -29.60 -11.59 17.50
C GLU B 43 -31.03 -11.03 17.51
N LYS B 44 -31.21 -9.86 16.89
CA LYS B 44 -32.51 -9.21 16.85
C LYS B 44 -33.43 -9.87 15.82
N ALA B 45 -32.84 -10.46 14.78
CA ALA B 45 -33.60 -11.12 13.74
C ALA B 45 -34.00 -12.52 14.18
N LYS B 46 -33.29 -13.04 15.16
CA LYS B 46 -33.53 -14.36 15.70
C LYS B 46 -34.94 -14.46 16.30
N THR B 47 -35.41 -13.35 16.86
CA THR B 47 -36.71 -13.30 17.50
C THR B 47 -37.86 -13.05 16.52
N ASP B 48 -37.63 -13.28 15.24
CA ASP B 48 -38.67 -13.09 14.23
C ASP B 48 -38.43 -14.01 13.03
N PRO B 49 -39.40 -14.86 12.68
CA PRO B 49 -39.26 -15.80 11.56
C PRO B 49 -39.01 -15.12 10.22
N GLN B 50 -39.61 -13.95 10.02
CA GLN B 50 -39.44 -13.22 8.76
C GLN B 50 -38.04 -12.61 8.70
N ALA B 51 -37.64 -11.98 9.80
CA ALA B 51 -36.33 -11.36 9.88
C ALA B 51 -35.24 -12.43 9.77
N ALA B 52 -35.55 -13.62 10.27
CA ALA B 52 -34.61 -14.74 10.21
C ALA B 52 -34.29 -15.09 8.77
N GLU B 53 -35.30 -15.01 7.90
CA GLU B 53 -35.12 -15.29 6.49
C GLU B 53 -34.26 -14.23 5.84
N LYS B 54 -34.40 -13.00 6.32
CA LYS B 54 -33.63 -11.88 5.78
C LYS B 54 -32.15 -12.03 6.12
N LEU B 55 -31.87 -12.40 7.37
CA LEU B 55 -30.50 -12.60 7.82
C LEU B 55 -29.90 -13.83 7.13
N ASN B 56 -30.77 -14.76 6.76
CA ASN B 56 -30.37 -15.99 6.08
C ASN B 56 -29.64 -15.66 4.79
N LYS B 57 -30.20 -14.72 4.03
CA LYS B 57 -29.59 -14.29 2.77
C LYS B 57 -28.46 -13.31 3.01
N LEU B 58 -28.57 -12.54 4.09
CA LEU B 58 -27.54 -11.56 4.44
C LEU B 58 -26.19 -12.24 4.65
N ILE B 59 -26.16 -13.24 5.52
CA ILE B 59 -24.93 -13.98 5.81
C ILE B 59 -24.50 -14.79 4.58
N GLU B 60 -25.47 -15.27 3.83
CA GLU B 60 -25.22 -16.05 2.63
C GLU B 60 -24.37 -15.23 1.66
N GLY B 61 -24.82 -14.03 1.36
CA GLY B 61 -24.09 -13.15 0.46
C GLY B 61 -22.77 -12.72 1.06
N TYR B 62 -22.70 -12.67 2.38
CA TYR B 62 -21.48 -12.29 3.09
C TYR B 62 -20.44 -13.40 2.94
N THR B 63 -20.92 -14.61 2.68
CA THR B 63 -20.04 -15.76 2.50
C THR B 63 -19.45 -15.77 1.09
N TYR B 64 -20.23 -15.27 0.14
CA TYR B 64 -19.81 -15.20 -1.25
C TYR B 64 -19.15 -13.85 -1.53
N GLY B 65 -18.44 -13.35 -0.52
CA GLY B 65 -17.77 -12.07 -0.64
C GLY B 65 -16.59 -12.09 -1.60
N GLU B 66 -16.89 -12.09 -2.89
CA GLU B 66 -15.87 -12.06 -3.92
C GLU B 66 -15.14 -10.72 -3.86
N GLU B 67 -15.86 -9.72 -3.37
CA GLU B 67 -15.32 -8.37 -3.22
C GLU B 67 -14.23 -8.37 -2.15
N ARG B 68 -14.40 -9.18 -1.12
CA ARG B 68 -13.41 -9.28 -0.05
C ARG B 68 -12.12 -9.85 -0.62
N LYS B 69 -12.27 -10.83 -1.49
CA LYS B 69 -11.14 -11.47 -2.14
C LYS B 69 -10.45 -10.49 -3.08
N LEU B 70 -11.24 -9.56 -3.61
CA LEU B 70 -10.71 -8.54 -4.50
C LEU B 70 -9.80 -7.59 -3.75
N TYR B 71 -10.12 -7.35 -2.47
CA TYR B 71 -9.31 -6.48 -1.64
C TYR B 71 -7.97 -7.13 -1.36
N ASP B 72 -8.02 -8.44 -1.10
CA ASP B 72 -6.81 -9.22 -0.85
C ASP B 72 -5.90 -9.16 -2.07
N SER B 73 -6.51 -9.25 -3.25
CA SER B 73 -5.78 -9.21 -4.49
C SER B 73 -5.14 -7.83 -4.69
N ALA B 74 -5.85 -6.78 -4.27
CA ALA B 74 -5.36 -5.42 -4.39
C ALA B 74 -4.15 -5.20 -3.50
N LEU B 75 -4.20 -5.78 -2.30
CA LEU B 75 -3.10 -5.65 -1.36
C LEU B 75 -1.85 -6.34 -1.89
N SER B 76 -2.05 -7.42 -2.63
CA SER B 76 -0.95 -8.15 -3.23
C SER B 76 -0.28 -7.29 -4.29
N LYS B 77 -1.07 -6.42 -4.91
CA LYS B 77 -0.57 -5.50 -5.94
C LYS B 77 0.34 -4.47 -5.29
N ILE B 78 0.00 -4.10 -4.06
CA ILE B 78 0.79 -3.13 -3.30
C ILE B 78 2.13 -3.76 -2.96
N GLU B 79 2.08 -5.04 -2.58
CA GLU B 79 3.29 -5.79 -2.25
C GLU B 79 4.26 -5.78 -3.42
N LYS B 80 3.71 -5.85 -4.62
CA LYS B 80 4.51 -5.83 -5.84
C LYS B 80 5.28 -4.52 -5.94
N LEU B 81 4.62 -3.41 -5.62
CA LEU B 81 5.24 -2.08 -5.67
C LEU B 81 6.40 -2.02 -4.67
N ILE B 82 6.17 -2.56 -3.48
CA ILE B 82 7.18 -2.59 -2.43
C ILE B 82 8.38 -3.43 -2.88
N GLU B 83 8.08 -4.50 -3.60
CA GLU B 83 9.10 -5.40 -4.14
C GLU B 83 9.85 -4.73 -5.28
N THR B 84 9.18 -3.78 -5.95
CA THR B 84 9.79 -3.06 -7.05
C THR B 84 10.81 -2.05 -6.52
N LEU B 85 10.55 -1.57 -5.30
CA LEU B 85 11.45 -0.62 -4.65
C LEU B 85 12.73 -1.32 -4.23
N SER B 86 12.60 -2.57 -3.81
CA SER B 86 13.75 -3.36 -3.38
C SER B 86 13.66 -4.78 -3.95
N PRO B 87 14.32 -5.01 -5.10
CA PRO B 87 14.32 -6.32 -5.77
C PRO B 87 14.85 -7.45 -4.89
N ALA B 88 16.03 -7.23 -4.31
CA ALA B 88 16.69 -8.20 -3.44
C ALA B 88 17.11 -9.45 -4.22
N ARG B 89 16.16 -10.31 -4.53
CA ARG B 89 16.44 -11.53 -5.27
C ARG B 89 16.05 -11.38 -6.73
N SER B 90 17.04 -11.14 -7.57
CA SER B 90 16.82 -10.99 -8.99
C SER B 90 16.81 -12.36 -9.67
N LYS B 91 17.40 -13.33 -8.98
CA LYS B 91 17.48 -14.70 -9.46
C LYS B 91 17.73 -15.63 -8.28
N SER B 92 16.89 -16.65 -8.13
CA SER B 92 17.03 -17.59 -7.03
C SER B 92 17.32 -18.99 -7.54
N GLN B 93 16.31 -19.63 -8.10
CA GLN B 93 16.46 -20.97 -8.62
C GLN B 93 15.88 -21.06 -10.02
N SER B 94 16.75 -20.93 -11.01
CA SER B 94 16.34 -20.99 -12.40
C SER B 94 16.91 -22.23 -13.07
N THR B 95 16.35 -22.59 -14.21
CA THR B 95 16.82 -23.77 -14.94
C THR B 95 17.79 -23.35 -16.03
N MET B 96 18.66 -24.28 -16.42
CA MET B 96 19.65 -24.00 -17.46
C MET B 96 19.26 -24.67 -18.76
N ASN B 97 19.17 -23.88 -19.82
CA ASN B 97 18.81 -24.39 -21.14
C ASN B 97 20.02 -25.02 -21.81
N GLN B 98 21.18 -24.45 -21.55
CA GLN B 98 22.43 -24.93 -22.11
C GLN B 98 22.90 -26.18 -21.37
N ARG B 99 23.53 -27.11 -22.09
CA ARG B 99 24.02 -28.35 -21.49
C ARG B 99 25.52 -28.27 -21.23
N ASN B 100 26.08 -29.36 -20.70
CA ASN B 100 27.51 -29.44 -20.41
C ASN B 100 28.31 -29.45 -21.71
N ARG B 101 29.51 -28.91 -21.67
CA ARG B 101 30.36 -28.85 -22.85
C ARG B 101 30.92 -30.24 -23.17
N ASN B 102 30.29 -30.90 -24.12
CA ASN B 102 30.70 -32.23 -24.55
C ASN B 102 30.06 -32.55 -25.90
N ASN B 103 30.63 -33.48 -26.64
CA ASN B 103 30.10 -33.84 -27.94
C ASN B 103 28.82 -34.65 -27.78
N ARG B 104 27.72 -34.12 -28.31
CA ARG B 104 26.44 -34.79 -28.24
C ARG B 104 26.31 -35.80 -29.37
N LYS B 105 26.66 -37.05 -29.06
CA LYS B 105 26.57 -38.12 -30.04
C LYS B 105 25.12 -38.62 -30.13
N ILE B 106 24.68 -38.89 -31.34
CA ILE B 106 23.31 -39.35 -31.55
C ILE B 106 23.30 -40.83 -31.94
N VAL B 107 24.48 -41.39 -32.14
CA VAL B 107 24.63 -42.78 -32.50
C VAL B 107 25.96 -43.30 -31.98
N MET A 1 -35.60 2.92 3.51
CA MET A 1 -35.04 1.90 2.60
C MET A 1 -33.64 1.49 3.05
N SER A 2 -33.48 0.24 3.44
CA SER A 2 -32.20 -0.29 3.91
C SER A 2 -31.29 -0.58 2.75
N ILE A 3 -31.87 -0.97 1.63
CA ILE A 3 -31.11 -1.35 0.45
C ILE A 3 -30.31 -0.17 -0.13
N VAL A 4 -30.81 1.06 0.06
CA VAL A 4 -30.13 2.23 -0.45
C VAL A 4 -28.85 2.51 0.34
N SER A 5 -28.87 2.13 1.61
CA SER A 5 -27.70 2.30 2.47
C SER A 5 -26.58 1.37 2.04
N GLN A 6 -26.99 0.17 1.66
CA GLN A 6 -26.04 -0.85 1.22
C GLN A 6 -25.37 -0.44 -0.09
N THR A 7 -26.16 0.10 -1.01
CA THR A 7 -25.65 0.51 -2.32
C THR A 7 -24.74 1.73 -2.20
N ARG A 8 -25.19 2.73 -1.44
CA ARG A 8 -24.41 3.96 -1.27
C ARG A 8 -23.09 3.68 -0.56
N ASN A 9 -23.14 2.78 0.42
CA ASN A 9 -21.95 2.42 1.19
C ASN A 9 -20.95 1.68 0.30
N LYS A 10 -21.46 0.75 -0.50
CA LYS A 10 -20.64 -0.05 -1.40
C LYS A 10 -19.88 0.83 -2.38
N GLU A 11 -20.58 1.79 -2.98
CA GLU A 11 -19.97 2.69 -3.94
C GLU A 11 -18.89 3.55 -3.28
N LEU A 12 -19.16 3.99 -2.06
CA LEU A 12 -18.25 4.84 -1.31
C LEU A 12 -16.88 4.19 -1.09
N LEU A 13 -16.85 3.04 -0.41
CA LEU A 13 -15.59 2.36 -0.12
C LEU A 13 -14.85 1.92 -1.38
N LEU A 14 -15.60 1.47 -2.39
CA LEU A 14 -15.00 1.02 -3.64
C LEU A 14 -14.33 2.19 -4.36
N LYS A 15 -14.96 3.36 -4.30
CA LYS A 15 -14.43 4.55 -4.94
C LYS A 15 -13.19 5.04 -4.21
N LYS A 16 -13.21 4.99 -2.89
CA LYS A 16 -12.08 5.43 -2.08
C LYS A 16 -10.86 4.53 -2.30
N ILE A 17 -11.11 3.23 -2.46
CA ILE A 17 -10.05 2.26 -2.69
C ILE A 17 -9.37 2.53 -4.03
N ASP A 18 -10.17 2.86 -5.04
CA ASP A 18 -9.64 3.18 -6.37
C ASP A 18 -8.75 4.41 -6.30
N SER A 19 -9.06 5.30 -5.36
CA SER A 19 -8.31 6.52 -5.18
C SER A 19 -6.93 6.24 -4.57
N LEU A 20 -6.84 5.21 -3.73
CA LEU A 20 -5.58 4.86 -3.08
C LEU A 20 -4.57 4.34 -4.11
N ILE A 21 -5.00 3.44 -5.00
CA ILE A 21 -4.08 2.90 -6.01
C ILE A 21 -3.72 3.99 -7.03
N GLU A 22 -4.67 4.90 -7.26
CA GLU A 22 -4.46 6.01 -8.19
C GLU A 22 -3.41 6.97 -7.64
N ALA A 23 -3.53 7.26 -6.34
CA ALA A 23 -2.62 8.17 -5.66
C ALA A 23 -1.19 7.63 -5.64
N ILE A 24 -1.02 6.40 -5.15
CA ILE A 24 0.30 5.78 -5.08
C ILE A 24 0.95 5.70 -6.45
N LYS A 25 0.17 5.30 -7.45
CA LYS A 25 0.66 5.18 -8.82
C LYS A 25 1.17 6.53 -9.33
N LYS A 26 0.53 7.59 -8.88
CA LYS A 26 0.92 8.94 -9.28
C LYS A 26 2.19 9.37 -8.57
N ILE A 27 2.26 9.10 -7.27
CA ILE A 27 3.41 9.47 -6.46
C ILE A 27 4.70 8.84 -6.97
N ILE A 28 4.66 7.53 -7.23
CA ILE A 28 5.83 6.83 -7.73
C ILE A 28 6.23 7.36 -9.11
N ALA A 29 5.24 7.77 -9.89
CA ALA A 29 5.48 8.29 -11.23
C ALA A 29 6.24 9.61 -11.14
N GLU A 30 5.82 10.47 -10.23
CA GLU A 30 6.46 11.77 -10.02
C GLU A 30 7.95 11.60 -9.74
N PHE A 31 8.27 10.66 -8.85
CA PHE A 31 9.66 10.40 -8.47
C PHE A 31 10.51 10.06 -9.70
N ASP A 32 10.00 9.20 -10.57
CA ASP A 32 10.73 8.80 -11.77
C ASP A 32 10.89 9.97 -12.73
N VAL A 33 9.81 10.75 -12.86
CA VAL A 33 9.82 11.91 -13.74
C VAL A 33 10.80 12.98 -13.23
N VAL A 34 10.69 13.31 -11.96
CA VAL A 34 11.56 14.32 -11.36
C VAL A 34 13.03 13.89 -11.44
N LYS A 35 13.28 12.60 -11.22
CA LYS A 35 14.64 12.06 -11.27
C LYS A 35 15.28 12.30 -12.64
N GLU A 36 14.54 12.00 -13.70
CA GLU A 36 15.06 12.19 -15.05
C GLU A 36 15.10 13.68 -15.43
N SER A 37 14.13 14.43 -14.95
CA SER A 37 14.03 15.86 -15.26
C SER A 37 15.24 16.61 -14.74
N VAL A 38 15.66 16.33 -13.50
CA VAL A 38 16.82 17.01 -12.93
C VAL A 38 18.11 16.51 -13.56
N ASN A 39 18.08 15.27 -14.04
CA ASN A 39 19.24 14.67 -14.70
C ASN A 39 19.59 15.44 -15.97
N GLU A 40 18.57 15.68 -16.79
CA GLU A 40 18.77 16.41 -18.03
C GLU A 40 19.01 17.89 -17.75
N LEU A 41 18.38 18.37 -16.68
CA LEU A 41 18.51 19.76 -16.26
C LEU A 41 19.97 20.08 -15.93
N SER A 42 20.63 19.15 -15.23
CA SER A 42 22.03 19.31 -14.85
C SER A 42 22.93 19.31 -16.07
N GLU A 43 22.55 18.54 -17.10
CA GLU A 43 23.32 18.45 -18.32
C GLU A 43 23.38 19.82 -18.99
N LYS A 44 22.26 20.52 -19.00
CA LYS A 44 22.18 21.85 -19.59
C LYS A 44 22.82 22.89 -18.66
N ALA A 45 22.83 22.57 -17.38
CA ALA A 45 23.40 23.46 -16.37
C ALA A 45 24.92 23.45 -16.40
N LYS A 46 25.47 22.42 -17.03
CA LYS A 46 26.91 22.28 -17.13
C LYS A 46 27.52 23.31 -18.08
N THR A 47 26.67 23.95 -18.87
CA THR A 47 27.13 24.95 -19.82
C THR A 47 26.92 26.37 -19.28
N ASP A 48 26.86 26.49 -17.95
CA ASP A 48 26.67 27.78 -17.30
C ASP A 48 27.13 27.72 -15.84
N PRO A 49 27.95 28.69 -15.41
CA PRO A 49 28.47 28.73 -14.03
C PRO A 49 27.37 28.92 -12.99
N GLN A 50 26.40 29.78 -13.31
CA GLN A 50 25.29 30.04 -12.39
C GLN A 50 24.37 28.83 -12.32
N ALA A 51 24.19 28.18 -13.46
CA ALA A 51 23.34 27.00 -13.54
C ALA A 51 23.93 25.86 -12.71
N ALA A 52 25.25 25.74 -12.72
CA ALA A 52 25.94 24.71 -11.96
C ALA A 52 25.63 24.88 -10.47
N GLU A 53 25.68 26.13 -10.02
CA GLU A 53 25.39 26.47 -8.64
C GLU A 53 23.92 26.21 -8.31
N LYS A 54 23.06 26.40 -9.31
CA LYS A 54 21.63 26.18 -9.15
C LYS A 54 21.34 24.72 -8.85
N LEU A 55 21.88 23.83 -9.67
CA LEU A 55 21.68 22.40 -9.49
C LEU A 55 22.42 21.89 -8.26
N ASN A 56 23.46 22.60 -7.87
CA ASN A 56 24.24 22.24 -6.69
C ASN A 56 23.36 22.24 -5.44
N LYS A 57 22.64 23.34 -5.24
CA LYS A 57 21.76 23.48 -4.08
C LYS A 57 20.50 22.64 -4.25
N LEU A 58 20.04 22.48 -5.48
CA LEU A 58 18.84 21.69 -5.78
C LEU A 58 19.04 20.24 -5.37
N ILE A 59 20.18 19.67 -5.78
CA ILE A 59 20.50 18.28 -5.46
C ILE A 59 20.62 18.11 -3.95
N GLU A 60 21.22 19.11 -3.30
CA GLU A 60 21.40 19.09 -1.86
C GLU A 60 20.03 19.03 -1.16
N GLY A 61 19.09 19.81 -1.68
CA GLY A 61 17.75 19.84 -1.10
C GLY A 61 17.04 18.51 -1.22
N TYR A 62 17.24 17.83 -2.34
CA TYR A 62 16.62 16.53 -2.56
C TYR A 62 17.28 15.48 -1.67
N THR A 63 18.57 15.63 -1.44
CA THR A 63 19.31 14.71 -0.59
C THR A 63 18.83 14.83 0.86
N TYR A 64 18.59 16.07 1.27
CA TYR A 64 18.12 16.35 2.63
C TYR A 64 16.60 16.52 2.62
N GLY A 65 15.95 15.91 1.65
CA GLY A 65 14.51 16.01 1.53
C GLY A 65 13.78 15.24 2.61
N GLU A 66 13.46 15.93 3.70
CA GLU A 66 12.74 15.33 4.81
C GLU A 66 11.38 14.82 4.35
N GLU A 67 10.83 15.47 3.35
CA GLU A 67 9.53 15.09 2.81
C GLU A 67 9.62 13.72 2.13
N ARG A 68 10.77 13.43 1.51
CA ARG A 68 10.96 12.15 0.84
C ARG A 68 10.99 11.05 1.89
N LYS A 69 11.57 11.37 3.04
CA LYS A 69 11.66 10.43 4.14
C LYS A 69 10.28 10.22 4.75
N LEU A 70 9.48 11.27 4.75
CA LEU A 70 8.12 11.21 5.27
C LEU A 70 7.26 10.30 4.42
N TYR A 71 7.37 10.43 3.11
CA TYR A 71 6.60 9.62 2.18
C TYR A 71 7.06 8.16 2.28
N ASP A 72 8.35 7.96 2.48
CA ASP A 72 8.93 6.63 2.62
C ASP A 72 8.40 5.97 3.88
N SER A 73 8.31 6.75 4.95
CA SER A 73 7.81 6.25 6.21
C SER A 73 6.34 5.86 6.10
N ALA A 74 5.63 6.50 5.17
CA ALA A 74 4.23 6.20 4.93
C ALA A 74 4.08 4.81 4.36
N LEU A 75 5.05 4.42 3.54
CA LEU A 75 5.06 3.10 2.94
C LEU A 75 5.32 2.05 4.01
N SER A 76 6.16 2.40 4.98
CA SER A 76 6.47 1.51 6.10
C SER A 76 5.22 1.20 6.90
N LYS A 77 4.34 2.19 6.99
CA LYS A 77 3.08 2.04 7.72
C LYS A 77 2.19 1.04 7.00
N ILE A 78 2.28 1.06 5.67
CA ILE A 78 1.51 0.16 4.83
C ILE A 78 1.93 -1.28 5.11
N GLU A 79 3.22 -1.49 5.28
CA GLU A 79 3.77 -2.81 5.57
C GLU A 79 3.17 -3.37 6.86
N LYS A 80 2.98 -2.47 7.83
CA LYS A 80 2.40 -2.87 9.12
C LYS A 80 0.96 -3.32 8.91
N LEU A 81 0.26 -2.64 8.00
CA LEU A 81 -1.12 -2.97 7.70
C LEU A 81 -1.19 -4.36 7.07
N ILE A 82 -0.23 -4.64 6.19
CA ILE A 82 -0.15 -5.94 5.52
C ILE A 82 0.04 -7.05 6.56
N GLU A 83 0.90 -6.78 7.52
CA GLU A 83 1.19 -7.73 8.60
C GLU A 83 -0.05 -7.92 9.48
N THR A 84 -0.83 -6.86 9.62
CA THR A 84 -2.05 -6.92 10.43
C THR A 84 -3.12 -7.77 9.75
N LEU A 85 -3.04 -7.88 8.42
CA LEU A 85 -3.98 -8.69 7.66
C LEU A 85 -3.74 -10.17 7.89
N SER A 86 -2.50 -10.51 8.23
CA SER A 86 -2.12 -11.89 8.49
C SER A 86 -1.11 -11.98 9.63
N PRO A 87 -1.60 -12.13 10.87
CA PRO A 87 -0.74 -12.24 12.06
C PRO A 87 0.29 -13.36 11.94
N ALA A 88 -0.15 -14.48 11.36
CA ALA A 88 0.69 -15.65 11.15
C ALA A 88 1.11 -16.30 12.47
N ARG A 89 2.10 -15.71 13.13
CA ARG A 89 2.61 -16.25 14.40
C ARG A 89 1.63 -16.02 15.54
N SER A 90 1.24 -17.11 16.20
CA SER A 90 0.33 -17.01 17.32
C SER A 90 0.87 -17.79 18.51
N LYS A 91 0.90 -17.13 19.66
CA LYS A 91 1.39 -17.75 20.88
C LYS A 91 0.53 -17.32 22.06
N SER A 92 0.93 -17.74 23.25
CA SER A 92 0.21 -17.41 24.47
C SER A 92 0.42 -15.94 24.85
N GLN A 93 -0.51 -15.10 24.43
CA GLN A 93 -0.42 -13.67 24.74
C GLN A 93 -1.09 -13.39 26.07
N SER A 94 -0.38 -12.72 26.95
CA SER A 94 -0.90 -12.36 28.26
C SER A 94 -0.55 -10.92 28.59
N THR A 95 -1.55 -10.14 28.98
CA THR A 95 -1.34 -8.74 29.29
C THR A 95 -1.35 -8.50 30.80
N MET A 96 -0.80 -7.36 31.21
CA MET A 96 -0.73 -6.99 32.61
C MET A 96 -0.38 -5.51 32.75
N ASN A 97 -1.09 -4.81 33.63
CA ASN A 97 -0.84 -3.39 33.86
C ASN A 97 0.45 -3.21 34.65
N GLN A 98 0.78 -4.20 35.45
CA GLN A 98 1.99 -4.17 36.26
C GLN A 98 3.16 -4.71 35.48
N ARG A 99 4.35 -4.60 36.04
CA ARG A 99 5.54 -5.09 35.37
C ARG A 99 5.91 -6.46 35.91
N ASN A 100 6.83 -7.11 35.24
CA ASN A 100 7.29 -8.43 35.64
C ASN A 100 8.40 -8.31 36.67
N ARG A 101 8.66 -9.41 37.37
CA ARG A 101 9.71 -9.44 38.37
C ARG A 101 10.61 -10.63 38.11
N ASN A 102 11.82 -10.62 38.65
CA ASN A 102 12.73 -11.73 38.45
C ASN A 102 12.29 -12.93 39.28
N ASN A 103 11.41 -13.72 38.68
CA ASN A 103 10.85 -14.90 39.31
C ASN A 103 10.25 -15.79 38.22
N ARG A 104 10.41 -17.10 38.34
CA ARG A 104 9.88 -18.01 37.34
C ARG A 104 9.00 -19.08 37.98
N LYS A 105 7.69 -18.93 37.82
CA LYS A 105 6.75 -19.89 38.38
C LYS A 105 6.60 -21.05 37.41
N ILE A 106 7.53 -22.00 37.47
CA ILE A 106 7.48 -23.15 36.60
C ILE A 106 6.67 -24.27 37.27
N VAL A 107 6.08 -25.13 36.45
CA VAL A 107 5.28 -26.25 36.93
C VAL A 107 4.03 -25.76 37.65
N MET B 1 8.06 32.02 -14.56
CA MET B 1 7.05 31.84 -13.52
C MET B 1 6.72 30.36 -13.36
N SER B 2 7.74 29.54 -13.36
CA SER B 2 7.61 28.09 -13.22
C SER B 2 7.16 27.71 -11.84
N ILE B 3 7.12 28.66 -10.92
CA ILE B 3 6.74 28.40 -9.54
C ILE B 3 5.22 28.19 -9.41
N VAL B 4 4.46 28.73 -10.35
CA VAL B 4 3.00 28.59 -10.31
C VAL B 4 2.59 27.14 -10.57
N SER B 5 3.26 26.49 -11.48
CA SER B 5 2.97 25.09 -11.80
C SER B 5 3.56 24.17 -10.75
N GLN B 6 4.69 24.59 -10.19
CA GLN B 6 5.37 23.81 -9.15
C GLN B 6 4.52 23.73 -7.90
N THR B 7 3.96 24.85 -7.48
CA THR B 7 3.13 24.89 -6.29
C THR B 7 1.86 24.06 -6.49
N ARG B 8 1.32 24.10 -7.70
CA ARG B 8 0.11 23.35 -8.03
C ARG B 8 0.39 21.85 -8.02
N ASN B 9 1.45 21.44 -8.68
CA ASN B 9 1.84 20.02 -8.75
C ASN B 9 2.14 19.48 -7.34
N LYS B 10 2.85 20.28 -6.56
CA LYS B 10 3.22 19.89 -5.20
C LYS B 10 1.98 19.65 -4.34
N GLU B 11 1.00 20.55 -4.43
CA GLU B 11 -0.23 20.43 -3.67
C GLU B 11 -1.00 19.19 -4.10
N LEU B 12 -0.96 18.90 -5.40
CA LEU B 12 -1.65 17.75 -5.96
C LEU B 12 -1.19 16.45 -5.32
N LEU B 13 0.12 16.20 -5.38
CA LEU B 13 0.69 14.98 -4.82
C LEU B 13 0.58 14.96 -3.30
N LEU B 14 0.70 16.14 -2.67
CA LEU B 14 0.62 16.23 -1.21
C LEU B 14 -0.74 15.76 -0.72
N LYS B 15 -1.79 16.20 -1.40
CA LYS B 15 -3.16 15.82 -1.04
C LYS B 15 -3.42 14.35 -1.34
N LYS B 16 -2.73 13.82 -2.35
CA LYS B 16 -2.88 12.42 -2.73
C LYS B 16 -2.29 11.51 -1.67
N ILE B 17 -1.16 11.91 -1.11
CA ILE B 17 -0.49 11.13 -0.07
C ILE B 17 -1.25 11.20 1.25
N ASP B 18 -1.71 12.40 1.60
CA ASP B 18 -2.45 12.61 2.84
C ASP B 18 -3.71 11.77 2.88
N SER B 19 -4.44 11.77 1.77
CA SER B 19 -5.69 11.01 1.65
C SER B 19 -5.43 9.52 1.59
N LEU B 20 -4.29 9.13 1.03
CA LEU B 20 -3.93 7.72 0.88
C LEU B 20 -3.96 6.97 2.20
N ILE B 21 -3.25 7.50 3.19
CA ILE B 21 -3.18 6.86 4.50
C ILE B 21 -4.53 6.92 5.21
N GLU B 22 -5.29 7.97 4.95
CA GLU B 22 -6.61 8.14 5.54
C GLU B 22 -7.60 7.11 5.02
N ALA B 23 -7.65 6.99 3.70
CA ALA B 23 -8.57 6.06 3.03
C ALA B 23 -8.30 4.62 3.42
N ILE B 24 -7.03 4.23 3.37
CA ILE B 24 -6.64 2.87 3.70
C ILE B 24 -6.92 2.56 5.17
N LYS B 25 -6.78 3.57 6.03
CA LYS B 25 -7.06 3.42 7.44
C LYS B 25 -8.57 3.26 7.67
N LYS B 26 -9.34 3.93 6.83
CA LYS B 26 -10.80 3.87 6.91
C LYS B 26 -11.28 2.48 6.50
N ILE B 27 -10.74 1.99 5.38
CA ILE B 27 -11.12 0.68 4.84
C ILE B 27 -10.94 -0.44 5.87
N ILE B 28 -9.76 -0.49 6.48
CA ILE B 28 -9.49 -1.53 7.48
C ILE B 28 -10.39 -1.38 8.70
N ALA B 29 -10.70 -0.14 9.07
CA ALA B 29 -11.57 0.13 10.21
C ALA B 29 -12.97 -0.41 9.97
N GLU B 30 -13.53 -0.08 8.81
CA GLU B 30 -14.89 -0.53 8.46
C GLU B 30 -14.97 -2.05 8.44
N PHE B 31 -13.90 -2.69 7.96
CA PHE B 31 -13.84 -4.15 7.88
C PHE B 31 -14.04 -4.77 9.27
N ASP B 32 -13.33 -4.26 10.25
CA ASP B 32 -13.43 -4.77 11.62
C ASP B 32 -14.78 -4.40 12.23
N VAL B 33 -15.28 -3.21 11.88
CA VAL B 33 -16.56 -2.74 12.38
C VAL B 33 -17.70 -3.63 11.85
N VAL B 34 -17.74 -3.82 10.54
CA VAL B 34 -18.77 -4.64 9.90
C VAL B 34 -18.72 -6.07 10.44
N LYS B 35 -17.53 -6.56 10.73
CA LYS B 35 -17.34 -7.90 11.27
C LYS B 35 -18.08 -8.06 12.60
N GLU B 36 -17.88 -7.12 13.50
CA GLU B 36 -18.52 -7.17 14.81
C GLU B 36 -20.01 -6.82 14.71
N SER B 37 -20.36 -5.91 13.81
CA SER B 37 -21.73 -5.45 13.62
C SER B 37 -22.62 -6.59 13.20
N VAL B 38 -22.25 -7.31 12.14
CA VAL B 38 -23.06 -8.41 11.64
C VAL B 38 -23.15 -9.54 12.65
N ASN B 39 -22.12 -9.66 13.47
CA ASN B 39 -22.07 -10.69 14.50
C ASN B 39 -23.24 -10.51 15.48
N GLU B 40 -23.39 -9.30 15.99
CA GLU B 40 -24.45 -8.98 16.93
C GLU B 40 -25.80 -8.88 16.23
N LEU B 41 -25.79 -8.35 15.02
CA LEU B 41 -27.01 -8.20 14.23
C LEU B 41 -27.67 -9.56 13.99
N SER B 42 -26.85 -10.57 13.73
CA SER B 42 -27.35 -11.91 13.51
C SER B 42 -27.93 -12.50 14.79
N GLU B 43 -27.36 -12.10 15.92
CA GLU B 43 -27.83 -12.57 17.22
C GLU B 43 -29.26 -12.09 17.49
N LYS B 44 -29.50 -10.82 17.22
CA LYS B 44 -30.82 -10.23 17.44
C LYS B 44 -31.82 -10.71 16.39
N ALA B 45 -31.34 -10.83 15.17
CA ALA B 45 -32.17 -11.26 14.03
C ALA B 45 -32.57 -12.73 14.14
N LYS B 46 -31.86 -13.50 14.96
CA LYS B 46 -32.14 -14.91 15.12
C LYS B 46 -33.55 -15.14 15.67
N THR B 47 -34.09 -14.12 16.32
CA THR B 47 -35.42 -14.19 16.91
C THR B 47 -36.51 -14.15 15.84
N ASP B 48 -36.18 -13.64 14.66
CA ASP B 48 -37.16 -13.51 13.58
C ASP B 48 -36.73 -14.35 12.37
N PRO B 49 -37.64 -15.20 11.86
CA PRO B 49 -37.36 -16.08 10.72
C PRO B 49 -36.97 -15.29 9.46
N GLN B 50 -37.61 -14.15 9.26
CA GLN B 50 -37.33 -13.31 8.10
C GLN B 50 -35.96 -12.66 8.23
N ALA B 51 -35.72 -12.08 9.41
CA ALA B 51 -34.46 -11.41 9.70
C ALA B 51 -33.29 -12.39 9.63
N ALA B 52 -33.51 -13.60 10.14
CA ALA B 52 -32.48 -14.64 10.11
C ALA B 52 -32.09 -14.98 8.67
N GLU B 53 -33.08 -14.91 7.78
CA GLU B 53 -32.86 -15.18 6.37
C GLU B 53 -32.10 -14.03 5.73
N LYS B 54 -32.40 -12.80 6.17
CA LYS B 54 -31.74 -11.62 5.65
C LYS B 54 -30.24 -11.68 5.92
N LEU B 55 -29.89 -12.07 7.15
CA LEU B 55 -28.48 -12.18 7.54
C LEU B 55 -27.82 -13.36 6.84
N ASN B 56 -28.60 -14.40 6.57
CA ASN B 56 -28.09 -15.57 5.88
C ASN B 56 -27.58 -15.19 4.50
N LYS B 57 -28.36 -14.36 3.82
CA LYS B 57 -27.99 -13.90 2.48
C LYS B 57 -26.83 -12.92 2.55
N LEU B 58 -26.78 -12.15 3.63
CA LEU B 58 -25.73 -11.15 3.82
C LEU B 58 -24.36 -11.82 3.95
N ILE B 59 -24.25 -12.79 4.86
CA ILE B 59 -23.00 -13.48 5.10
C ILE B 59 -22.55 -14.27 3.85
N GLU B 60 -23.51 -14.88 3.15
CA GLU B 60 -23.20 -15.64 1.96
C GLU B 60 -22.64 -14.71 0.89
N GLY B 61 -23.24 -13.52 0.79
CA GLY B 61 -22.79 -12.54 -0.17
C GLY B 61 -21.38 -12.06 0.15
N TYR B 62 -21.06 -11.96 1.44
CA TYR B 62 -19.74 -11.55 1.87
C TYR B 62 -18.71 -12.65 1.61
N THR B 63 -19.15 -13.89 1.76
CA THR B 63 -18.27 -15.04 1.55
C THR B 63 -17.89 -15.14 0.08
N TYR B 64 -18.89 -15.01 -0.79
CA TYR B 64 -18.69 -15.08 -2.23
C TYR B 64 -18.58 -13.68 -2.82
N GLY B 65 -18.04 -12.78 -2.02
CA GLY B 65 -17.87 -11.41 -2.44
C GLY B 65 -16.64 -11.21 -3.31
N GLU B 66 -16.88 -11.00 -4.61
CA GLU B 66 -15.80 -10.79 -5.57
C GLU B 66 -15.10 -9.47 -5.27
N GLU B 67 -15.81 -8.57 -4.62
CA GLU B 67 -15.25 -7.27 -4.25
C GLU B 67 -14.19 -7.46 -3.18
N ARG B 68 -14.43 -8.39 -2.27
CA ARG B 68 -13.51 -8.70 -1.19
C ARG B 68 -12.18 -9.19 -1.76
N LYS B 69 -12.27 -10.04 -2.77
CA LYS B 69 -11.10 -10.57 -3.43
C LYS B 69 -10.37 -9.46 -4.18
N LEU B 70 -11.13 -8.52 -4.71
CA LEU B 70 -10.58 -7.39 -5.46
C LEU B 70 -9.67 -6.54 -4.58
N TYR B 71 -10.11 -6.27 -3.36
CA TYR B 71 -9.32 -5.46 -2.42
C TYR B 71 -8.03 -6.18 -2.05
N ASP B 72 -8.13 -7.50 -1.88
CA ASP B 72 -6.96 -8.32 -1.54
C ASP B 72 -5.94 -8.28 -2.69
N SER B 73 -6.46 -8.30 -3.91
CA SER B 73 -5.62 -8.27 -5.10
C SER B 73 -4.91 -6.93 -5.22
N ALA B 74 -5.56 -5.87 -4.75
CA ALA B 74 -4.99 -4.53 -4.80
C ALA B 74 -3.79 -4.46 -3.87
N LEU B 75 -3.86 -5.19 -2.76
CA LEU B 75 -2.78 -5.21 -1.78
C LEU B 75 -1.55 -5.88 -2.37
N SER B 76 -1.76 -6.88 -3.22
CA SER B 76 -0.65 -7.58 -3.86
C SER B 76 0.13 -6.62 -4.77
N LYS B 77 -0.59 -5.70 -5.39
CA LYS B 77 0.04 -4.71 -6.26
C LYS B 77 0.86 -3.75 -5.42
N ILE B 78 0.38 -3.47 -4.21
CA ILE B 78 1.09 -2.59 -3.29
C ILE B 78 2.43 -3.22 -2.91
N GLU B 79 2.39 -4.53 -2.70
CA GLU B 79 3.59 -5.29 -2.34
C GLU B 79 4.64 -5.16 -3.45
N LYS B 80 4.18 -5.18 -4.69
CA LYS B 80 5.07 -5.06 -5.84
C LYS B 80 5.75 -3.69 -5.83
N LEU B 81 5.00 -2.68 -5.41
CA LEU B 81 5.52 -1.32 -5.34
C LEU B 81 6.65 -1.25 -4.31
N ILE B 82 6.48 -1.99 -3.23
CA ILE B 82 7.49 -2.04 -2.17
C ILE B 82 8.78 -2.67 -2.69
N GLU B 83 8.61 -3.72 -3.51
CA GLU B 83 9.75 -4.42 -4.10
C GLU B 83 10.45 -3.52 -5.12
N THR B 84 9.68 -2.62 -5.71
CA THR B 84 10.22 -1.69 -6.70
C THR B 84 11.11 -0.65 -6.01
N LEU B 85 10.74 -0.27 -4.80
CA LEU B 85 11.48 0.70 -4.02
C LEU B 85 12.74 0.06 -3.42
N SER B 86 12.68 -1.24 -3.20
CA SER B 86 13.81 -1.97 -2.64
C SER B 86 14.22 -3.11 -3.57
N PRO B 87 15.02 -2.81 -4.61
CA PRO B 87 15.47 -3.81 -5.57
C PRO B 87 16.36 -4.87 -4.92
N ALA B 88 17.25 -4.44 -4.02
CA ALA B 88 18.18 -5.32 -3.32
C ALA B 88 19.27 -5.87 -4.24
N ARG B 89 18.86 -6.40 -5.39
CA ARG B 89 19.79 -6.96 -6.35
C ARG B 89 20.52 -5.87 -7.12
N SER B 90 21.81 -5.75 -6.87
CA SER B 90 22.62 -4.74 -7.55
C SER B 90 23.49 -5.43 -8.59
N LYS B 91 22.89 -6.40 -9.27
CA LYS B 91 23.58 -7.18 -10.30
C LYS B 91 23.65 -6.41 -11.62
N SER B 92 24.54 -6.84 -12.50
CA SER B 92 24.70 -6.23 -13.80
C SER B 92 23.52 -6.62 -14.70
N GLN B 93 22.95 -5.64 -15.40
CA GLN B 93 21.83 -5.88 -16.29
C GLN B 93 22.21 -6.83 -17.42
N SER B 94 21.75 -8.07 -17.30
CA SER B 94 22.02 -9.10 -18.29
C SER B 94 20.93 -10.16 -18.27
N THR B 95 20.03 -10.09 -19.25
CA THR B 95 18.94 -11.05 -19.33
C THR B 95 18.80 -11.57 -20.77
N MET B 96 18.38 -12.82 -20.89
CA MET B 96 18.19 -13.46 -22.19
C MET B 96 17.38 -14.73 -21.99
N ASN B 97 16.40 -14.96 -22.86
CA ASN B 97 15.55 -16.14 -22.75
C ASN B 97 16.17 -17.32 -23.49
N GLN B 98 16.99 -18.10 -22.80
CA GLN B 98 17.63 -19.26 -23.41
C GLN B 98 17.75 -20.39 -22.40
N ARG B 99 16.62 -21.03 -22.10
CA ARG B 99 16.59 -22.14 -21.15
C ARG B 99 16.01 -23.40 -21.79
N ASN B 100 16.37 -23.64 -23.05
CA ASN B 100 15.89 -24.82 -23.75
C ASN B 100 17.04 -25.54 -24.44
N ARG B 101 16.80 -26.80 -24.77
CA ARG B 101 17.81 -27.63 -25.45
C ARG B 101 17.66 -27.51 -26.95
N ASN B 102 18.62 -26.85 -27.59
CA ASN B 102 18.60 -26.69 -29.03
C ASN B 102 19.05 -27.97 -29.71
N ASN B 103 18.10 -28.84 -30.02
CA ASN B 103 18.38 -30.12 -30.68
C ASN B 103 17.46 -30.31 -31.87
N ARG B 104 17.83 -31.23 -32.76
CA ARG B 104 17.05 -31.55 -33.96
C ARG B 104 17.11 -30.38 -34.95
N LYS B 105 18.13 -30.40 -35.79
CA LYS B 105 18.33 -29.36 -36.80
C LYS B 105 17.34 -29.55 -37.95
N ILE B 106 17.41 -28.66 -38.94
CA ILE B 106 16.54 -28.72 -40.11
C ILE B 106 16.68 -30.06 -40.82
N VAL B 107 17.90 -30.41 -41.17
CA VAL B 107 18.18 -31.66 -41.86
C VAL B 107 19.31 -32.39 -41.16
N MET A 1 -35.13 2.23 0.93
CA MET A 1 -35.00 1.08 0.01
C MET A 1 -33.66 0.39 0.21
N SER A 2 -33.67 -0.82 0.73
CA SER A 2 -32.45 -1.58 0.96
C SER A 2 -31.81 -1.98 -0.35
N ILE A 3 -32.62 -2.18 -1.38
CA ILE A 3 -32.12 -2.61 -2.69
C ILE A 3 -31.20 -1.56 -3.31
N VAL A 4 -31.59 -0.30 -3.24
CA VAL A 4 -30.78 0.77 -3.81
C VAL A 4 -29.60 1.06 -2.90
N SER A 5 -29.76 0.77 -1.62
CA SER A 5 -28.74 0.97 -0.62
C SER A 5 -27.52 0.11 -0.90
N GLN A 6 -27.78 -1.19 -1.06
CA GLN A 6 -26.71 -2.16 -1.29
C GLN A 6 -25.97 -1.88 -2.59
N THR A 7 -26.70 -1.54 -3.65
CA THR A 7 -26.05 -1.28 -4.95
C THR A 7 -25.25 0.02 -4.94
N ARG A 8 -25.85 1.08 -4.43
CA ARG A 8 -25.22 2.39 -4.38
C ARG A 8 -23.97 2.36 -3.50
N ASN A 9 -24.07 1.71 -2.34
CA ASN A 9 -22.94 1.63 -1.41
C ASN A 9 -21.84 0.72 -1.96
N LYS A 10 -22.26 -0.38 -2.58
CA LYS A 10 -21.32 -1.35 -3.15
C LYS A 10 -20.40 -0.69 -4.18
N GLU A 11 -21.00 0.07 -5.09
CA GLU A 11 -20.23 0.75 -6.12
C GLU A 11 -19.38 1.86 -5.53
N LEU A 12 -19.87 2.45 -4.44
CA LEU A 12 -19.14 3.53 -3.77
C LEU A 12 -17.79 3.04 -3.26
N LEU A 13 -17.81 2.00 -2.44
CA LEU A 13 -16.57 1.46 -1.88
C LEU A 13 -15.67 0.88 -2.96
N LEU A 14 -16.28 0.33 -4.01
CA LEU A 14 -15.53 -0.27 -5.10
C LEU A 14 -14.74 0.81 -5.86
N LYS A 15 -15.43 1.86 -6.26
CA LYS A 15 -14.81 2.96 -6.99
C LYS A 15 -13.75 3.65 -6.14
N LYS A 16 -14.06 3.80 -4.85
CA LYS A 16 -13.16 4.47 -3.92
C LYS A 16 -11.82 3.76 -3.80
N ILE A 17 -11.85 2.44 -3.64
CA ILE A 17 -10.62 1.67 -3.48
C ILE A 17 -9.87 1.53 -4.81
N ASP A 18 -10.61 1.35 -5.91
CA ASP A 18 -10.00 1.19 -7.22
C ASP A 18 -9.22 2.44 -7.62
N SER A 19 -9.75 3.60 -7.25
CA SER A 19 -9.10 4.87 -7.55
C SER A 19 -7.91 5.10 -6.63
N LEU A 20 -8.01 4.56 -5.42
CA LEU A 20 -6.96 4.69 -4.42
C LEU A 20 -5.63 4.17 -4.95
N ILE A 21 -5.63 2.96 -5.50
CA ILE A 21 -4.42 2.37 -6.04
C ILE A 21 -3.96 3.11 -7.30
N GLU A 22 -4.92 3.67 -8.02
CA GLU A 22 -4.62 4.43 -9.23
C GLU A 22 -3.86 5.70 -8.89
N ALA A 23 -4.21 6.32 -7.76
CA ALA A 23 -3.55 7.55 -7.32
C ALA A 23 -2.09 7.27 -6.99
N ILE A 24 -1.85 6.15 -6.31
CA ILE A 24 -0.51 5.75 -5.93
C ILE A 24 0.30 5.35 -7.17
N LYS A 25 -0.40 4.73 -8.11
CA LYS A 25 0.21 4.30 -9.36
C LYS A 25 0.73 5.52 -10.12
N LYS A 26 0.01 6.63 -10.01
CA LYS A 26 0.39 7.87 -10.67
C LYS A 26 1.64 8.47 -10.01
N ILE A 27 1.73 8.34 -8.68
CA ILE A 27 2.86 8.88 -7.94
C ILE A 27 4.20 8.31 -8.42
N ILE A 28 4.29 6.98 -8.44
CA ILE A 28 5.51 6.30 -8.87
C ILE A 28 5.85 6.63 -10.33
N ALA A 29 4.81 6.80 -11.15
CA ALA A 29 5.00 7.12 -12.56
C ALA A 29 5.61 8.51 -12.72
N GLU A 30 5.14 9.46 -11.91
CA GLU A 30 5.65 10.83 -11.94
C GLU A 30 7.10 10.87 -11.49
N PHE A 31 7.42 10.09 -10.46
CA PHE A 31 8.78 10.02 -9.93
C PHE A 31 9.78 9.64 -11.02
N ASP A 32 9.41 8.66 -11.83
CA ASP A 32 10.25 8.21 -12.92
C ASP A 32 10.46 9.32 -13.93
N VAL A 33 9.40 10.05 -14.23
CA VAL A 33 9.46 11.15 -15.18
C VAL A 33 10.42 12.23 -14.67
N VAL A 34 10.29 12.57 -13.39
CA VAL A 34 11.13 13.58 -12.76
C VAL A 34 12.61 13.20 -12.85
N LYS A 35 12.89 11.91 -12.67
CA LYS A 35 14.25 11.40 -12.74
C LYS A 35 14.89 11.70 -14.09
N GLU A 36 14.14 11.43 -15.15
CA GLU A 36 14.62 11.67 -16.50
C GLU A 36 14.65 13.16 -16.82
N SER A 37 13.66 13.88 -16.32
CA SER A 37 13.51 15.31 -16.55
C SER A 37 14.69 16.08 -16.01
N VAL A 38 15.16 15.74 -14.81
CA VAL A 38 16.29 16.44 -14.19
C VAL A 38 17.61 16.11 -14.87
N ASN A 39 17.72 14.91 -15.42
CA ASN A 39 18.95 14.50 -16.09
C ASN A 39 19.17 15.34 -17.34
N GLU A 40 18.13 15.48 -18.14
CA GLU A 40 18.20 16.26 -19.37
C GLU A 40 18.30 17.75 -19.06
N LEU A 41 17.63 18.18 -18.00
CA LEU A 41 17.66 19.57 -17.60
C LEU A 41 19.06 19.97 -17.19
N SER A 42 19.75 19.07 -16.50
CA SER A 42 21.11 19.32 -16.05
C SER A 42 22.06 19.46 -17.24
N GLU A 43 21.73 18.75 -18.32
CA GLU A 43 22.54 18.80 -19.53
C GLU A 43 22.48 20.18 -20.16
N LYS A 44 21.34 20.84 -20.02
CA LYS A 44 21.15 22.17 -20.58
C LYS A 44 21.72 23.25 -19.65
N ALA A 45 21.75 22.94 -18.36
CA ALA A 45 22.24 23.87 -17.36
C ALA A 45 23.77 23.84 -17.25
N LYS A 46 24.38 22.82 -17.83
CA LYS A 46 25.84 22.67 -17.77
C LYS A 46 26.54 23.76 -18.59
N THR A 47 25.80 24.43 -19.46
CA THR A 47 26.38 25.47 -20.30
C THR A 47 26.13 26.88 -19.73
N ASP A 48 25.87 26.96 -18.44
CA ASP A 48 25.63 28.25 -17.78
C ASP A 48 25.96 28.14 -16.29
N PRO A 49 26.77 29.07 -15.76
CA PRO A 49 27.19 29.06 -14.34
C PRO A 49 26.02 29.22 -13.36
N GLN A 50 25.06 30.06 -13.72
CA GLN A 50 23.90 30.29 -12.86
C GLN A 50 22.93 29.13 -12.92
N ALA A 51 22.69 28.64 -14.13
CA ALA A 51 21.79 27.51 -14.32
C ALA A 51 22.34 26.27 -13.64
N ALA A 52 23.65 26.06 -13.76
CA ALA A 52 24.32 24.93 -13.14
C ALA A 52 24.22 25.03 -11.62
N GLU A 53 24.26 26.26 -11.11
CA GLU A 53 24.15 26.50 -9.68
C GLU A 53 22.74 26.16 -9.20
N LYS A 54 21.75 26.43 -10.04
CA LYS A 54 20.36 26.13 -9.71
C LYS A 54 20.16 24.62 -9.62
N LEU A 55 20.77 23.88 -10.54
CA LEU A 55 20.67 22.43 -10.55
C LEU A 55 21.49 21.83 -9.41
N ASN A 56 22.56 22.53 -9.03
CA ASN A 56 23.43 22.10 -7.96
C ASN A 56 22.67 22.01 -6.64
N LYS A 57 22.00 23.08 -6.28
CA LYS A 57 21.22 23.11 -5.05
C LYS A 57 20.02 22.17 -5.16
N LEU A 58 19.51 22.00 -6.37
CA LEU A 58 18.37 21.13 -6.61
C LEU A 58 18.70 19.69 -6.20
N ILE A 59 19.81 19.17 -6.70
CA ILE A 59 20.21 17.80 -6.37
C ILE A 59 20.61 17.69 -4.90
N GLU A 60 21.21 18.74 -4.36
CA GLU A 60 21.62 18.76 -2.96
C GLU A 60 20.42 18.55 -2.05
N GLY A 61 19.40 19.38 -2.27
CA GLY A 61 18.19 19.30 -1.48
C GLY A 61 17.42 18.02 -1.72
N TYR A 62 17.53 17.47 -2.93
CA TYR A 62 16.87 16.24 -3.26
C TYR A 62 17.53 15.05 -2.57
N THR A 63 18.85 15.03 -2.60
CA THR A 63 19.61 13.95 -1.96
C THR A 63 19.36 13.96 -0.46
N TYR A 64 19.46 15.14 0.14
CA TYR A 64 19.23 15.30 1.56
C TYR A 64 17.77 15.65 1.81
N GLY A 65 16.91 15.14 0.92
CA GLY A 65 15.49 15.38 1.02
C GLY A 65 14.85 14.73 2.23
N GLU A 66 14.56 15.53 3.23
CA GLU A 66 13.92 15.04 4.43
C GLU A 66 12.49 14.62 4.11
N GLU A 67 11.87 15.33 3.19
CA GLU A 67 10.51 15.04 2.79
C GLU A 67 10.48 13.72 2.01
N ARG A 68 11.57 13.43 1.30
CA ARG A 68 11.67 12.19 0.54
C ARG A 68 11.58 11.02 1.49
N LYS A 69 12.22 11.17 2.64
CA LYS A 69 12.22 10.15 3.67
C LYS A 69 10.82 10.04 4.27
N LEU A 70 10.07 11.14 4.26
CA LEU A 70 8.71 11.15 4.79
C LEU A 70 7.81 10.26 3.95
N TYR A 71 7.98 10.31 2.63
CA TYR A 71 7.18 9.49 1.72
C TYR A 71 7.50 8.02 1.99
N ASP A 72 8.77 7.75 2.26
CA ASP A 72 9.25 6.40 2.54
C ASP A 72 8.59 5.86 3.81
N SER A 73 8.60 6.68 4.86
CA SER A 73 8.01 6.29 6.14
C SER A 73 6.51 6.10 6.01
N ALA A 74 5.89 6.82 5.09
CA ALA A 74 4.46 6.70 4.86
C ALA A 74 4.15 5.32 4.31
N LEU A 75 5.04 4.84 3.44
CA LEU A 75 4.89 3.52 2.84
C LEU A 75 5.11 2.44 3.88
N SER A 76 5.90 2.75 4.90
CA SER A 76 6.16 1.81 5.98
C SER A 76 4.88 1.49 6.74
N LYS A 77 4.02 2.50 6.86
CA LYS A 77 2.74 2.33 7.55
C LYS A 77 1.85 1.37 6.77
N ILE A 78 1.96 1.41 5.45
CA ILE A 78 1.19 0.54 4.58
C ILE A 78 1.58 -0.92 4.81
N GLU A 79 2.89 -1.17 4.90
CA GLU A 79 3.41 -2.50 5.12
C GLU A 79 2.83 -3.08 6.40
N LYS A 80 2.67 -2.24 7.42
CA LYS A 80 2.12 -2.66 8.69
C LYS A 80 0.67 -3.11 8.50
N LEU A 81 -0.07 -2.39 7.67
CA LEU A 81 -1.47 -2.71 7.39
C LEU A 81 -1.55 -4.08 6.72
N ILE A 82 -0.63 -4.32 5.79
CA ILE A 82 -0.57 -5.59 5.06
C ILE A 82 -0.25 -6.73 6.02
N GLU A 83 0.61 -6.45 7.00
CA GLU A 83 0.99 -7.43 7.99
C GLU A 83 -0.16 -7.70 8.95
N THR A 84 -0.97 -6.68 9.20
CA THR A 84 -2.11 -6.80 10.10
C THR A 84 -3.16 -7.75 9.52
N LEU A 85 -3.15 -7.91 8.20
CA LEU A 85 -4.09 -8.79 7.52
C LEU A 85 -3.61 -10.24 7.57
N SER A 86 -2.39 -10.43 8.07
CA SER A 86 -1.82 -11.77 8.17
C SER A 86 -1.93 -12.29 9.60
N PRO A 87 -2.64 -13.42 9.79
CA PRO A 87 -2.83 -14.03 11.12
C PRO A 87 -1.50 -14.33 11.81
N ALA A 88 -0.59 -14.96 11.05
CA ALA A 88 0.74 -15.32 11.55
C ALA A 88 0.65 -16.10 12.86
N ARG A 89 -0.21 -17.11 12.88
CA ARG A 89 -0.40 -17.94 14.05
C ARG A 89 -0.27 -19.42 13.70
N SER A 90 -0.07 -20.26 14.70
CA SER A 90 0.05 -21.68 14.49
C SER A 90 -1.33 -22.30 14.31
N LYS A 91 -1.50 -23.07 13.26
CA LYS A 91 -2.78 -23.70 12.98
C LYS A 91 -2.86 -25.09 13.61
N SER A 92 -4.00 -25.37 14.24
CA SER A 92 -4.24 -26.65 14.88
C SER A 92 -4.55 -27.70 13.82
N GLN A 93 -4.02 -28.91 14.01
CA GLN A 93 -4.24 -29.98 13.05
C GLN A 93 -4.84 -31.21 13.74
N SER A 94 -5.48 -32.06 12.95
CA SER A 94 -6.06 -33.28 13.46
C SER A 94 -4.98 -34.35 13.58
N THR A 95 -3.94 -34.19 12.78
CA THR A 95 -2.83 -35.11 12.78
C THR A 95 -1.53 -34.40 13.16
N MET A 96 -0.67 -35.12 13.87
CA MET A 96 0.61 -34.59 14.30
C MET A 96 1.67 -35.68 14.21
N ASN A 97 2.82 -35.33 13.65
CA ASN A 97 3.90 -36.28 13.49
C ASN A 97 4.89 -36.17 14.64
N GLN A 98 5.14 -37.28 15.32
CA GLN A 98 6.06 -37.31 16.45
C GLN A 98 7.49 -37.53 15.95
N ARG A 99 8.42 -36.75 16.47
CA ARG A 99 9.81 -36.88 16.08
C ARG A 99 10.58 -37.74 17.06
N ASN A 100 10.30 -39.02 17.07
CA ASN A 100 10.98 -39.96 17.96
C ASN A 100 12.45 -40.04 17.58
N ARG A 101 13.33 -40.20 18.57
CA ARG A 101 14.76 -40.25 18.31
C ARG A 101 15.50 -41.11 19.33
N ASN A 102 16.76 -41.39 19.04
CA ASN A 102 17.58 -42.21 19.93
C ASN A 102 18.83 -41.45 20.37
N ASN A 103 19.79 -41.34 19.46
CA ASN A 103 21.06 -40.64 19.73
C ASN A 103 21.87 -41.39 20.79
N ARG A 104 22.86 -40.71 21.38
CA ARG A 104 23.72 -41.29 22.42
C ARG A 104 24.60 -42.40 21.87
N LYS A 105 24.97 -42.31 20.59
CA LYS A 105 25.78 -43.32 19.96
C LYS A 105 27.25 -43.15 20.35
N ILE A 106 27.71 -44.00 21.24
CA ILE A 106 29.09 -43.96 21.70
C ILE A 106 29.81 -45.24 21.27
N VAL A 107 31.04 -45.42 21.73
CA VAL A 107 31.81 -46.61 21.38
C VAL A 107 31.52 -47.76 22.35
N MET B 1 10.49 34.05 -9.34
CA MET B 1 9.57 33.68 -8.28
C MET B 1 9.49 32.16 -8.17
N SER B 2 10.62 31.50 -8.30
CA SER B 2 10.71 30.05 -8.19
C SER B 2 10.29 29.57 -6.82
N ILE B 3 10.34 30.48 -5.86
CA ILE B 3 9.99 30.18 -4.48
C ILE B 3 8.49 29.87 -4.34
N VAL B 4 7.66 30.55 -5.14
CA VAL B 4 6.22 30.32 -5.06
C VAL B 4 5.85 28.96 -5.65
N SER B 5 6.66 28.53 -6.60
CA SER B 5 6.48 27.22 -7.23
C SER B 5 6.86 26.10 -6.28
N GLN B 6 7.92 26.38 -5.52
CA GLN B 6 8.42 25.40 -4.56
C GLN B 6 7.43 25.21 -3.40
N THR B 7 6.94 26.32 -2.86
CA THR B 7 6.00 26.26 -1.75
C THR B 7 4.67 25.64 -2.15
N ARG B 8 4.13 26.07 -3.29
CA ARG B 8 2.85 25.55 -3.78
C ARG B 8 2.94 24.05 -4.09
N ASN B 9 4.03 23.65 -4.74
CA ASN B 9 4.23 22.25 -5.10
C ASN B 9 4.42 21.37 -3.86
N LYS B 10 5.23 21.84 -2.92
CA LYS B 10 5.51 21.10 -1.70
C LYS B 10 4.22 20.83 -0.91
N GLU B 11 3.35 21.82 -0.84
CA GLU B 11 2.10 21.67 -0.10
C GLU B 11 1.16 20.70 -0.83
N LEU B 12 1.18 20.76 -2.16
CA LEU B 12 0.34 19.92 -2.99
C LEU B 12 0.61 18.43 -2.75
N LEU B 13 1.86 18.01 -2.95
CA LEU B 13 2.23 16.60 -2.80
C LEU B 13 2.08 16.14 -1.35
N LEU B 14 2.28 17.07 -0.42
CA LEU B 14 2.18 16.76 1.00
C LEU B 14 0.75 16.35 1.35
N LYS B 15 -0.22 17.12 0.89
CA LYS B 15 -1.62 16.84 1.17
C LYS B 15 -2.09 15.59 0.41
N LYS B 16 -1.51 15.37 -0.77
CA LYS B 16 -1.88 14.23 -1.60
C LYS B 16 -1.55 12.91 -0.92
N ILE B 17 -0.33 12.77 -0.45
CA ILE B 17 0.11 11.53 0.19
C ILE B 17 -0.42 11.42 1.63
N ASP B 18 -0.54 12.54 2.32
CA ASP B 18 -1.04 12.53 3.70
C ASP B 18 -2.48 12.00 3.74
N SER B 19 -3.27 12.41 2.76
CA SER B 19 -4.66 11.97 2.68
C SER B 19 -4.73 10.52 2.19
N LEU B 20 -3.75 10.15 1.38
CA LEU B 20 -3.65 8.79 0.83
C LEU B 20 -3.62 7.74 1.94
N ILE B 21 -2.72 7.91 2.90
CA ILE B 21 -2.59 6.97 4.00
C ILE B 21 -3.82 7.03 4.91
N GLU B 22 -4.46 8.19 4.95
CA GLU B 22 -5.66 8.37 5.76
C GLU B 22 -6.80 7.54 5.21
N ALA B 23 -6.93 7.55 3.89
CA ALA B 23 -7.98 6.80 3.22
C ALA B 23 -7.85 5.30 3.53
N ILE B 24 -6.63 4.79 3.40
CA ILE B 24 -6.37 3.38 3.68
C ILE B 24 -6.63 3.07 5.15
N LYS B 25 -6.28 4.02 6.02
CA LYS B 25 -6.48 3.85 7.45
C LYS B 25 -7.98 3.74 7.77
N LYS B 26 -8.77 4.51 7.04
CA LYS B 26 -10.22 4.49 7.23
C LYS B 26 -10.82 3.20 6.69
N ILE B 27 -10.27 2.70 5.59
CA ILE B 27 -10.76 1.47 4.96
C ILE B 27 -10.78 0.31 5.98
N ILE B 28 -9.66 0.11 6.67
CA ILE B 28 -9.55 -0.97 7.65
C ILE B 28 -10.43 -0.70 8.88
N ALA B 29 -10.56 0.57 9.26
CA ALA B 29 -11.34 0.96 10.41
C ALA B 29 -12.82 0.64 10.21
N GLU B 30 -13.34 0.98 9.04
CA GLU B 30 -14.74 0.73 8.71
C GLU B 30 -15.06 -0.76 8.71
N PHE B 31 -14.15 -1.56 8.15
CA PHE B 31 -14.34 -3.01 8.07
C PHE B 31 -14.53 -3.61 9.45
N ASP B 32 -13.76 -3.11 10.41
CA ASP B 32 -13.84 -3.56 11.80
C ASP B 32 -15.21 -3.26 12.39
N VAL B 33 -15.71 -2.06 12.13
CA VAL B 33 -17.01 -1.62 12.63
C VAL B 33 -18.13 -2.43 11.99
N VAL B 34 -18.06 -2.61 10.67
CA VAL B 34 -19.08 -3.37 9.95
C VAL B 34 -19.19 -4.80 10.48
N LYS B 35 -18.04 -5.37 10.82
CA LYS B 35 -17.99 -6.74 11.36
C LYS B 35 -18.79 -6.82 12.66
N GLU B 36 -18.67 -5.79 13.48
CA GLU B 36 -19.38 -5.74 14.75
C GLU B 36 -20.87 -5.45 14.53
N SER B 37 -21.16 -4.57 13.59
CA SER B 37 -22.52 -4.18 13.26
C SER B 37 -23.37 -5.38 12.88
N VAL B 38 -22.86 -6.21 11.97
CA VAL B 38 -23.60 -7.38 11.52
C VAL B 38 -23.79 -8.38 12.65
N ASN B 39 -22.86 -8.36 13.60
CA ASN B 39 -22.93 -9.25 14.76
C ASN B 39 -24.17 -8.91 15.60
N GLU B 40 -24.31 -7.63 15.94
CA GLU B 40 -25.45 -7.17 16.72
C GLU B 40 -26.74 -7.37 15.95
N LEU B 41 -26.70 -7.09 14.65
CA LEU B 41 -27.86 -7.23 13.78
C LEU B 41 -28.36 -8.68 13.77
N SER B 42 -27.41 -9.61 13.80
CA SER B 42 -27.74 -11.03 13.81
C SER B 42 -28.52 -11.41 15.05
N GLU B 43 -28.16 -10.80 16.17
CA GLU B 43 -28.82 -11.07 17.44
C GLU B 43 -30.27 -10.61 17.41
N LYS B 44 -30.48 -9.41 16.89
CA LYS B 44 -31.81 -8.84 16.81
C LYS B 44 -32.71 -9.61 15.82
N ALA B 45 -32.12 -9.99 14.69
CA ALA B 45 -32.83 -10.69 13.62
C ALA B 45 -33.23 -12.13 13.98
N LYS B 46 -32.56 -12.70 14.97
CA LYS B 46 -32.83 -14.07 15.42
C LYS B 46 -34.30 -14.27 15.84
N THR B 47 -34.97 -13.19 16.21
CA THR B 47 -36.38 -13.26 16.65
C THR B 47 -37.34 -13.58 15.51
N ASP B 48 -36.95 -13.31 14.27
CA ASP B 48 -37.82 -13.55 13.13
C ASP B 48 -37.20 -14.54 12.16
N PRO B 49 -38.00 -15.53 11.69
CA PRO B 49 -37.53 -16.56 10.76
C PRO B 49 -37.03 -15.99 9.43
N GLN B 50 -37.68 -14.94 8.93
CA GLN B 50 -37.27 -14.34 7.67
C GLN B 50 -36.06 -13.46 7.88
N ALA B 51 -36.05 -12.73 8.99
CA ALA B 51 -34.94 -11.86 9.34
C ALA B 51 -33.68 -12.69 9.59
N ALA B 52 -33.84 -13.80 10.30
CA ALA B 52 -32.73 -14.68 10.61
C ALA B 52 -32.16 -15.28 9.33
N GLU B 53 -33.02 -15.51 8.34
CA GLU B 53 -32.59 -16.06 7.06
C GLU B 53 -31.74 -15.06 6.31
N LYS B 54 -32.16 -13.80 6.31
CA LYS B 54 -31.42 -12.73 5.63
C LYS B 54 -30.00 -12.63 6.18
N LEU B 55 -29.87 -12.74 7.50
CA LEU B 55 -28.56 -12.67 8.15
C LEU B 55 -27.76 -13.94 7.89
N ASN B 56 -28.48 -15.05 7.75
CA ASN B 56 -27.86 -16.34 7.49
C ASN B 56 -27.16 -16.32 6.13
N LYS B 57 -27.81 -15.69 5.17
CA LYS B 57 -27.28 -15.56 3.83
C LYS B 57 -26.19 -14.50 3.78
N LEU B 58 -26.35 -13.49 4.62
CA LEU B 58 -25.40 -12.38 4.70
C LEU B 58 -24.03 -12.89 5.15
N ILE B 59 -24.02 -13.65 6.25
CA ILE B 59 -22.79 -14.21 6.80
C ILE B 59 -22.13 -15.18 5.82
N GLU B 60 -22.96 -15.91 5.07
CA GLU B 60 -22.47 -16.86 4.07
C GLU B 60 -21.74 -16.11 2.96
N GLY B 61 -22.37 -15.05 2.47
CA GLY B 61 -21.78 -14.24 1.41
C GLY B 61 -20.56 -13.49 1.89
N TYR B 62 -20.51 -13.24 3.19
CA TYR B 62 -19.38 -12.54 3.79
C TYR B 62 -18.15 -13.46 3.78
N THR B 63 -18.38 -14.71 4.16
CA THR B 63 -17.32 -15.72 4.19
C THR B 63 -16.88 -16.07 2.77
N TYR B 64 -17.84 -16.17 1.85
CA TYR B 64 -17.54 -16.46 0.46
C TYR B 64 -17.42 -15.18 -0.34
N GLY B 65 -17.07 -14.10 0.37
CA GLY B 65 -16.95 -12.80 -0.23
C GLY B 65 -15.87 -12.73 -1.29
N GLU B 66 -16.29 -12.73 -2.55
CA GLU B 66 -15.37 -12.64 -3.66
C GLU B 66 -14.78 -11.25 -3.73
N GLU B 67 -15.54 -10.28 -3.23
CA GLU B 67 -15.08 -8.90 -3.21
C GLU B 67 -14.00 -8.73 -2.16
N ARG B 68 -14.11 -9.49 -1.06
CA ARG B 68 -13.12 -9.44 0.00
C ARG B 68 -11.76 -9.84 -0.55
N LYS B 69 -11.77 -10.86 -1.41
CA LYS B 69 -10.56 -11.36 -2.03
C LYS B 69 -10.00 -10.30 -2.99
N LEU B 70 -10.90 -9.50 -3.57
CA LEU B 70 -10.50 -8.45 -4.48
C LEU B 70 -9.74 -7.36 -3.74
N TYR B 71 -10.20 -7.02 -2.53
CA TYR B 71 -9.55 -6.00 -1.72
C TYR B 71 -8.16 -6.48 -1.32
N ASP B 72 -8.09 -7.76 -0.98
CA ASP B 72 -6.83 -8.38 -0.57
C ASP B 72 -5.83 -8.30 -1.71
N SER B 73 -6.29 -8.62 -2.91
CA SER B 73 -5.45 -8.58 -4.10
C SER B 73 -4.99 -7.16 -4.41
N ALA B 74 -5.81 -6.17 -4.03
CA ALA B 74 -5.48 -4.77 -4.26
C ALA B 74 -4.33 -4.36 -3.37
N LEU B 75 -4.30 -4.88 -2.13
CA LEU B 75 -3.23 -4.58 -1.20
C LEU B 75 -1.95 -5.24 -1.66
N SER B 76 -2.09 -6.41 -2.29
CA SER B 76 -0.95 -7.15 -2.81
C SER B 76 -0.22 -6.31 -3.86
N LYS B 77 -0.98 -5.53 -4.61
CA LYS B 77 -0.43 -4.67 -5.64
C LYS B 77 0.43 -3.58 -5.01
N ILE B 78 -0.01 -3.11 -3.84
CA ILE B 78 0.71 -2.08 -3.10
C ILE B 78 2.03 -2.64 -2.59
N GLU B 79 2.02 -3.89 -2.17
CA GLU B 79 3.23 -4.54 -1.66
C GLU B 79 4.31 -4.54 -2.73
N LYS B 80 3.90 -4.79 -3.97
CA LYS B 80 4.83 -4.81 -5.09
C LYS B 80 5.43 -3.43 -5.30
N LEU B 81 4.62 -2.41 -5.07
CA LEU B 81 5.06 -1.03 -5.21
C LEU B 81 6.14 -0.73 -4.19
N ILE B 82 5.95 -1.25 -2.98
CA ILE B 82 6.90 -1.06 -1.90
C ILE B 82 8.22 -1.77 -2.23
N GLU B 83 8.11 -2.96 -2.82
CA GLU B 83 9.28 -3.74 -3.20
C GLU B 83 10.05 -3.05 -4.32
N THR B 84 9.37 -2.21 -5.09
CA THR B 84 10.00 -1.48 -6.18
C THR B 84 10.87 -0.35 -5.61
N LEU B 85 10.61 0.02 -4.37
CA LEU B 85 11.36 1.08 -3.70
C LEU B 85 12.61 0.52 -3.03
N SER B 86 12.56 -0.75 -2.68
CA SER B 86 13.69 -1.42 -2.03
C SER B 86 14.90 -1.50 -2.95
N PRO B 87 16.07 -1.01 -2.49
CA PRO B 87 17.30 -1.05 -3.27
C PRO B 87 17.69 -2.49 -3.60
N ALA B 88 17.70 -3.33 -2.56
CA ALA B 88 18.04 -4.74 -2.69
C ALA B 88 19.45 -4.92 -3.26
N ARG B 89 20.33 -4.00 -2.94
CA ARG B 89 21.70 -4.04 -3.44
C ARG B 89 22.70 -3.73 -2.33
N SER B 90 23.85 -4.38 -2.39
CA SER B 90 24.91 -4.16 -1.41
C SER B 90 25.75 -2.96 -1.82
N LYS B 91 26.10 -2.13 -0.85
CA LYS B 91 26.90 -0.95 -1.10
C LYS B 91 28.38 -1.32 -1.24
N SER B 92 29.12 -0.51 -1.98
CA SER B 92 30.55 -0.73 -2.19
C SER B 92 31.28 -0.80 -0.85
N GLN B 93 31.98 -1.90 -0.63
CA GLN B 93 32.74 -2.10 0.59
C GLN B 93 34.12 -2.64 0.27
N SER B 94 35.11 -1.77 0.36
CA SER B 94 36.49 -2.15 0.08
C SER B 94 37.07 -2.98 1.24
N THR B 95 36.67 -2.63 2.45
CA THR B 95 37.13 -3.33 3.64
C THR B 95 36.40 -4.66 3.79
N MET B 96 37.10 -5.76 3.54
CA MET B 96 36.50 -7.08 3.64
C MET B 96 37.17 -7.88 4.74
N ASN B 97 36.57 -9.01 5.10
CA ASN B 97 37.09 -9.86 6.15
C ASN B 97 37.00 -11.33 5.73
N GLN B 98 38.15 -11.99 5.65
CA GLN B 98 38.18 -13.39 5.25
C GLN B 98 38.01 -14.29 6.47
N ARG B 99 37.06 -15.22 6.38
CA ARG B 99 36.80 -16.17 7.44
C ARG B 99 37.79 -17.33 7.38
N ASN B 100 38.99 -17.08 7.88
CA ASN B 100 40.04 -18.09 7.86
C ASN B 100 39.85 -19.10 8.99
N ARG B 101 39.67 -20.36 8.60
CA ARG B 101 39.48 -21.44 9.57
C ARG B 101 40.33 -22.64 9.15
N ASN B 102 40.37 -23.68 9.97
CA ASN B 102 41.16 -24.87 9.67
C ASN B 102 40.42 -25.76 8.69
N ASN B 103 40.74 -25.62 7.42
CA ASN B 103 40.09 -26.41 6.38
C ASN B 103 41.12 -27.16 5.54
N ARG B 104 40.70 -28.28 4.97
CA ARG B 104 41.58 -29.09 4.14
C ARG B 104 41.63 -28.56 2.71
N LYS B 105 42.72 -27.92 2.36
CA LYS B 105 42.90 -27.37 1.03
C LYS B 105 43.92 -28.22 0.25
N ILE B 106 43.71 -28.32 -1.05
CA ILE B 106 44.61 -29.07 -1.92
C ILE B 106 45.97 -28.38 -2.04
N VAL B 107 46.88 -28.95 -2.80
CA VAL B 107 48.19 -28.35 -2.97
C VAL B 107 48.12 -27.22 -3.99
N MET A 1 -35.88 3.98 3.38
CA MET A 1 -35.44 2.84 2.53
C MET A 1 -34.07 2.34 2.99
N SER A 2 -33.96 1.04 3.18
CA SER A 2 -32.71 0.42 3.58
C SER A 2 -31.86 0.10 2.36
N ILE A 3 -32.54 -0.20 1.27
CA ILE A 3 -31.88 -0.56 0.02
C ILE A 3 -30.99 0.58 -0.50
N VAL A 4 -31.41 1.82 -0.27
CA VAL A 4 -30.65 2.98 -0.73
C VAL A 4 -29.35 3.12 0.07
N SER A 5 -29.37 2.65 1.30
CA SER A 5 -28.19 2.71 2.16
C SER A 5 -27.13 1.73 1.71
N GLN A 6 -27.58 0.53 1.40
CA GLN A 6 -26.66 -0.53 0.96
C GLN A 6 -25.96 -0.14 -0.35
N THR A 7 -26.74 0.31 -1.32
CA THR A 7 -26.21 0.69 -2.62
C THR A 7 -25.26 1.89 -2.51
N ARG A 8 -25.68 2.90 -1.76
CA ARG A 8 -24.88 4.10 -1.58
C ARG A 8 -23.59 3.80 -0.83
N ASN A 9 -23.69 2.97 0.19
CA ASN A 9 -22.54 2.60 1.01
C ASN A 9 -21.49 1.84 0.21
N LYS A 10 -21.93 0.82 -0.53
CA LYS A 10 -21.03 0.00 -1.32
C LYS A 10 -20.33 0.82 -2.41
N GLU A 11 -21.06 1.79 -2.98
CA GLU A 11 -20.50 2.62 -4.03
C GLU A 11 -19.42 3.55 -3.47
N LEU A 12 -19.67 4.07 -2.27
CA LEU A 12 -18.75 5.00 -1.62
C LEU A 12 -17.40 4.33 -1.33
N LEU A 13 -17.42 3.18 -0.66
CA LEU A 13 -16.19 2.48 -0.31
C LEU A 13 -15.45 1.99 -1.56
N LEU A 14 -16.20 1.61 -2.58
CA LEU A 14 -15.61 1.11 -3.82
C LEU A 14 -14.82 2.20 -4.53
N LYS A 15 -15.39 3.40 -4.58
CA LYS A 15 -14.73 4.52 -5.24
C LYS A 15 -13.62 5.09 -4.38
N LYS A 16 -13.76 4.95 -3.07
CA LYS A 16 -12.75 5.45 -2.14
C LYS A 16 -11.44 4.69 -2.30
N ILE A 17 -11.54 3.37 -2.34
CA ILE A 17 -10.36 2.52 -2.48
C ILE A 17 -9.80 2.60 -3.90
N ASP A 18 -10.68 2.82 -4.87
CA ASP A 18 -10.27 2.93 -6.27
C ASP A 18 -9.34 4.13 -6.45
N SER A 19 -9.75 5.25 -5.89
CA SER A 19 -8.97 6.48 -5.98
C SER A 19 -7.68 6.36 -5.17
N LEU A 20 -7.76 5.57 -4.12
CA LEU A 20 -6.64 5.33 -3.22
C LEU A 20 -5.43 4.79 -3.97
N ILE A 21 -5.64 3.74 -4.74
CA ILE A 21 -4.56 3.13 -5.52
C ILE A 21 -4.13 4.04 -6.68
N GLU A 22 -5.07 4.85 -7.17
CA GLU A 22 -4.77 5.78 -8.25
C GLU A 22 -3.69 6.78 -7.82
N ALA A 23 -3.86 7.31 -6.61
CA ALA A 23 -2.93 8.29 -6.06
C ALA A 23 -1.55 7.69 -5.88
N ILE A 24 -1.48 6.54 -5.23
CA ILE A 24 -0.21 5.86 -4.97
C ILE A 24 0.48 5.48 -6.27
N LYS A 25 -0.30 5.00 -7.25
CA LYS A 25 0.24 4.62 -8.54
C LYS A 25 0.82 5.83 -9.25
N LYS A 26 0.19 6.98 -9.06
CA LYS A 26 0.65 8.21 -9.67
C LYS A 26 1.91 8.72 -8.98
N ILE A 27 1.97 8.57 -7.66
CA ILE A 27 3.12 9.01 -6.89
C ILE A 27 4.41 8.34 -7.36
N ILE A 28 4.36 7.02 -7.47
CA ILE A 28 5.53 6.24 -7.90
C ILE A 28 5.89 6.58 -9.35
N ALA A 29 4.88 6.85 -10.17
CA ALA A 29 5.09 7.18 -11.58
C ALA A 29 5.83 8.50 -11.73
N GLU A 30 5.52 9.45 -10.85
CA GLU A 30 6.16 10.75 -10.89
C GLU A 30 7.62 10.64 -10.44
N PHE A 31 7.86 9.74 -9.48
CA PHE A 31 9.19 9.53 -8.94
C PHE A 31 10.21 9.16 -10.02
N ASP A 32 9.86 8.19 -10.85
CA ASP A 32 10.77 7.75 -11.92
C ASP A 32 10.91 8.82 -13.00
N VAL A 33 9.85 9.60 -13.21
CA VAL A 33 9.86 10.67 -14.19
C VAL A 33 10.81 11.79 -13.75
N VAL A 34 10.69 12.19 -12.49
CA VAL A 34 11.53 13.27 -11.95
C VAL A 34 13.01 12.91 -12.01
N LYS A 35 13.31 11.63 -11.75
CA LYS A 35 14.69 11.15 -11.79
C LYS A 35 15.31 11.37 -13.16
N GLU A 36 14.59 10.99 -14.20
CA GLU A 36 15.07 11.15 -15.56
C GLU A 36 15.02 12.60 -16.01
N SER A 37 14.05 13.34 -15.51
CA SER A 37 13.87 14.75 -15.87
C SER A 37 15.08 15.56 -15.46
N VAL A 38 15.56 15.37 -14.23
CA VAL A 38 16.73 16.08 -13.74
C VAL A 38 17.98 15.65 -14.50
N ASN A 39 17.96 14.42 -15.01
CA ASN A 39 19.08 13.87 -15.77
C ASN A 39 19.29 14.69 -17.04
N GLU A 40 18.21 14.88 -17.79
CA GLU A 40 18.27 15.65 -19.03
C GLU A 40 18.54 17.11 -18.74
N LEU A 41 17.92 17.63 -17.69
CA LEU A 41 18.07 19.03 -17.30
C LEU A 41 19.54 19.35 -16.97
N SER A 42 20.22 18.41 -16.34
CA SER A 42 21.63 18.58 -15.97
C SER A 42 22.51 18.68 -17.20
N GLU A 43 22.18 17.92 -18.23
CA GLU A 43 22.97 17.91 -19.45
C GLU A 43 22.80 19.20 -20.24
N LYS A 44 21.62 19.81 -20.13
CA LYS A 44 21.35 21.06 -20.83
C LYS A 44 21.98 22.22 -20.08
N ALA A 45 21.90 22.15 -18.76
CA ALA A 45 22.46 23.18 -17.89
C ALA A 45 23.98 23.05 -17.82
N LYS A 46 24.50 22.00 -18.41
CA LYS A 46 25.94 21.74 -18.43
C LYS A 46 26.68 22.80 -19.25
N THR A 47 25.95 23.54 -20.07
CA THR A 47 26.54 24.58 -20.90
C THR A 47 26.34 25.97 -20.29
N ASP A 48 25.90 26.02 -19.06
CA ASP A 48 25.67 27.29 -18.39
C ASP A 48 26.05 27.22 -16.90
N PRO A 49 27.01 28.05 -16.47
CA PRO A 49 27.48 28.07 -15.09
C PRO A 49 26.36 28.36 -14.08
N GLN A 50 25.47 29.27 -14.43
CA GLN A 50 24.36 29.65 -13.56
C GLN A 50 23.36 28.52 -13.45
N ALA A 51 22.97 27.98 -14.60
CA ALA A 51 22.00 26.89 -14.65
C ALA A 51 22.55 25.64 -13.96
N ALA A 52 23.83 25.36 -14.18
CA ALA A 52 24.47 24.20 -13.57
C ALA A 52 24.49 24.34 -12.06
N GLU A 53 24.72 25.57 -11.59
CA GLU A 53 24.74 25.85 -10.16
C GLU A 53 23.33 25.72 -9.59
N LYS A 54 22.33 25.96 -10.45
CA LYS A 54 20.93 25.83 -10.04
C LYS A 54 20.59 24.36 -9.86
N LEU A 55 21.16 23.52 -10.72
CA LEU A 55 20.93 22.09 -10.65
C LEU A 55 21.65 21.51 -9.43
N ASN A 56 22.80 22.10 -9.10
CA ASN A 56 23.59 21.67 -7.97
C ASN A 56 22.78 21.73 -6.67
N LYS A 57 22.18 22.88 -6.42
CA LYS A 57 21.35 23.09 -5.24
C LYS A 57 20.07 22.26 -5.31
N LEU A 58 19.60 22.02 -6.53
CA LEU A 58 18.36 21.25 -6.74
C LEU A 58 18.53 19.80 -6.26
N ILE A 59 19.55 19.12 -6.77
CA ILE A 59 19.80 17.73 -6.39
C ILE A 59 20.13 17.62 -4.91
N GLU A 60 20.88 18.59 -4.40
CA GLU A 60 21.27 18.62 -3.01
C GLU A 60 20.03 18.73 -2.12
N GLY A 61 19.09 19.57 -2.55
CA GLY A 61 17.87 19.77 -1.81
C GLY A 61 17.03 18.52 -1.76
N TYR A 62 17.14 17.67 -2.79
CA TYR A 62 16.40 16.43 -2.83
C TYR A 62 16.91 15.47 -1.77
N THR A 63 18.23 15.36 -1.66
CA THR A 63 18.85 14.49 -0.67
C THR A 63 18.62 15.01 0.75
N TYR A 64 18.45 16.32 0.86
CA TYR A 64 18.20 16.96 2.15
C TYR A 64 16.74 17.31 2.28
N GLY A 65 15.91 16.60 1.54
CA GLY A 65 14.49 16.86 1.58
C GLY A 65 13.80 16.18 2.74
N GLU A 66 13.45 16.97 3.75
CA GLU A 66 12.75 16.46 4.92
C GLU A 66 11.37 15.97 4.49
N GLU A 67 10.78 16.72 3.59
CA GLU A 67 9.47 16.40 3.06
C GLU A 67 9.52 15.05 2.34
N ARG A 68 10.63 14.81 1.63
CA ARG A 68 10.83 13.55 0.91
C ARG A 68 10.90 12.39 1.89
N LYS A 69 11.55 12.64 3.01
CA LYS A 69 11.70 11.64 4.08
C LYS A 69 10.34 11.31 4.66
N LEU A 70 9.48 12.33 4.76
CA LEU A 70 8.13 12.15 5.30
C LEU A 70 7.30 11.27 4.37
N TYR A 71 7.50 11.42 3.07
CA TYR A 71 6.77 10.61 2.09
C TYR A 71 7.12 9.15 2.27
N ASP A 72 8.41 8.88 2.45
CA ASP A 72 8.90 7.52 2.64
C ASP A 72 8.33 6.92 3.93
N SER A 73 8.26 7.76 4.96
CA SER A 73 7.74 7.34 6.25
C SER A 73 6.24 7.01 6.16
N ALA A 74 5.58 7.61 5.18
CA ALA A 74 4.16 7.37 4.97
C ALA A 74 3.96 5.97 4.41
N LEU A 75 4.92 5.51 3.62
CA LEU A 75 4.86 4.18 3.04
C LEU A 75 5.05 3.14 4.14
N SER A 76 5.89 3.48 5.12
CA SER A 76 6.15 2.60 6.24
C SER A 76 4.85 2.39 7.03
N LYS A 77 4.02 3.42 7.03
CA LYS A 77 2.74 3.39 7.71
C LYS A 77 1.81 2.39 7.03
N ILE A 78 1.90 2.33 5.70
CA ILE A 78 1.10 1.40 4.91
C ILE A 78 1.47 -0.03 5.25
N GLU A 79 2.77 -0.27 5.35
CA GLU A 79 3.29 -1.60 5.66
C GLU A 79 2.81 -2.06 7.04
N LYS A 80 2.79 -1.13 7.99
CA LYS A 80 2.35 -1.43 9.35
C LYS A 80 0.88 -1.84 9.36
N LEU A 81 0.09 -1.22 8.50
CA LEU A 81 -1.32 -1.53 8.38
C LEU A 81 -1.49 -2.97 7.92
N ILE A 82 -0.73 -3.35 6.90
CA ILE A 82 -0.76 -4.69 6.35
C ILE A 82 -0.34 -5.70 7.42
N GLU A 83 0.58 -5.27 8.29
CA GLU A 83 1.07 -6.10 9.37
C GLU A 83 -0.05 -6.39 10.37
N THR A 84 -0.94 -5.41 10.54
CA THR A 84 -2.07 -5.55 11.46
C THR A 84 -3.15 -6.44 10.85
N LEU A 85 -3.23 -6.45 9.53
CA LEU A 85 -4.20 -7.27 8.81
C LEU A 85 -3.88 -8.75 9.03
N SER A 86 -2.59 -9.04 9.07
CA SER A 86 -2.12 -10.40 9.30
C SER A 86 -2.44 -10.84 10.72
N PRO A 87 -2.89 -12.10 10.90
CA PRO A 87 -3.25 -12.63 12.23
C PRO A 87 -2.08 -12.64 13.21
N ALA A 88 -0.87 -12.88 12.69
CA ALA A 88 0.34 -12.91 13.51
C ALA A 88 0.28 -14.04 14.55
N ARG A 89 -0.43 -15.11 14.21
CA ARG A 89 -0.58 -16.24 15.09
C ARG A 89 0.37 -17.36 14.67
N SER A 90 1.45 -17.51 15.43
CA SER A 90 2.42 -18.54 15.14
C SER A 90 1.93 -19.90 15.64
N LYS A 91 1.25 -20.62 14.77
CA LYS A 91 0.70 -21.93 15.09
C LYS A 91 1.70 -23.04 14.78
N SER A 92 2.97 -22.68 14.74
CA SER A 92 4.04 -23.62 14.47
C SER A 92 4.05 -24.77 15.49
N GLN A 93 3.65 -24.45 16.70
CA GLN A 93 3.59 -25.46 17.76
C GLN A 93 2.15 -25.65 18.21
N SER A 94 1.37 -26.34 17.39
CA SER A 94 -0.03 -26.60 17.71
C SER A 94 -0.16 -27.72 18.75
N THR A 95 0.18 -27.40 19.98
CA THR A 95 0.12 -28.36 21.06
C THR A 95 -0.06 -27.63 22.38
N MET A 96 -0.58 -28.33 23.39
CA MET A 96 -0.79 -27.75 24.69
C MET A 96 0.42 -28.03 25.57
N ASN A 97 1.52 -27.36 25.24
CA ASN A 97 2.76 -27.53 25.98
C ASN A 97 3.29 -26.18 26.43
N GLN A 98 3.27 -25.97 27.74
CA GLN A 98 3.75 -24.74 28.33
C GLN A 98 4.76 -25.04 29.41
N ARG A 99 5.48 -24.01 29.85
CA ARG A 99 6.49 -24.19 30.88
C ARG A 99 6.06 -23.51 32.17
N ASN A 100 4.76 -23.44 32.39
CA ASN A 100 4.20 -22.82 33.60
C ASN A 100 4.50 -23.67 34.83
N ARG A 101 4.47 -24.98 34.66
CA ARG A 101 4.74 -25.91 35.75
C ARG A 101 6.04 -26.65 35.49
N ASN A 102 7.01 -26.44 36.37
CA ASN A 102 8.31 -27.10 36.25
C ASN A 102 8.18 -28.62 36.42
N ASN A 103 9.25 -29.33 36.10
CA ASN A 103 9.27 -30.78 36.20
C ASN A 103 9.36 -31.21 37.66
N ARG A 104 8.22 -31.26 38.32
CA ARG A 104 8.15 -31.65 39.72
C ARG A 104 8.08 -33.17 39.84
N LYS A 105 9.16 -33.75 40.32
CA LYS A 105 9.23 -35.19 40.51
C LYS A 105 8.87 -35.55 41.94
N ILE A 106 7.93 -36.47 42.10
CA ILE A 106 7.50 -36.88 43.44
C ILE A 106 8.51 -37.85 44.06
N VAL A 107 9.27 -38.52 43.20
CA VAL A 107 10.28 -39.48 43.63
C VAL A 107 9.70 -40.55 44.55
N MET B 1 9.70 32.06 -12.45
CA MET B 1 8.47 31.52 -11.87
C MET B 1 8.74 30.16 -11.25
N SER B 2 10.01 29.84 -11.07
CA SER B 2 10.42 28.57 -10.48
C SER B 2 9.88 28.43 -9.07
N ILE B 3 9.80 29.56 -8.37
CA ILE B 3 9.35 29.57 -6.98
C ILE B 3 7.89 29.14 -6.83
N VAL B 4 7.07 29.44 -7.84
CA VAL B 4 5.65 29.08 -7.78
C VAL B 4 5.44 27.62 -8.18
N SER B 5 6.31 27.10 -9.02
CA SER B 5 6.21 25.71 -9.46
C SER B 5 6.67 24.77 -8.38
N GLN B 6 7.75 25.15 -7.69
CA GLN B 6 8.33 24.35 -6.62
C GLN B 6 7.32 24.14 -5.51
N THR B 7 6.75 25.24 -5.03
CA THR B 7 5.77 25.20 -3.95
C THR B 7 4.51 24.47 -4.39
N ARG B 8 4.17 24.58 -5.67
CA ARG B 8 2.98 23.93 -6.21
C ARG B 8 3.15 22.42 -6.22
N ASN B 9 4.28 21.96 -6.75
CA ASN B 9 4.57 20.53 -6.84
C ASN B 9 4.72 19.89 -5.45
N LYS B 10 5.46 20.55 -4.59
CA LYS B 10 5.72 20.05 -3.24
C LYS B 10 4.45 19.95 -2.40
N GLU B 11 3.63 21.00 -2.44
CA GLU B 11 2.38 21.02 -1.67
C GLU B 11 1.44 19.91 -2.15
N LEU B 12 1.45 19.68 -3.46
CA LEU B 12 0.59 18.65 -4.05
C LEU B 12 0.98 17.28 -3.53
N LEU B 13 2.27 16.98 -3.49
CA LEU B 13 2.75 15.69 -3.03
C LEU B 13 2.52 15.52 -1.53
N LEU B 14 2.80 16.56 -0.76
CA LEU B 14 2.62 16.52 0.69
C LEU B 14 1.16 16.30 1.05
N LYS B 15 0.28 17.05 0.42
CA LYS B 15 -1.16 16.94 0.70
C LYS B 15 -1.69 15.58 0.26
N LYS B 16 -1.13 15.04 -0.82
CA LYS B 16 -1.57 13.75 -1.33
C LYS B 16 -1.11 12.60 -0.42
N ILE B 17 0.11 12.70 0.08
CA ILE B 17 0.66 11.67 0.97
C ILE B 17 -0.04 11.71 2.34
N ASP B 18 -0.27 12.92 2.83
CA ASP B 18 -0.92 13.11 4.13
C ASP B 18 -2.35 12.55 4.12
N SER B 19 -3.06 12.80 3.03
CA SER B 19 -4.43 12.32 2.88
C SER B 19 -4.46 10.81 2.67
N LEU B 20 -3.40 10.30 2.06
CA LEU B 20 -3.29 8.88 1.76
C LEU B 20 -3.32 8.03 3.03
N ILE B 21 -2.47 8.38 3.99
CA ILE B 21 -2.41 7.63 5.25
C ILE B 21 -3.72 7.74 6.02
N GLU B 22 -4.42 8.85 5.87
CA GLU B 22 -5.68 9.06 6.55
C GLU B 22 -6.74 8.11 5.99
N ALA B 23 -6.80 8.03 4.67
CA ALA B 23 -7.76 7.16 4.00
C ALA B 23 -7.54 5.71 4.37
N ILE B 24 -6.27 5.33 4.52
CA ILE B 24 -5.91 3.97 4.88
C ILE B 24 -6.45 3.65 6.28
N LYS B 25 -6.39 4.64 7.16
CA LYS B 25 -6.87 4.49 8.53
C LYS B 25 -8.39 4.40 8.56
N LYS B 26 -9.03 5.06 7.61
CA LYS B 26 -10.48 5.06 7.52
C LYS B 26 -11.00 3.70 7.03
N ILE B 27 -10.35 3.17 6.00
CA ILE B 27 -10.75 1.89 5.42
C ILE B 27 -10.69 0.76 6.45
N ILE B 28 -9.58 0.66 7.17
CA ILE B 28 -9.42 -0.38 8.18
C ILE B 28 -10.47 -0.25 9.28
N ALA B 29 -10.83 0.99 9.61
CA ALA B 29 -11.82 1.26 10.65
C ALA B 29 -13.18 0.70 10.26
N GLU B 30 -13.62 1.01 9.04
CA GLU B 30 -14.93 0.55 8.55
C GLU B 30 -14.99 -0.98 8.50
N PHE B 31 -13.91 -1.60 8.02
CA PHE B 31 -13.84 -3.06 7.90
C PHE B 31 -14.06 -3.74 9.25
N ASP B 32 -13.47 -3.18 10.29
CA ASP B 32 -13.58 -3.74 11.64
C ASP B 32 -15.01 -3.55 12.19
N VAL B 33 -15.60 -2.40 11.87
CA VAL B 33 -16.95 -2.09 12.32
C VAL B 33 -17.97 -3.03 11.65
N VAL B 34 -17.89 -3.13 10.33
CA VAL B 34 -18.82 -3.97 9.57
C VAL B 34 -18.76 -5.43 10.03
N LYS B 35 -17.57 -5.90 10.35
CA LYS B 35 -17.39 -7.28 10.81
C LYS B 35 -18.19 -7.55 12.08
N GLU B 36 -18.13 -6.62 13.02
CA GLU B 36 -18.86 -6.77 14.27
C GLU B 36 -20.36 -6.53 14.07
N SER B 37 -20.70 -5.64 13.16
CA SER B 37 -22.08 -5.31 12.85
C SER B 37 -22.84 -6.53 12.35
N VAL B 38 -22.26 -7.23 11.37
CA VAL B 38 -22.90 -8.41 10.79
C VAL B 38 -22.97 -9.54 11.81
N ASN B 39 -22.02 -9.55 12.75
CA ASN B 39 -21.98 -10.55 13.80
C ASN B 39 -23.23 -10.43 14.67
N GLU B 40 -23.47 -9.22 15.15
CA GLU B 40 -24.62 -8.95 16.00
C GLU B 40 -25.92 -9.11 15.23
N LEU B 41 -25.91 -8.68 13.97
CA LEU B 41 -27.08 -8.77 13.10
C LEU B 41 -27.49 -10.23 12.89
N SER B 42 -26.50 -11.10 12.86
CA SER B 42 -26.75 -12.51 12.67
C SER B 42 -27.53 -13.09 13.86
N GLU B 43 -27.18 -12.64 15.06
CA GLU B 43 -27.81 -13.11 16.27
C GLU B 43 -29.22 -12.51 16.42
N LYS B 44 -29.36 -11.25 16.03
CA LYS B 44 -30.63 -10.56 16.14
C LYS B 44 -31.62 -11.01 15.06
N ALA B 45 -31.10 -11.54 13.96
CA ALA B 45 -31.96 -12.01 12.87
C ALA B 45 -32.30 -13.49 13.03
N LYS B 46 -31.58 -14.17 13.90
CA LYS B 46 -31.79 -15.61 14.12
C LYS B 46 -33.16 -15.88 14.75
N THR B 47 -33.74 -14.85 15.34
CA THR B 47 -35.04 -14.96 15.98
C THR B 47 -36.17 -15.02 14.94
N ASP B 48 -35.83 -14.76 13.69
CA ASP B 48 -36.80 -14.76 12.61
C ASP B 48 -36.34 -15.72 11.51
N PRO B 49 -37.18 -16.67 11.11
CA PRO B 49 -36.84 -17.66 10.07
C PRO B 49 -36.57 -17.03 8.71
N GLN B 50 -37.27 -15.94 8.42
CA GLN B 50 -37.12 -15.25 7.16
C GLN B 50 -35.86 -14.41 7.17
N ALA B 51 -35.61 -13.74 8.29
CA ALA B 51 -34.41 -12.92 8.44
C ALA B 51 -33.16 -13.79 8.50
N ALA B 52 -33.28 -14.91 9.20
CA ALA B 52 -32.16 -15.85 9.32
C ALA B 52 -31.80 -16.42 7.95
N GLU B 53 -32.81 -16.57 7.10
CA GLU B 53 -32.63 -17.08 5.75
C GLU B 53 -31.83 -16.08 4.92
N LYS B 54 -32.03 -14.81 5.21
CA LYS B 54 -31.33 -13.73 4.51
C LYS B 54 -29.87 -13.72 4.90
N LEU B 55 -29.60 -13.88 6.20
CA LEU B 55 -28.23 -13.89 6.69
C LEU B 55 -27.49 -15.13 6.21
N ASN B 56 -28.22 -16.23 6.07
CA ASN B 56 -27.66 -17.50 5.62
C ASN B 56 -27.00 -17.33 4.25
N LYS B 57 -27.73 -16.78 3.30
CA LYS B 57 -27.23 -16.56 1.95
C LYS B 57 -26.25 -15.39 1.91
N LEU B 58 -26.45 -14.42 2.79
CA LEU B 58 -25.60 -13.24 2.86
C LEU B 58 -24.15 -13.61 3.18
N ILE B 59 -23.95 -14.36 4.26
CA ILE B 59 -22.61 -14.76 4.66
C ILE B 59 -21.97 -15.68 3.62
N GLU B 60 -22.79 -16.53 3.00
CA GLU B 60 -22.30 -17.44 1.97
C GLU B 60 -21.81 -16.63 0.77
N GLY B 61 -22.52 -15.56 0.46
CA GLY B 61 -22.15 -14.70 -0.65
C GLY B 61 -20.91 -13.89 -0.35
N TYR B 62 -20.67 -13.62 0.93
CA TYR B 62 -19.50 -12.86 1.36
C TYR B 62 -18.23 -13.70 1.23
N THR B 63 -18.24 -14.88 1.84
CA THR B 63 -17.09 -15.77 1.84
C THR B 63 -16.69 -16.17 0.42
N TYR B 64 -17.67 -16.44 -0.41
CA TYR B 64 -17.43 -16.83 -1.78
C TYR B 64 -17.76 -15.68 -2.72
N GLY B 65 -17.57 -14.46 -2.23
CA GLY B 65 -17.86 -13.29 -3.02
C GLY B 65 -16.67 -12.81 -3.81
N GLU B 66 -16.93 -12.43 -5.06
CA GLU B 66 -15.88 -11.95 -5.94
C GLU B 66 -15.47 -10.53 -5.56
N GLU B 67 -16.40 -9.79 -4.97
CA GLU B 67 -16.12 -8.42 -4.54
C GLU B 67 -15.08 -8.40 -3.42
N ARG B 68 -15.21 -9.34 -2.49
CA ARG B 68 -14.27 -9.44 -1.38
C ARG B 68 -12.89 -9.79 -1.92
N LYS B 69 -12.87 -10.64 -2.95
CA LYS B 69 -11.62 -11.04 -3.58
C LYS B 69 -10.98 -9.85 -4.28
N LEU B 70 -11.80 -8.95 -4.80
CA LEU B 70 -11.32 -7.76 -5.50
C LEU B 70 -10.55 -6.87 -4.53
N TYR B 71 -11.06 -6.74 -3.31
CA TYR B 71 -10.42 -5.93 -2.29
C TYR B 71 -9.08 -6.53 -1.90
N ASP B 72 -9.04 -7.86 -1.79
CA ASP B 72 -7.81 -8.56 -1.45
C ASP B 72 -6.77 -8.37 -2.54
N SER B 73 -7.24 -8.37 -3.79
CA SER B 73 -6.36 -8.18 -4.94
C SER B 73 -5.81 -6.77 -4.97
N ALA B 74 -6.57 -5.82 -4.44
CA ALA B 74 -6.16 -4.43 -4.38
C ALA B 74 -5.00 -4.26 -3.41
N LEU B 75 -5.12 -4.87 -2.24
CA LEU B 75 -4.07 -4.79 -1.23
C LEU B 75 -2.81 -5.48 -1.73
N SER B 76 -2.99 -6.51 -2.54
CA SER B 76 -1.88 -7.25 -3.12
C SER B 76 -1.07 -6.34 -4.05
N LYS B 77 -1.78 -5.41 -4.69
CA LYS B 77 -1.14 -4.46 -5.60
C LYS B 77 -0.30 -3.47 -4.80
N ILE B 78 -0.78 -3.14 -3.61
CA ILE B 78 -0.09 -2.24 -2.70
C ILE B 78 1.23 -2.87 -2.25
N GLU B 79 1.16 -4.15 -1.90
CA GLU B 79 2.34 -4.89 -1.46
C GLU B 79 3.41 -4.88 -2.53
N LYS B 80 3.00 -5.06 -3.78
CA LYS B 80 3.92 -5.07 -4.91
C LYS B 80 4.60 -3.70 -5.07
N LEU B 81 3.84 -2.64 -4.82
CA LEU B 81 4.37 -1.29 -4.91
C LEU B 81 5.49 -1.09 -3.88
N ILE B 82 5.26 -1.63 -2.69
CA ILE B 82 6.24 -1.54 -1.61
C ILE B 82 7.50 -2.29 -1.99
N GLU B 83 7.33 -3.45 -2.63
CA GLU B 83 8.44 -4.26 -3.08
C GLU B 83 9.21 -3.56 -4.20
N THR B 84 8.52 -2.71 -4.94
CA THR B 84 9.14 -1.97 -6.03
C THR B 84 10.09 -0.91 -5.47
N LEU B 85 9.68 -0.30 -4.37
CA LEU B 85 10.49 0.72 -3.70
C LEU B 85 11.63 0.04 -2.94
N SER B 86 11.46 -1.24 -2.66
CA SER B 86 12.46 -2.02 -1.96
C SER B 86 13.61 -2.38 -2.91
N PRO B 87 14.86 -2.26 -2.45
CA PRO B 87 16.03 -2.58 -3.27
C PRO B 87 16.10 -4.07 -3.62
N ALA B 88 15.51 -4.90 -2.75
CA ALA B 88 15.51 -6.35 -2.93
C ALA B 88 16.92 -6.89 -3.14
N ARG B 89 17.87 -6.25 -2.47
CA ARG B 89 19.28 -6.63 -2.56
C ARG B 89 20.03 -6.17 -1.32
N SER B 90 20.45 -7.14 -0.51
CA SER B 90 21.18 -6.84 0.71
C SER B 90 22.68 -6.99 0.46
N LYS B 91 23.48 -6.12 1.08
CA LYS B 91 24.92 -6.17 0.89
C LYS B 91 25.67 -5.76 2.16
N SER B 92 25.26 -6.32 3.28
CA SER B 92 25.90 -6.01 4.55
C SER B 92 27.07 -6.96 4.82
N GLN B 93 26.80 -8.07 5.49
CA GLN B 93 27.84 -9.02 5.81
C GLN B 93 27.60 -10.34 5.09
N SER B 94 28.43 -10.63 4.11
CA SER B 94 28.31 -11.85 3.33
C SER B 94 29.68 -12.25 2.78
N THR B 95 29.94 -13.55 2.71
CA THR B 95 31.20 -14.05 2.21
C THR B 95 31.36 -13.69 0.72
N MET B 96 32.57 -13.33 0.33
CA MET B 96 32.84 -12.97 -1.05
C MET B 96 33.03 -14.21 -1.91
N ASN B 97 31.94 -14.92 -2.15
CA ASN B 97 31.98 -16.13 -2.97
C ASN B 97 31.22 -15.90 -4.26
N GLN B 98 31.85 -16.24 -5.38
CA GLN B 98 31.23 -16.07 -6.69
C GLN B 98 31.61 -17.20 -7.63
N ARG B 99 30.78 -17.43 -8.64
CA ARG B 99 31.03 -18.49 -9.61
C ARG B 99 31.30 -17.88 -10.98
N ASN B 100 31.80 -16.65 -10.98
CA ASN B 100 32.11 -15.95 -12.21
C ASN B 100 33.47 -16.36 -12.73
N ARG B 101 33.50 -16.86 -13.96
CA ARG B 101 34.73 -17.27 -14.60
C ARG B 101 35.09 -16.27 -15.68
N ASN B 102 35.98 -15.36 -15.35
CA ASN B 102 36.41 -14.33 -16.29
C ASN B 102 37.41 -14.88 -17.28
N ASN B 103 38.22 -15.84 -16.83
CA ASN B 103 39.24 -16.46 -17.67
C ASN B 103 40.21 -15.42 -18.21
N ARG B 104 40.94 -15.77 -19.27
CA ARG B 104 41.91 -14.87 -19.90
C ARG B 104 42.97 -14.41 -18.89
N LYS B 105 43.94 -15.29 -18.66
CA LYS B 105 45.03 -14.98 -17.75
C LYS B 105 46.17 -14.32 -18.50
N ILE B 106 47.03 -13.62 -17.78
CA ILE B 106 48.18 -12.94 -18.40
C ILE B 106 49.45 -13.74 -18.15
N VAL B 107 49.48 -14.46 -17.03
CA VAL B 107 50.63 -15.25 -16.65
C VAL B 107 50.68 -16.55 -17.45
N MET A 1 -36.32 4.23 3.21
CA MET A 1 -35.88 3.21 2.23
C MET A 1 -34.53 2.65 2.64
N SER A 2 -34.48 1.35 2.87
CA SER A 2 -33.25 0.66 3.28
C SER A 2 -32.41 0.32 2.08
N ILE A 3 -33.06 -0.04 0.98
CA ILE A 3 -32.37 -0.44 -0.25
C ILE A 3 -31.42 0.64 -0.76
N VAL A 4 -31.84 1.91 -0.65
CA VAL A 4 -31.01 3.02 -1.13
C VAL A 4 -29.76 3.19 -0.28
N SER A 5 -29.84 2.83 0.99
CA SER A 5 -28.70 2.93 1.90
C SER A 5 -27.61 1.97 1.51
N GLN A 6 -28.00 0.72 1.31
CA GLN A 6 -27.07 -0.34 0.96
C GLN A 6 -26.43 -0.09 -0.41
N THR A 7 -27.24 0.29 -1.38
CA THR A 7 -26.76 0.54 -2.73
C THR A 7 -25.81 1.73 -2.80
N ARG A 8 -26.10 2.76 -2.01
CA ARG A 8 -25.25 3.95 -2.00
C ARG A 8 -23.97 3.72 -1.22
N ASN A 9 -24.07 2.96 -0.13
CA ASN A 9 -22.91 2.66 0.71
C ASN A 9 -21.90 1.80 -0.04
N LYS A 10 -22.39 0.73 -0.66
CA LYS A 10 -21.54 -0.19 -1.40
C LYS A 10 -20.81 0.53 -2.52
N GLU A 11 -21.50 1.44 -3.19
CA GLU A 11 -20.93 2.21 -4.28
C GLU A 11 -19.80 3.11 -3.78
N LEU A 12 -20.08 3.83 -2.70
CA LEU A 12 -19.13 4.76 -2.10
C LEU A 12 -17.78 4.11 -1.79
N LEU A 13 -17.80 3.08 -0.95
CA LEU A 13 -16.57 2.42 -0.55
C LEU A 13 -15.88 1.74 -1.74
N LEU A 14 -16.67 1.26 -2.70
CA LEU A 14 -16.09 0.61 -3.88
C LEU A 14 -15.33 1.62 -4.72
N LYS A 15 -15.89 2.81 -4.87
CA LYS A 15 -15.25 3.87 -5.65
C LYS A 15 -14.03 4.43 -4.94
N LYS A 16 -14.09 4.44 -3.61
CA LYS A 16 -12.98 4.94 -2.80
C LYS A 16 -11.74 4.11 -3.03
N ILE A 17 -11.91 2.79 -3.00
CA ILE A 17 -10.79 1.86 -3.19
C ILE A 17 -10.39 1.80 -4.67
N ASP A 18 -11.38 1.93 -5.55
CA ASP A 18 -11.13 1.89 -6.99
C ASP A 18 -10.11 2.96 -7.37
N SER A 19 -10.36 4.17 -6.93
CA SER A 19 -9.49 5.29 -7.21
C SER A 19 -8.18 5.19 -6.41
N LEU A 20 -8.25 4.56 -5.24
CA LEU A 20 -7.08 4.42 -4.37
C LEU A 20 -5.92 3.72 -5.08
N ILE A 21 -6.17 2.55 -5.68
CA ILE A 21 -5.10 1.84 -6.37
C ILE A 21 -4.64 2.59 -7.61
N GLU A 22 -5.57 3.28 -8.26
CA GLU A 22 -5.25 4.06 -9.45
C GLU A 22 -4.28 5.18 -9.08
N ALA A 23 -4.52 5.78 -7.92
CA ALA A 23 -3.69 6.87 -7.44
C ALA A 23 -2.31 6.36 -7.02
N ILE A 24 -2.24 5.15 -6.45
CA ILE A 24 -0.97 4.57 -6.05
C ILE A 24 -0.09 4.35 -7.27
N LYS A 25 -0.71 3.83 -8.34
CA LYS A 25 0.00 3.57 -9.59
C LYS A 25 0.44 4.89 -10.21
N LYS A 26 -0.34 5.93 -9.98
CA LYS A 26 -0.02 7.25 -10.51
C LYS A 26 1.15 7.88 -9.76
N ILE A 27 1.18 7.67 -8.44
CA ILE A 27 2.24 8.22 -7.59
C ILE A 27 3.62 7.74 -8.06
N ILE A 28 3.76 6.44 -8.24
CA ILE A 28 5.04 5.87 -8.69
C ILE A 28 5.40 6.40 -10.08
N ALA A 29 4.39 6.63 -10.91
CA ALA A 29 4.60 7.13 -12.25
C ALA A 29 5.16 8.55 -12.22
N GLU A 30 4.56 9.40 -11.39
CA GLU A 30 4.99 10.79 -11.26
C GLU A 30 6.44 10.86 -10.78
N PHE A 31 6.79 9.98 -9.86
CA PHE A 31 8.15 9.94 -9.32
C PHE A 31 9.15 9.64 -10.42
N ASP A 32 8.77 8.79 -11.35
CA ASP A 32 9.64 8.42 -12.47
C ASP A 32 9.81 9.62 -13.41
N VAL A 33 8.73 10.36 -13.61
CA VAL A 33 8.74 11.53 -14.47
C VAL A 33 9.67 12.61 -13.91
N VAL A 34 9.58 12.83 -12.60
CA VAL A 34 10.40 13.84 -11.92
C VAL A 34 11.89 13.51 -12.10
N LYS A 35 12.20 12.21 -12.06
CA LYS A 35 13.58 11.75 -12.23
C LYS A 35 14.11 12.15 -13.61
N GLU A 36 13.28 12.00 -14.63
CA GLU A 36 13.68 12.34 -15.98
C GLU A 36 13.76 13.85 -16.17
N SER A 37 12.86 14.58 -15.54
CA SER A 37 12.82 16.03 -15.62
C SER A 37 14.09 16.65 -15.09
N VAL A 38 14.52 16.25 -13.89
CA VAL A 38 15.72 16.81 -13.28
C VAL A 38 16.96 16.50 -14.12
N ASN A 39 16.93 15.37 -14.84
CA ASN A 39 18.05 14.98 -15.69
C ASN A 39 18.21 16.00 -16.81
N GLU A 40 17.08 16.37 -17.41
CA GLU A 40 17.06 17.36 -18.48
C GLU A 40 17.49 18.72 -17.97
N LEU A 41 17.01 19.08 -16.79
CA LEU A 41 17.35 20.36 -16.18
C LEU A 41 18.86 20.47 -15.95
N SER A 42 19.47 19.35 -15.59
CA SER A 42 20.90 19.30 -15.34
C SER A 42 21.68 19.63 -16.61
N GLU A 43 21.21 19.10 -17.73
CA GLU A 43 21.87 19.33 -19.01
C GLU A 43 21.78 20.79 -19.42
N LYS A 44 20.71 21.45 -19.00
CA LYS A 44 20.51 22.87 -19.32
C LYS A 44 21.30 23.78 -18.37
N ALA A 45 21.59 23.29 -17.17
CA ALA A 45 22.33 24.08 -16.18
C ALA A 45 23.84 23.96 -16.39
N LYS A 46 24.28 22.82 -16.89
CA LYS A 46 25.71 22.54 -17.16
C LYS A 46 26.35 23.59 -18.08
N THR A 47 25.53 24.38 -18.79
CA THR A 47 26.08 25.37 -19.72
C THR A 47 26.50 26.68 -19.03
N ASP A 48 25.99 26.91 -17.84
CA ASP A 48 26.28 28.15 -17.11
C ASP A 48 26.70 27.87 -15.67
N PRO A 49 27.75 28.56 -15.20
CA PRO A 49 28.27 28.41 -13.84
C PRO A 49 27.26 28.75 -12.75
N GLN A 50 26.51 29.82 -12.95
CA GLN A 50 25.51 30.25 -11.97
C GLN A 50 24.40 29.20 -11.92
N ALA A 51 23.98 28.76 -13.08
CA ALA A 51 22.94 27.75 -13.19
C ALA A 51 23.41 26.43 -12.56
N ALA A 52 24.67 26.10 -12.79
CA ALA A 52 25.27 24.89 -12.23
C ALA A 52 25.23 24.92 -10.71
N GLU A 53 25.43 26.12 -10.14
CA GLU A 53 25.42 26.29 -8.69
C GLU A 53 24.02 25.99 -8.14
N LYS A 54 23.00 26.39 -8.90
CA LYS A 54 21.62 26.16 -8.49
C LYS A 54 21.35 24.66 -8.45
N LEU A 55 21.95 23.92 -9.38
CA LEU A 55 21.77 22.47 -9.44
C LEU A 55 22.52 21.81 -8.28
N ASN A 56 23.63 22.43 -7.88
CA ASN A 56 24.44 21.93 -6.78
C ASN A 56 23.64 21.91 -5.49
N LYS A 57 22.89 22.97 -5.26
CA LYS A 57 22.06 23.09 -4.07
C LYS A 57 20.81 22.23 -4.20
N LEU A 58 20.35 22.06 -5.43
CA LEU A 58 19.17 21.24 -5.71
C LEU A 58 19.41 19.79 -5.28
N ILE A 59 20.51 19.21 -5.74
CA ILE A 59 20.85 17.83 -5.40
C ILE A 59 21.09 17.69 -3.90
N GLU A 60 21.66 18.72 -3.29
CA GLU A 60 21.94 18.73 -1.86
C GLU A 60 20.64 18.60 -1.09
N GLY A 61 19.62 19.31 -1.57
CA GLY A 61 18.32 19.29 -0.94
C GLY A 61 17.74 17.88 -0.85
N TYR A 62 17.92 17.09 -1.89
CA TYR A 62 17.41 15.72 -1.93
C TYR A 62 18.10 14.83 -0.91
N THR A 63 19.34 15.18 -0.56
CA THR A 63 20.11 14.41 0.40
C THR A 63 19.59 14.65 1.82
N TYR A 64 19.03 15.85 2.03
CA TYR A 64 18.49 16.23 3.33
C TYR A 64 16.99 16.51 3.21
N GLY A 65 16.36 15.77 2.29
CA GLY A 65 14.94 15.93 2.04
C GLY A 65 14.06 15.59 3.22
N GLU A 66 13.43 16.61 3.78
CA GLU A 66 12.52 16.43 4.91
C GLU A 66 11.19 15.91 4.40
N GLU A 67 10.79 16.38 3.23
CA GLU A 67 9.55 15.94 2.62
C GLU A 67 9.73 14.52 2.10
N ARG A 68 10.92 14.23 1.57
CA ARG A 68 11.23 12.90 1.07
C ARG A 68 11.23 11.92 2.24
N LYS A 69 11.68 12.41 3.40
CA LYS A 69 11.70 11.62 4.62
C LYS A 69 10.27 11.32 5.06
N LEU A 70 9.38 12.25 4.76
CA LEU A 70 7.97 12.11 5.11
C LEU A 70 7.34 10.99 4.28
N TYR A 71 7.75 10.88 3.01
CA TYR A 71 7.24 9.84 2.13
C TYR A 71 7.68 8.48 2.66
N ASP A 72 8.93 8.44 3.11
CA ASP A 72 9.50 7.21 3.68
C ASP A 72 8.72 6.79 4.91
N SER A 73 8.43 7.77 5.77
CA SER A 73 7.69 7.53 7.00
C SER A 73 6.27 7.02 6.71
N ALA A 74 5.65 7.55 5.67
CA ALA A 74 4.31 7.14 5.28
C ALA A 74 4.33 5.68 4.82
N LEU A 75 5.37 5.32 4.09
CA LEU A 75 5.53 3.96 3.58
C LEU A 75 5.73 2.99 4.75
N SER A 76 6.41 3.47 5.78
CA SER A 76 6.68 2.66 6.97
C SER A 76 5.35 2.28 7.64
N LYS A 77 4.42 3.23 7.65
CA LYS A 77 3.10 3.01 8.25
C LYS A 77 2.31 1.99 7.43
N ILE A 78 2.51 2.02 6.11
CA ILE A 78 1.81 1.12 5.20
C ILE A 78 2.28 -0.32 5.45
N GLU A 79 3.59 -0.48 5.70
CA GLU A 79 4.15 -1.81 5.97
C GLU A 79 3.48 -2.41 7.21
N LYS A 80 3.26 -1.56 8.20
CA LYS A 80 2.62 -1.98 9.44
C LYS A 80 1.19 -2.41 9.20
N LEU A 81 0.53 -1.74 8.26
CA LEU A 81 -0.85 -2.04 7.90
C LEU A 81 -0.95 -3.46 7.33
N ILE A 82 0.00 -3.80 6.45
CA ILE A 82 0.02 -5.12 5.85
C ILE A 82 0.27 -6.19 6.91
N GLU A 83 1.04 -5.82 7.94
CA GLU A 83 1.36 -6.71 9.03
C GLU A 83 0.13 -7.00 9.89
N THR A 84 -0.81 -6.07 9.88
CA THR A 84 -2.04 -6.21 10.66
C THR A 84 -3.00 -7.22 10.01
N LEU A 85 -2.73 -7.56 8.75
CA LEU A 85 -3.58 -8.50 8.03
C LEU A 85 -3.24 -9.96 8.36
N SER A 86 -2.01 -10.21 8.79
CA SER A 86 -1.59 -11.57 9.11
C SER A 86 -2.06 -11.97 10.52
N PRO A 87 -2.59 -13.20 10.67
CA PRO A 87 -3.05 -13.71 11.96
C PRO A 87 -1.89 -13.87 12.94
N ALA A 88 -0.76 -14.34 12.42
CA ALA A 88 0.46 -14.53 13.21
C ALA A 88 0.25 -15.50 14.37
N ARG A 89 0.22 -16.78 14.05
CA ARG A 89 0.04 -17.81 15.06
C ARG A 89 1.32 -18.63 15.18
N SER A 90 1.66 -19.01 16.40
CA SER A 90 2.85 -19.80 16.64
C SER A 90 2.56 -21.27 16.41
N LYS A 91 3.61 -22.04 16.12
CA LYS A 91 3.46 -23.47 15.87
C LYS A 91 3.74 -24.27 17.14
N SER A 92 4.46 -23.67 18.07
CA SER A 92 4.81 -24.33 19.33
C SER A 92 3.71 -24.12 20.36
N GLN A 93 3.26 -25.21 20.96
CA GLN A 93 2.21 -25.14 21.98
C GLN A 93 2.80 -24.66 23.31
N SER A 94 2.75 -23.35 23.51
CA SER A 94 3.27 -22.75 24.72
C SER A 94 2.15 -22.38 25.68
N THR A 95 2.01 -23.14 26.75
CA THR A 95 0.97 -22.89 27.73
C THR A 95 1.47 -21.91 28.79
N MET A 96 0.54 -21.30 29.52
CA MET A 96 0.86 -20.34 30.56
C MET A 96 1.35 -21.05 31.82
N ASN A 97 2.61 -21.47 31.81
CA ASN A 97 3.20 -22.16 32.96
C ASN A 97 4.48 -21.47 33.39
N GLN A 98 4.55 -21.12 34.66
CA GLN A 98 5.73 -20.45 35.21
C GLN A 98 6.76 -21.49 35.67
N ARG A 99 7.69 -21.83 34.79
CA ARG A 99 8.71 -22.81 35.11
C ARG A 99 9.85 -22.16 35.88
N ASN A 100 9.74 -22.18 37.19
CA ASN A 100 10.77 -21.61 38.05
C ASN A 100 11.64 -22.72 38.63
N ARG A 101 12.67 -22.35 39.36
CA ARG A 101 13.60 -23.32 39.95
C ARG A 101 12.93 -24.20 41.00
N ASN A 102 11.84 -23.70 41.58
CA ASN A 102 11.10 -24.43 42.59
C ASN A 102 9.93 -25.18 41.96
N ASN A 103 9.85 -25.16 40.65
CA ASN A 103 8.79 -25.84 39.93
C ASN A 103 9.29 -27.19 39.45
N ARG A 104 9.17 -28.19 40.31
CA ARG A 104 9.62 -29.53 39.99
C ARG A 104 8.42 -30.46 39.82
N LYS A 105 7.92 -30.51 38.60
CA LYS A 105 6.77 -31.36 38.28
C LYS A 105 7.22 -32.79 38.04
N ILE A 106 7.14 -33.61 39.06
CA ILE A 106 7.51 -35.02 38.94
C ILE A 106 6.31 -35.84 38.47
N VAL A 107 5.79 -36.69 39.34
CA VAL A 107 4.64 -37.52 39.00
C VAL A 107 3.44 -37.16 39.88
N MET B 1 9.90 32.08 -13.09
CA MET B 1 8.99 31.75 -12.01
C MET B 1 8.92 30.25 -11.79
N SER B 2 10.05 29.59 -12.02
CA SER B 2 10.17 28.15 -11.86
C SER B 2 9.81 27.73 -10.45
N ILE B 3 9.95 28.65 -9.51
CA ILE B 3 9.65 28.36 -8.11
C ILE B 3 8.18 27.99 -7.92
N VAL B 4 7.28 28.65 -8.67
CA VAL B 4 5.85 28.38 -8.55
C VAL B 4 5.51 26.97 -9.06
N SER B 5 6.26 26.53 -10.05
CA SER B 5 6.07 25.20 -10.63
C SER B 5 6.49 24.12 -9.66
N GLN B 6 7.62 24.39 -8.99
CA GLN B 6 8.17 23.45 -8.03
C GLN B 6 7.20 23.23 -6.88
N THR B 7 6.69 24.34 -6.33
CA THR B 7 5.74 24.29 -5.23
C THR B 7 4.44 23.62 -5.66
N ARG B 8 4.05 23.85 -6.91
CA ARG B 8 2.82 23.26 -7.44
C ARG B 8 2.94 21.75 -7.58
N ASN B 9 4.08 21.28 -8.07
CA ASN B 9 4.29 19.84 -8.26
C ASN B 9 4.41 19.12 -6.92
N LYS B 10 5.21 19.69 -6.02
CA LYS B 10 5.44 19.10 -4.70
C LYS B 10 4.14 18.98 -3.90
N GLU B 11 3.37 20.05 -3.87
CA GLU B 11 2.10 20.07 -3.14
C GLU B 11 1.10 19.11 -3.77
N LEU B 12 1.15 19.00 -5.10
CA LEU B 12 0.25 18.13 -5.84
C LEU B 12 0.41 16.68 -5.43
N LEU B 13 1.64 16.18 -5.48
CA LEU B 13 1.90 14.78 -5.12
C LEU B 13 1.75 14.56 -3.63
N LEU B 14 2.10 15.57 -2.83
CA LEU B 14 2.00 15.47 -1.38
C LEU B 14 0.55 15.25 -0.96
N LYS B 15 -0.36 16.01 -1.55
CA LYS B 15 -1.78 15.90 -1.24
C LYS B 15 -2.32 14.55 -1.68
N LYS B 16 -1.84 14.06 -2.82
CA LYS B 16 -2.30 12.77 -3.33
C LYS B 16 -1.87 11.65 -2.40
N ILE B 17 -0.67 11.77 -1.83
CA ILE B 17 -0.15 10.77 -0.90
C ILE B 17 -0.83 10.89 0.47
N ASP B 18 -1.14 12.12 0.85
CA ASP B 18 -1.81 12.39 2.12
C ASP B 18 -3.15 11.68 2.19
N SER B 19 -3.94 11.87 1.15
CA SER B 19 -5.25 11.24 1.06
C SER B 19 -5.11 9.73 0.88
N LEU B 20 -4.03 9.34 0.23
CA LEU B 20 -3.75 7.95 -0.05
C LEU B 20 -3.69 7.11 1.23
N ILE B 21 -2.88 7.56 2.19
CA ILE B 21 -2.72 6.85 3.44
C ILE B 21 -4.00 6.90 4.26
N GLU B 22 -4.79 7.93 4.04
CA GLU B 22 -6.05 8.11 4.74
C GLU B 22 -7.06 7.05 4.32
N ALA B 23 -7.07 6.75 3.03
CA ALA B 23 -7.98 5.75 2.49
C ALA B 23 -7.65 4.37 3.04
N ILE B 24 -6.36 4.02 3.04
CA ILE B 24 -5.93 2.72 3.55
C ILE B 24 -6.26 2.60 5.04
N LYS B 25 -6.04 3.68 5.78
CA LYS B 25 -6.32 3.70 7.21
C LYS B 25 -7.82 3.51 7.48
N LYS B 26 -8.64 4.09 6.62
CA LYS B 26 -10.08 3.95 6.77
C LYS B 26 -10.53 2.53 6.48
N ILE B 27 -9.93 1.90 5.47
CA ILE B 27 -10.30 0.54 5.09
C ILE B 27 -10.13 -0.45 6.25
N ILE B 28 -8.97 -0.42 6.88
CA ILE B 28 -8.69 -1.31 7.99
C ILE B 28 -9.65 -1.06 9.17
N ALA B 29 -10.03 0.20 9.34
CA ALA B 29 -10.94 0.58 10.41
C ALA B 29 -12.33 0.01 10.15
N GLU B 30 -12.79 0.15 8.91
CA GLU B 30 -14.11 -0.37 8.51
C GLU B 30 -14.15 -1.88 8.64
N PHE B 31 -13.04 -2.54 8.32
CA PHE B 31 -12.95 -3.99 8.39
C PHE B 31 -13.25 -4.49 9.80
N ASP B 32 -12.61 -3.88 10.79
CA ASP B 32 -12.82 -4.27 12.19
C ASP B 32 -14.26 -4.00 12.62
N VAL B 33 -14.79 -2.87 12.19
CA VAL B 33 -16.14 -2.47 12.53
C VAL B 33 -17.17 -3.42 11.90
N VAL B 34 -17.03 -3.67 10.60
CA VAL B 34 -17.96 -4.54 9.90
C VAL B 34 -17.92 -5.97 10.47
N LYS B 35 -16.77 -6.37 11.01
CA LYS B 35 -16.63 -7.68 11.60
C LYS B 35 -17.53 -7.82 12.82
N GLU B 36 -17.55 -6.78 13.65
CA GLU B 36 -18.39 -6.76 14.84
C GLU B 36 -19.85 -6.54 14.46
N SER B 37 -20.07 -5.77 13.41
CA SER B 37 -21.41 -5.48 12.91
C SER B 37 -22.15 -6.74 12.53
N VAL B 38 -21.49 -7.57 11.73
CA VAL B 38 -22.11 -8.81 11.27
C VAL B 38 -22.33 -9.79 12.42
N ASN B 39 -21.49 -9.70 13.44
CA ASN B 39 -21.60 -10.56 14.62
C ASN B 39 -22.88 -10.26 15.38
N GLU B 40 -23.08 -8.98 15.69
CA GLU B 40 -24.26 -8.54 16.42
C GLU B 40 -25.53 -8.73 15.59
N LEU B 41 -25.45 -8.34 14.32
CA LEU B 41 -26.59 -8.43 13.41
C LEU B 41 -27.05 -9.87 13.24
N SER B 42 -26.09 -10.79 13.15
CA SER B 42 -26.40 -12.20 12.99
C SER B 42 -27.29 -12.71 14.12
N GLU B 43 -26.93 -12.36 15.35
CA GLU B 43 -27.67 -12.79 16.53
C GLU B 43 -29.07 -12.19 16.57
N LYS B 44 -29.19 -10.92 16.19
CA LYS B 44 -30.48 -10.24 16.22
C LYS B 44 -31.42 -10.80 15.16
N ALA B 45 -30.88 -11.11 13.99
CA ALA B 45 -31.69 -11.65 12.91
C ALA B 45 -32.09 -13.09 13.20
N LYS B 46 -31.28 -13.76 14.01
CA LYS B 46 -31.53 -15.15 14.39
C LYS B 46 -32.81 -15.26 15.24
N THR B 47 -33.27 -14.13 15.75
CA THR B 47 -34.47 -14.09 16.56
C THR B 47 -35.74 -14.16 15.70
N ASP B 48 -35.56 -14.13 14.38
CA ASP B 48 -36.69 -14.18 13.47
C ASP B 48 -36.36 -15.05 12.25
N PRO B 49 -37.22 -16.03 11.93
CA PRO B 49 -37.01 -16.95 10.79
C PRO B 49 -36.87 -16.22 9.45
N GLN B 50 -37.57 -15.10 9.31
CA GLN B 50 -37.51 -14.34 8.08
C GLN B 50 -36.22 -13.54 8.01
N ALA B 51 -35.84 -12.97 9.14
CA ALA B 51 -34.60 -12.20 9.22
C ALA B 51 -33.40 -13.13 9.09
N ALA B 52 -33.57 -14.35 9.58
CA ALA B 52 -32.52 -15.36 9.52
C ALA B 52 -32.21 -15.71 8.07
N GLU B 53 -33.25 -15.71 7.23
CA GLU B 53 -33.09 -16.02 5.82
C GLU B 53 -32.40 -14.86 5.11
N LYS B 54 -32.63 -13.65 5.61
CA LYS B 54 -31.99 -12.46 5.05
C LYS B 54 -30.50 -12.49 5.36
N LEU B 55 -30.16 -12.90 6.57
CA LEU B 55 -28.78 -12.99 7.00
C LEU B 55 -28.11 -14.22 6.39
N ASN B 56 -28.93 -15.16 5.93
CA ASN B 56 -28.44 -16.37 5.30
C ASN B 56 -27.70 -16.03 4.02
N LYS B 57 -28.36 -15.23 3.20
CA LYS B 57 -27.79 -14.80 1.92
C LYS B 57 -26.74 -13.72 2.14
N LEU B 58 -26.93 -12.90 3.18
CA LEU B 58 -26.00 -11.82 3.49
C LEU B 58 -24.62 -12.36 3.89
N ILE B 59 -24.61 -13.30 4.83
CA ILE B 59 -23.36 -13.91 5.31
C ILE B 59 -22.67 -14.67 4.18
N GLU B 60 -23.47 -15.28 3.31
CA GLU B 60 -22.94 -16.02 2.19
C GLU B 60 -22.23 -15.05 1.26
N GLY B 61 -22.88 -13.91 1.04
CA GLY B 61 -22.35 -12.88 0.18
C GLY B 61 -21.01 -12.36 0.67
N TYR B 62 -20.87 -12.27 1.99
CA TYR B 62 -19.62 -11.80 2.60
C TYR B 62 -18.54 -12.86 2.45
N THR B 63 -18.94 -14.12 2.53
CA THR B 63 -18.02 -15.24 2.41
C THR B 63 -17.57 -15.39 0.96
N TYR B 64 -18.53 -15.33 0.04
CA TYR B 64 -18.25 -15.43 -1.38
C TYR B 64 -18.19 -14.02 -1.98
N GLY B 65 -17.74 -13.09 -1.16
CA GLY B 65 -17.63 -11.72 -1.60
C GLY B 65 -16.46 -11.49 -2.50
N GLU B 66 -16.71 -11.50 -3.79
CA GLU B 66 -15.66 -11.27 -4.78
C GLU B 66 -15.06 -9.88 -4.57
N GLU B 67 -15.89 -8.96 -4.10
CA GLU B 67 -15.46 -7.60 -3.83
C GLU B 67 -14.51 -7.58 -2.62
N ARG B 68 -14.83 -8.41 -1.63
CA ARG B 68 -14.02 -8.52 -0.43
C ARG B 68 -12.61 -9.01 -0.80
N LYS B 69 -12.57 -10.00 -1.67
CA LYS B 69 -11.32 -10.55 -2.14
C LYS B 69 -10.56 -9.50 -2.94
N LEU B 70 -11.32 -8.64 -3.63
CA LEU B 70 -10.75 -7.57 -4.43
C LEU B 70 -9.98 -6.58 -3.56
N TYR B 71 -10.50 -6.32 -2.36
CA TYR B 71 -9.84 -5.41 -1.43
C TYR B 71 -8.51 -5.98 -0.98
N ASP B 72 -8.51 -7.29 -0.71
CA ASP B 72 -7.30 -7.99 -0.28
C ASP B 72 -6.26 -7.95 -1.40
N SER B 73 -6.72 -8.12 -2.63
CA SER B 73 -5.84 -8.11 -3.80
C SER B 73 -5.26 -6.71 -4.01
N ALA B 74 -5.99 -5.69 -3.56
CA ALA B 74 -5.54 -4.31 -3.69
C ALA B 74 -4.33 -4.06 -2.79
N LEU B 75 -4.41 -4.55 -1.55
CA LEU B 75 -3.31 -4.39 -0.60
C LEU B 75 -2.09 -5.17 -1.08
N SER B 76 -2.36 -6.25 -1.79
CA SER B 76 -1.30 -7.08 -2.33
C SER B 76 -0.53 -6.32 -3.41
N LYS B 77 -1.24 -5.44 -4.10
CA LYS B 77 -0.65 -4.62 -5.14
C LYS B 77 0.27 -3.59 -4.50
N ILE B 78 -0.11 -3.15 -3.31
CA ILE B 78 0.66 -2.17 -2.56
C ILE B 78 2.02 -2.76 -2.22
N GLU B 79 2.02 -4.03 -1.86
CA GLU B 79 3.25 -4.75 -1.51
C GLU B 79 4.25 -4.71 -2.67
N LYS B 80 3.74 -4.96 -3.87
CA LYS B 80 4.56 -4.96 -5.08
C LYS B 80 5.18 -3.58 -5.29
N LEU B 81 4.39 -2.54 -5.02
CA LEU B 81 4.83 -1.17 -5.18
C LEU B 81 5.93 -0.81 -4.18
N ILE B 82 5.81 -1.34 -2.97
CA ILE B 82 6.80 -1.08 -1.93
C ILE B 82 8.15 -1.65 -2.33
N GLU B 83 8.13 -2.77 -3.06
CA GLU B 83 9.36 -3.40 -3.52
C GLU B 83 10.08 -2.50 -4.51
N THR B 84 9.31 -1.70 -5.24
CA THR B 84 9.87 -0.77 -6.22
C THR B 84 10.50 0.43 -5.50
N LEU B 85 10.19 0.58 -4.21
CA LEU B 85 10.72 1.68 -3.42
C LEU B 85 11.87 1.23 -2.53
N SER B 86 12.20 -0.06 -2.59
CA SER B 86 13.28 -0.62 -1.80
C SER B 86 14.63 -0.04 -2.24
N PRO B 87 15.44 0.46 -1.28
CA PRO B 87 16.75 1.03 -1.59
C PRO B 87 17.68 0.05 -2.30
N ALA B 88 17.69 -1.19 -1.82
CA ALA B 88 18.53 -2.25 -2.38
C ALA B 88 19.98 -1.81 -2.46
N ARG B 89 20.56 -1.50 -1.30
CA ARG B 89 21.94 -1.04 -1.22
C ARG B 89 22.92 -2.21 -1.16
N SER B 90 22.62 -3.29 -1.88
CA SER B 90 23.47 -4.46 -1.92
C SER B 90 24.63 -4.23 -2.89
N LYS B 91 25.80 -4.74 -2.54
CA LYS B 91 26.99 -4.58 -3.39
C LYS B 91 27.59 -5.93 -3.76
N SER B 92 28.73 -5.89 -4.42
CA SER B 92 29.43 -7.10 -4.84
C SER B 92 30.11 -7.76 -3.65
N GLN B 93 29.32 -8.44 -2.84
CA GLN B 93 29.80 -9.13 -1.66
C GLN B 93 29.46 -10.62 -1.74
N SER B 94 28.72 -10.98 -2.78
CA SER B 94 28.30 -12.35 -2.98
C SER B 94 29.26 -13.09 -3.90
N THR B 95 29.14 -14.40 -3.94
CA THR B 95 30.00 -15.22 -4.78
C THR B 95 29.17 -15.86 -5.89
N MET B 96 29.73 -15.91 -7.10
CA MET B 96 29.03 -16.49 -8.24
C MET B 96 29.78 -17.71 -8.77
N ASN B 97 29.11 -18.84 -8.81
CA ASN B 97 29.72 -20.07 -9.30
C ASN B 97 29.07 -20.49 -10.60
N GLN B 98 29.87 -20.49 -11.67
CA GLN B 98 29.37 -20.86 -12.98
C GLN B 98 30.01 -22.18 -13.45
N ARG B 99 29.16 -23.14 -13.74
CA ARG B 99 29.62 -24.44 -14.22
C ARG B 99 29.32 -24.58 -15.70
N ASN B 100 30.12 -25.36 -16.39
CA ASN B 100 29.94 -25.56 -17.82
C ASN B 100 30.44 -26.94 -18.22
N ARG B 101 29.64 -27.64 -19.01
CA ARG B 101 29.99 -28.97 -19.48
C ARG B 101 30.20 -28.97 -20.98
N ASN B 102 31.19 -29.70 -21.45
CA ASN B 102 31.45 -29.78 -22.88
C ASN B 102 30.69 -30.96 -23.46
N ASN B 103 29.40 -30.76 -23.69
CA ASN B 103 28.57 -31.80 -24.26
C ASN B 103 28.88 -31.97 -25.74
N ARG B 104 29.44 -33.10 -26.09
CA ARG B 104 29.78 -33.37 -27.47
C ARG B 104 29.10 -34.62 -27.95
N LYS B 105 28.57 -34.57 -29.17
CA LYS B 105 27.89 -35.72 -29.73
C LYS B 105 28.85 -36.86 -29.92
N ILE B 106 28.45 -38.04 -29.46
CA ILE B 106 29.27 -39.23 -29.56
C ILE B 106 28.96 -39.95 -30.87
N VAL B 107 28.97 -41.28 -30.86
CA VAL B 107 28.68 -42.07 -32.04
C VAL B 107 27.29 -41.71 -32.59
N MET A 1 -33.54 1.54 5.92
CA MET A 1 -33.16 0.48 4.95
C MET A 1 -31.69 0.12 5.12
N SER A 2 -31.40 -1.18 5.16
CA SER A 2 -30.03 -1.64 5.32
C SER A 2 -29.40 -1.93 3.98
N ILE A 3 -30.19 -2.32 2.99
CA ILE A 3 -29.68 -2.66 1.67
C ILE A 3 -28.98 -1.45 1.02
N VAL A 4 -29.47 -0.25 1.33
CA VAL A 4 -28.89 0.97 0.78
C VAL A 4 -27.56 1.29 1.46
N SER A 5 -27.43 0.85 2.69
CA SER A 5 -26.21 1.02 3.47
C SER A 5 -25.08 0.19 2.90
N GLN A 6 -25.40 -1.07 2.64
CA GLN A 6 -24.44 -2.03 2.10
C GLN A 6 -23.94 -1.58 0.73
N THR A 7 -24.85 -1.15 -0.12
CA THR A 7 -24.48 -0.71 -1.47
C THR A 7 -23.67 0.58 -1.44
N ARG A 8 -24.00 1.48 -0.51
CA ARG A 8 -23.29 2.75 -0.38
C ARG A 8 -21.87 2.50 0.14
N ASN A 9 -21.75 1.57 1.08
CA ASN A 9 -20.44 1.24 1.65
C ASN A 9 -19.56 0.57 0.58
N LYS A 10 -20.14 -0.39 -0.12
CA LYS A 10 -19.45 -1.14 -1.17
C LYS A 10 -18.91 -0.22 -2.27
N GLU A 11 -19.77 0.66 -2.76
CA GLU A 11 -19.41 1.60 -3.83
C GLU A 11 -18.31 2.56 -3.38
N LEU A 12 -18.45 3.07 -2.16
CA LEU A 12 -17.49 4.03 -1.62
C LEU A 12 -16.08 3.46 -1.58
N LEU A 13 -15.90 2.36 -0.85
CA LEU A 13 -14.58 1.76 -0.71
C LEU A 13 -14.04 1.26 -2.05
N LEU A 14 -14.95 0.89 -2.96
CA LEU A 14 -14.55 0.41 -4.28
C LEU A 14 -13.81 1.51 -5.04
N LYS A 15 -14.42 2.70 -5.09
CA LYS A 15 -13.83 3.84 -5.78
C LYS A 15 -12.61 4.36 -5.03
N LYS A 16 -12.64 4.20 -3.71
CA LYS A 16 -11.54 4.66 -2.86
C LYS A 16 -10.26 3.91 -3.21
N ILE A 17 -10.38 2.61 -3.46
CA ILE A 17 -9.22 1.79 -3.79
C ILE A 17 -8.80 1.99 -5.23
N ASP A 18 -9.78 2.18 -6.12
CA ASP A 18 -9.49 2.39 -7.54
C ASP A 18 -8.58 3.60 -7.74
N SER A 19 -8.98 4.71 -7.15
CA SER A 19 -8.20 5.94 -7.24
C SER A 19 -6.95 5.87 -6.37
N LEU A 20 -7.01 5.07 -5.31
CA LEU A 20 -5.91 4.91 -4.37
C LEU A 20 -4.63 4.49 -5.09
N ILE A 21 -4.70 3.42 -5.86
CA ILE A 21 -3.53 2.93 -6.58
C ILE A 21 -3.16 3.90 -7.72
N GLU A 22 -4.15 4.60 -8.25
CA GLU A 22 -3.94 5.56 -9.32
C GLU A 22 -3.03 6.71 -8.88
N ALA A 23 -3.26 7.19 -7.66
CA ALA A 23 -2.47 8.29 -7.12
C ALA A 23 -1.03 7.86 -6.84
N ILE A 24 -0.87 6.73 -6.17
CA ILE A 24 0.45 6.20 -5.84
C ILE A 24 1.23 5.89 -7.12
N LYS A 25 0.52 5.44 -8.15
CA LYS A 25 1.14 5.13 -9.42
C LYS A 25 1.73 6.39 -10.05
N LYS A 26 1.02 7.50 -9.89
CA LYS A 26 1.48 8.78 -10.43
C LYS A 26 2.72 9.26 -9.70
N ILE A 27 2.75 9.07 -8.38
CA ILE A 27 3.88 9.49 -7.56
C ILE A 27 5.19 8.86 -8.03
N ILE A 28 5.14 7.55 -8.30
CA ILE A 28 6.33 6.83 -8.78
C ILE A 28 6.76 7.34 -10.16
N ALA A 29 5.78 7.74 -10.97
CA ALA A 29 6.06 8.25 -12.31
C ALA A 29 6.78 9.58 -12.26
N GLU A 30 6.32 10.46 -11.38
CA GLU A 30 6.93 11.78 -11.24
C GLU A 30 8.41 11.67 -10.86
N PHE A 31 8.71 10.78 -9.91
CA PHE A 31 10.08 10.58 -9.46
C PHE A 31 10.99 10.20 -10.62
N ASP A 32 10.48 9.33 -11.48
CA ASP A 32 11.21 8.87 -12.66
C ASP A 32 11.51 10.03 -13.60
N VAL A 33 10.50 10.88 -13.81
CA VAL A 33 10.65 12.03 -14.69
C VAL A 33 11.68 13.02 -14.13
N VAL A 34 11.59 13.29 -12.83
CA VAL A 34 12.51 14.21 -12.17
C VAL A 34 13.95 13.71 -12.28
N LYS A 35 14.12 12.39 -12.19
CA LYS A 35 15.44 11.77 -12.28
C LYS A 35 16.13 12.12 -13.60
N GLU A 36 15.41 12.00 -14.70
CA GLU A 36 15.96 12.31 -16.00
C GLU A 36 16.09 13.82 -16.21
N SER A 37 15.15 14.57 -15.66
CA SER A 37 15.11 16.03 -15.77
C SER A 37 16.38 16.64 -15.21
N VAL A 38 16.72 16.32 -13.97
CA VAL A 38 17.91 16.88 -13.32
C VAL A 38 19.17 16.45 -14.06
N ASN A 39 19.12 15.30 -14.72
CA ASN A 39 20.26 14.79 -15.46
C ASN A 39 20.58 15.74 -16.62
N GLU A 40 19.57 16.04 -17.42
CA GLU A 40 19.71 16.94 -18.56
C GLU A 40 20.05 18.35 -18.10
N LEU A 41 19.42 18.76 -17.00
CA LEU A 41 19.63 20.09 -16.45
C LEU A 41 21.07 20.28 -15.98
N SER A 42 21.69 19.23 -15.48
CA SER A 42 23.06 19.29 -15.00
C SER A 42 24.02 19.52 -16.15
N GLU A 43 23.72 18.90 -17.29
CA GLU A 43 24.56 19.04 -18.47
C GLU A 43 24.48 20.47 -19.01
N LYS A 44 23.27 21.04 -18.96
CA LYS A 44 23.05 22.39 -19.44
C LYS A 44 23.72 23.42 -18.52
N ALA A 45 23.60 23.21 -17.22
CA ALA A 45 24.16 24.12 -16.22
C ALA A 45 25.69 24.18 -16.32
N LYS A 46 26.27 23.11 -16.83
CA LYS A 46 27.71 23.01 -16.98
C LYS A 46 28.22 23.99 -18.05
N THR A 47 27.30 24.53 -18.84
CA THR A 47 27.64 25.45 -19.90
C THR A 47 27.62 26.92 -19.43
N ASP A 48 27.21 27.15 -18.19
CA ASP A 48 27.13 28.51 -17.66
C ASP A 48 27.55 28.57 -16.20
N PRO A 49 28.42 29.55 -15.83
CA PRO A 49 28.89 29.70 -14.45
C PRO A 49 27.77 29.94 -13.44
N GLN A 50 26.78 30.74 -13.85
CA GLN A 50 25.65 31.04 -12.97
C GLN A 50 24.81 29.79 -12.77
N ALA A 51 24.51 29.12 -13.86
CA ALA A 51 23.72 27.90 -13.83
C ALA A 51 24.45 26.82 -13.04
N ALA A 52 25.78 26.79 -13.16
CA ALA A 52 26.59 25.81 -12.46
C ALA A 52 26.45 25.98 -10.95
N GLU A 53 26.39 27.22 -10.50
CA GLU A 53 26.25 27.52 -9.08
C GLU A 53 24.85 27.12 -8.61
N LYS A 54 23.86 27.38 -9.44
CA LYS A 54 22.48 27.05 -9.12
C LYS A 54 22.31 25.54 -8.99
N LEU A 55 23.00 24.80 -9.86
CA LEU A 55 22.93 23.35 -9.82
C LEU A 55 23.72 22.81 -8.63
N ASN A 56 24.74 23.56 -8.20
CA ASN A 56 25.54 23.18 -7.05
C ASN A 56 24.68 23.28 -5.80
N LYS A 57 23.77 24.24 -5.81
CA LYS A 57 22.86 24.45 -4.70
C LYS A 57 21.75 23.41 -4.72
N LEU A 58 21.24 23.12 -5.91
CA LEU A 58 20.16 22.14 -6.08
C LEU A 58 20.60 20.74 -5.68
N ILE A 59 21.75 20.31 -6.19
CA ILE A 59 22.27 18.98 -5.88
C ILE A 59 22.51 18.84 -4.38
N GLU A 60 22.92 19.94 -3.75
CA GLU A 60 23.15 19.95 -2.31
C GLU A 60 21.85 19.63 -1.59
N GLY A 61 20.77 20.24 -2.06
CA GLY A 61 19.46 20.00 -1.47
C GLY A 61 19.03 18.57 -1.66
N TYR A 62 19.46 17.99 -2.78
CA TYR A 62 19.15 16.60 -3.09
C TYR A 62 19.91 15.66 -2.17
N THR A 63 20.98 16.17 -1.57
CA THR A 63 21.77 15.36 -0.66
C THR A 63 21.06 15.28 0.70
N TYR A 64 20.41 16.38 1.05
CA TYR A 64 19.66 16.49 2.29
C TYR A 64 18.20 16.19 2.03
N GLY A 65 17.96 15.22 1.16
CA GLY A 65 16.59 14.85 0.81
C GLY A 65 15.77 14.30 1.98
N GLU A 66 15.36 15.19 2.86
CA GLU A 66 14.55 14.83 4.02
C GLU A 66 13.22 14.27 3.58
N GLU A 67 12.70 14.80 2.47
CA GLU A 67 11.43 14.35 1.93
C GLU A 67 11.50 12.90 1.50
N ARG A 68 12.67 12.47 1.04
CA ARG A 68 12.87 11.08 0.62
C ARG A 68 12.73 10.16 1.82
N LYS A 69 13.26 10.60 2.95
CA LYS A 69 13.18 9.82 4.18
C LYS A 69 11.75 9.82 4.72
N LEU A 70 11.05 10.92 4.51
CA LEU A 70 9.68 11.08 4.96
C LEU A 70 8.75 10.12 4.22
N TYR A 71 8.85 10.09 2.90
CA TYR A 71 8.03 9.22 2.09
C TYR A 71 8.33 7.76 2.40
N ASP A 72 9.59 7.48 2.73
CA ASP A 72 10.00 6.12 3.07
C ASP A 72 9.30 5.69 4.35
N SER A 73 9.23 6.60 5.32
CA SER A 73 8.58 6.33 6.59
C SER A 73 7.09 6.07 6.36
N ALA A 74 6.51 6.78 5.40
CA ALA A 74 5.10 6.62 5.07
C ALA A 74 4.83 5.23 4.51
N LEU A 75 5.77 4.72 3.71
CA LEU A 75 5.64 3.40 3.12
C LEU A 75 5.65 2.32 4.20
N SER A 76 6.41 2.59 5.25
CA SER A 76 6.50 1.65 6.37
C SER A 76 5.15 1.57 7.09
N LYS A 77 4.41 2.68 7.09
CA LYS A 77 3.09 2.72 7.72
C LYS A 77 2.12 1.88 6.91
N ILE A 78 2.32 1.87 5.59
CA ILE A 78 1.49 1.07 4.70
C ILE A 78 1.71 -0.41 5.01
N GLU A 79 2.99 -0.75 5.17
CA GLU A 79 3.40 -2.11 5.49
C GLU A 79 2.78 -2.57 6.82
N LYS A 80 2.57 -1.61 7.72
CA LYS A 80 1.96 -1.89 9.01
C LYS A 80 0.50 -2.28 8.84
N LEU A 81 -0.20 -1.57 7.96
CA LEU A 81 -1.60 -1.86 7.70
C LEU A 81 -1.72 -3.24 7.07
N ILE A 82 -0.76 -3.58 6.21
CA ILE A 82 -0.72 -4.88 5.56
C ILE A 82 -0.48 -5.97 6.61
N GLU A 83 0.32 -5.63 7.62
CA GLU A 83 0.64 -6.55 8.71
C GLU A 83 -0.59 -6.75 9.59
N THR A 84 -1.46 -5.76 9.59
CA THR A 84 -2.69 -5.83 10.37
C THR A 84 -3.66 -6.83 9.75
N LEU A 85 -3.37 -7.19 8.49
CA LEU A 85 -4.20 -8.15 7.78
C LEU A 85 -3.80 -9.57 8.17
N SER A 86 -2.67 -9.70 8.85
CA SER A 86 -2.20 -11.00 9.29
C SER A 86 -3.01 -11.47 10.49
N PRO A 87 -3.68 -12.63 10.37
CA PRO A 87 -4.49 -13.19 11.45
C PRO A 87 -3.67 -13.47 12.71
N ALA A 88 -2.38 -13.77 12.50
CA ALA A 88 -1.44 -14.04 13.59
C ALA A 88 -1.95 -15.22 14.44
N ARG A 89 -1.86 -16.43 13.87
CA ARG A 89 -2.33 -17.62 14.56
C ARG A 89 -1.28 -18.19 15.51
N SER A 90 -0.58 -17.31 16.21
CA SER A 90 0.43 -17.74 17.17
C SER A 90 -0.23 -18.14 18.49
N LYS A 91 -0.13 -19.42 18.84
CA LYS A 91 -0.75 -19.92 20.08
C LYS A 91 0.25 -20.70 20.93
N SER A 92 1.54 -20.43 20.75
CA SER A 92 2.57 -21.13 21.51
C SER A 92 2.68 -20.54 22.91
N GLN A 93 3.28 -21.32 23.83
CA GLN A 93 3.45 -20.89 25.21
C GLN A 93 4.62 -19.90 25.34
N SER A 94 5.00 -19.29 24.22
CA SER A 94 6.07 -18.31 24.20
C SER A 94 5.67 -17.06 24.97
N THR A 95 4.38 -16.77 24.94
CA THR A 95 3.84 -15.60 25.63
C THR A 95 2.36 -15.81 25.95
N MET A 96 1.74 -16.77 25.29
CA MET A 96 0.32 -17.05 25.51
C MET A 96 0.14 -18.20 26.48
N ASN A 97 -0.76 -18.01 27.44
CA ASN A 97 -1.06 -19.03 28.43
C ASN A 97 -2.03 -20.03 27.81
N GLN A 98 -1.96 -21.29 28.23
CA GLN A 98 -2.83 -22.32 27.68
C GLN A 98 -3.94 -22.67 28.66
N ARG A 99 -4.93 -23.41 28.19
CA ARG A 99 -6.05 -23.84 29.02
C ARG A 99 -5.63 -24.98 29.92
N ASN A 100 -4.95 -24.64 31.02
CA ASN A 100 -4.49 -25.63 31.98
C ASN A 100 -5.41 -25.65 33.19
N ARG A 101 -5.41 -26.77 33.92
CA ARG A 101 -6.23 -26.90 35.11
C ARG A 101 -5.43 -27.53 36.23
N ASN A 102 -5.46 -26.90 37.41
CA ASN A 102 -4.73 -27.42 38.56
C ASN A 102 -5.68 -27.63 39.73
N ASN A 103 -5.36 -28.60 40.57
CA ASN A 103 -6.19 -28.91 41.73
C ASN A 103 -6.05 -27.79 42.76
N ARG A 104 -7.13 -27.49 43.48
CA ARG A 104 -7.11 -26.42 44.47
C ARG A 104 -6.61 -26.93 45.81
N LYS A 105 -6.32 -28.22 45.88
CA LYS A 105 -5.83 -28.83 47.10
C LYS A 105 -4.79 -29.89 46.75
N ILE A 106 -4.40 -30.69 47.73
CA ILE A 106 -3.42 -31.74 47.51
C ILE A 106 -4.15 -33.05 47.19
N VAL A 107 -3.47 -34.17 47.37
CA VAL A 107 -4.06 -35.47 47.11
C VAL A 107 -4.97 -35.90 48.25
N MET B 1 8.36 32.80 -13.26
CA MET B 1 7.23 32.97 -12.33
C MET B 1 6.60 31.62 -12.03
N SER B 2 7.38 30.56 -12.17
CA SER B 2 6.93 29.20 -11.91
C SER B 2 6.81 28.94 -10.43
N ILE B 3 6.98 29.97 -9.62
CA ILE B 3 6.89 29.85 -8.18
C ILE B 3 5.47 29.46 -7.74
N VAL B 4 4.47 29.98 -8.45
CA VAL B 4 3.07 29.69 -8.13
C VAL B 4 2.67 28.33 -8.69
N SER B 5 3.36 27.91 -9.75
CA SER B 5 3.11 26.61 -10.35
C SER B 5 3.54 25.49 -9.43
N GLN B 6 4.76 25.63 -8.92
CA GLN B 6 5.34 24.65 -8.03
C GLN B 6 4.52 24.50 -6.75
N THR B 7 4.03 25.62 -6.21
CA THR B 7 3.24 25.59 -4.98
C THR B 7 1.91 24.88 -5.22
N ARG B 8 1.29 25.17 -6.36
CA ARG B 8 0.02 24.57 -6.72
C ARG B 8 0.18 23.07 -6.96
N ASN B 9 1.31 22.71 -7.55
CA ASN B 9 1.62 21.31 -7.86
C ASN B 9 1.83 20.50 -6.57
N LYS B 10 2.69 21.03 -5.70
CA LYS B 10 3.01 20.37 -4.44
C LYS B 10 1.77 20.17 -3.56
N GLU B 11 0.98 21.23 -3.42
CA GLU B 11 -0.23 21.16 -2.61
C GLU B 11 -1.22 20.16 -3.19
N LEU B 12 -1.31 20.12 -4.51
CA LEU B 12 -2.23 19.23 -5.22
C LEU B 12 -1.92 17.76 -4.90
N LEU B 13 -0.68 17.35 -5.14
CA LEU B 13 -0.29 15.96 -4.90
C LEU B 13 -0.32 15.61 -3.41
N LEU B 14 0.09 16.56 -2.56
CA LEU B 14 0.11 16.34 -1.13
C LEU B 14 -1.30 16.13 -0.58
N LYS B 15 -2.28 16.77 -1.21
CA LYS B 15 -3.66 16.64 -0.78
C LYS B 15 -4.21 15.28 -1.16
N LYS B 16 -3.76 14.78 -2.31
CA LYS B 16 -4.18 13.46 -2.79
C LYS B 16 -3.66 12.38 -1.85
N ILE B 17 -2.40 12.50 -1.46
CA ILE B 17 -1.76 11.54 -0.56
C ILE B 17 -2.38 11.57 0.83
N ASP B 18 -2.78 12.77 1.28
CA ASP B 18 -3.40 12.93 2.60
C ASP B 18 -4.65 12.09 2.70
N SER B 19 -5.45 12.12 1.64
CA SER B 19 -6.70 11.38 1.58
C SER B 19 -6.44 9.89 1.40
N LEU B 20 -5.32 9.59 0.77
CA LEU B 20 -4.93 8.21 0.49
C LEU B 20 -4.87 7.36 1.76
N ILE B 21 -4.12 7.84 2.74
CA ILE B 21 -3.99 7.10 4.00
C ILE B 21 -5.28 7.11 4.80
N GLU B 22 -6.03 8.19 4.68
CA GLU B 22 -7.30 8.31 5.40
C GLU B 22 -8.32 7.33 4.84
N ALA B 23 -8.32 7.18 3.52
CA ALA B 23 -9.24 6.27 2.85
C ALA B 23 -8.97 4.83 3.28
N ILE B 24 -7.69 4.46 3.27
CA ILE B 24 -7.27 3.13 3.67
C ILE B 24 -7.63 2.86 5.13
N LYS B 25 -7.42 3.86 5.97
CA LYS B 25 -7.73 3.75 7.39
C LYS B 25 -9.23 3.58 7.59
N LYS B 26 -10.01 4.28 6.78
CA LYS B 26 -11.46 4.20 6.87
C LYS B 26 -11.95 2.82 6.46
N ILE B 27 -11.32 2.26 5.44
CA ILE B 27 -11.69 0.94 4.94
C ILE B 27 -11.60 -0.11 6.04
N ILE B 28 -10.48 -0.14 6.75
CA ILE B 28 -10.26 -1.10 7.83
C ILE B 28 -11.27 -0.86 8.96
N ALA B 29 -11.63 0.40 9.20
CA ALA B 29 -12.57 0.76 10.24
C ALA B 29 -13.97 0.23 9.92
N GLU B 30 -14.39 0.42 8.67
CA GLU B 30 -15.70 -0.03 8.22
C GLU B 30 -15.88 -1.53 8.45
N PHE B 31 -14.88 -2.30 8.02
CA PHE B 31 -14.89 -3.75 8.15
C PHE B 31 -15.14 -4.18 9.59
N ASP B 32 -14.43 -3.57 10.52
CA ASP B 32 -14.56 -3.89 11.94
C ASP B 32 -15.96 -3.54 12.46
N VAL B 33 -16.48 -2.40 12.03
CA VAL B 33 -17.80 -1.94 12.47
C VAL B 33 -18.90 -2.84 11.93
N VAL B 34 -18.90 -3.07 10.62
CA VAL B 34 -19.91 -3.90 9.97
C VAL B 34 -19.88 -5.33 10.51
N LYS B 35 -18.67 -5.82 10.80
CA LYS B 35 -18.49 -7.17 11.31
C LYS B 35 -19.27 -7.41 12.60
N GLU B 36 -19.15 -6.47 13.54
CA GLU B 36 -19.85 -6.59 14.81
C GLU B 36 -21.34 -6.31 14.64
N SER B 37 -21.69 -5.42 13.73
CA SER B 37 -23.08 -5.06 13.49
C SER B 37 -23.88 -6.25 13.03
N VAL B 38 -23.35 -7.02 12.08
CA VAL B 38 -24.07 -8.18 11.56
C VAL B 38 -24.19 -9.27 12.62
N ASN B 39 -23.22 -9.32 13.53
CA ASN B 39 -23.23 -10.29 14.61
C ASN B 39 -24.41 -10.04 15.53
N GLU B 40 -24.58 -8.79 15.94
CA GLU B 40 -25.68 -8.40 16.81
C GLU B 40 -27.02 -8.56 16.08
N LEU B 41 -27.00 -8.24 14.80
CA LEU B 41 -28.20 -8.34 13.96
C LEU B 41 -28.71 -9.77 13.91
N SER B 42 -27.80 -10.72 13.75
CA SER B 42 -28.17 -12.13 13.69
C SER B 42 -28.71 -12.62 15.03
N GLU B 43 -28.28 -11.99 16.10
CA GLU B 43 -28.72 -12.37 17.44
C GLU B 43 -30.17 -11.95 17.67
N LYS B 44 -30.54 -10.81 17.11
CA LYS B 44 -31.90 -10.31 17.27
C LYS B 44 -32.85 -11.00 16.29
N ALA B 45 -32.37 -11.18 15.07
CA ALA B 45 -33.15 -11.80 13.99
C ALA B 45 -33.45 -13.27 14.25
N LYS B 46 -32.71 -13.89 15.14
CA LYS B 46 -32.90 -15.30 15.46
C LYS B 46 -34.20 -15.55 16.23
N THR B 47 -34.80 -14.48 16.75
CA THR B 47 -36.04 -14.63 17.49
C THR B 47 -37.27 -14.48 16.60
N ASP B 48 -37.04 -14.31 15.30
CA ASP B 48 -38.14 -14.15 14.34
C ASP B 48 -37.90 -14.98 13.09
N PRO B 49 -38.88 -15.79 12.67
CA PRO B 49 -38.75 -16.65 11.48
C PRO B 49 -38.49 -15.87 10.20
N GLN B 50 -39.10 -14.70 10.07
CA GLN B 50 -38.92 -13.86 8.89
C GLN B 50 -37.52 -13.29 8.86
N ALA B 51 -37.13 -12.65 9.96
CA ALA B 51 -35.80 -12.06 10.10
C ALA B 51 -34.72 -13.12 9.98
N ALA B 52 -35.03 -14.32 10.46
CA ALA B 52 -34.10 -15.44 10.39
C ALA B 52 -33.77 -15.76 8.95
N GLU B 53 -34.76 -15.65 8.07
CA GLU B 53 -34.58 -15.91 6.65
C GLU B 53 -33.79 -14.78 6.01
N LYS B 54 -33.94 -13.58 6.54
CA LYS B 54 -33.22 -12.43 6.03
C LYS B 54 -31.72 -12.63 6.26
N LEU B 55 -31.38 -13.10 7.45
CA LEU B 55 -29.98 -13.35 7.80
C LEU B 55 -29.49 -14.62 7.13
N ASN B 56 -30.41 -15.52 6.81
CA ASN B 56 -30.08 -16.78 6.15
C ASN B 56 -29.46 -16.51 4.78
N LYS B 57 -30.15 -15.71 3.97
CA LYS B 57 -29.66 -15.36 2.65
C LYS B 57 -28.48 -14.40 2.76
N LEU B 58 -28.46 -13.59 3.82
CA LEU B 58 -27.40 -12.63 4.04
C LEU B 58 -26.04 -13.34 4.21
N ILE B 59 -26.00 -14.34 5.10
CA ILE B 59 -24.78 -15.09 5.34
C ILE B 59 -24.37 -15.84 4.08
N GLU B 60 -25.37 -16.31 3.34
CA GLU B 60 -25.16 -17.02 2.09
C GLU B 60 -24.39 -16.12 1.13
N GLY B 61 -24.80 -14.86 1.07
CA GLY B 61 -24.15 -13.90 0.19
C GLY B 61 -22.72 -13.63 0.60
N TYR B 62 -22.45 -13.65 1.90
CA TYR B 62 -21.09 -13.43 2.41
C TYR B 62 -20.18 -14.61 2.09
N THR B 63 -20.80 -15.77 1.85
CA THR B 63 -20.06 -16.98 1.52
C THR B 63 -19.38 -16.83 0.15
N TYR B 64 -20.08 -16.15 -0.74
CA TYR B 64 -19.60 -15.91 -2.10
C TYR B 64 -18.97 -14.54 -2.20
N GLY B 65 -18.31 -14.11 -1.13
CA GLY B 65 -17.67 -12.80 -1.09
C GLY B 65 -16.49 -12.67 -2.03
N GLU B 66 -16.77 -12.66 -3.32
CA GLU B 66 -15.75 -12.52 -4.34
C GLU B 66 -15.19 -11.11 -4.30
N GLU B 67 -16.02 -10.18 -3.82
CA GLU B 67 -15.62 -8.78 -3.70
C GLU B 67 -14.51 -8.63 -2.66
N ARG B 68 -14.61 -9.41 -1.59
CA ARG B 68 -13.59 -9.38 -0.54
C ARG B 68 -12.26 -9.86 -1.12
N LYS B 69 -12.35 -10.86 -1.98
CA LYS B 69 -11.18 -11.42 -2.63
C LYS B 69 -10.58 -10.39 -3.59
N LEU B 70 -11.45 -9.57 -4.17
CA LEU B 70 -11.03 -8.52 -5.10
C LEU B 70 -10.17 -7.50 -4.37
N TYR B 71 -10.56 -7.18 -3.14
CA TYR B 71 -9.82 -6.21 -2.33
C TYR B 71 -8.47 -6.78 -1.94
N ASP B 72 -8.42 -8.09 -1.69
CA ASP B 72 -7.18 -8.76 -1.33
C ASP B 72 -6.22 -8.71 -2.51
N SER B 73 -6.77 -8.87 -3.71
CA SER B 73 -5.98 -8.83 -4.93
C SER B 73 -5.46 -7.41 -5.18
N ALA B 74 -6.23 -6.43 -4.70
CA ALA B 74 -5.86 -5.03 -4.85
C ALA B 74 -4.69 -4.72 -3.92
N LEU B 75 -4.67 -5.38 -2.77
CA LEU B 75 -3.61 -5.21 -1.79
C LEU B 75 -2.32 -5.80 -2.34
N SER B 76 -2.46 -6.84 -3.16
CA SER B 76 -1.31 -7.47 -3.79
C SER B 76 -0.63 -6.48 -4.72
N LYS B 77 -1.43 -5.59 -5.30
CA LYS B 77 -0.92 -4.55 -6.19
C LYS B 77 -0.08 -3.56 -5.41
N ILE B 78 -0.52 -3.27 -4.18
CA ILE B 78 0.18 -2.36 -3.30
C ILE B 78 1.55 -2.95 -2.95
N GLU B 79 1.57 -4.24 -2.66
CA GLU B 79 2.79 -4.95 -2.35
C GLU B 79 3.78 -4.86 -3.50
N LYS B 80 3.24 -4.95 -4.72
CA LYS B 80 4.06 -4.88 -5.93
C LYS B 80 4.80 -3.55 -6.00
N LEU B 81 4.11 -2.47 -5.61
CA LEU B 81 4.70 -1.14 -5.63
C LEU B 81 5.85 -1.05 -4.64
N ILE B 82 5.64 -1.62 -3.46
CA ILE B 82 6.67 -1.62 -2.42
C ILE B 82 7.91 -2.37 -2.89
N GLU B 83 7.66 -3.48 -3.57
CA GLU B 83 8.71 -4.33 -4.10
C GLU B 83 9.48 -3.62 -5.22
N THR B 84 8.84 -2.65 -5.86
CA THR B 84 9.46 -1.90 -6.95
C THR B 84 10.51 -0.93 -6.41
N LEU B 85 10.43 -0.63 -5.13
CA LEU B 85 11.37 0.30 -4.49
C LEU B 85 12.71 -0.36 -4.19
N SER B 86 12.74 -1.69 -4.15
CA SER B 86 13.95 -2.44 -3.85
C SER B 86 15.10 -2.13 -4.83
N PRO B 87 16.35 -2.00 -4.31
CA PRO B 87 17.52 -1.71 -5.14
C PRO B 87 17.93 -2.87 -6.05
N ALA B 88 17.51 -4.09 -5.68
CA ALA B 88 17.80 -5.30 -6.45
C ALA B 88 19.29 -5.62 -6.44
N ARG B 89 19.76 -6.19 -5.35
CA ARG B 89 21.16 -6.56 -5.22
C ARG B 89 21.41 -7.88 -5.96
N SER B 90 22.30 -7.86 -6.93
CA SER B 90 22.62 -9.04 -7.71
C SER B 90 24.13 -9.19 -7.86
N LYS B 91 24.55 -10.29 -8.48
CA LYS B 91 25.98 -10.55 -8.72
C LYS B 91 26.56 -9.51 -9.66
N SER B 92 27.88 -9.38 -9.65
CA SER B 92 28.55 -8.42 -10.50
C SER B 92 28.87 -9.01 -11.87
N GLN B 93 29.00 -10.33 -11.94
CA GLN B 93 29.34 -11.01 -13.19
C GLN B 93 28.15 -11.74 -13.78
N SER B 94 26.94 -11.26 -13.51
CA SER B 94 25.74 -11.90 -14.02
C SER B 94 25.10 -11.06 -15.12
N THR B 95 25.73 -9.94 -15.45
CA THR B 95 25.21 -9.05 -16.48
C THR B 95 25.33 -9.69 -17.86
N MET B 96 24.33 -9.47 -18.70
CA MET B 96 24.32 -10.02 -20.05
C MET B 96 24.95 -9.03 -21.02
N ASN B 97 26.22 -9.22 -21.30
CA ASN B 97 26.94 -8.33 -22.21
C ASN B 97 27.51 -9.12 -23.39
N GLN B 98 27.13 -8.72 -24.60
CA GLN B 98 27.59 -9.38 -25.81
C GLN B 98 28.95 -8.84 -26.25
N ARG B 99 29.15 -7.53 -26.02
CA ARG B 99 30.40 -6.85 -26.37
C ARG B 99 30.61 -6.82 -27.88
N ASN B 100 31.86 -6.88 -28.30
CA ASN B 100 32.21 -6.85 -29.72
C ASN B 100 33.31 -7.87 -30.00
N ARG B 101 33.47 -8.23 -31.27
CA ARG B 101 34.48 -9.19 -31.66
C ARG B 101 35.79 -8.49 -32.00
N ASN B 102 36.41 -7.88 -31.00
CA ASN B 102 37.67 -7.18 -31.21
C ASN B 102 38.79 -8.16 -31.49
N ASN B 103 39.44 -7.97 -32.64
CA ASN B 103 40.54 -8.81 -33.10
C ASN B 103 40.07 -10.25 -33.37
N ARG B 104 40.25 -11.14 -32.39
CA ARG B 104 39.86 -12.54 -32.52
C ARG B 104 40.56 -13.20 -33.70
N LYS B 105 41.75 -12.72 -34.03
CA LYS B 105 42.52 -13.26 -35.14
C LYS B 105 43.46 -14.35 -34.66
N ILE B 106 43.25 -15.56 -35.15
CA ILE B 106 44.10 -16.69 -34.77
C ILE B 106 45.02 -17.06 -35.91
N VAL B 107 44.47 -17.65 -36.96
CA VAL B 107 45.26 -18.06 -38.11
C VAL B 107 44.84 -17.27 -39.33
N MET A 1 -35.80 1.06 2.75
CA MET A 1 -35.39 -0.32 2.37
C MET A 1 -33.88 -0.46 2.51
N SER A 2 -33.42 -1.50 3.19
CA SER A 2 -32.00 -1.72 3.41
C SER A 2 -31.35 -2.36 2.21
N ILE A 3 -32.13 -2.97 1.33
CA ILE A 3 -31.57 -3.64 0.16
C ILE A 3 -30.82 -2.63 -0.73
N VAL A 4 -31.42 -1.47 -0.95
CA VAL A 4 -30.80 -0.44 -1.78
C VAL A 4 -29.59 0.17 -1.06
N SER A 5 -29.62 0.10 0.25
CA SER A 5 -28.52 0.60 1.08
C SER A 5 -27.27 -0.21 0.85
N GLN A 6 -27.46 -1.52 0.82
CA GLN A 6 -26.35 -2.44 0.60
C GLN A 6 -25.73 -2.23 -0.78
N THR A 7 -26.60 -2.08 -1.78
CA THR A 7 -26.17 -1.88 -3.15
C THR A 7 -25.34 -0.60 -3.30
N ARG A 8 -25.78 0.48 -2.65
CA ARG A 8 -25.07 1.75 -2.76
C ARG A 8 -23.80 1.77 -1.91
N ASN A 9 -23.84 1.12 -0.73
CA ASN A 9 -22.67 1.06 0.14
C ASN A 9 -21.52 0.36 -0.58
N LYS A 10 -21.86 -0.72 -1.26
CA LYS A 10 -20.90 -1.51 -2.01
C LYS A 10 -20.25 -0.65 -3.11
N GLU A 11 -21.06 0.20 -3.73
CA GLU A 11 -20.60 1.06 -4.80
C GLU A 11 -19.59 2.10 -4.28
N LEU A 12 -19.88 2.65 -3.10
CA LEU A 12 -19.02 3.66 -2.50
C LEU A 12 -17.61 3.13 -2.26
N LEU A 13 -17.51 1.99 -1.58
CA LEU A 13 -16.21 1.41 -1.27
C LEU A 13 -15.48 0.99 -2.56
N LEU A 14 -16.25 0.61 -3.57
CA LEU A 14 -15.67 0.22 -4.85
C LEU A 14 -14.97 1.42 -5.48
N LYS A 15 -15.66 2.56 -5.47
CA LYS A 15 -15.10 3.79 -6.02
C LYS A 15 -13.88 4.25 -5.23
N LYS A 16 -14.02 4.22 -3.91
CA LYS A 16 -12.95 4.64 -3.00
C LYS A 16 -11.68 3.82 -3.13
N ILE A 17 -11.81 2.50 -3.08
CA ILE A 17 -10.64 1.62 -3.16
C ILE A 17 -10.04 1.59 -4.56
N ASP A 18 -10.88 1.65 -5.58
CA ASP A 18 -10.40 1.63 -6.98
C ASP A 18 -9.52 2.85 -7.26
N SER A 19 -9.96 4.01 -6.80
CA SER A 19 -9.22 5.24 -7.00
C SER A 19 -7.97 5.29 -6.14
N LEU A 20 -8.05 4.68 -4.95
CA LEU A 20 -6.93 4.67 -4.02
C LEU A 20 -5.69 4.04 -4.65
N ILE A 21 -5.84 2.85 -5.20
CA ILE A 21 -4.72 2.17 -5.82
C ILE A 21 -4.27 2.88 -7.09
N GLU A 22 -5.22 3.53 -7.76
CA GLU A 22 -4.92 4.27 -8.98
C GLU A 22 -4.05 5.48 -8.67
N ALA A 23 -4.31 6.11 -7.54
CA ALA A 23 -3.55 7.28 -7.13
C ALA A 23 -2.09 6.90 -6.88
N ILE A 24 -1.89 5.77 -6.19
CA ILE A 24 -0.54 5.29 -5.91
C ILE A 24 0.16 4.85 -7.19
N LYS A 25 -0.62 4.27 -8.10
CA LYS A 25 -0.10 3.82 -9.38
C LYS A 25 0.46 4.99 -10.17
N LYS A 26 -0.20 6.14 -10.00
CA LYS A 26 0.21 7.36 -10.68
C LYS A 26 1.44 7.97 -10.03
N ILE A 27 1.54 7.87 -8.70
CA ILE A 27 2.68 8.43 -7.97
C ILE A 27 4.01 7.89 -8.49
N ILE A 28 4.12 6.56 -8.58
CA ILE A 28 5.34 5.92 -9.04
C ILE A 28 5.64 6.29 -10.49
N ALA A 29 4.60 6.48 -11.28
CA ALA A 29 4.76 6.84 -12.69
C ALA A 29 5.34 8.23 -12.82
N GLU A 30 4.77 9.19 -12.09
CA GLU A 30 5.24 10.57 -12.13
C GLU A 30 6.66 10.65 -11.60
N PHE A 31 6.96 9.84 -10.59
CA PHE A 31 8.29 9.81 -9.99
C PHE A 31 9.35 9.51 -11.04
N ASP A 32 9.05 8.53 -11.89
CA ASP A 32 9.96 8.14 -12.96
C ASP A 32 10.22 9.31 -13.91
N VAL A 33 9.14 10.01 -14.26
CA VAL A 33 9.23 11.16 -15.15
C VAL A 33 10.03 12.30 -14.51
N VAL A 34 9.82 12.49 -13.21
CA VAL A 34 10.52 13.53 -12.45
C VAL A 34 12.03 13.29 -12.51
N LYS A 35 12.41 12.02 -12.38
CA LYS A 35 13.82 11.64 -12.42
C LYS A 35 14.45 12.04 -13.75
N GLU A 36 13.69 11.88 -14.82
CA GLU A 36 14.16 12.24 -16.15
C GLU A 36 14.21 13.76 -16.33
N SER A 37 13.24 14.46 -15.76
CA SER A 37 13.15 15.91 -15.84
C SER A 37 14.36 16.57 -15.23
N VAL A 38 14.69 16.19 -14.00
CA VAL A 38 15.82 16.78 -13.29
C VAL A 38 17.13 16.43 -13.98
N ASN A 39 17.15 15.29 -14.66
CA ASN A 39 18.33 14.83 -15.40
C ASN A 39 18.65 15.79 -16.54
N GLU A 40 17.63 16.06 -17.36
CA GLU A 40 17.76 16.97 -18.49
C GLU A 40 18.04 18.39 -18.01
N LEU A 41 17.29 18.81 -16.99
CA LEU A 41 17.42 20.15 -16.42
C LEU A 41 18.85 20.40 -15.94
N SER A 42 19.46 19.37 -15.37
CA SER A 42 20.83 19.46 -14.87
C SER A 42 21.79 19.82 -16.00
N GLU A 43 21.61 19.17 -17.15
CA GLU A 43 22.48 19.41 -18.30
C GLU A 43 22.31 20.83 -18.83
N LYS A 44 21.13 21.40 -18.64
CA LYS A 44 20.85 22.76 -19.12
C LYS A 44 21.31 23.81 -18.12
N ALA A 45 21.55 23.39 -16.89
CA ALA A 45 21.99 24.30 -15.85
C ALA A 45 23.51 24.37 -15.76
N LYS A 46 24.17 23.28 -16.15
CA LYS A 46 25.63 23.22 -16.10
C LYS A 46 26.29 24.19 -17.08
N THR A 47 25.52 24.71 -18.02
CA THR A 47 26.04 25.64 -19.01
C THR A 47 26.10 27.07 -18.46
N ASP A 48 25.59 27.27 -17.25
CA ASP A 48 25.60 28.59 -16.62
C ASP A 48 26.11 28.47 -15.19
N PRO A 49 27.09 29.33 -14.80
CA PRO A 49 27.67 29.29 -13.44
C PRO A 49 26.63 29.46 -12.33
N GLN A 50 25.65 30.33 -12.55
CA GLN A 50 24.62 30.58 -11.55
C GLN A 50 23.66 29.39 -11.49
N ALA A 51 23.30 28.88 -12.67
CA ALA A 51 22.40 27.74 -12.76
C ALA A 51 23.06 26.49 -12.18
N ALA A 52 24.36 26.36 -12.40
CA ALA A 52 25.11 25.23 -11.89
C ALA A 52 25.08 25.24 -10.37
N GLU A 53 25.25 26.42 -9.78
CA GLU A 53 25.22 26.57 -8.34
C GLU A 53 23.80 26.28 -7.81
N LYS A 54 22.80 26.58 -8.63
CA LYS A 54 21.41 26.34 -8.28
C LYS A 54 21.15 24.84 -8.18
N LEU A 55 21.67 24.10 -9.15
CA LEU A 55 21.53 22.66 -9.19
C LEU A 55 22.37 22.00 -8.10
N ASN A 56 23.44 22.69 -7.73
CA ASN A 56 24.37 22.21 -6.69
C ASN A 56 23.64 22.01 -5.36
N LYS A 57 22.83 22.99 -5.00
CA LYS A 57 22.07 22.93 -3.73
C LYS A 57 20.83 22.06 -3.87
N LEU A 58 20.27 22.01 -5.08
CA LEU A 58 19.07 21.19 -5.35
C LEU A 58 19.37 19.71 -5.13
N ILE A 59 20.46 19.24 -5.73
CA ILE A 59 20.85 17.84 -5.60
C ILE A 59 21.26 17.53 -4.15
N GLU A 60 21.89 18.51 -3.52
CA GLU A 60 22.33 18.38 -2.13
C GLU A 60 21.13 18.22 -1.20
N GLY A 61 20.04 18.86 -1.57
CA GLY A 61 18.82 18.79 -0.78
C GLY A 61 18.17 17.43 -0.85
N TYR A 62 18.44 16.69 -1.91
CA TYR A 62 17.87 15.35 -2.07
C TYR A 62 18.54 14.38 -1.12
N THR A 63 19.85 14.49 -0.98
CA THR A 63 20.62 13.62 -0.10
C THR A 63 20.29 13.91 1.37
N TYR A 64 19.95 15.15 1.66
CA TYR A 64 19.61 15.56 3.02
C TYR A 64 18.15 15.97 3.10
N GLY A 65 17.34 15.35 2.25
CA GLY A 65 15.92 15.67 2.21
C GLY A 65 15.13 14.95 3.27
N GLU A 66 14.77 15.68 4.31
CA GLU A 66 13.98 15.13 5.41
C GLU A 66 12.60 14.71 4.89
N GLU A 67 12.14 15.39 3.86
CA GLU A 67 10.85 15.09 3.25
C GLU A 67 10.86 13.69 2.65
N ARG A 68 11.99 13.30 2.09
CA ARG A 68 12.14 11.97 1.48
C ARG A 68 12.07 10.93 2.57
N LYS A 69 12.59 11.26 3.74
CA LYS A 69 12.58 10.37 4.89
C LYS A 69 11.15 10.17 5.38
N LEU A 70 10.36 11.24 5.29
CA LEU A 70 8.97 11.21 5.70
C LEU A 70 8.16 10.28 4.79
N TYR A 71 8.41 10.37 3.49
CA TYR A 71 7.72 9.53 2.52
C TYR A 71 8.05 8.05 2.78
N ASP A 72 9.30 7.81 3.16
CA ASP A 72 9.76 6.45 3.47
C ASP A 72 9.01 5.91 4.67
N SER A 73 8.82 6.77 5.66
CA SER A 73 8.11 6.41 6.88
C SER A 73 6.65 6.10 6.60
N ALA A 74 6.09 6.75 5.58
CA ALA A 74 4.70 6.52 5.21
C ALA A 74 4.54 5.12 4.61
N LEU A 75 5.59 4.68 3.91
CA LEU A 75 5.57 3.36 3.29
C LEU A 75 5.69 2.27 4.36
N SER A 76 6.44 2.57 5.42
CA SER A 76 6.60 1.62 6.52
C SER A 76 5.26 1.39 7.20
N LYS A 77 4.42 2.43 7.19
CA LYS A 77 3.08 2.35 7.78
C LYS A 77 2.21 1.39 6.96
N ILE A 78 2.44 1.39 5.64
CA ILE A 78 1.71 0.51 4.74
C ILE A 78 2.04 -0.94 5.06
N GLU A 79 3.33 -1.18 5.29
CA GLU A 79 3.83 -2.51 5.63
C GLU A 79 3.14 -3.02 6.90
N LYS A 80 3.00 -2.13 7.87
CA LYS A 80 2.36 -2.47 9.14
C LYS A 80 0.90 -2.88 8.91
N LEU A 81 0.23 -2.18 8.01
CA LEU A 81 -1.17 -2.47 7.68
C LEU A 81 -1.28 -3.87 7.10
N ILE A 82 -0.36 -4.19 6.19
CA ILE A 82 -0.34 -5.50 5.56
C ILE A 82 -0.14 -6.59 6.62
N GLU A 83 0.72 -6.31 7.59
CA GLU A 83 1.00 -7.26 8.67
C GLU A 83 -0.22 -7.38 9.59
N THR A 84 -1.00 -6.32 9.69
CA THR A 84 -2.20 -6.33 10.53
C THR A 84 -3.26 -7.24 9.90
N LEU A 85 -3.24 -7.33 8.58
CA LEU A 85 -4.18 -8.15 7.85
C LEU A 85 -3.75 -9.61 7.93
N SER A 86 -2.45 -9.84 7.84
CA SER A 86 -1.91 -11.19 7.91
C SER A 86 -0.66 -11.22 8.77
N PRO A 87 -0.83 -11.28 10.10
CA PRO A 87 0.30 -11.32 11.05
C PRO A 87 1.19 -12.54 10.84
N ALA A 88 0.56 -13.71 10.68
CA ALA A 88 1.26 -14.98 10.45
C ALA A 88 2.23 -15.29 11.60
N ARG A 89 3.50 -14.96 11.41
CA ARG A 89 4.52 -15.20 12.42
C ARG A 89 4.34 -14.26 13.61
N SER A 90 3.98 -13.01 13.32
CA SER A 90 3.78 -12.01 14.35
C SER A 90 2.59 -12.36 15.24
N LYS A 91 2.85 -12.53 16.53
CA LYS A 91 1.81 -12.88 17.48
C LYS A 91 1.20 -11.63 18.10
N SER A 92 -0.04 -11.34 17.71
CA SER A 92 -0.76 -10.19 18.23
C SER A 92 -2.12 -10.62 18.77
N GLN A 93 -2.24 -10.62 20.10
CA GLN A 93 -3.48 -11.02 20.76
C GLN A 93 -4.60 -10.01 20.49
N SER A 94 -4.23 -8.74 20.32
CA SER A 94 -5.19 -7.68 20.08
C SER A 94 -6.22 -7.61 21.22
N THR A 95 -5.73 -7.35 22.42
CA THR A 95 -6.58 -7.28 23.59
C THR A 95 -6.29 -6.02 24.40
N MET A 96 -7.23 -5.64 25.25
CA MET A 96 -7.06 -4.46 26.07
C MET A 96 -6.43 -4.83 27.41
N ASN A 97 -5.14 -4.56 27.54
CA ASN A 97 -4.41 -4.88 28.76
C ASN A 97 -3.75 -3.65 29.34
N GLN A 98 -4.08 -3.34 30.59
CA GLN A 98 -3.52 -2.20 31.29
C GLN A 98 -3.17 -2.58 32.72
N ARG A 99 -1.89 -2.51 33.04
CA ARG A 99 -1.42 -2.86 34.38
C ARG A 99 -1.95 -1.86 35.41
N ASN A 100 -2.58 -2.38 36.46
CA ASN A 100 -3.13 -1.55 37.52
C ASN A 100 -3.35 -2.40 38.78
N ARG A 101 -3.30 -1.76 39.93
CA ARG A 101 -3.48 -2.47 41.19
C ARG A 101 -4.94 -2.46 41.61
N ASN A 102 -5.66 -3.52 41.24
CA ASN A 102 -7.07 -3.64 41.60
C ASN A 102 -7.28 -4.83 42.53
N ASN A 103 -8.35 -4.78 43.29
CA ASN A 103 -8.66 -5.84 44.25
C ASN A 103 -9.33 -7.01 43.55
N ARG A 104 -8.62 -8.14 43.48
CA ARG A 104 -9.14 -9.34 42.85
C ARG A 104 -10.01 -10.11 43.83
N LYS A 105 -11.14 -10.61 43.35
CA LYS A 105 -12.05 -11.37 44.20
C LYS A 105 -11.58 -12.81 44.30
N ILE A 106 -11.41 -13.27 45.51
CA ILE A 106 -10.97 -14.63 45.76
C ILE A 106 -12.12 -15.61 45.62
N VAL A 107 -12.08 -16.42 44.57
CA VAL A 107 -13.12 -17.42 44.30
C VAL A 107 -14.49 -16.75 44.11
N MET B 1 7.71 32.92 -13.61
CA MET B 1 6.68 32.40 -12.71
C MET B 1 6.92 30.94 -12.40
N SER B 2 8.15 30.49 -12.59
CA SER B 2 8.54 29.11 -12.31
C SER B 2 8.32 28.78 -10.85
N ILE B 3 8.59 29.75 -9.99
CA ILE B 3 8.47 29.59 -8.55
C ILE B 3 7.04 29.15 -8.14
N VAL B 4 6.03 29.70 -8.81
CA VAL B 4 4.66 29.37 -8.49
C VAL B 4 4.32 27.93 -8.91
N SER B 5 5.03 27.45 -9.91
CA SER B 5 4.82 26.08 -10.38
C SER B 5 5.24 25.08 -9.34
N GLN B 6 6.42 25.29 -8.78
CA GLN B 6 6.94 24.39 -7.76
C GLN B 6 6.12 24.48 -6.49
N THR B 7 5.63 25.67 -6.18
CA THR B 7 4.83 25.89 -4.99
C THR B 7 3.51 25.12 -5.12
N ARG B 8 2.91 25.16 -6.29
CA ARG B 8 1.64 24.47 -6.54
C ARG B 8 1.84 22.96 -6.61
N ASN B 9 2.91 22.55 -7.27
CA ASN B 9 3.22 21.13 -7.44
C ASN B 9 3.57 20.44 -6.14
N LYS B 10 4.43 21.07 -5.34
CA LYS B 10 4.87 20.51 -4.06
C LYS B 10 3.70 20.30 -3.11
N GLU B 11 2.86 21.32 -3.00
CA GLU B 11 1.70 21.27 -2.12
C GLU B 11 0.72 20.18 -2.59
N LEU B 12 0.57 20.07 -3.90
CA LEU B 12 -0.35 19.10 -4.49
C LEU B 12 0.08 17.67 -4.19
N LEU B 13 1.35 17.36 -4.42
CA LEU B 13 1.87 16.02 -4.18
C LEU B 13 1.82 15.67 -2.70
N LEU B 14 2.08 16.66 -1.86
CA LEU B 14 2.06 16.45 -0.41
C LEU B 14 0.66 16.10 0.05
N LYS B 15 -0.32 16.88 -0.39
CA LYS B 15 -1.71 16.65 -0.01
C LYS B 15 -2.22 15.34 -0.61
N LYS B 16 -1.70 14.98 -1.77
CA LYS B 16 -2.09 13.75 -2.44
C LYS B 16 -1.65 12.51 -1.66
N ILE B 17 -0.40 12.49 -1.24
CA ILE B 17 0.13 11.35 -0.50
C ILE B 17 -0.37 11.33 0.94
N ASP B 18 -0.59 12.50 1.52
CA ASP B 18 -1.10 12.59 2.89
C ASP B 18 -2.48 11.95 2.98
N SER B 19 -3.37 12.36 2.09
CA SER B 19 -4.72 11.82 2.04
C SER B 19 -4.71 10.35 1.68
N LEU B 20 -3.69 9.95 0.91
CA LEU B 20 -3.55 8.58 0.47
C LEU B 20 -3.42 7.61 1.65
N ILE B 21 -2.48 7.90 2.55
CA ILE B 21 -2.28 7.05 3.73
C ILE B 21 -3.45 7.17 4.70
N GLU B 22 -4.07 8.34 4.70
CA GLU B 22 -5.22 8.60 5.56
C GLU B 22 -6.39 7.72 5.17
N ALA B 23 -6.53 7.48 3.86
CA ALA B 23 -7.59 6.65 3.33
C ALA B 23 -7.38 5.19 3.76
N ILE B 24 -6.15 4.72 3.64
CA ILE B 24 -5.81 3.34 4.02
C ILE B 24 -6.10 3.12 5.51
N LYS B 25 -5.73 4.12 6.31
CA LYS B 25 -5.94 4.06 7.75
C LYS B 25 -7.42 3.97 8.09
N LYS B 26 -8.23 4.68 7.32
CA LYS B 26 -9.67 4.66 7.52
C LYS B 26 -10.29 3.34 7.07
N ILE B 27 -9.78 2.80 5.96
CA ILE B 27 -10.29 1.53 5.42
C ILE B 27 -10.29 0.42 6.47
N ILE B 28 -9.13 0.20 7.09
CA ILE B 28 -8.99 -0.86 8.09
C ILE B 28 -9.84 -0.59 9.34
N ALA B 29 -9.97 0.69 9.69
CA ALA B 29 -10.74 1.07 10.87
C ALA B 29 -12.22 0.80 10.66
N GLU B 30 -12.72 1.13 9.47
CA GLU B 30 -14.13 0.92 9.14
C GLU B 30 -14.47 -0.56 9.17
N PHE B 31 -13.55 -1.38 8.68
CA PHE B 31 -13.76 -2.82 8.63
C PHE B 31 -14.02 -3.39 10.02
N ASP B 32 -13.23 -2.95 10.99
CA ASP B 32 -13.38 -3.42 12.37
C ASP B 32 -14.73 -3.01 12.94
N VAL B 33 -15.15 -1.79 12.64
CA VAL B 33 -16.43 -1.26 13.12
C VAL B 33 -17.57 -2.03 12.47
N VAL B 34 -17.49 -2.23 11.15
CA VAL B 34 -18.51 -2.96 10.41
C VAL B 34 -18.68 -4.37 10.95
N LYS B 35 -17.57 -4.99 11.33
CA LYS B 35 -17.56 -6.33 11.88
C LYS B 35 -18.41 -6.41 13.16
N GLU B 36 -18.24 -5.41 14.03
CA GLU B 36 -18.99 -5.38 15.27
C GLU B 36 -20.45 -5.01 15.02
N SER B 37 -20.68 -4.15 14.05
CA SER B 37 -22.03 -3.70 13.70
C SER B 37 -22.89 -4.85 13.25
N VAL B 38 -22.39 -5.67 12.33
CA VAL B 38 -23.15 -6.80 11.82
C VAL B 38 -23.32 -7.86 12.91
N ASN B 39 -22.38 -7.90 13.85
CA ASN B 39 -22.43 -8.85 14.94
C ASN B 39 -23.65 -8.57 15.82
N GLU B 40 -23.79 -7.31 16.23
CA GLU B 40 -24.90 -6.89 17.07
C GLU B 40 -26.23 -6.97 16.32
N LEU B 41 -26.17 -6.72 15.02
CA LEU B 41 -27.36 -6.77 14.17
C LEU B 41 -27.90 -8.19 14.05
N SER B 42 -27.00 -9.15 13.91
CA SER B 42 -27.37 -10.56 13.80
C SER B 42 -28.10 -11.05 15.05
N GLU B 43 -27.69 -10.51 16.20
CA GLU B 43 -28.30 -10.87 17.47
C GLU B 43 -29.76 -10.41 17.51
N LYS B 44 -30.01 -9.24 16.93
CA LYS B 44 -31.37 -8.68 16.91
C LYS B 44 -32.24 -9.38 15.87
N ALA B 45 -31.63 -9.70 14.74
CA ALA B 45 -32.33 -10.35 13.65
C ALA B 45 -32.58 -11.83 13.94
N LYS B 46 -31.95 -12.33 14.98
CA LYS B 46 -32.09 -13.73 15.36
C LYS B 46 -33.49 -14.02 15.89
N THR B 47 -34.18 -12.98 16.32
CA THR B 47 -35.53 -13.13 16.86
C THR B 47 -36.60 -13.06 15.77
N ASP B 48 -36.19 -13.18 14.52
CA ASP B 48 -37.14 -13.13 13.40
C ASP B 48 -36.68 -14.05 12.27
N PRO B 49 -37.56 -14.97 11.83
CA PRO B 49 -37.24 -15.91 10.75
C PRO B 49 -36.90 -15.21 9.42
N GLN B 50 -37.56 -14.08 9.15
CA GLN B 50 -37.32 -13.34 7.93
C GLN B 50 -36.03 -12.54 8.04
N ALA B 51 -35.82 -11.95 9.21
CA ALA B 51 -34.61 -11.17 9.45
C ALA B 51 -33.39 -12.09 9.49
N ALA B 52 -33.57 -13.28 10.04
CA ALA B 52 -32.51 -14.26 10.13
C ALA B 52 -32.07 -14.68 8.73
N GLU B 53 -33.03 -14.72 7.82
CA GLU B 53 -32.78 -15.08 6.44
C GLU B 53 -31.92 -14.01 5.76
N LYS B 54 -32.11 -12.76 6.18
CA LYS B 54 -31.36 -11.64 5.64
C LYS B 54 -29.87 -11.80 5.95
N LEU B 55 -29.57 -12.09 7.20
CA LEU B 55 -28.19 -12.28 7.63
C LEU B 55 -27.63 -13.58 7.06
N ASN B 56 -28.53 -14.54 6.81
CA ASN B 56 -28.15 -15.83 6.24
C ASN B 56 -27.61 -15.63 4.83
N LYS B 57 -28.29 -14.78 4.07
CA LYS B 57 -27.88 -14.49 2.71
C LYS B 57 -26.66 -13.59 2.68
N LEU B 58 -26.58 -12.70 3.67
CA LEU B 58 -25.47 -11.76 3.77
C LEU B 58 -24.14 -12.48 4.02
N ILE B 59 -24.14 -13.37 5.02
CA ILE B 59 -22.92 -14.11 5.34
C ILE B 59 -22.49 -15.02 4.18
N GLU B 60 -23.45 -15.59 3.48
CA GLU B 60 -23.15 -16.46 2.35
C GLU B 60 -22.53 -15.64 1.23
N GLY B 61 -23.10 -14.46 1.00
CA GLY B 61 -22.59 -13.57 -0.02
C GLY B 61 -21.19 -13.10 0.30
N TYR B 62 -20.91 -12.93 1.58
CA TYR B 62 -19.59 -12.51 2.02
C TYR B 62 -18.60 -13.64 1.82
N THR B 63 -19.02 -14.84 2.19
CA THR B 63 -18.19 -16.03 2.07
C THR B 63 -17.79 -16.25 0.61
N TYR B 64 -18.75 -16.15 -0.29
CA TYR B 64 -18.50 -16.32 -1.71
C TYR B 64 -18.35 -14.96 -2.38
N GLY B 65 -17.84 -14.00 -1.61
CA GLY B 65 -17.65 -12.68 -2.13
C GLY B 65 -16.40 -12.56 -2.97
N GLU B 66 -16.53 -12.84 -4.25
CA GLU B 66 -15.42 -12.75 -5.18
C GLU B 66 -14.98 -11.30 -5.30
N GLU B 67 -15.91 -10.39 -5.03
CA GLU B 67 -15.64 -8.96 -5.06
C GLU B 67 -14.64 -8.62 -3.97
N ARG B 68 -14.76 -9.32 -2.85
CA ARG B 68 -13.87 -9.13 -1.71
C ARG B 68 -12.46 -9.60 -2.07
N LYS B 69 -12.40 -10.65 -2.88
CA LYS B 69 -11.14 -11.21 -3.33
C LYS B 69 -10.44 -10.24 -4.27
N LEU B 70 -11.24 -9.52 -5.06
CA LEU B 70 -10.69 -8.54 -6.00
C LEU B 70 -9.95 -7.45 -5.25
N TYR B 71 -10.50 -7.07 -4.09
CA TYR B 71 -9.88 -6.04 -3.26
C TYR B 71 -8.60 -6.56 -2.64
N ASP B 72 -8.60 -7.84 -2.29
CA ASP B 72 -7.43 -8.48 -1.71
C ASP B 72 -6.29 -8.51 -2.71
N SER B 73 -6.62 -8.79 -3.97
CA SER B 73 -5.63 -8.83 -5.03
C SER B 73 -5.04 -7.44 -5.27
N ALA B 74 -5.82 -6.42 -4.96
CA ALA B 74 -5.38 -5.04 -5.10
C ALA B 74 -4.24 -4.76 -4.13
N LEU B 75 -4.33 -5.37 -2.95
CA LEU B 75 -3.30 -5.20 -1.92
C LEU B 75 -2.01 -5.91 -2.36
N SER B 76 -2.17 -7.03 -3.06
CA SER B 76 -1.03 -7.79 -3.54
C SER B 76 -0.20 -6.94 -4.53
N LYS B 77 -0.89 -6.15 -5.34
CA LYS B 77 -0.23 -5.28 -6.30
C LYS B 77 0.47 -4.14 -5.56
N ILE B 78 -0.11 -3.71 -4.45
CA ILE B 78 0.47 -2.66 -3.62
C ILE B 78 1.84 -3.11 -3.11
N GLU B 79 1.89 -4.38 -2.75
CA GLU B 79 3.12 -5.00 -2.25
C GLU B 79 4.19 -4.95 -3.33
N LYS B 80 3.77 -5.11 -4.58
CA LYS B 80 4.70 -5.07 -5.71
C LYS B 80 5.31 -3.68 -5.83
N LEU B 81 4.50 -2.66 -5.54
CA LEU B 81 4.93 -1.28 -5.59
C LEU B 81 6.02 -1.05 -4.56
N ILE B 82 5.87 -1.69 -3.41
CA ILE B 82 6.85 -1.59 -2.33
C ILE B 82 8.16 -2.20 -2.79
N GLU B 83 8.06 -3.30 -3.52
CA GLU B 83 9.24 -3.99 -4.04
C GLU B 83 9.89 -3.18 -5.15
N THR B 84 9.11 -2.32 -5.80
CA THR B 84 9.61 -1.49 -6.88
C THR B 84 10.47 -0.34 -6.33
N LEU B 85 10.11 0.14 -5.13
CA LEU B 85 10.84 1.22 -4.50
C LEU B 85 12.19 0.74 -3.97
N SER B 86 12.24 -0.52 -3.56
CA SER B 86 13.47 -1.11 -3.05
C SER B 86 13.63 -2.52 -3.61
N PRO B 87 14.08 -2.63 -4.88
CA PRO B 87 14.28 -3.93 -5.54
C PRO B 87 15.23 -4.82 -4.75
N ALA B 88 16.22 -4.19 -4.13
CA ALA B 88 17.22 -4.89 -3.31
C ALA B 88 17.98 -5.95 -4.10
N ARG B 89 17.45 -7.17 -4.13
CA ARG B 89 18.13 -8.25 -4.82
C ARG B 89 17.24 -8.87 -5.91
N SER B 90 16.06 -8.31 -6.11
CA SER B 90 15.14 -8.81 -7.13
C SER B 90 15.73 -8.63 -8.52
N LYS B 91 15.69 -9.69 -9.33
CA LYS B 91 16.24 -9.65 -10.67
C LYS B 91 15.15 -9.92 -11.71
N SER B 92 14.72 -8.86 -12.37
CA SER B 92 13.70 -8.97 -13.40
C SER B 92 14.28 -8.58 -14.76
N GLN B 93 14.41 -9.57 -15.65
CA GLN B 93 14.95 -9.33 -16.98
C GLN B 93 13.83 -9.10 -17.97
N SER B 94 13.56 -7.84 -18.25
CA SER B 94 12.52 -7.47 -19.19
C SER B 94 13.07 -7.55 -20.62
N THR B 95 12.27 -8.07 -21.53
CA THR B 95 12.69 -8.20 -22.92
C THR B 95 11.48 -8.29 -23.85
N MET B 96 11.49 -7.45 -24.89
CA MET B 96 10.41 -7.43 -25.86
C MET B 96 10.74 -8.39 -27.00
N ASN B 97 10.67 -9.68 -26.73
CA ASN B 97 10.95 -10.71 -27.73
C ASN B 97 9.88 -10.70 -28.80
N GLN B 98 10.26 -10.32 -30.01
CA GLN B 98 9.32 -10.26 -31.12
C GLN B 98 9.65 -11.35 -32.13
N ARG B 99 8.62 -11.84 -32.81
CA ARG B 99 8.79 -12.87 -33.81
C ARG B 99 9.42 -12.30 -35.06
N ASN B 100 10.74 -12.42 -35.15
CA ASN B 100 11.50 -11.92 -36.28
C ASN B 100 12.46 -12.98 -36.78
N ARG B 101 13.00 -12.76 -37.96
CA ARG B 101 13.92 -13.71 -38.55
C ARG B 101 15.34 -13.34 -38.17
N ASN B 102 15.87 -14.01 -37.16
CA ASN B 102 17.22 -13.74 -36.70
C ASN B 102 18.25 -14.38 -37.62
N ASN B 103 19.49 -13.92 -37.51
CA ASN B 103 20.58 -14.43 -38.34
C ASN B 103 21.04 -15.80 -37.84
N ARG B 104 20.67 -16.82 -38.59
CA ARG B 104 21.04 -18.19 -38.23
C ARG B 104 21.94 -18.80 -39.31
N LYS B 105 21.42 -18.86 -40.53
CA LYS B 105 22.19 -19.42 -41.63
C LYS B 105 22.29 -18.44 -42.77
N ILE B 106 23.33 -18.59 -43.59
CA ILE B 106 23.54 -17.73 -44.74
C ILE B 106 22.84 -18.33 -45.96
N VAL B 107 22.52 -19.61 -45.88
CA VAL B 107 21.85 -20.32 -46.95
C VAL B 107 20.92 -21.37 -46.37
N MET A 1 -36.46 0.35 1.37
CA MET A 1 -35.91 -0.50 0.30
C MET A 1 -34.43 -0.75 0.55
N SER A 2 -34.12 -1.83 1.23
CA SER A 2 -32.75 -2.20 1.59
C SER A 2 -31.97 -2.61 0.37
N ILE A 3 -32.59 -3.26 -0.60
CA ILE A 3 -31.90 -3.73 -1.81
C ILE A 3 -31.23 -2.57 -2.55
N VAL A 4 -31.87 -1.39 -2.54
CA VAL A 4 -31.32 -0.23 -3.22
C VAL A 4 -30.20 0.39 -2.39
N SER A 5 -30.22 0.14 -1.10
CA SER A 5 -29.21 0.63 -0.17
C SER A 5 -27.88 -0.06 -0.41
N GLN A 6 -27.96 -1.39 -0.44
CA GLN A 6 -26.77 -2.22 -0.62
C GLN A 6 -26.08 -1.95 -1.95
N THR A 7 -26.86 -1.77 -3.01
CA THR A 7 -26.28 -1.52 -4.32
C THR A 7 -25.60 -0.15 -4.36
N ARG A 8 -26.26 0.85 -3.79
CA ARG A 8 -25.73 2.21 -3.75
C ARG A 8 -24.45 2.28 -2.91
N ASN A 9 -24.47 1.58 -1.78
CA ASN A 9 -23.32 1.56 -0.88
C ASN A 9 -22.13 0.84 -1.52
N LYS A 10 -22.41 -0.33 -2.10
CA LYS A 10 -21.39 -1.15 -2.73
C LYS A 10 -20.62 -0.38 -3.80
N GLU A 11 -21.34 0.38 -4.62
CA GLU A 11 -20.73 1.16 -5.67
C GLU A 11 -19.87 2.28 -5.09
N LEU A 12 -20.38 2.91 -4.04
CA LEU A 12 -19.71 4.03 -3.37
C LEU A 12 -18.30 3.65 -2.90
N LEU A 13 -18.20 2.67 -2.01
CA LEU A 13 -16.90 2.27 -1.47
C LEU A 13 -16.01 1.62 -2.54
N LEU A 14 -16.62 1.06 -3.57
CA LEU A 14 -15.85 0.44 -4.65
C LEU A 14 -15.10 1.50 -5.43
N LYS A 15 -15.80 2.58 -5.76
CA LYS A 15 -15.22 3.69 -6.50
C LYS A 15 -14.08 4.32 -5.71
N LYS A 16 -14.26 4.39 -4.40
CA LYS A 16 -13.27 4.97 -3.49
C LYS A 16 -11.97 4.17 -3.51
N ILE A 17 -12.07 2.86 -3.31
CA ILE A 17 -10.90 1.99 -3.28
C ILE A 17 -10.24 1.86 -4.66
N ASP A 18 -11.05 1.85 -5.71
CA ASP A 18 -10.51 1.75 -7.07
C ASP A 18 -9.60 2.94 -7.36
N SER A 19 -10.04 4.11 -6.90
CA SER A 19 -9.29 5.35 -7.08
C SER A 19 -8.01 5.33 -6.25
N LEU A 20 -8.06 4.64 -5.13
CA LEU A 20 -6.92 4.53 -4.22
C LEU A 20 -5.71 3.96 -4.94
N ILE A 21 -5.91 2.84 -5.63
CA ILE A 21 -4.82 2.19 -6.36
C ILE A 21 -4.32 3.08 -7.49
N GLU A 22 -5.22 3.82 -8.11
CA GLU A 22 -4.87 4.72 -9.21
C GLU A 22 -3.88 5.77 -8.73
N ALA A 23 -4.13 6.31 -7.55
CA ALA A 23 -3.27 7.33 -6.97
C ALA A 23 -1.87 6.79 -6.70
N ILE A 24 -1.81 5.56 -6.17
CA ILE A 24 -0.53 4.92 -5.88
C ILE A 24 0.29 4.73 -7.16
N LYS A 25 -0.38 4.25 -8.21
CA LYS A 25 0.25 4.03 -9.50
C LYS A 25 0.74 5.35 -10.09
N LYS A 26 0.01 6.42 -9.80
CA LYS A 26 0.37 7.73 -10.31
C LYS A 26 1.57 8.30 -9.57
N ILE A 27 1.60 8.11 -8.25
CA ILE A 27 2.69 8.62 -7.44
C ILE A 27 4.05 8.10 -7.92
N ILE A 28 4.16 6.79 -8.06
CA ILE A 28 5.39 6.16 -8.52
C ILE A 28 5.74 6.63 -9.94
N ALA A 29 4.70 6.87 -10.74
CA ALA A 29 4.87 7.32 -12.11
C ALA A 29 5.51 8.71 -12.18
N GLU A 30 4.99 9.63 -11.37
CA GLU A 30 5.50 11.00 -11.34
C GLU A 30 6.96 11.00 -10.86
N PHE A 31 7.28 10.08 -9.94
CA PHE A 31 8.63 9.98 -9.41
C PHE A 31 9.61 9.68 -10.54
N ASP A 32 9.16 8.89 -11.50
CA ASP A 32 9.97 8.53 -12.65
C ASP A 32 10.12 9.74 -13.58
N VAL A 33 9.04 10.49 -13.71
CA VAL A 33 9.02 11.67 -14.57
C VAL A 33 9.97 12.75 -14.05
N VAL A 34 9.85 13.06 -12.76
CA VAL A 34 10.69 14.08 -12.13
C VAL A 34 12.16 13.67 -12.16
N LYS A 35 12.41 12.36 -12.05
CA LYS A 35 13.77 11.84 -12.07
C LYS A 35 14.47 12.19 -13.38
N GLU A 36 13.77 11.97 -14.49
CA GLU A 36 14.33 12.26 -15.81
C GLU A 36 14.37 13.77 -16.08
N SER A 37 13.40 14.48 -15.57
CA SER A 37 13.29 15.92 -15.78
C SER A 37 14.44 16.65 -15.13
N VAL A 38 14.85 16.26 -13.92
CA VAL A 38 15.95 16.92 -13.23
C VAL A 38 17.26 16.65 -13.96
N ASN A 39 17.34 15.51 -14.65
CA ASN A 39 18.54 15.18 -15.42
C ASN A 39 18.73 16.20 -16.53
N GLU A 40 17.66 16.49 -17.24
CA GLU A 40 17.68 17.45 -18.34
C GLU A 40 17.96 18.85 -17.81
N LEU A 41 17.30 19.20 -16.71
CA LEU A 41 17.47 20.50 -16.08
C LEU A 41 18.92 20.71 -15.66
N SER A 42 19.56 19.63 -15.25
CA SER A 42 20.94 19.66 -14.84
C SER A 42 21.84 20.01 -16.02
N GLU A 43 21.55 19.41 -17.17
CA GLU A 43 22.34 19.66 -18.37
C GLU A 43 22.17 21.09 -18.85
N LYS A 44 20.97 21.63 -18.68
CA LYS A 44 20.69 23.00 -19.10
C LYS A 44 21.37 24.01 -18.19
N ALA A 45 21.36 23.73 -16.88
CA ALA A 45 21.98 24.61 -15.90
C ALA A 45 23.50 24.55 -15.96
N LYS A 46 24.01 23.52 -16.61
CA LYS A 46 25.45 23.32 -16.76
C LYS A 46 26.08 24.40 -17.64
N THR A 47 25.23 25.11 -18.37
CA THR A 47 25.70 26.16 -19.27
C THR A 47 25.72 27.53 -18.61
N ASP A 48 25.62 27.56 -17.28
CA ASP A 48 25.63 28.82 -16.56
C ASP A 48 26.26 28.65 -15.17
N PRO A 49 27.22 29.52 -14.81
CA PRO A 49 27.91 29.44 -13.51
C PRO A 49 26.98 29.61 -12.31
N GLN A 50 25.98 30.47 -12.44
CA GLN A 50 25.03 30.71 -11.36
C GLN A 50 24.02 29.57 -11.28
N ALA A 51 23.48 29.20 -12.42
CA ALA A 51 22.50 28.13 -12.50
C ALA A 51 23.12 26.80 -12.06
N ALA A 52 24.40 26.62 -12.35
CA ALA A 52 25.12 25.42 -11.96
C ALA A 52 25.21 25.35 -10.44
N GLU A 53 25.41 26.49 -9.81
CA GLU A 53 25.50 26.56 -8.36
C GLU A 53 24.13 26.31 -7.75
N LYS A 54 23.09 26.64 -8.50
CA LYS A 54 21.72 26.42 -8.05
C LYS A 54 21.39 24.94 -8.08
N LEU A 55 21.79 24.28 -9.17
CA LEU A 55 21.55 22.85 -9.32
C LEU A 55 22.41 22.07 -8.34
N ASN A 56 23.51 22.70 -7.92
CA ASN A 56 24.43 22.09 -6.96
C ASN A 56 23.74 21.86 -5.62
N LYS A 57 23.06 22.90 -5.14
CA LYS A 57 22.35 22.82 -3.88
C LYS A 57 21.02 22.09 -4.06
N LEU A 58 20.43 22.22 -5.25
CA LEU A 58 19.16 21.58 -5.56
C LEU A 58 19.28 20.05 -5.43
N ILE A 59 20.29 19.50 -6.09
CA ILE A 59 20.53 18.07 -6.07
C ILE A 59 20.88 17.62 -4.65
N GLU A 60 21.58 18.49 -3.92
CA GLU A 60 21.97 18.20 -2.55
C GLU A 60 20.73 18.07 -1.66
N GLY A 61 19.73 18.91 -1.96
CA GLY A 61 18.49 18.88 -1.22
C GLY A 61 17.77 17.57 -1.39
N TYR A 62 17.94 16.95 -2.56
CA TYR A 62 17.33 15.66 -2.82
C TYR A 62 18.01 14.58 -1.99
N THR A 63 19.29 14.80 -1.70
CA THR A 63 20.07 13.87 -0.89
C THR A 63 19.60 13.91 0.56
N TYR A 64 19.55 15.11 1.14
CA TYR A 64 19.10 15.30 2.51
C TYR A 64 17.62 15.63 2.53
N GLY A 65 16.89 15.06 1.58
CA GLY A 65 15.47 15.31 1.44
C GLY A 65 14.64 14.81 2.62
N GLU A 66 14.13 15.74 3.41
CA GLU A 66 13.29 15.40 4.55
C GLU A 66 12.00 14.76 4.07
N GLU A 67 11.45 15.31 2.98
CA GLU A 67 10.23 14.80 2.40
C GLU A 67 10.45 13.41 1.82
N ARG A 68 11.65 13.17 1.31
CA ARG A 68 11.99 11.87 0.75
C ARG A 68 11.96 10.83 1.87
N LYS A 69 12.39 11.23 3.06
CA LYS A 69 12.39 10.35 4.21
C LYS A 69 10.96 10.17 4.71
N LEU A 70 10.11 11.17 4.46
CA LEU A 70 8.72 11.13 4.87
C LEU A 70 7.98 10.05 4.09
N TYR A 71 8.23 9.98 2.79
CA TYR A 71 7.61 8.97 1.93
C TYR A 71 8.11 7.59 2.32
N ASP A 72 9.36 7.53 2.74
CA ASP A 72 9.97 6.28 3.16
C ASP A 72 9.27 5.75 4.40
N SER A 73 9.06 6.65 5.36
CA SER A 73 8.41 6.30 6.62
C SER A 73 6.94 5.90 6.40
N ALA A 74 6.32 6.51 5.39
CA ALA A 74 4.93 6.22 5.07
C ALA A 74 4.81 4.80 4.53
N LEU A 75 5.83 4.36 3.81
CA LEU A 75 5.85 3.02 3.25
C LEU A 75 6.02 1.98 4.36
N SER A 76 6.77 2.35 5.40
CA SER A 76 6.98 1.47 6.54
C SER A 76 5.65 1.21 7.24
N LYS A 77 4.80 2.23 7.29
CA LYS A 77 3.49 2.12 7.91
C LYS A 77 2.60 1.21 7.08
N ILE A 78 2.78 1.25 5.77
CA ILE A 78 2.03 0.42 4.84
C ILE A 78 2.35 -1.05 5.12
N GLU A 79 3.63 -1.34 5.29
CA GLU A 79 4.09 -2.69 5.58
C GLU A 79 3.47 -3.19 6.88
N LYS A 80 3.37 -2.29 7.85
CA LYS A 80 2.77 -2.62 9.14
C LYS A 80 1.32 -3.06 8.96
N LEU A 81 0.62 -2.40 8.05
CA LEU A 81 -0.78 -2.72 7.77
C LEU A 81 -0.91 -4.15 7.25
N ILE A 82 0.04 -4.55 6.42
CA ILE A 82 0.06 -5.91 5.87
C ILE A 82 0.24 -6.92 7.00
N GLU A 83 1.15 -6.61 7.91
CA GLU A 83 1.43 -7.48 9.05
C GLU A 83 0.26 -7.45 10.04
N THR A 84 -0.50 -6.37 10.01
CA THR A 84 -1.67 -6.23 10.87
C THR A 84 -2.72 -7.26 10.48
N LEU A 85 -2.70 -7.63 9.20
CA LEU A 85 -3.63 -8.62 8.67
C LEU A 85 -3.16 -10.03 9.00
N SER A 86 -1.84 -10.22 9.06
CA SER A 86 -1.25 -11.51 9.37
C SER A 86 -1.54 -11.90 10.82
N PRO A 87 -1.76 -13.21 11.08
CA PRO A 87 -2.04 -13.70 12.44
C PRO A 87 -0.85 -13.50 13.37
N ALA A 88 0.35 -13.51 12.78
CA ALA A 88 1.60 -13.34 13.51
C ALA A 88 1.76 -14.42 14.58
N ARG A 89 2.12 -15.62 14.15
CA ARG A 89 2.30 -16.73 15.08
C ARG A 89 3.79 -16.92 15.38
N SER A 90 4.08 -17.71 16.40
CA SER A 90 5.45 -17.98 16.81
C SER A 90 6.23 -18.77 15.74
N LYS A 91 5.51 -19.45 14.86
CA LYS A 91 6.14 -20.24 13.82
C LYS A 91 6.58 -19.36 12.65
N SER A 92 7.76 -18.74 12.78
CA SER A 92 8.29 -17.88 11.75
C SER A 92 9.82 -17.97 11.72
N GLN A 93 10.40 -17.64 10.58
CA GLN A 93 11.86 -17.68 10.40
C GLN A 93 12.46 -16.32 10.72
N SER A 94 11.66 -15.45 11.30
CA SER A 94 12.11 -14.12 11.68
C SER A 94 13.09 -14.20 12.85
N THR A 95 14.26 -13.63 12.65
CA THR A 95 15.27 -13.62 13.71
C THR A 95 15.10 -12.37 14.56
N MET A 96 15.70 -12.36 15.73
CA MET A 96 15.59 -11.22 16.62
C MET A 96 16.89 -10.44 16.66
N ASN A 97 16.82 -9.21 17.14
CA ASN A 97 18.00 -8.37 17.24
C ASN A 97 18.68 -8.58 18.59
N GLN A 98 19.39 -9.69 18.71
CA GLN A 98 20.07 -10.05 19.93
C GLN A 98 21.54 -10.36 19.64
N ARG A 99 22.31 -10.59 20.69
CA ARG A 99 23.72 -10.93 20.52
C ARG A 99 23.86 -12.37 20.09
N ASN A 100 23.94 -12.59 18.79
CA ASN A 100 24.08 -13.93 18.25
C ASN A 100 25.53 -14.40 18.38
N ARG A 101 25.71 -15.58 18.98
CA ARG A 101 27.03 -16.15 19.17
C ARG A 101 26.91 -17.60 19.60
N ASN A 102 27.55 -18.49 18.87
CA ASN A 102 27.52 -19.90 19.18
C ASN A 102 28.90 -20.40 19.59
N ASN A 103 28.97 -21.61 20.11
CA ASN A 103 30.23 -22.19 20.51
C ASN A 103 30.34 -23.62 19.99
N ARG A 104 30.04 -23.79 18.71
CA ARG A 104 30.08 -25.09 18.08
C ARG A 104 31.51 -25.49 17.69
N LYS A 105 32.43 -25.31 18.64
CA LYS A 105 33.82 -25.67 18.42
C LYS A 105 34.11 -26.95 19.19
N ILE A 106 33.07 -27.49 19.80
CA ILE A 106 33.17 -28.69 20.60
C ILE A 106 32.13 -29.72 20.17
N VAL A 107 32.42 -30.99 20.44
CA VAL A 107 31.52 -32.08 20.09
C VAL A 107 31.76 -33.27 21.01
N MET B 1 8.25 32.76 -13.27
CA MET B 1 7.64 32.51 -11.98
C MET B 1 7.74 31.03 -11.62
N SER B 2 8.90 30.46 -11.84
CA SER B 2 9.17 29.06 -11.56
C SER B 2 8.98 28.75 -10.09
N ILE B 3 9.23 29.72 -9.22
CA ILE B 3 9.12 29.52 -7.79
C ILE B 3 7.67 29.23 -7.35
N VAL B 4 6.68 29.78 -8.06
CA VAL B 4 5.29 29.55 -7.69
C VAL B 4 4.80 28.18 -8.16
N SER B 5 5.21 27.78 -9.37
CA SER B 5 4.81 26.46 -9.88
C SER B 5 5.48 25.36 -9.08
N GLN B 6 6.64 25.70 -8.53
CA GLN B 6 7.41 24.77 -7.71
C GLN B 6 6.67 24.47 -6.42
N THR B 7 6.25 25.54 -5.73
CA THR B 7 5.54 25.40 -4.49
C THR B 7 4.15 24.78 -4.70
N ARG B 8 3.55 25.10 -5.84
CA ARG B 8 2.23 24.58 -6.20
C ARG B 8 2.31 23.08 -6.47
N ASN B 9 3.30 22.68 -7.25
CA ASN B 9 3.50 21.27 -7.59
C ASN B 9 3.78 20.46 -6.34
N LYS B 10 4.63 21.00 -5.48
CA LYS B 10 5.00 20.34 -4.23
C LYS B 10 3.78 20.10 -3.35
N GLU B 11 2.94 21.12 -3.19
CA GLU B 11 1.74 20.99 -2.37
C GLU B 11 0.80 19.93 -2.93
N LEU B 12 0.72 19.87 -4.24
CA LEU B 12 -0.14 18.92 -4.93
C LEU B 12 0.24 17.47 -4.63
N LEU B 13 1.48 17.09 -4.97
CA LEU B 13 1.93 15.72 -4.76
C LEU B 13 1.95 15.35 -3.28
N LEU B 14 2.26 16.32 -2.41
CA LEU B 14 2.30 16.07 -0.98
C LEU B 14 0.91 15.74 -0.44
N LYS B 15 -0.07 16.54 -0.85
CA LYS B 15 -1.45 16.34 -0.42
C LYS B 15 -2.05 15.07 -1.02
N LYS B 16 -1.55 14.68 -2.19
CA LYS B 16 -2.02 13.48 -2.85
C LYS B 16 -1.66 12.25 -2.03
N ILE B 17 -0.45 12.24 -1.50
CA ILE B 17 0.02 11.11 -0.70
C ILE B 17 -0.55 11.15 0.72
N ASP B 18 -0.63 12.35 1.28
CA ASP B 18 -1.17 12.52 2.64
C ASP B 18 -2.61 12.00 2.74
N SER B 19 -3.44 12.41 1.80
CA SER B 19 -4.83 11.99 1.75
C SER B 19 -4.93 10.51 1.38
N LEU B 20 -3.97 10.04 0.60
CA LEU B 20 -3.93 8.66 0.14
C LEU B 20 -3.85 7.68 1.30
N ILE B 21 -2.89 7.88 2.20
CA ILE B 21 -2.73 6.99 3.35
C ILE B 21 -3.92 7.10 4.31
N GLU B 22 -4.58 8.26 4.30
CA GLU B 22 -5.74 8.48 5.15
C GLU B 22 -6.89 7.57 4.75
N ALA B 23 -7.07 7.43 3.44
CA ALA B 23 -8.14 6.58 2.91
C ALA B 23 -7.89 5.12 3.26
N ILE B 24 -6.64 4.67 3.11
CA ILE B 24 -6.28 3.29 3.42
C ILE B 24 -6.48 3.02 4.91
N LYS B 25 -6.20 4.03 5.73
CA LYS B 25 -6.36 3.92 7.18
C LYS B 25 -7.83 3.79 7.54
N LYS B 26 -8.68 4.45 6.76
CA LYS B 26 -10.11 4.39 6.99
C LYS B 26 -10.65 3.03 6.57
N ILE B 27 -10.09 2.47 5.50
CA ILE B 27 -10.51 1.17 5.00
C ILE B 27 -10.41 0.10 6.08
N ILE B 28 -9.25 0.03 6.74
CA ILE B 28 -9.03 -0.96 7.79
C ILE B 28 -9.99 -0.71 8.96
N ALA B 29 -10.31 0.56 9.20
CA ALA B 29 -11.22 0.94 10.27
C ALA B 29 -12.63 0.43 10.00
N GLU B 30 -13.02 0.44 8.74
CA GLU B 30 -14.34 -0.05 8.35
C GLU B 30 -14.43 -1.55 8.59
N PHE B 31 -13.32 -2.25 8.36
CA PHE B 31 -13.26 -3.70 8.54
C PHE B 31 -13.64 -4.11 9.95
N ASP B 32 -12.98 -3.54 10.96
CA ASP B 32 -13.26 -3.91 12.34
C ASP B 32 -14.64 -3.42 12.78
N VAL B 33 -15.10 -2.31 12.22
CA VAL B 33 -16.42 -1.78 12.57
C VAL B 33 -17.52 -2.69 12.03
N VAL B 34 -17.46 -3.01 10.75
CA VAL B 34 -18.46 -3.86 10.12
C VAL B 34 -18.46 -5.25 10.73
N LYS B 35 -17.27 -5.71 11.13
CA LYS B 35 -17.14 -7.04 11.73
C LYS B 35 -18.00 -7.15 12.99
N GLU B 36 -17.88 -6.15 13.87
CA GLU B 36 -18.66 -6.17 15.11
C GLU B 36 -20.13 -5.83 14.84
N SER B 37 -20.38 -4.98 13.86
CA SER B 37 -21.74 -4.57 13.51
C SER B 37 -22.59 -5.76 13.14
N VAL B 38 -22.12 -6.55 12.16
CA VAL B 38 -22.86 -7.71 11.68
C VAL B 38 -23.03 -8.75 12.78
N ASN B 39 -22.09 -8.78 13.72
CA ASN B 39 -22.13 -9.73 14.81
C ASN B 39 -23.28 -9.43 15.77
N GLU B 40 -23.36 -8.17 16.21
CA GLU B 40 -24.42 -7.75 17.13
C GLU B 40 -25.77 -7.78 16.44
N LEU B 41 -25.80 -7.40 15.17
CA LEU B 41 -27.04 -7.38 14.39
C LEU B 41 -27.57 -8.81 14.22
N SER B 42 -26.67 -9.76 14.12
CA SER B 42 -27.03 -11.16 13.96
C SER B 42 -27.74 -11.68 15.20
N GLU B 43 -27.28 -11.23 16.37
CA GLU B 43 -27.86 -11.64 17.63
C GLU B 43 -29.31 -11.17 17.75
N LYS B 44 -29.54 -9.92 17.40
CA LYS B 44 -30.88 -9.33 17.46
C LYS B 44 -31.80 -9.95 16.41
N ALA B 45 -31.25 -10.21 15.23
CA ALA B 45 -32.02 -10.78 14.13
C ALA B 45 -32.38 -12.25 14.36
N LYS B 46 -31.65 -12.89 15.26
CA LYS B 46 -31.87 -14.30 15.58
C LYS B 46 -33.22 -14.51 16.24
N THR B 47 -33.81 -13.44 16.76
CA THR B 47 -35.10 -13.52 17.43
C THR B 47 -36.28 -13.53 16.45
N ASP B 48 -35.99 -13.31 15.17
CA ASP B 48 -37.03 -13.29 14.14
C ASP B 48 -36.64 -14.16 12.95
N PRO B 49 -37.52 -15.10 12.54
CA PRO B 49 -37.26 -16.00 11.41
C PRO B 49 -36.98 -15.25 10.11
N GLN B 50 -37.64 -14.11 9.93
CA GLN B 50 -37.46 -13.31 8.75
C GLN B 50 -36.12 -12.58 8.79
N ALA B 51 -35.85 -11.92 9.91
CA ALA B 51 -34.60 -11.20 10.09
C ALA B 51 -33.41 -12.15 10.02
N ALA B 52 -33.57 -13.32 10.63
CA ALA B 52 -32.52 -14.34 10.63
C ALA B 52 -32.27 -14.82 9.21
N GLU B 53 -33.31 -14.80 8.39
CA GLU B 53 -33.20 -15.24 7.00
C GLU B 53 -32.45 -14.19 6.17
N LYS B 54 -32.59 -12.94 6.56
CA LYS B 54 -31.93 -11.84 5.88
C LYS B 54 -30.44 -11.83 6.22
N LEU B 55 -30.14 -11.97 7.50
CA LEU B 55 -28.77 -11.99 7.97
C LEU B 55 -28.07 -13.25 7.46
N ASN B 56 -28.85 -14.31 7.27
CA ASN B 56 -28.34 -15.58 6.78
C ASN B 56 -27.68 -15.40 5.41
N LYS B 57 -28.39 -14.78 4.49
CA LYS B 57 -27.86 -14.53 3.14
C LYS B 57 -26.82 -13.42 3.17
N LEU B 58 -26.98 -12.48 4.10
CA LEU B 58 -26.04 -11.37 4.23
C LEU B 58 -24.62 -11.86 4.50
N ILE B 59 -24.49 -12.70 5.52
CA ILE B 59 -23.19 -13.26 5.90
C ILE B 59 -22.66 -14.18 4.78
N GLU B 60 -23.58 -14.86 4.12
CA GLU B 60 -23.24 -15.76 3.03
C GLU B 60 -22.61 -14.97 1.90
N GLY B 61 -23.17 -13.79 1.64
CA GLY B 61 -22.67 -12.93 0.60
C GLY B 61 -21.27 -12.44 0.90
N TYR B 62 -20.99 -12.24 2.18
CA TYR B 62 -19.67 -11.79 2.60
C TYR B 62 -18.66 -12.91 2.43
N THR B 63 -19.13 -14.14 2.61
CA THR B 63 -18.30 -15.32 2.46
C THR B 63 -17.95 -15.50 0.98
N TYR B 64 -18.91 -15.17 0.12
CA TYR B 64 -18.72 -15.27 -1.33
C TYR B 64 -18.48 -13.89 -1.92
N GLY B 65 -17.94 -12.99 -1.10
CA GLY B 65 -17.69 -11.64 -1.54
C GLY B 65 -16.52 -11.51 -2.50
N GLU B 66 -16.81 -11.60 -3.79
CA GLU B 66 -15.79 -11.47 -4.82
C GLU B 66 -15.17 -10.09 -4.77
N GLU B 67 -15.99 -9.08 -4.49
CA GLU B 67 -15.53 -7.71 -4.40
C GLU B 67 -14.65 -7.52 -3.17
N ARG B 68 -14.90 -8.31 -2.13
CA ARG B 68 -14.09 -8.23 -0.92
C ARG B 68 -12.70 -8.74 -1.25
N LYS B 69 -12.66 -9.80 -2.04
CA LYS B 69 -11.40 -10.39 -2.48
C LYS B 69 -10.67 -9.42 -3.39
N LEU B 70 -11.42 -8.61 -4.11
CA LEU B 70 -10.85 -7.61 -5.01
C LEU B 70 -10.04 -6.59 -4.20
N TYR B 71 -10.56 -6.23 -3.03
CA TYR B 71 -9.89 -5.27 -2.16
C TYR B 71 -8.63 -5.89 -1.56
N ASP B 72 -8.73 -7.16 -1.18
CA ASP B 72 -7.60 -7.89 -0.60
C ASP B 72 -6.47 -7.99 -1.62
N SER B 73 -6.86 -8.16 -2.88
CA SER B 73 -5.92 -8.28 -3.98
C SER B 73 -5.26 -6.93 -4.26
N ALA B 74 -5.93 -5.85 -3.85
CA ALA B 74 -5.39 -4.52 -4.04
C ALA B 74 -4.19 -4.31 -3.13
N LEU B 75 -4.25 -4.89 -1.94
CA LEU B 75 -3.16 -4.81 -0.99
C LEU B 75 -1.95 -5.57 -1.54
N SER B 76 -2.23 -6.65 -2.26
CA SER B 76 -1.18 -7.45 -2.87
C SER B 76 -0.43 -6.63 -3.93
N LYS B 77 -1.14 -5.70 -4.57
CA LYS B 77 -0.54 -4.83 -5.57
C LYS B 77 0.43 -3.88 -4.88
N ILE B 78 0.11 -3.51 -3.65
CA ILE B 78 0.96 -2.62 -2.88
C ILE B 78 2.27 -3.33 -2.54
N GLU B 79 2.16 -4.63 -2.26
CA GLU B 79 3.33 -5.44 -1.96
C GLU B 79 4.29 -5.43 -3.13
N LYS B 80 3.73 -5.46 -4.34
CA LYS B 80 4.54 -5.43 -5.56
C LYS B 80 5.29 -4.12 -5.66
N LEU B 81 4.62 -3.04 -5.27
CA LEU B 81 5.24 -1.71 -5.30
C LEU B 81 6.41 -1.65 -4.33
N ILE B 82 6.21 -2.25 -3.16
CA ILE B 82 7.25 -2.30 -2.13
C ILE B 82 8.46 -3.09 -2.67
N GLU B 83 8.17 -4.21 -3.32
CA GLU B 83 9.22 -5.05 -3.91
C GLU B 83 9.99 -4.28 -4.96
N THR B 84 9.29 -3.41 -5.69
CA THR B 84 9.90 -2.60 -6.73
C THR B 84 10.84 -1.55 -6.14
N LEU B 85 10.57 -1.15 -4.90
CA LEU B 85 11.40 -0.16 -4.22
C LEU B 85 12.62 -0.83 -3.60
N SER B 86 12.57 -2.15 -3.50
CA SER B 86 13.66 -2.91 -2.93
C SER B 86 14.63 -3.36 -4.02
N PRO B 87 15.95 -3.30 -3.76
CA PRO B 87 16.97 -3.70 -4.74
C PRO B 87 16.96 -5.21 -4.98
N ALA B 88 16.54 -5.96 -3.97
CA ALA B 88 16.47 -7.43 -4.02
C ALA B 88 17.85 -8.04 -4.09
N ARG B 89 17.95 -9.33 -3.81
CA ARG B 89 19.23 -10.02 -3.84
C ARG B 89 19.10 -11.38 -4.50
N SER B 90 20.18 -11.83 -5.12
CA SER B 90 20.22 -13.12 -5.80
C SER B 90 20.40 -14.25 -4.79
N LYS B 91 19.43 -14.38 -3.89
CA LYS B 91 19.46 -15.41 -2.86
C LYS B 91 18.26 -16.33 -2.96
N SER B 92 17.07 -15.73 -3.01
CA SER B 92 15.83 -16.49 -3.08
C SER B 92 15.50 -16.84 -4.53
N GLN B 93 15.96 -18.01 -4.97
CA GLN B 93 15.68 -18.47 -6.33
C GLN B 93 14.23 -18.93 -6.43
N SER B 94 13.58 -18.57 -7.52
CA SER B 94 12.19 -18.94 -7.74
C SER B 94 12.03 -19.65 -9.09
N THR B 95 10.93 -20.35 -9.25
CA THR B 95 10.65 -21.08 -10.48
C THR B 95 10.45 -20.12 -11.66
N MET B 96 10.96 -20.52 -12.81
CA MET B 96 10.84 -19.70 -14.02
C MET B 96 10.65 -20.60 -15.24
N ASN B 97 9.43 -20.64 -15.76
CA ASN B 97 9.15 -21.47 -16.93
C ASN B 97 9.55 -20.75 -18.20
N GLN B 98 10.50 -21.32 -18.91
CA GLN B 98 10.98 -20.75 -20.16
C GLN B 98 11.25 -21.86 -21.18
N ARG B 99 10.44 -21.90 -22.22
CA ARG B 99 10.60 -22.90 -23.25
C ARG B 99 10.92 -22.27 -24.59
N ASN B 100 12.19 -22.09 -24.84
CA ASN B 100 12.66 -21.49 -26.09
C ASN B 100 13.84 -22.27 -26.61
N ARG B 101 14.17 -22.08 -27.88
CA ARG B 101 15.28 -22.78 -28.49
C ARG B 101 16.52 -21.91 -28.48
N ASN B 102 17.29 -21.99 -27.40
CA ASN B 102 18.52 -21.22 -27.27
C ASN B 102 19.69 -22.00 -27.83
N ASN B 103 20.31 -21.44 -28.88
CA ASN B 103 21.46 -22.06 -29.55
C ASN B 103 21.08 -23.40 -30.19
N ARG B 104 22.09 -24.12 -30.66
CA ARG B 104 21.90 -25.44 -31.29
C ARG B 104 21.06 -25.31 -32.57
N LYS B 105 21.74 -25.13 -33.69
CA LYS B 105 21.07 -25.00 -34.98
C LYS B 105 20.62 -26.38 -35.49
N ILE B 106 20.14 -26.41 -36.73
CA ILE B 106 19.69 -27.66 -37.34
C ILE B 106 20.87 -28.50 -37.81
N VAL B 107 20.61 -29.43 -38.72
CA VAL B 107 21.66 -30.29 -39.27
C VAL B 107 22.73 -29.46 -39.97
#